data_6O7T
#
_entry.id   6O7T
#
loop_
_entity.id
_entity.type
_entity.pdbx_description
1 polymer 'V-type proton ATPase subunit a, vacuolar isoform'
2 polymer 'V0 assembly protein 1'
3 polymer "V-type proton ATPase subunit c''"
4 polymer 'V-type proton ATPase subunit d'
5 polymer 'Putative protein YPR170W-B'
6 polymer 'V-type proton ATPase subunit c'
7 polymer "V-type proton ATPase subunit c'"
8 polymer 'V-type proton ATPase subunit e'
#
loop_
_entity_poly.entity_id
_entity_poly.type
_entity_poly.pdbx_seq_one_letter_code
_entity_poly.pdbx_strand_id
1 'polypeptide(L)'
;MAEKEEAIFRSAEMALVQFYIPQEISRDSAYTLGQLGLVQFRDLNSKVRAFQRTFVNEIRRLDNVERQYRYFYSLLKKHD
IKLYEGDTDKYLDGSGELYVPPSGSVIDDYVRNASYLEERLIQMEDATDQIEVQKNDLEQYRFILQSGDEFFLKGDNTDS
TSYMDEDMIDANGENIAAAIGASVNYVTGVIARDKVATLEQILWRVLRGNLFFKTVEIEQPVYDVKTREYKHKNAFIVFS
HGDLIIKRIRKIAESLDANLYDVDSSNEGRSQQLAKVNKNLSDLYTVLKTTSTTLESELYAIAKELDSWFQDVTREKAIF
EILNKSNYDTNRKILIAEGWIPRDELATLQARLGEMIARLGIDVPSIIQVLDTNHTPPTFHRTNKFTAGFQSICDCYGIA
QYREINAGLPTIVTFPFMFAIMFGDMGHGFLMTLAALSLVLNEKKINKMKRGEIFDMAFTGRYIILLMGVFSMYTGFLYN
DIFSKTMTIFKSGWKWPDHWKKGESITATSVGTYPIGLDWAWHGTENALLFSNSYKMKLSILMGFIHMTYSYFFSLANHL
YFNSMIDIIGNFIPGLLFMQGIFGYLSVCIVYKWAVDWVKDGKPAPGLLNMLINMFLSPGTIDDELYPHQAKVQVFLLLM
ALVCIPWLLLVKPLHFKFTHKKKSHEPLPSTEADASSEDLEAQQLISAMDADDAEEEEVGSGSHGEDFGDIMIHQVIHTI
EFCLNCVSHTASYLRLWALSLAHAQLSSVLWTMTIQIAFGFRGFVGVFMTVALFAMWFALTCAVLVLMEGTSAMLHSLRL
HWVESMSKFFVGEGLPYEPFAFEYKDMEVAVASASSSASSDYKDHDGDYKDHDIDYKDDDDK
;
a
2 'polypeptide(L)'
;MVFGQLYALFIFTLSCCISKTVQADSSKESSSFISFDKESNWDTISTISSTADVISSVDSAIAVFEFDNFSLLDNLMIDE
EYPFFNRFFANDVSLTVHDDSPLNISQSLSPIMEQFTVDELPESASDLLYEYSLDDKSIVLFKFTSDAYDLKKLDEFIDS
CLSFLEDKSGDNLTVVINSLGWAFEDEDGDDEYATEETLSHHDNNKGKEGDDDILSSIWTEGLLMCLIVSALLLFILIVA
LSWISNLDITYGALEKSTNPIKKNN
;
b
3 'polypeptide(L)'
;MNKESKDDDMSLGKFSFSHFLYYLVLIVVIVYGLYKLFTGHGSDINFGKFLLRTSPYMWANLGIALCVGLSVVGAAWGIF
ITGSSMIGAGVRAPRITTKNLISIIFCEVVAIYGLIIAIVFSSKLTVATAENMYSKSNLYTGYSLFWAGITVGASNLICG
IAVGITGATAAISDAADSALFVKILVIEIFGSILGLLGLIVGLLMAGKASEFQ
;
c
4 'polypeptide(L)'
;MEGVYFNIDNGFIEGVVRGYRNGLLSNNQYINLTQCDTLEDLKLQLSSTDYGNFLSSVSSESLTTSLIQEYASSKLYHEF
NYIRDQSSGSTRKFMDYITYGYMIDNVALMITGTIHDRDKGEILQRCHPLGWFDTLPTLSVATDLESLYETVLVDTPLAP
YFKNCFDTAEELDDMNIEIIRNKLYKAYLEDFYNFVTEEIPEPAKECMQTLLGFEADRRSINIALNSLQSSDIDPDLKSD
LLPNIGKLYPLATFHLAQAQDFEGVRAALANVYEYRGFLETGNLEDHFYQLEMELCRDAFTQQFAISTVWAWMKSKEQEV
RNITWIAECIAQNQRERINNYISVY
;
d
5 'polypeptide(L)'
;MRPVVSTGKAWCCTVLSAFGVVILSVIAHLFNTNHESFVGSINDPEDGPAVAHTVYLAALVYLVFFVFCGFQVYLARRKP
SIELR
;
f
6 'polypeptide(L)'
;MTELCPVYAPFFGAIGCASAIIFTSLGAAYGTAKSGVGICATCVLRPDLLFKNIVPVIMAGIIAIYGLVVSVLVCYSLGQ
KQALYTGFIQLGAGLSVGLSGLAAGFAIGIVGDAGVRGSSQQPRLFVGMILILIFAEVLGLYGLIVALLLNSRATQDVVC
;
g,h,i,j,k,l,m,n
7 'polypeptide(L)'
;MSTQLASNIYAPLYAPFFGFAGCAAAMVLSCLGAAIGTAKSGIGIAGIGTFKPELIMKSLIPVVMSGILAIYGLVVAVLI
AGNLSPTEDYTLFNGFMHLSCGLCVGFACLSSGYAIGMVGDVGVRKYMHQPRLFVGIVLILIFSEVLGLYGMIVALILNT
RGSE
;
o
8 'polypeptide(L)' MSSFYTVVGVFIVVSAMSVLFWIMAPKNNQAVWRSTVILTLAMMFLMWAITFLCQLHPLVAPRRSDLRPEFAE e
#
# COMPACT_ATOMS: atom_id res chain seq x y z
N LYS A 4 -22.53 15.10 54.63
CA LYS A 4 -21.66 15.06 53.45
C LYS A 4 -22.49 14.91 52.18
N GLU A 5 -22.65 16.02 51.46
CA GLU A 5 -23.39 15.98 50.21
C GLU A 5 -22.60 15.26 49.13
N GLU A 6 -23.29 14.42 48.37
CA GLU A 6 -22.59 13.64 47.37
C GLU A 6 -22.26 14.49 46.15
N ALA A 7 -21.25 14.06 45.41
CA ALA A 7 -20.71 14.84 44.33
C ALA A 7 -20.81 14.08 43.02
N ILE A 8 -21.99 13.54 42.72
CA ILE A 8 -22.16 12.74 41.52
C ILE A 8 -22.88 13.49 40.40
N PHE A 9 -23.72 14.47 40.71
CA PHE A 9 -24.38 15.21 39.65
C PHE A 9 -23.47 16.31 39.11
N ARG A 10 -23.01 17.20 39.97
CA ARG A 10 -21.91 18.07 39.66
C ARG A 10 -20.67 17.56 40.37
N SER A 11 -19.59 18.31 40.30
CA SER A 11 -18.41 17.95 41.06
C SER A 11 -18.56 18.40 42.50
N ALA A 12 -17.54 18.15 43.30
CA ALA A 12 -17.58 18.56 44.70
C ALA A 12 -17.19 20.01 44.85
N GLU A 13 -17.73 20.65 45.88
CA GLU A 13 -17.36 22.03 46.18
C GLU A 13 -16.00 22.02 46.85
N MET A 14 -15.00 22.56 46.16
CA MET A 14 -13.63 22.47 46.62
C MET A 14 -13.26 23.74 47.36
N ALA A 15 -12.53 23.58 48.46
CA ALA A 15 -12.13 24.70 49.30
C ALA A 15 -10.62 24.80 49.28
N LEU A 16 -10.11 25.98 48.98
CA LEU A 16 -8.68 26.21 48.91
C LEU A 16 -8.19 26.45 50.32
N VAL A 17 -7.85 25.41 51.00
CA VAL A 17 -7.29 25.57 52.34
C VAL A 17 -5.79 25.80 52.18
N GLN A 18 -5.18 26.48 53.14
CA GLN A 18 -3.74 26.61 53.20
C GLN A 18 -3.33 26.33 54.64
N PHE A 19 -2.15 25.74 54.80
CA PHE A 19 -1.73 25.18 56.06
C PHE A 19 -0.60 25.99 56.67
N TYR A 20 -0.86 26.67 57.78
CA TYR A 20 0.22 27.22 58.59
C TYR A 20 0.82 26.08 59.40
N ILE A 21 1.79 25.39 58.83
CA ILE A 21 2.49 24.30 59.50
C ILE A 21 3.82 24.84 60.01
N PRO A 22 4.12 24.71 61.30
CA PRO A 22 5.43 25.13 61.80
C PRO A 22 6.52 24.13 61.45
N GLN A 23 7.77 24.59 61.62
CA GLN A 23 8.94 23.81 61.25
C GLN A 23 9.29 22.73 62.27
N GLU A 24 8.55 22.62 63.37
CA GLU A 24 8.82 21.59 64.35
C GLU A 24 8.03 20.30 64.08
N ILE A 25 6.89 20.41 63.41
CA ILE A 25 6.05 19.24 63.12
C ILE A 25 5.76 19.18 61.62
N SER A 26 6.62 19.80 60.82
CA SER A 26 6.42 19.82 59.37
C SER A 26 6.55 18.44 58.77
N ARG A 27 7.41 17.60 59.33
CA ARG A 27 7.56 16.24 58.85
C ARG A 27 6.52 15.31 59.46
N ASP A 28 5.98 15.64 60.63
CA ASP A 28 5.08 14.73 61.32
C ASP A 28 3.61 15.00 61.02
N SER A 29 3.22 16.28 60.89
CA SER A 29 1.84 16.62 60.55
C SER A 29 1.51 16.33 59.10
N ALA A 30 2.52 16.17 58.25
CA ALA A 30 2.29 15.82 56.86
C ALA A 30 1.79 14.40 56.70
N TYR A 31 2.08 13.52 57.66
CA TYR A 31 1.57 12.15 57.61
C TYR A 31 0.09 12.10 57.94
N THR A 32 -0.37 12.89 58.91
CA THR A 32 -1.74 12.75 59.38
C THR A 32 -2.75 13.30 58.39
N LEU A 33 -2.29 14.09 57.42
CA LEU A 33 -3.13 14.44 56.28
C LEU A 33 -2.73 13.69 55.03
N GLY A 34 -1.56 13.05 55.03
CA GLY A 34 -1.26 12.11 53.97
C GLY A 34 -2.00 10.80 54.16
N GLN A 35 -2.31 10.46 55.41
CA GLN A 35 -3.06 9.24 55.68
C GLN A 35 -4.55 9.41 55.34
N LEU A 36 -5.07 10.63 55.47
CA LEU A 36 -6.48 10.90 55.15
C LEU A 36 -6.74 10.74 53.65
N GLY A 37 -5.95 11.40 52.83
CA GLY A 37 -6.15 11.31 51.39
C GLY A 37 -7.21 12.26 50.90
N LEU A 38 -7.11 13.51 51.31
CA LEU A 38 -8.10 14.52 50.98
C LEU A 38 -7.57 15.69 50.19
N VAL A 39 -6.32 16.10 50.40
CA VAL A 39 -5.83 17.39 49.92
C VAL A 39 -5.00 17.17 48.67
N GLN A 40 -5.39 17.81 47.57
CA GLN A 40 -4.53 17.93 46.39
C GLN A 40 -3.77 19.24 46.50
N PHE A 41 -2.45 19.15 46.63
CA PHE A 41 -1.66 20.35 46.86
C PHE A 41 -1.37 21.06 45.55
N ARG A 42 -0.99 22.33 45.66
CA ARG A 42 -0.63 23.12 44.50
C ARG A 42 0.87 23.36 44.44
N ASP A 43 1.35 23.63 43.22
CA ASP A 43 2.75 23.94 42.99
C ASP A 43 3.02 25.35 43.46
N LEU A 44 3.36 25.50 44.74
CA LEU A 44 3.78 26.82 45.20
C LEU A 44 5.19 27.18 44.74
N ASN A 45 5.98 26.19 44.35
CA ASN A 45 7.32 26.41 43.81
C ASN A 45 7.35 25.87 42.38
N SER A 46 6.93 26.68 41.43
CA SER A 46 7.04 26.33 40.02
C SER A 46 8.02 27.23 39.30
N LYS A 47 8.49 28.29 39.93
CA LYS A 47 9.54 29.14 39.38
C LYS A 47 10.90 28.90 40.04
N VAL A 48 10.93 28.18 41.16
CA VAL A 48 12.19 27.80 41.78
C VAL A 48 12.85 26.73 40.92
N ARG A 49 14.17 26.83 40.76
CA ARG A 49 14.96 25.78 40.13
C ARG A 49 14.77 24.46 40.87
N ALA A 50 14.61 23.37 40.10
CA ALA A 50 14.13 22.10 40.62
C ALA A 50 15.09 21.41 41.59
N PHE A 51 16.31 21.92 41.74
CA PHE A 51 17.26 21.37 42.69
C PHE A 51 17.43 22.25 43.92
N GLN A 52 16.56 23.24 44.12
CA GLN A 52 16.64 24.16 45.25
C GLN A 52 15.32 24.25 45.99
N ARG A 53 14.62 23.13 46.18
CA ARG A 53 13.33 23.14 46.84
C ARG A 53 13.41 22.91 48.35
N THR A 54 14.62 22.85 48.91
CA THR A 54 14.93 22.86 50.35
C THR A 54 14.43 21.60 51.05
N PHE A 55 14.15 20.54 50.28
CA PHE A 55 14.09 19.18 50.81
C PHE A 55 14.70 18.20 49.84
N VAL A 56 15.35 18.68 48.77
CA VAL A 56 15.80 17.81 47.69
C VAL A 56 16.99 16.98 48.10
N ASN A 57 17.74 17.42 49.11
CA ASN A 57 18.81 16.61 49.65
C ASN A 57 18.27 15.54 50.59
N GLU A 58 16.97 15.58 50.88
CA GLU A 58 16.30 14.59 51.69
C GLU A 58 15.36 13.72 50.86
N ILE A 59 15.20 14.02 49.58
CA ILE A 59 14.60 13.12 48.61
C ILE A 59 15.65 12.33 47.85
N ARG A 60 16.78 12.97 47.53
CA ARG A 60 17.87 12.28 46.84
C ARG A 60 18.47 11.17 47.70
N ARG A 61 18.40 11.31 49.01
CA ARG A 61 18.93 10.30 49.91
C ARG A 61 17.96 9.17 50.19
N LEU A 62 16.67 9.29 49.83
CA LEU A 62 15.83 8.10 49.87
C LEU A 62 15.37 7.68 48.49
N ASP A 63 15.81 8.40 47.46
CA ASP A 63 15.81 7.81 46.14
C ASP A 63 17.02 6.92 45.98
N ASN A 64 18.10 7.21 46.70
CA ASN A 64 19.25 6.31 46.66
C ASN A 64 19.05 5.12 47.59
N VAL A 65 17.96 5.09 48.36
CA VAL A 65 17.52 3.90 49.09
C VAL A 65 16.51 3.09 48.27
N GLU A 66 15.66 3.77 47.50
CA GLU A 66 14.77 3.04 46.62
C GLU A 66 15.47 2.56 45.37
N ARG A 67 16.61 3.17 45.03
CA ARG A 67 17.43 2.68 43.93
C ARG A 67 18.04 1.33 44.26
N GLN A 68 18.32 1.07 45.53
CA GLN A 68 18.96 -0.16 45.93
C GLN A 68 17.98 -1.15 46.53
N TYR A 69 16.72 -0.75 46.70
CA TYR A 69 15.70 -1.77 46.97
C TYR A 69 15.33 -2.48 45.69
N ARG A 70 15.31 -1.78 44.56
CA ARG A 70 15.07 -2.47 43.31
C ARG A 70 16.32 -3.18 42.80
N TYR A 71 17.47 -2.95 43.42
CA TYR A 71 18.62 -3.84 43.21
C TYR A 71 18.51 -5.10 44.04
N PHE A 72 17.94 -4.97 45.24
CA PHE A 72 17.74 -6.15 46.09
C PHE A 72 16.71 -7.06 45.46
N TYR A 73 15.67 -6.48 44.86
CA TYR A 73 14.67 -7.29 44.19
C TYR A 73 15.20 -7.91 42.90
N SER A 74 16.22 -7.30 42.29
CA SER A 74 16.84 -7.95 41.15
C SER A 74 17.65 -9.16 41.61
N LEU A 75 18.20 -9.09 42.83
CA LEU A 75 18.83 -10.30 43.35
C LEU A 75 17.80 -11.34 43.74
N LEU A 76 16.60 -10.90 44.14
CA LEU A 76 15.52 -11.84 44.43
C LEU A 76 14.91 -12.43 43.17
N LYS A 77 15.23 -11.91 42.00
CA LYS A 77 14.82 -12.53 40.75
C LYS A 77 15.95 -13.33 40.09
N LYS A 78 17.20 -13.06 40.45
CA LYS A 78 18.29 -13.88 39.91
C LYS A 78 18.43 -15.20 40.64
N HIS A 79 18.42 -15.16 41.98
CA HIS A 79 18.57 -16.37 42.76
C HIS A 79 17.26 -17.06 43.09
N ASP A 80 16.13 -16.46 42.67
CA ASP A 80 14.80 -17.08 42.67
C ASP A 80 14.33 -17.46 44.07
N ILE A 81 14.19 -16.44 44.92
CA ILE A 81 13.55 -16.59 46.22
C ILE A 81 12.10 -16.13 46.06
N LYS A 82 11.17 -16.86 46.69
CA LYS A 82 9.74 -16.68 46.42
C LYS A 82 9.18 -15.34 46.88
N LEU A 83 9.88 -14.63 47.79
CA LEU A 83 9.53 -13.28 48.25
C LEU A 83 8.13 -13.24 48.86
N TYR A 84 8.02 -13.87 50.05
CA TYR A 84 6.76 -14.16 50.71
C TYR A 84 5.88 -12.93 50.93
N GLU A 85 6.50 -11.76 51.13
CA GLU A 85 5.86 -10.44 51.06
C GLU A 85 4.71 -10.30 52.07
N GLY A 86 5.10 -10.31 53.35
CA GLY A 86 4.18 -10.12 54.44
C GLY A 86 3.46 -8.77 54.40
N ASP A 87 2.13 -8.82 54.34
CA ASP A 87 1.29 -7.65 54.11
C ASP A 87 0.80 -7.04 55.42
N THR A 88 1.64 -7.08 56.46
CA THR A 88 1.29 -6.46 57.73
C THR A 88 1.25 -4.94 57.66
N ASP A 89 1.95 -4.34 56.70
CA ASP A 89 1.88 -2.89 56.51
C ASP A 89 0.51 -2.45 55.99
N LYS A 90 -0.14 -3.27 55.17
CA LYS A 90 -1.51 -3.02 54.77
C LYS A 90 -2.49 -3.21 55.93
N TYR A 91 -2.18 -4.13 56.84
CA TYR A 91 -3.01 -4.32 58.02
C TYR A 91 -2.80 -3.22 59.06
N LEU A 92 -1.63 -2.59 59.07
CA LEU A 92 -1.38 -1.51 60.01
C LEU A 92 -2.07 -0.22 59.57
N ASP A 93 -1.70 0.30 58.41
CA ASP A 93 -2.35 1.49 57.85
C ASP A 93 -3.50 1.01 56.96
N GLY A 94 -4.71 1.07 57.49
CA GLY A 94 -5.88 0.58 56.77
C GLY A 94 -6.43 1.51 55.73
N SER A 95 -5.82 2.68 55.53
CA SER A 95 -6.18 3.71 54.53
C SER A 95 -7.60 4.24 54.72
N GLY A 96 -8.17 4.11 55.91
CA GLY A 96 -9.48 4.66 56.20
C GLY A 96 -9.44 5.85 57.13
N GLU A 97 -8.58 5.79 58.14
CA GLU A 97 -8.51 6.82 59.16
C GLU A 97 -7.05 7.11 59.49
N LEU A 98 -6.84 8.20 60.22
CA LEU A 98 -5.51 8.75 60.49
C LEU A 98 -4.83 8.12 61.70
N TYR A 99 -5.19 6.89 62.07
CA TYR A 99 -4.60 6.22 63.22
C TYR A 99 -3.21 5.66 62.94
N VAL A 100 -2.70 5.77 61.71
CA VAL A 100 -1.38 5.26 61.38
C VAL A 100 -0.34 6.18 62.00
N PRO A 101 0.54 5.67 62.85
CA PRO A 101 1.55 6.52 63.47
C PRO A 101 2.70 6.79 62.51
N PRO A 102 3.49 7.82 62.76
CA PRO A 102 4.65 8.07 61.90
C PRO A 102 5.85 7.21 62.26
N SER A 103 6.98 7.44 61.60
CA SER A 103 8.22 6.75 61.91
C SER A 103 9.24 7.77 62.40
N GLY A 104 10.07 7.38 63.36
CA GLY A 104 11.00 8.33 63.94
C GLY A 104 12.31 8.42 63.19
N SER A 105 13.41 8.12 63.87
CA SER A 105 14.73 8.03 63.26
C SER A 105 15.01 6.64 62.70
N VAL A 106 13.97 5.83 62.48
CA VAL A 106 14.10 4.52 61.88
C VAL A 106 14.47 4.62 60.40
N ILE A 107 14.12 5.74 59.76
CA ILE A 107 14.52 6.00 58.37
C ILE A 107 16.03 6.20 58.26
N ASP A 108 16.64 6.89 59.23
CA ASP A 108 18.09 6.97 59.26
C ASP A 108 18.74 5.65 59.63
N ASP A 109 18.01 4.71 60.22
CA ASP A 109 18.52 3.37 60.32
C ASP A 109 18.32 2.58 59.03
N TYR A 110 17.29 2.92 58.24
CA TYR A 110 17.12 2.28 56.94
C TYR A 110 18.11 2.78 55.90
N VAL A 111 18.80 3.88 56.19
CA VAL A 111 19.83 4.34 55.26
C VAL A 111 21.14 3.63 55.52
N ARG A 112 21.55 3.58 56.79
CA ARG A 112 22.79 2.91 57.13
C ARG A 112 22.63 1.40 57.16
N ASN A 113 21.41 0.90 56.98
CA ASN A 113 21.17 -0.52 56.79
C ASN A 113 21.16 -0.86 55.31
N ALA A 114 20.42 -0.09 54.50
CA ALA A 114 20.34 -0.36 53.06
C ALA A 114 21.69 -0.18 52.37
N SER A 115 22.50 0.81 52.78
CA SER A 115 23.82 0.97 52.14
C SER A 115 24.73 -0.21 52.43
N TYR A 116 24.73 -0.71 53.67
CA TYR A 116 25.60 -1.81 54.06
C TYR A 116 25.31 -3.06 53.25
N LEU A 117 24.03 -3.32 53.00
CA LEU A 117 23.64 -4.47 52.18
C LEU A 117 24.14 -4.31 50.75
N GLU A 118 24.07 -3.10 50.17
CA GLU A 118 24.51 -2.89 48.80
C GLU A 118 26.00 -3.17 48.66
N GLU A 119 26.79 -2.66 49.61
CA GLU A 119 28.24 -2.89 49.56
C GLU A 119 28.61 -4.34 49.74
N ARG A 120 28.05 -5.01 50.76
CA ARG A 120 28.35 -6.42 50.95
C ARG A 120 27.82 -7.28 49.81
N LEU A 121 26.61 -7.00 49.32
CA LEU A 121 26.02 -7.78 48.23
C LEU A 121 26.82 -7.62 46.95
N ILE A 122 27.29 -6.41 46.66
CA ILE A 122 28.10 -6.15 45.47
C ILE A 122 29.40 -6.94 45.54
N GLN A 123 30.00 -7.01 46.74
CA GLN A 123 31.24 -7.78 46.89
C GLN A 123 30.97 -9.27 46.78
N MET A 124 29.87 -9.73 47.40
CA MET A 124 29.47 -11.13 47.40
C MET A 124 29.16 -11.59 45.98
N GLU A 125 28.48 -10.75 45.20
CA GLU A 125 28.12 -11.07 43.83
C GLU A 125 29.34 -11.07 42.93
N ASP A 126 30.24 -10.11 43.12
CA ASP A 126 31.46 -10.07 42.32
C ASP A 126 32.31 -11.29 42.57
N ALA A 127 32.40 -11.73 43.84
CA ALA A 127 33.22 -12.89 44.17
C ALA A 127 32.59 -14.20 43.69
N THR A 128 31.28 -14.36 43.87
CA THR A 128 30.64 -15.58 43.38
C THR A 128 30.40 -15.58 41.88
N ASP A 129 30.63 -14.46 41.19
CA ASP A 129 30.60 -14.52 39.74
C ASP A 129 31.99 -14.62 39.17
N GLN A 130 33.01 -14.17 39.93
CA GLN A 130 34.39 -14.38 39.51
C GLN A 130 34.76 -15.85 39.59
N ILE A 131 34.21 -16.59 40.56
CA ILE A 131 34.49 -18.03 40.54
C ILE A 131 33.48 -18.80 39.67
N GLU A 132 32.47 -18.12 39.12
CA GLU A 132 31.68 -18.71 38.04
C GLU A 132 32.35 -18.52 36.69
N VAL A 133 33.28 -17.57 36.61
CA VAL A 133 34.04 -17.41 35.37
C VAL A 133 35.00 -18.58 35.21
N GLN A 134 35.78 -18.88 36.25
CA GLN A 134 36.68 -20.01 36.16
C GLN A 134 35.95 -21.35 36.28
N LYS A 135 34.70 -21.35 36.76
CA LYS A 135 33.90 -22.57 36.67
C LYS A 135 33.53 -22.85 35.23
N ASN A 136 33.02 -21.85 34.51
CA ASN A 136 32.67 -22.09 33.11
C ASN A 136 33.93 -22.22 32.24
N ASP A 137 35.07 -21.71 32.71
CA ASP A 137 36.33 -21.93 32.01
C ASP A 137 36.80 -23.37 32.14
N LEU A 138 36.57 -24.01 33.29
CA LEU A 138 37.04 -25.37 33.45
C LEU A 138 36.03 -26.40 32.98
N GLU A 139 34.74 -26.09 33.04
CA GLU A 139 33.72 -27.04 32.60
C GLU A 139 33.77 -27.24 31.09
N GLN A 140 34.20 -26.23 30.35
CA GLN A 140 34.40 -26.38 28.91
C GLN A 140 35.75 -26.99 28.57
N TYR A 141 36.74 -26.90 29.46
CA TYR A 141 38.02 -27.54 29.21
C TYR A 141 37.92 -29.05 29.43
N ARG A 142 36.99 -29.49 30.27
CA ARG A 142 36.75 -30.91 30.48
C ARG A 142 35.86 -31.52 29.41
N PHE A 143 35.39 -30.71 28.44
CA PHE A 143 34.63 -31.26 27.32
C PHE A 143 35.56 -31.86 26.27
N ILE A 144 36.58 -31.10 25.85
CA ILE A 144 37.55 -31.62 24.89
C ILE A 144 38.43 -32.67 25.54
N LEU A 145 38.88 -32.43 26.77
CA LEU A 145 39.74 -33.38 27.47
C LEU A 145 38.92 -34.46 28.15
N TYR A 186 47.87 -27.63 15.30
CA TYR A 186 46.41 -27.56 15.36
C TYR A 186 45.97 -26.76 16.57
N VAL A 187 44.90 -25.98 16.42
CA VAL A 187 44.33 -25.22 17.53
C VAL A 187 42.87 -25.59 17.68
N THR A 188 42.38 -25.54 18.92
CA THR A 188 41.00 -25.91 19.20
C THR A 188 40.52 -25.19 20.45
N GLY A 189 39.21 -25.10 20.58
CA GLY A 189 38.57 -24.46 21.72
C GLY A 189 37.06 -24.46 21.58
N VAL A 190 36.39 -23.51 22.20
CA VAL A 190 34.94 -23.38 22.11
C VAL A 190 34.58 -21.94 21.82
N ILE A 191 33.48 -21.75 21.09
CA ILE A 191 32.91 -20.44 20.83
C ILE A 191 31.47 -20.44 21.31
N ALA A 192 30.75 -19.35 21.07
CA ALA A 192 29.42 -19.14 21.62
C ALA A 192 28.31 -19.74 20.76
N ARG A 193 28.64 -20.65 19.83
CA ARG A 193 27.75 -21.49 19.02
C ARG A 193 26.91 -20.73 18.01
N ASP A 194 26.96 -19.41 17.98
CA ASP A 194 26.36 -18.62 16.92
C ASP A 194 27.41 -18.00 16.02
N LYS A 195 28.69 -18.22 16.32
CA LYS A 195 29.79 -17.70 15.52
C LYS A 195 30.42 -18.75 14.64
N VAL A 196 29.83 -19.97 14.59
CA VAL A 196 30.40 -21.05 13.77
C VAL A 196 30.31 -20.69 12.29
N ALA A 197 29.21 -20.02 11.90
CA ALA A 197 29.02 -19.59 10.53
C ALA A 197 29.98 -18.48 10.13
N THR A 198 30.51 -17.72 11.09
CA THR A 198 31.41 -16.63 10.75
C THR A 198 32.84 -16.92 11.14
N LEU A 199 33.08 -17.97 11.93
CA LEU A 199 34.45 -18.40 12.19
C LEU A 199 34.89 -19.33 11.09
N GLU A 200 33.97 -20.16 10.57
CA GLU A 200 34.26 -20.89 9.36
C GLU A 200 34.44 -19.94 8.18
N GLN A 201 33.68 -18.84 8.18
CA GLN A 201 33.73 -17.91 7.06
C GLN A 201 35.06 -17.15 7.06
N ILE A 202 35.55 -16.77 8.24
CA ILE A 202 36.79 -16.01 8.25
C ILE A 202 37.99 -16.97 8.12
N LEU A 203 37.91 -18.19 8.65
CA LEU A 203 39.03 -19.12 8.50
C LEU A 203 39.09 -19.74 7.12
N TRP A 204 38.00 -19.72 6.36
CA TRP A 204 38.05 -20.20 4.98
C TRP A 204 38.80 -19.23 4.08
N ARG A 205 38.80 -17.95 4.43
CA ARG A 205 39.36 -16.93 3.55
C ARG A 205 40.79 -16.53 3.90
N VAL A 206 41.31 -16.94 5.06
CA VAL A 206 42.51 -16.30 5.58
C VAL A 206 43.76 -17.17 5.48
N LEU A 207 43.64 -18.50 5.46
CA LEU A 207 44.84 -19.34 5.31
C LEU A 207 45.13 -19.64 3.85
N ARG A 208 44.31 -20.47 3.22
CA ARG A 208 44.41 -20.73 1.79
C ARG A 208 43.08 -20.88 1.08
N GLY A 209 42.00 -21.24 1.77
CA GLY A 209 40.86 -21.87 1.15
C GLY A 209 40.91 -23.37 1.19
N ASN A 210 42.01 -23.95 1.66
CA ASN A 210 42.19 -25.40 1.80
C ASN A 210 42.76 -25.66 3.20
N LEU A 211 41.89 -25.99 4.14
CA LEU A 211 42.30 -26.24 5.52
C LEU A 211 41.35 -27.25 6.14
N PHE A 212 41.78 -27.87 7.22
CA PHE A 212 40.94 -28.82 7.91
C PHE A 212 40.12 -28.10 8.99
N PHE A 213 38.97 -28.69 9.32
CA PHE A 213 38.07 -28.11 10.30
C PHE A 213 37.22 -29.22 10.89
N LYS A 214 36.88 -29.08 12.16
CA LYS A 214 36.01 -30.05 12.83
C LYS A 214 35.18 -29.31 13.87
N THR A 215 33.89 -29.63 13.92
CA THR A 215 32.97 -28.96 14.83
C THR A 215 32.21 -30.00 15.64
N VAL A 216 31.93 -29.66 16.90
CA VAL A 216 31.19 -30.54 17.79
C VAL A 216 30.35 -29.67 18.71
N GLU A 217 29.21 -30.20 19.14
CA GLU A 217 28.27 -29.44 19.94
C GLU A 217 28.51 -29.69 21.43
N ILE A 218 27.86 -28.89 22.26
CA ILE A 218 27.92 -29.02 23.71
C ILE A 218 26.51 -29.15 24.24
N GLU A 219 26.25 -30.22 24.99
CA GLU A 219 24.97 -30.42 25.64
C GLU A 219 24.96 -29.74 27.00
N GLN A 220 23.74 -29.36 27.45
CA GLN A 220 23.46 -28.63 28.68
C GLN A 220 24.28 -27.34 28.75
N PRO A 221 23.89 -26.31 28.00
CA PRO A 221 24.68 -25.08 27.95
C PRO A 221 24.66 -24.33 29.27
N VAL A 222 25.69 -23.51 29.46
CA VAL A 222 25.91 -22.80 30.72
C VAL A 222 25.68 -21.31 30.51
N TYR A 223 25.58 -20.60 31.62
CA TYR A 223 25.41 -19.15 31.60
C TYR A 223 26.77 -18.49 31.51
N ASP A 224 26.80 -17.16 31.59
CA ASP A 224 28.04 -16.40 31.49
C ASP A 224 27.93 -15.17 32.38
N VAL A 225 28.85 -14.23 32.18
CA VAL A 225 28.89 -13.01 32.97
C VAL A 225 28.48 -11.80 32.15
N LYS A 226 28.92 -11.71 30.90
CA LYS A 226 28.60 -10.56 30.07
C LYS A 226 27.17 -10.61 29.54
N THR A 227 26.74 -11.78 29.06
CA THR A 227 25.40 -11.91 28.50
C THR A 227 24.34 -12.13 29.58
N ARG A 228 24.73 -12.66 30.74
CA ARG A 228 23.84 -12.94 31.87
C ARG A 228 22.68 -13.86 31.47
N GLU A 229 22.97 -14.83 30.59
CA GLU A 229 21.96 -15.75 30.11
C GLU A 229 22.65 -17.03 29.67
N TYR A 230 21.89 -18.13 29.70
CA TYR A 230 22.41 -19.43 29.28
C TYR A 230 22.54 -19.45 27.76
N LYS A 231 23.77 -19.33 27.27
CA LYS A 231 24.06 -19.34 25.84
C LYS A 231 24.67 -20.67 25.46
N HIS A 232 24.35 -21.13 24.25
CA HIS A 232 24.89 -22.39 23.75
C HIS A 232 26.38 -22.23 23.43
N LYS A 233 27.08 -23.35 23.38
CA LYS A 233 28.48 -23.38 23.02
C LYS A 233 28.71 -24.52 22.04
N ASN A 234 29.76 -24.39 21.23
CA ASN A 234 30.14 -25.41 20.27
C ASN A 234 31.65 -25.55 20.29
N ALA A 235 32.14 -26.78 20.27
CA ALA A 235 33.57 -27.04 20.22
C ALA A 235 34.05 -27.04 18.78
N PHE A 236 35.13 -26.31 18.52
CA PHE A 236 35.71 -26.21 17.19
C PHE A 236 37.15 -26.69 17.22
N ILE A 237 37.58 -27.31 16.12
CA ILE A 237 38.95 -27.76 15.93
C ILE A 237 39.42 -27.32 14.57
N VAL A 238 40.53 -26.62 14.51
CA VAL A 238 41.18 -26.30 13.25
C VAL A 238 42.54 -26.99 13.20
N PHE A 239 43.18 -26.92 12.04
CA PHE A 239 44.46 -27.58 11.83
C PHE A 239 45.27 -26.80 10.81
N SER A 240 46.56 -26.63 11.10
CA SER A 240 47.47 -25.96 10.19
C SER A 240 48.89 -26.39 10.52
N HIS A 241 49.76 -26.34 9.50
CA HIS A 241 51.16 -26.70 9.66
C HIS A 241 52.09 -25.50 9.72
N GLY A 242 51.64 -24.34 9.27
CA GLY A 242 52.49 -23.16 9.30
C GLY A 242 52.59 -22.56 10.68
N ASP A 243 53.76 -21.95 10.95
CA ASP A 243 53.99 -21.34 12.26
C ASP A 243 53.34 -19.97 12.36
N LEU A 244 53.55 -19.11 11.35
CA LEU A 244 52.94 -17.78 11.38
C LEU A 244 51.43 -17.85 11.14
N ILE A 245 50.95 -18.88 10.46
CA ILE A 245 49.52 -19.05 10.25
C ILE A 245 48.82 -19.34 11.57
N ILE A 246 49.46 -20.17 12.42
CA ILE A 246 48.89 -20.58 13.70
C ILE A 246 48.68 -19.38 14.61
N LYS A 247 49.64 -18.44 14.62
CA LYS A 247 49.53 -17.25 15.46
C LYS A 247 48.35 -16.39 15.04
N ARG A 248 48.16 -16.22 13.73
CA ARG A 248 47.04 -15.44 13.21
C ARG A 248 45.72 -16.11 13.56
N ILE A 249 45.65 -17.44 13.41
CA ILE A 249 44.43 -18.17 13.74
C ILE A 249 44.09 -18.04 15.21
N ARG A 250 45.11 -18.15 16.08
CA ARG A 250 44.90 -18.01 17.51
C ARG A 250 44.42 -16.61 17.86
N LYS A 251 45.01 -15.58 17.24
CA LYS A 251 44.60 -14.21 17.49
C LYS A 251 43.16 -13.97 17.06
N ILE A 252 42.78 -14.50 15.89
CA ILE A 252 41.42 -14.34 15.38
C ILE A 252 40.42 -15.02 16.32
N ALA A 253 40.75 -16.25 16.77
CA ALA A 253 39.86 -16.95 17.69
C ALA A 253 39.74 -16.22 19.02
N GLU A 254 40.87 -15.67 19.50
CA GLU A 254 40.91 -14.95 20.78
C GLU A 254 40.05 -13.70 20.73
N SER A 255 40.08 -12.99 19.59
CA SER A 255 39.36 -11.73 19.45
C SER A 255 37.85 -11.88 19.61
N LEU A 256 37.28 -12.97 19.09
CA LEU A 256 35.84 -13.19 19.22
C LEU A 256 35.47 -13.66 20.62
N ASP A 257 34.21 -14.06 20.78
CA ASP A 257 33.72 -14.57 22.05
C ASP A 257 34.17 -16.01 22.29
N ALA A 258 35.48 -16.22 22.39
CA ALA A 258 36.04 -17.56 22.54
C ALA A 258 37.16 -17.53 23.56
N ASN A 259 37.50 -18.71 24.05
CA ASN A 259 38.66 -18.90 24.91
C ASN A 259 39.29 -20.24 24.54
N LEU A 260 40.22 -20.19 23.60
CA LEU A 260 40.84 -21.39 23.06
C LEU A 260 41.84 -21.96 24.05
N TYR A 261 42.12 -23.25 23.90
CA TYR A 261 43.01 -23.93 24.83
C TYR A 261 44.15 -24.63 24.09
N ASP A 262 44.97 -25.36 24.84
CA ASP A 262 46.05 -26.16 24.27
C ASP A 262 46.03 -27.51 24.95
N VAL A 263 45.86 -28.57 24.16
CA VAL A 263 45.74 -29.91 24.70
C VAL A 263 47.00 -30.70 24.33
N ASP A 264 47.19 -31.82 25.01
CA ASP A 264 48.32 -32.69 24.74
C ASP A 264 48.02 -33.57 23.54
N SER A 265 49.06 -33.84 22.74
CA SER A 265 48.92 -34.67 21.54
C SER A 265 49.21 -36.13 21.88
N SER A 266 48.49 -36.63 22.88
CA SER A 266 48.63 -38.00 23.35
C SER A 266 47.36 -38.38 24.11
N ASN A 267 47.05 -39.67 24.09
CA ASN A 267 45.90 -40.16 24.84
C ASN A 267 46.20 -40.21 26.34
N GLU A 268 47.44 -40.55 26.71
CA GLU A 268 47.81 -40.53 28.11
C GLU A 268 47.92 -39.11 28.64
N GLY A 269 48.34 -38.15 27.80
CA GLY A 269 48.37 -36.77 28.26
C GLY A 269 46.98 -36.19 28.40
N ARG A 270 46.04 -36.66 27.57
CA ARG A 270 44.65 -36.25 27.72
C ARG A 270 44.02 -36.88 28.97
N SER A 271 44.41 -38.11 29.31
CA SER A 271 43.90 -38.71 30.54
C SER A 271 44.57 -38.11 31.77
N GLN A 272 45.77 -37.55 31.62
CA GLN A 272 46.43 -36.94 32.76
C GLN A 272 45.81 -35.57 33.02
N GLN A 273 45.58 -34.80 31.95
CA GLN A 273 45.03 -33.48 32.15
C GLN A 273 43.55 -33.52 32.49
N LEU A 274 42.83 -34.58 32.08
CA LEU A 274 41.42 -34.66 32.44
C LEU A 274 41.26 -34.93 33.93
N ALA A 275 42.15 -35.75 34.50
CA ALA A 275 42.16 -35.96 35.95
C ALA A 275 42.71 -34.77 36.70
N LYS A 276 43.50 -33.92 36.02
CA LYS A 276 44.02 -32.74 36.71
C LYS A 276 42.94 -31.66 36.76
N VAL A 277 42.17 -31.56 35.69
CA VAL A 277 41.13 -30.54 35.64
C VAL A 277 39.97 -30.97 36.53
N ASN A 278 39.58 -32.25 36.48
CA ASN A 278 38.49 -32.71 37.35
C ASN A 278 38.89 -32.72 38.82
N LYS A 279 40.20 -32.85 39.12
CA LYS A 279 40.67 -32.67 40.50
C LYS A 279 40.64 -31.23 40.96
N ASN A 280 40.82 -30.28 40.05
CA ASN A 280 40.68 -28.89 40.46
C ASN A 280 39.21 -28.44 40.43
N LEU A 281 38.41 -29.03 39.55
CA LEU A 281 37.00 -28.69 39.48
C LEU A 281 36.19 -29.23 40.64
N SER A 282 36.52 -30.42 41.19
CA SER A 282 35.76 -30.84 42.37
C SER A 282 36.09 -29.99 43.60
N ASP A 283 37.32 -29.47 43.66
CA ASP A 283 37.61 -28.49 44.70
C ASP A 283 36.93 -27.17 44.40
N LEU A 284 36.59 -26.92 43.14
CA LEU A 284 35.89 -25.69 42.82
C LEU A 284 34.42 -25.80 43.18
N TYR A 285 33.85 -27.02 43.08
CA TYR A 285 32.48 -27.23 43.54
C TYR A 285 32.43 -27.10 45.05
N THR A 286 33.51 -27.52 45.72
CA THR A 286 33.59 -27.43 47.17
C THR A 286 33.61 -25.97 47.64
N VAL A 287 34.44 -25.12 47.02
CA VAL A 287 34.45 -23.70 47.43
C VAL A 287 33.14 -23.00 47.02
N LEU A 288 32.64 -23.28 45.81
CA LEU A 288 31.43 -22.63 45.29
C LEU A 288 30.17 -22.92 46.09
N LYS A 289 29.98 -24.16 46.56
CA LYS A 289 28.73 -24.47 47.27
C LYS A 289 28.60 -23.71 48.59
N THR A 290 29.69 -23.60 49.37
CA THR A 290 29.63 -22.88 50.64
C THR A 290 29.35 -21.40 50.45
N THR A 291 29.96 -20.77 49.43
CA THR A 291 29.74 -19.34 49.24
C THR A 291 28.34 -19.07 48.68
N SER A 292 27.86 -19.92 47.77
CA SER A 292 26.51 -19.76 47.25
C SER A 292 25.48 -19.91 48.36
N THR A 293 25.69 -20.90 49.26
CA THR A 293 24.75 -21.08 50.36
C THR A 293 24.76 -19.90 51.32
N THR A 294 25.96 -19.35 51.63
CA THR A 294 26.04 -18.21 52.54
C THR A 294 25.35 -16.99 51.96
N LEU A 295 25.52 -16.76 50.65
CA LEU A 295 24.89 -15.63 49.98
C LEU A 295 23.38 -15.81 49.97
N GLU A 296 22.91 -16.99 49.54
CA GLU A 296 21.49 -17.14 49.27
C GLU A 296 20.71 -17.17 50.57
N SER A 297 21.29 -17.77 51.62
CA SER A 297 20.63 -17.72 52.91
C SER A 297 20.71 -16.33 53.52
N GLU A 298 21.71 -15.51 53.17
CA GLU A 298 21.67 -14.13 53.64
C GLU A 298 20.61 -13.34 52.90
N LEU A 299 20.31 -13.73 51.66
CA LEU A 299 19.17 -13.15 50.96
C LEU A 299 17.85 -13.60 51.55
N TYR A 300 17.80 -14.79 52.16
CA TYR A 300 16.57 -15.19 52.86
C TYR A 300 16.32 -14.39 54.12
N ALA A 301 17.31 -13.67 54.64
CA ALA A 301 17.09 -12.82 55.81
C ALA A 301 16.30 -11.56 55.48
N ILE A 302 16.28 -11.13 54.22
CA ILE A 302 15.61 -9.90 53.83
C ILE A 302 14.45 -10.20 52.90
N ALA A 303 14.55 -11.29 52.15
CA ALA A 303 13.62 -11.56 51.05
C ALA A 303 12.23 -11.98 51.52
N LYS A 304 12.10 -12.49 52.73
CA LYS A 304 10.78 -12.69 53.32
C LYS A 304 10.26 -11.44 54.00
N GLU A 305 11.04 -10.36 54.00
CA GLU A 305 10.75 -9.22 54.86
C GLU A 305 10.93 -7.87 54.18
N LEU A 306 11.52 -7.81 52.99
CA LEU A 306 11.85 -6.54 52.32
C LEU A 306 10.62 -5.73 51.95
N ASP A 307 9.49 -6.39 51.66
CA ASP A 307 8.28 -5.68 51.27
C ASP A 307 7.70 -4.86 52.42
N SER A 308 8.03 -5.20 53.66
CA SER A 308 7.62 -4.39 54.79
C SER A 308 8.36 -3.05 54.79
N TRP A 309 9.69 -3.09 54.77
CA TRP A 309 10.52 -1.89 54.82
C TRP A 309 10.86 -1.34 53.44
N PHE A 310 10.01 -1.60 52.45
CA PHE A 310 9.92 -0.82 51.22
C PHE A 310 8.74 0.14 51.22
N GLN A 311 7.66 -0.25 51.91
CA GLN A 311 6.45 0.56 51.92
C GLN A 311 6.67 1.85 52.69
N ASP A 312 7.26 1.77 53.87
CA ASP A 312 7.49 2.98 54.64
C ASP A 312 8.74 3.74 54.19
N VAL A 313 9.31 3.37 53.05
CA VAL A 313 10.28 4.20 52.36
C VAL A 313 9.66 4.91 51.16
N THR A 314 8.78 4.23 50.42
CA THR A 314 8.07 4.93 49.36
C THR A 314 7.04 5.90 49.93
N ARG A 315 6.42 5.53 51.04
CA ARG A 315 5.57 6.46 51.77
C ARG A 315 6.38 7.55 52.44
N GLU A 316 7.65 7.33 52.74
CA GLU A 316 8.41 8.37 53.40
C GLU A 316 8.92 9.37 52.39
N LYS A 317 9.17 8.92 51.16
CA LYS A 317 9.59 9.81 50.09
C LYS A 317 8.42 10.65 49.58
N ALA A 318 7.21 10.07 49.61
CA ALA A 318 6.02 10.78 49.12
C ALA A 318 5.77 12.04 49.94
N ILE A 319 5.97 11.96 51.26
CA ILE A 319 5.78 13.12 52.13
C ILE A 319 6.75 14.25 51.79
N PHE A 320 8.00 13.90 51.54
CA PHE A 320 9.00 14.91 51.20
C PHE A 320 8.66 15.57 49.87
N GLU A 321 8.24 14.77 48.89
CA GLU A 321 7.87 15.31 47.59
C GLU A 321 6.70 16.27 47.73
N ILE A 322 5.73 15.92 48.58
CA ILE A 322 4.60 16.81 48.86
C ILE A 322 5.08 18.10 49.53
N LEU A 323 6.05 17.97 50.45
CA LEU A 323 6.60 19.11 51.16
C LEU A 323 7.28 20.12 50.25
N ASN A 324 8.02 19.65 49.22
CA ASN A 324 8.67 20.58 48.28
C ASN A 324 7.73 21.64 47.71
N LYS A 325 6.48 21.27 47.44
CA LYS A 325 5.47 22.20 46.94
C LYS A 325 4.94 23.05 48.09
N SER A 326 5.79 23.96 48.56
CA SER A 326 5.47 24.81 49.70
C SER A 326 6.33 26.05 49.65
N ASN A 327 6.07 26.95 50.60
CA ASN A 327 6.86 28.16 50.75
C ASN A 327 7.29 28.27 52.21
N TYR A 328 8.39 28.98 52.44
CA TYR A 328 8.92 29.17 53.78
C TYR A 328 9.20 30.65 54.02
N ASP A 329 9.13 31.04 55.28
CA ASP A 329 9.37 32.42 55.69
C ASP A 329 10.67 32.50 56.46
N THR A 330 11.50 33.49 56.14
CA THR A 330 12.78 33.65 56.82
C THR A 330 12.60 34.07 58.27
N ASN A 331 11.62 34.94 58.54
CA ASN A 331 11.41 35.45 59.90
C ASN A 331 10.80 34.37 60.79
N ARG A 332 9.60 33.91 60.45
CA ARG A 332 8.91 32.89 61.23
C ARG A 332 9.08 31.53 60.55
N LYS A 333 9.43 30.52 61.35
CA LYS A 333 9.66 29.18 60.83
C LYS A 333 8.31 28.50 60.57
N ILE A 334 7.67 28.91 59.48
CA ILE A 334 6.40 28.34 59.07
C ILE A 334 6.59 27.64 57.73
N LEU A 335 5.53 26.98 57.27
CA LEU A 335 5.58 26.21 56.03
C LEU A 335 4.15 26.21 55.49
N ILE A 336 3.88 27.05 54.50
CA ILE A 336 2.54 27.15 53.90
C ILE A 336 2.47 26.29 52.65
N ALA A 337 1.42 25.46 52.58
CA ALA A 337 1.22 24.53 51.46
C ALA A 337 -0.27 24.54 51.11
N GLU A 338 -0.66 25.44 50.22
CA GLU A 338 -2.08 25.60 49.91
C GLU A 338 -2.57 24.51 48.97
N GLY A 339 -3.63 23.81 49.38
CA GLY A 339 -4.11 22.64 48.66
C GLY A 339 -5.62 22.63 48.58
N TRP A 340 -6.15 21.63 47.89
CA TRP A 340 -7.56 21.55 47.56
C TRP A 340 -8.27 20.49 48.38
N ILE A 341 -9.15 20.92 49.27
CA ILE A 341 -10.01 19.98 50.01
C ILE A 341 -11.47 20.20 49.61
N PRO A 342 -12.31 19.16 49.56
CA PRO A 342 -13.74 19.41 49.41
C PRO A 342 -14.30 20.12 50.62
N ARG A 343 -15.26 21.02 50.39
CA ARG A 343 -15.74 21.88 51.46
C ARG A 343 -16.57 21.10 52.49
N ASP A 344 -17.23 20.03 52.08
CA ASP A 344 -17.91 19.16 53.03
C ASP A 344 -16.98 18.22 53.77
N GLU A 345 -15.67 18.37 53.61
CA GLU A 345 -14.68 17.63 54.37
C GLU A 345 -13.84 18.52 55.27
N LEU A 346 -14.24 19.78 55.50
CA LEU A 346 -13.51 20.57 56.48
C LEU A 346 -13.81 20.17 57.92
N ALA A 347 -14.84 19.35 58.14
CA ALA A 347 -15.10 18.84 59.48
C ALA A 347 -14.02 17.87 59.93
N THR A 348 -13.58 16.99 59.03
CA THR A 348 -12.59 15.97 59.37
C THR A 348 -11.25 16.58 59.73
N LEU A 349 -10.82 17.61 59.00
CA LEU A 349 -9.53 18.25 59.23
C LEU A 349 -9.41 18.88 60.61
N GLN A 350 -10.49 19.50 61.12
CA GLN A 350 -10.43 20.06 62.46
C GLN A 350 -10.23 18.97 63.50
N ALA A 351 -10.94 17.84 63.36
CA ALA A 351 -10.78 16.72 64.28
C ALA A 351 -9.38 16.12 64.18
N ARG A 352 -8.86 15.98 62.95
CA ARG A 352 -7.52 15.43 62.75
C ARG A 352 -6.45 16.33 63.36
N LEU A 353 -6.62 17.65 63.18
CA LEU A 353 -5.69 18.63 63.74
C LEU A 353 -5.72 18.58 65.25
N GLY A 354 -6.93 18.47 65.81
CA GLY A 354 -7.10 18.38 67.25
C GLY A 354 -6.45 17.13 67.81
N GLU A 355 -6.66 16.00 67.12
CA GLU A 355 -6.06 14.74 67.57
C GLU A 355 -4.54 14.82 67.53
N MET A 356 -3.98 15.42 66.47
CA MET A 356 -2.53 15.58 66.42
C MET A 356 -2.04 16.51 67.53
N ILE A 357 -2.80 17.58 67.80
CA ILE A 357 -2.43 18.55 68.84
C ILE A 357 -2.41 17.86 70.19
N ALA A 358 -3.38 16.98 70.44
CA ALA A 358 -3.44 16.23 71.70
C ALA A 358 -2.20 15.36 71.85
N ARG A 359 -1.76 14.73 70.76
CA ARG A 359 -0.60 13.85 70.74
C ARG A 359 0.70 14.59 70.38
N LEU A 360 0.76 15.89 70.61
CA LEU A 360 2.00 16.64 70.38
C LEU A 360 1.96 17.87 71.29
N GLY A 361 2.82 17.88 72.31
CA GLY A 361 2.72 18.87 73.36
C GLY A 361 3.33 20.23 73.08
N ILE A 362 3.43 20.60 71.80
CA ILE A 362 3.96 21.91 71.43
C ILE A 362 2.91 23.01 71.51
N ASP A 363 1.62 22.65 71.58
CA ASP A 363 0.48 23.57 71.62
C ASP A 363 0.49 24.54 70.42
N VAL A 364 0.68 23.97 69.24
CA VAL A 364 0.79 24.74 68.00
C VAL A 364 -0.57 25.30 67.62
N PRO A 365 -0.63 26.40 66.87
CA PRO A 365 -1.93 26.88 66.38
C PRO A 365 -2.54 25.95 65.35
N SER A 366 -1.70 25.48 64.41
CA SER A 366 -2.09 24.56 63.32
C SER A 366 -3.25 25.12 62.50
N ILE A 367 -3.19 26.42 62.21
CA ILE A 367 -4.32 27.12 61.64
C ILE A 367 -4.42 26.80 60.15
N ILE A 368 -5.18 25.77 59.82
CA ILE A 368 -5.50 25.44 58.43
C ILE A 368 -6.70 26.31 58.09
N GLN A 369 -6.43 27.53 57.62
CA GLN A 369 -7.51 28.47 57.36
C GLN A 369 -7.74 28.57 55.86
N VAL A 370 -9.00 28.65 55.47
CA VAL A 370 -9.41 28.61 54.08
C VAL A 370 -9.53 30.02 53.52
N LEU A 371 -8.97 30.23 52.35
CA LEU A 371 -9.07 31.49 51.63
C LEU A 371 -9.73 31.25 50.28
N ASP A 372 -10.18 32.33 49.66
CA ASP A 372 -10.77 32.28 48.33
C ASP A 372 -9.73 32.68 47.29
N THR A 373 -9.81 32.04 46.13
CA THR A 373 -8.77 32.18 45.12
C THR A 373 -9.41 32.39 43.76
N ASN A 374 -8.56 32.59 42.76
CA ASN A 374 -8.98 32.77 41.38
C ASN A 374 -8.62 31.57 40.53
N HIS A 375 -7.99 30.55 41.10
CA HIS A 375 -7.52 29.41 40.35
C HIS A 375 -8.66 28.47 40.02
N THR A 376 -8.34 27.37 39.33
CA THR A 376 -9.35 26.41 38.94
C THR A 376 -9.23 25.19 39.85
N PRO A 377 -10.20 24.93 40.72
CA PRO A 377 -10.15 23.76 41.58
C PRO A 377 -10.44 22.50 40.80
N PRO A 378 -10.00 21.33 41.30
CA PRO A 378 -10.24 20.08 40.57
C PRO A 378 -11.68 19.60 40.60
N THR A 379 -11.95 18.50 39.92
CA THR A 379 -13.28 17.91 39.88
C THR A 379 -13.26 16.60 40.64
N PHE A 380 -13.77 16.62 41.86
CA PHE A 380 -13.91 15.40 42.64
C PHE A 380 -15.34 14.89 42.49
N HIS A 381 -15.47 13.72 41.88
CA HIS A 381 -16.75 13.02 41.83
C HIS A 381 -16.71 11.89 42.84
N ARG A 382 -17.81 11.72 43.57
CA ARG A 382 -17.84 10.81 44.71
C ARG A 382 -18.66 9.60 44.29
N THR A 383 -17.97 8.55 43.85
CA THR A 383 -18.59 7.36 43.27
C THR A 383 -18.39 6.16 44.17
N ASN A 384 -19.46 5.41 44.40
CA ASN A 384 -19.37 4.13 45.11
C ASN A 384 -19.11 3.01 44.11
N LYS A 385 -19.27 1.76 44.54
CA LYS A 385 -18.88 0.61 43.70
C LYS A 385 -19.81 0.39 42.50
N PHE A 386 -20.96 1.04 42.46
CA PHE A 386 -21.85 0.89 41.31
C PHE A 386 -21.59 1.92 40.24
N THR A 387 -21.36 3.17 40.60
CA THR A 387 -21.16 4.23 39.62
C THR A 387 -19.70 4.59 39.41
N ALA A 388 -18.76 3.74 39.85
CA ALA A 388 -17.36 3.99 39.54
C ALA A 388 -16.94 3.37 38.22
N GLY A 389 -17.60 2.30 37.80
CA GLY A 389 -17.29 1.72 36.51
C GLY A 389 -17.88 2.49 35.37
N PHE A 390 -18.84 3.36 35.64
CA PHE A 390 -19.45 4.23 34.65
C PHE A 390 -18.79 5.59 34.65
N GLN A 391 -18.31 6.03 35.81
CA GLN A 391 -17.51 7.25 35.86
C GLN A 391 -16.15 7.03 35.23
N SER A 392 -15.63 5.80 35.25
CA SER A 392 -14.30 5.56 34.73
C SER A 392 -14.24 5.62 33.21
N ILE A 393 -15.30 5.21 32.52
CA ILE A 393 -15.29 5.22 31.06
C ILE A 393 -15.77 6.53 30.47
N CYS A 394 -16.26 7.46 31.30
CA CYS A 394 -16.67 8.75 30.79
C CYS A 394 -15.60 9.82 30.99
N ASP A 395 -14.58 9.55 31.80
CA ASP A 395 -13.47 10.49 31.95
C ASP A 395 -12.16 9.93 31.43
N CYS A 396 -12.21 8.85 30.64
CA CYS A 396 -11.10 8.54 29.75
C CYS A 396 -11.18 9.38 28.48
N TYR A 397 -12.30 10.07 28.26
CA TYR A 397 -12.41 11.09 27.24
C TYR A 397 -12.01 12.46 27.75
N GLY A 398 -12.03 12.67 29.05
CA GLY A 398 -11.59 13.94 29.61
C GLY A 398 -12.07 14.14 31.02
N ILE A 399 -11.22 14.72 31.87
CA ILE A 399 -11.67 15.15 33.18
C ILE A 399 -12.51 16.42 33.00
N ALA A 400 -13.64 16.48 33.69
CA ALA A 400 -14.64 17.52 33.44
C ALA A 400 -14.17 18.89 33.92
N GLN A 401 -15.00 19.90 33.69
CA GLN A 401 -14.75 21.21 34.26
C GLN A 401 -15.24 21.20 35.71
N TYR A 402 -14.70 22.13 36.50
CA TYR A 402 -15.08 22.25 37.91
C TYR A 402 -16.55 22.60 38.03
N ARG A 403 -17.29 21.71 38.69
CA ARG A 403 -18.72 21.88 38.99
C ARG A 403 -19.51 22.06 37.69
N GLU A 404 -19.20 21.19 36.74
CA GLU A 404 -19.91 21.02 35.49
C GLU A 404 -20.92 19.91 35.70
N ILE A 405 -21.87 19.77 34.77
CA ILE A 405 -22.74 18.60 34.80
C ILE A 405 -21.89 17.37 34.52
N ASN A 406 -21.83 16.44 35.47
CA ASN A 406 -21.10 15.20 35.26
C ASN A 406 -21.81 14.38 34.20
N ALA A 407 -21.03 13.89 33.24
CA ALA A 407 -21.57 13.03 32.22
C ALA A 407 -21.69 11.59 32.67
N GLY A 408 -21.00 11.20 33.74
CA GLY A 408 -21.02 9.83 34.19
C GLY A 408 -22.20 9.43 35.02
N LEU A 409 -23.03 10.37 35.38
CA LEU A 409 -24.31 10.09 36.00
C LEU A 409 -25.40 9.72 34.98
N PRO A 410 -25.51 10.38 33.81
CA PRO A 410 -26.37 9.81 32.77
C PRO A 410 -25.78 8.62 32.06
N THR A 411 -24.46 8.41 32.15
CA THR A 411 -23.83 7.30 31.43
C THR A 411 -24.17 5.96 32.06
N ILE A 412 -24.68 5.99 33.30
CA ILE A 412 -25.07 4.78 34.04
C ILE A 412 -26.21 4.09 33.31
N VAL A 413 -27.17 4.85 32.81
CA VAL A 413 -28.28 4.28 32.09
C VAL A 413 -28.12 4.41 30.58
N THR A 414 -27.61 5.55 30.10
CA THR A 414 -27.46 5.74 28.65
C THR A 414 -26.46 4.78 28.02
N PHE A 415 -25.31 4.53 28.65
CA PHE A 415 -24.34 3.63 28.01
C PHE A 415 -24.75 2.15 27.88
N PRO A 416 -25.29 1.48 28.93
CA PRO A 416 -25.76 0.10 28.73
C PRO A 416 -26.92 0.03 27.78
N PHE A 417 -27.89 0.94 27.89
CA PHE A 417 -29.06 0.94 27.02
C PHE A 417 -28.68 1.13 25.56
N MET A 418 -27.73 2.02 25.30
CA MET A 418 -27.27 2.24 23.94
C MET A 418 -26.65 0.96 23.41
N PHE A 419 -25.86 0.28 24.24
CA PHE A 419 -25.30 -1.00 23.83
C PHE A 419 -26.42 -2.01 23.59
N ALA A 420 -27.43 -1.99 24.46
CA ALA A 420 -28.57 -2.91 24.40
C ALA A 420 -29.36 -2.78 23.12
N ILE A 421 -29.49 -1.56 22.59
CA ILE A 421 -30.13 -1.34 21.28
C ILE A 421 -29.43 -2.15 20.21
N MET A 422 -28.12 -2.17 20.26
CA MET A 422 -27.26 -2.73 19.24
C MET A 422 -27.02 -4.21 19.42
N PHE A 423 -27.14 -4.69 20.64
CA PHE A 423 -26.93 -6.10 20.95
C PHE A 423 -28.26 -6.84 20.94
N GLY A 424 -29.15 -6.51 21.86
CA GLY A 424 -30.56 -6.88 21.80
C GLY A 424 -30.95 -8.32 21.61
N ASP A 425 -30.67 -9.19 22.57
CA ASP A 425 -31.07 -10.59 22.47
C ASP A 425 -31.24 -11.11 23.89
N MET A 426 -32.34 -11.84 24.13
CA MET A 426 -32.56 -12.40 25.46
C MET A 426 -31.58 -13.52 25.76
N GLY A 427 -31.17 -14.28 24.75
CA GLY A 427 -30.23 -15.34 24.98
C GLY A 427 -28.84 -14.80 25.17
N HIS A 428 -28.45 -13.89 24.30
CA HIS A 428 -27.14 -13.26 24.46
C HIS A 428 -27.11 -12.26 25.60
N GLY A 429 -28.25 -11.81 26.09
CA GLY A 429 -28.26 -10.96 27.25
C GLY A 429 -28.30 -11.80 28.50
N PHE A 430 -28.79 -13.03 28.38
CA PHE A 430 -28.79 -13.94 29.52
C PHE A 430 -27.42 -14.56 29.75
N LEU A 431 -26.66 -14.75 28.67
CA LEU A 431 -25.27 -15.19 28.84
C LEU A 431 -24.38 -14.08 29.36
N MET A 432 -24.82 -12.83 29.26
CA MET A 432 -24.00 -11.74 29.74
C MET A 432 -24.43 -11.32 31.13
N THR A 433 -25.69 -11.59 31.50
CA THR A 433 -26.06 -11.48 32.90
C THR A 433 -25.38 -12.57 33.70
N LEU A 434 -25.41 -13.81 33.22
CA LEU A 434 -24.69 -14.86 33.95
C LEU A 434 -23.17 -14.65 33.93
N ALA A 435 -22.63 -14.00 32.90
CA ALA A 435 -21.22 -13.62 32.95
C ALA A 435 -20.91 -12.51 33.95
N ALA A 436 -21.83 -11.57 34.20
CA ALA A 436 -21.53 -10.53 35.18
C ALA A 436 -22.10 -10.80 36.56
N LEU A 437 -23.17 -11.57 36.63
CA LEU A 437 -23.85 -11.91 37.86
C LEU A 437 -22.93 -12.73 38.73
N SER A 438 -22.15 -13.63 38.13
CA SER A 438 -21.24 -14.46 38.90
C SER A 438 -20.23 -13.57 39.61
N LEU A 439 -19.74 -12.53 38.93
CA LEU A 439 -18.78 -11.60 39.54
C LEU A 439 -19.45 -10.76 40.62
N VAL A 440 -20.66 -10.27 40.38
CA VAL A 440 -21.39 -9.48 41.37
C VAL A 440 -21.76 -10.29 42.61
N LEU A 441 -22.14 -11.57 42.43
CA LEU A 441 -22.55 -12.42 43.55
C LEU A 441 -21.45 -12.65 44.57
N ASN A 442 -20.23 -12.95 44.14
CA ASN A 442 -19.12 -13.07 45.09
C ASN A 442 -18.02 -12.10 44.67
N GLU A 443 -18.26 -10.83 44.99
CA GLU A 443 -17.30 -9.79 44.68
C GLU A 443 -16.28 -9.66 45.80
N LYS A 444 -16.63 -10.11 47.00
CA LYS A 444 -15.72 -10.05 48.14
C LYS A 444 -14.52 -10.97 47.92
N LYS A 445 -14.74 -12.15 47.37
CA LYS A 445 -13.65 -13.09 47.15
C LYS A 445 -12.97 -12.91 45.80
N ILE A 446 -13.46 -12.01 44.95
CA ILE A 446 -12.72 -11.55 43.78
C ILE A 446 -12.01 -10.23 44.08
N ASN A 447 -12.37 -9.57 45.17
CA ASN A 447 -11.72 -8.32 45.56
C ASN A 447 -10.24 -8.53 45.89
N LYS A 448 -9.90 -9.72 46.37
CA LYS A 448 -8.51 -10.16 46.41
C LYS A 448 -8.39 -11.45 45.61
N MET A 449 -7.56 -11.42 44.56
CA MET A 449 -7.29 -12.54 43.67
C MET A 449 -6.04 -12.14 42.88
N LYS A 450 -5.69 -12.91 41.85
CA LYS A 450 -4.48 -12.65 41.07
C LYS A 450 -4.55 -11.37 40.26
N ARG A 451 -5.77 -10.96 39.87
CA ARG A 451 -6.06 -9.68 39.22
C ARG A 451 -5.31 -9.54 37.88
N GLY A 452 -5.72 -10.39 36.94
CA GLY A 452 -5.14 -10.41 35.61
C GLY A 452 -5.45 -9.16 34.79
N GLU A 453 -4.87 -9.14 33.59
CA GLU A 453 -4.93 -7.94 32.75
C GLU A 453 -6.31 -7.74 32.15
N ILE A 454 -6.94 -8.81 31.67
CA ILE A 454 -8.30 -8.75 31.17
C ILE A 454 -9.29 -9.27 32.22
N PHE A 455 -8.88 -9.29 33.48
CA PHE A 455 -9.73 -9.68 34.59
C PHE A 455 -9.95 -8.55 35.58
N ASP A 456 -9.05 -7.58 35.64
CA ASP A 456 -9.38 -6.34 36.33
C ASP A 456 -10.27 -5.47 35.48
N MET A 457 -10.15 -5.56 34.16
CA MET A 457 -11.01 -4.76 33.31
C MET A 457 -12.40 -5.36 33.29
N ALA A 458 -12.49 -6.69 33.32
CA ALA A 458 -13.79 -7.34 33.39
C ALA A 458 -14.39 -7.31 34.79
N PHE A 459 -13.60 -6.94 35.81
CA PHE A 459 -14.16 -6.89 37.15
C PHE A 459 -14.49 -5.47 37.61
N THR A 460 -13.72 -4.46 37.19
CA THR A 460 -14.06 -3.09 37.58
C THR A 460 -15.31 -2.59 36.86
N GLY A 461 -15.71 -3.24 35.79
CA GLY A 461 -16.96 -2.94 35.13
C GLY A 461 -17.94 -4.10 35.21
N ARG A 462 -18.05 -4.72 36.38
CA ARG A 462 -19.00 -5.81 36.54
C ARG A 462 -20.44 -5.32 36.61
N TYR A 463 -20.66 -4.06 36.99
CA TYR A 463 -22.00 -3.52 36.96
C TYR A 463 -22.31 -2.88 35.64
N ILE A 464 -21.28 -2.58 34.85
CA ILE A 464 -21.53 -2.04 33.53
C ILE A 464 -21.70 -3.18 32.56
N ILE A 465 -21.48 -4.42 32.99
CA ILE A 465 -21.78 -5.60 32.19
C ILE A 465 -23.11 -6.22 32.62
N LEU A 466 -23.40 -6.19 33.92
CA LEU A 466 -24.71 -6.65 34.39
C LEU A 466 -25.84 -5.77 33.88
N LEU A 467 -25.64 -4.45 33.88
CA LEU A 467 -26.72 -3.59 33.44
C LEU A 467 -26.84 -3.57 31.92
N MET A 468 -25.77 -3.95 31.21
CA MET A 468 -25.86 -4.27 29.79
C MET A 468 -26.72 -5.50 29.57
N GLY A 469 -26.45 -6.59 30.28
CA GLY A 469 -27.18 -7.78 29.92
C GLY A 469 -28.62 -7.77 30.40
N VAL A 470 -28.97 -6.88 31.31
CA VAL A 470 -30.37 -6.74 31.67
C VAL A 470 -31.10 -5.81 30.71
N PHE A 471 -30.45 -4.73 30.30
CA PHE A 471 -31.06 -3.90 29.28
C PHE A 471 -31.14 -4.62 27.94
N SER A 472 -30.16 -5.47 27.64
CA SER A 472 -30.21 -6.27 26.43
C SER A 472 -31.08 -7.50 26.56
N MET A 473 -31.62 -7.76 27.73
CA MET A 473 -32.62 -8.80 27.86
C MET A 473 -34.00 -8.20 27.68
N TYR A 474 -34.16 -6.95 28.11
CA TYR A 474 -35.40 -6.22 27.81
C TYR A 474 -35.46 -5.84 26.34
N THR A 475 -34.33 -5.47 25.76
CA THR A 475 -34.31 -5.14 24.35
C THR A 475 -34.53 -6.38 23.49
N GLY A 476 -33.88 -7.49 23.82
CA GLY A 476 -34.17 -8.72 23.10
C GLY A 476 -35.56 -9.28 23.35
N PHE A 477 -36.27 -8.77 24.35
CA PHE A 477 -37.68 -9.08 24.49
C PHE A 477 -38.54 -8.14 23.66
N LEU A 478 -38.07 -6.92 23.41
CA LEU A 478 -38.78 -6.03 22.50
C LEU A 478 -38.49 -6.34 21.04
N TYR A 479 -37.29 -6.83 20.74
CA TYR A 479 -36.96 -7.31 19.42
C TYR A 479 -37.59 -8.66 19.10
N ASN A 480 -38.25 -9.28 20.08
CA ASN A 480 -38.78 -10.64 20.02
C ASN A 480 -37.68 -11.62 19.64
N ASP A 481 -36.69 -11.73 20.53
CA ASP A 481 -35.40 -12.32 20.20
C ASP A 481 -34.90 -13.16 21.38
N ILE A 482 -35.10 -14.48 21.30
CA ILE A 482 -34.23 -15.44 21.97
C ILE A 482 -33.28 -15.90 20.89
N PHE A 483 -32.24 -16.67 21.26
CA PHE A 483 -30.90 -16.77 20.64
C PHE A 483 -30.82 -16.53 19.13
N SER A 484 -31.74 -17.08 18.38
CA SER A 484 -31.97 -16.62 17.03
C SER A 484 -33.43 -16.55 16.67
N LYS A 485 -34.34 -16.86 17.61
CA LYS A 485 -35.74 -17.09 17.30
C LYS A 485 -36.67 -16.25 18.17
N THR A 486 -37.97 -16.47 18.08
CA THR A 486 -38.94 -15.59 18.71
C THR A 486 -39.69 -16.29 19.82
N MET A 487 -40.17 -15.48 20.76
CA MET A 487 -41.01 -15.95 21.85
C MET A 487 -42.45 -15.80 21.42
N THR A 488 -43.19 -16.90 21.44
CA THR A 488 -44.57 -16.95 21.01
C THR A 488 -45.48 -16.92 22.24
N ILE A 489 -45.46 -15.79 22.94
CA ILE A 489 -46.09 -15.72 24.25
C ILE A 489 -47.27 -14.77 24.36
N PHE A 490 -47.50 -13.90 23.38
CA PHE A 490 -48.74 -13.15 23.34
C PHE A 490 -49.50 -13.53 22.08
N LYS A 491 -50.78 -13.18 22.05
CA LYS A 491 -51.58 -13.40 20.85
C LYS A 491 -51.12 -12.42 19.79
N SER A 492 -50.94 -12.92 18.57
CA SER A 492 -50.41 -12.08 17.51
C SER A 492 -51.47 -11.15 16.96
N GLY A 493 -51.03 -9.99 16.50
CA GLY A 493 -51.90 -9.06 15.81
C GLY A 493 -51.98 -9.30 14.34
N TRP A 494 -51.24 -10.28 13.83
CA TRP A 494 -51.26 -10.66 12.43
C TRP A 494 -51.90 -12.04 12.31
N LYS A 495 -53.05 -12.11 11.67
CA LYS A 495 -53.75 -13.36 11.44
C LYS A 495 -53.55 -13.80 9.99
N TRP A 496 -52.91 -14.94 9.81
CA TRP A 496 -52.78 -15.52 8.49
C TRP A 496 -54.16 -16.01 8.02
N PRO A 497 -54.42 -16.05 6.70
CA PRO A 497 -55.75 -16.47 6.22
C PRO A 497 -56.07 -17.94 6.43
N ASP A 498 -57.27 -18.33 6.00
CA ASP A 498 -57.83 -19.62 6.41
C ASP A 498 -57.17 -20.77 5.68
N HIS A 499 -57.27 -20.80 4.35
CA HIS A 499 -56.78 -21.93 3.57
C HIS A 499 -55.81 -21.43 2.51
N TRP A 500 -54.80 -22.27 2.24
CA TRP A 500 -53.78 -21.96 1.24
C TRP A 500 -53.21 -23.26 0.73
N LYS A 501 -52.50 -23.17 -0.39
CA LYS A 501 -51.81 -24.32 -0.95
C LYS A 501 -50.36 -24.35 -0.49
N LYS A 502 -49.77 -25.53 -0.52
CA LYS A 502 -48.38 -25.70 -0.11
C LYS A 502 -47.47 -25.13 -1.18
N GLY A 503 -46.89 -23.96 -0.90
CA GLY A 503 -45.99 -23.32 -1.86
C GLY A 503 -46.60 -22.13 -2.58
N GLU A 504 -47.33 -21.29 -1.85
CA GLU A 504 -47.90 -20.07 -2.39
C GLU A 504 -47.61 -18.92 -1.44
N SER A 505 -47.44 -17.73 -1.99
CA SER A 505 -47.19 -16.57 -1.16
C SER A 505 -48.45 -16.15 -0.43
N ILE A 506 -48.29 -15.85 0.86
CA ILE A 506 -49.40 -15.59 1.77
C ILE A 506 -49.17 -14.23 2.42
N THR A 507 -50.18 -13.37 2.37
CA THR A 507 -50.11 -12.05 2.98
C THR A 507 -51.03 -11.98 4.19
N ALA A 508 -50.44 -11.78 5.37
CA ALA A 508 -51.22 -11.72 6.59
C ALA A 508 -52.02 -10.42 6.68
N THR A 509 -53.06 -10.44 7.49
CA THR A 509 -53.91 -9.28 7.73
C THR A 509 -53.81 -8.89 9.20
N SER A 510 -53.72 -7.58 9.46
CA SER A 510 -53.57 -7.10 10.82
C SER A 510 -54.90 -7.11 11.52
N VAL A 511 -54.99 -7.85 12.62
CA VAL A 511 -56.17 -7.89 13.47
C VAL A 511 -55.94 -7.23 14.81
N GLY A 512 -54.73 -6.76 15.08
CA GLY A 512 -54.44 -6.10 16.34
C GLY A 512 -52.99 -5.68 16.37
N THR A 513 -52.57 -5.17 17.53
CA THR A 513 -51.19 -4.76 17.75
C THR A 513 -50.60 -5.63 18.85
N TYR A 514 -49.35 -5.97 18.71
CA TYR A 514 -48.69 -6.80 19.71
C TYR A 514 -48.36 -5.93 20.92
N PRO A 515 -48.69 -6.37 22.14
CA PRO A 515 -48.57 -5.49 23.31
C PRO A 515 -47.15 -5.08 23.67
N ILE A 516 -46.24 -6.04 23.84
CA ILE A 516 -44.86 -5.72 24.22
C ILE A 516 -43.96 -6.32 23.15
N GLY A 517 -43.53 -5.50 22.21
CA GLY A 517 -42.45 -5.86 21.33
C GLY A 517 -42.90 -6.09 19.91
N LEU A 518 -41.98 -6.61 19.10
CA LEU A 518 -42.29 -7.01 17.75
C LEU A 518 -43.16 -8.25 17.76
N ASP A 519 -44.05 -8.34 16.78
CA ASP A 519 -44.80 -9.57 16.54
C ASP A 519 -43.85 -10.71 16.21
N TRP A 520 -44.24 -11.91 16.65
CA TRP A 520 -43.56 -13.12 16.25
C TRP A 520 -44.06 -13.64 14.92
N ALA A 521 -45.02 -12.96 14.31
CA ALA A 521 -45.48 -13.28 12.96
C ALA A 521 -44.51 -12.78 11.90
N TRP A 522 -43.49 -12.04 12.29
CA TRP A 522 -42.45 -11.57 11.39
C TRP A 522 -41.24 -12.49 11.34
N HIS A 523 -41.39 -13.76 11.70
CA HIS A 523 -40.25 -14.65 11.79
C HIS A 523 -40.30 -15.64 10.64
N GLY A 524 -39.29 -15.60 9.78
CA GLY A 524 -39.25 -16.43 8.61
C GLY A 524 -39.88 -15.82 7.38
N THR A 525 -40.59 -14.70 7.52
CA THR A 525 -41.26 -14.08 6.38
C THR A 525 -40.25 -13.48 5.41
N GLU A 526 -40.67 -13.32 4.16
CA GLU A 526 -39.76 -12.87 3.13
C GLU A 526 -39.44 -11.39 3.25
N ASN A 527 -40.37 -10.57 3.74
CA ASN A 527 -40.09 -9.15 3.96
C ASN A 527 -39.86 -8.83 5.43
N ALA A 528 -39.22 -9.74 6.18
CA ALA A 528 -38.92 -9.48 7.58
C ALA A 528 -37.85 -8.41 7.74
N LEU A 529 -37.10 -8.12 6.69
CA LEU A 529 -36.12 -7.06 6.74
C LEU A 529 -36.68 -5.71 6.30
N LEU A 530 -37.75 -5.71 5.50
CA LEU A 530 -38.34 -4.46 5.06
C LEU A 530 -39.19 -3.81 6.14
N PHE A 531 -39.43 -4.49 7.24
CA PHE A 531 -40.12 -3.90 8.36
C PHE A 531 -39.13 -3.58 9.47
N SER A 532 -38.28 -4.56 9.79
CA SER A 532 -37.31 -4.41 10.87
C SER A 532 -36.32 -3.30 10.57
N ASN A 533 -35.83 -3.22 9.32
CA ASN A 533 -34.88 -2.15 8.99
C ASN A 533 -35.50 -0.77 9.13
N SER A 534 -36.72 -0.59 8.61
CA SER A 534 -37.38 0.71 8.70
C SER A 534 -37.65 1.09 10.15
N TYR A 535 -38.13 0.13 10.94
CA TYR A 535 -38.41 0.36 12.35
C TYR A 535 -37.15 0.66 13.15
N LYS A 536 -36.08 -0.11 12.94
CA LYS A 536 -34.83 0.12 13.64
C LYS A 536 -34.18 1.43 13.21
N MET A 537 -34.26 1.77 11.92
CA MET A 537 -33.60 2.98 11.43
C MET A 537 -34.34 4.25 11.86
N LYS A 538 -35.65 4.15 12.06
CA LYS A 538 -36.35 5.27 12.66
C LYS A 538 -36.21 5.27 14.17
N LEU A 539 -36.08 4.09 14.80
CA LEU A 539 -35.72 4.03 16.21
C LEU A 539 -34.34 4.60 16.47
N SER A 540 -33.42 4.44 15.52
CA SER A 540 -32.07 4.99 15.67
C SER A 540 -32.12 6.50 15.61
N ILE A 541 -32.98 7.04 14.75
CA ILE A 541 -33.10 8.50 14.67
C ILE A 541 -33.76 9.05 15.93
N LEU A 542 -34.84 8.41 16.38
CA LEU A 542 -35.59 8.93 17.53
C LEU A 542 -34.78 8.83 18.82
N MET A 543 -34.16 7.68 19.07
CA MET A 543 -33.33 7.51 20.25
C MET A 543 -32.01 8.23 20.16
N GLY A 544 -31.62 8.72 18.98
CA GLY A 544 -30.42 9.51 18.96
C GLY A 544 -30.72 10.97 19.14
N PHE A 545 -31.86 11.42 18.62
CA PHE A 545 -32.26 12.81 18.82
C PHE A 545 -32.61 13.09 20.28
N ILE A 546 -33.24 12.13 20.95
CA ILE A 546 -33.57 12.34 22.35
C ILE A 546 -32.30 12.34 23.20
N HIS A 547 -31.33 11.51 22.86
CA HIS A 547 -30.06 11.53 23.60
C HIS A 547 -29.25 12.78 23.27
N MET A 548 -29.41 13.33 22.07
CA MET A 548 -28.76 14.59 21.70
C MET A 548 -29.41 15.78 22.37
N THR A 549 -30.69 15.71 22.71
CA THR A 549 -31.27 16.90 23.32
C THR A 549 -31.31 16.79 24.82
N TYR A 550 -31.31 15.59 25.36
CA TYR A 550 -31.11 15.47 26.80
C TYR A 550 -29.68 15.83 27.16
N SER A 551 -28.71 15.42 26.32
CA SER A 551 -27.35 15.83 26.59
C SER A 551 -27.18 17.32 26.33
N TYR A 552 -27.80 17.86 25.27
CA TYR A 552 -27.66 19.27 24.95
C TYR A 552 -28.25 20.16 26.04
N PHE A 553 -29.34 19.74 26.69
CA PHE A 553 -29.95 20.53 27.76
C PHE A 553 -29.04 20.71 28.95
N PHE A 554 -28.04 19.85 29.11
CA PHE A 554 -27.07 20.00 30.18
C PHE A 554 -26.33 21.33 30.02
N SER A 555 -26.11 21.76 28.77
CA SER A 555 -25.48 23.05 28.51
C SER A 555 -26.28 24.17 29.13
N LEU A 556 -27.61 24.12 29.04
CA LEU A 556 -28.41 25.13 29.71
C LEU A 556 -28.44 24.89 31.20
N ALA A 557 -28.23 23.64 31.62
CA ALA A 557 -28.15 23.34 33.04
C ALA A 557 -26.89 23.90 33.68
N ASN A 558 -25.85 24.20 32.89
CA ASN A 558 -24.66 24.80 33.48
C ASN A 558 -24.21 26.10 32.82
N HIS A 559 -25.00 26.69 31.93
CA HIS A 559 -24.88 28.12 31.66
C HIS A 559 -25.82 28.92 32.53
N LEU A 560 -26.71 28.26 33.24
CA LEU A 560 -27.60 28.89 34.19
C LEU A 560 -27.09 28.73 35.61
N TYR A 561 -26.19 27.79 35.85
CA TYR A 561 -25.55 27.64 37.14
C TYR A 561 -24.33 28.52 37.28
N PHE A 562 -23.57 28.69 36.21
CA PHE A 562 -22.40 29.55 36.21
C PHE A 562 -22.75 31.03 36.07
N ASN A 563 -24.05 31.35 35.99
CA ASN A 563 -24.58 32.72 35.92
C ASN A 563 -24.03 33.43 34.69
N SER A 564 -24.21 32.80 33.53
CA SER A 564 -23.72 33.33 32.26
C SER A 564 -24.90 33.43 31.31
N MET A 565 -25.65 34.53 31.41
CA MET A 565 -26.81 34.71 30.54
C MET A 565 -26.43 35.11 29.13
N ILE A 566 -25.15 35.42 28.89
CA ILE A 566 -24.73 35.74 27.53
C ILE A 566 -24.66 34.48 26.70
N ASP A 567 -24.11 33.41 27.27
CA ASP A 567 -23.96 32.14 26.56
C ASP A 567 -25.30 31.46 26.31
N ILE A 568 -26.32 31.75 27.11
CA ILE A 568 -27.63 31.18 26.86
C ILE A 568 -28.24 31.75 25.59
N ILE A 569 -28.28 33.08 25.49
CA ILE A 569 -28.87 33.74 24.34
C ILE A 569 -27.93 33.76 23.15
N GLY A 570 -26.66 33.41 23.32
CA GLY A 570 -25.75 33.48 22.22
C GLY A 570 -25.44 32.12 21.66
N ASN A 571 -25.47 31.07 22.49
CA ASN A 571 -25.13 29.73 22.06
C ASN A 571 -26.27 28.73 22.22
N PHE A 572 -27.03 28.78 23.30
CA PHE A 572 -27.99 27.71 23.55
C PHE A 572 -29.24 27.87 22.70
N ILE A 573 -29.91 29.00 22.82
CA ILE A 573 -31.16 29.27 22.10
C ILE A 573 -30.99 29.35 20.58
N PRO A 574 -29.93 29.97 20.01
CA PRO A 574 -29.73 29.81 18.56
C PRO A 574 -29.40 28.38 18.15
N GLY A 575 -28.79 27.59 19.02
CA GLY A 575 -28.54 26.21 18.68
C GLY A 575 -29.71 25.32 18.97
N LEU A 576 -30.56 25.71 19.91
CA LEU A 576 -31.76 24.93 20.21
C LEU A 576 -32.78 25.07 19.10
N LEU A 577 -32.96 26.29 18.58
CA LEU A 577 -33.91 26.50 17.50
C LEU A 577 -33.49 25.76 16.25
N PHE A 578 -32.20 25.84 15.90
CA PHE A 578 -31.68 25.18 14.72
C PHE A 578 -31.73 23.65 14.86
N MET A 579 -31.27 23.10 15.99
CA MET A 579 -31.29 21.66 16.17
C MET A 579 -32.72 21.12 16.20
N GLN A 580 -33.60 21.75 16.98
CA GLN A 580 -34.99 21.30 17.08
C GLN A 580 -35.70 21.42 15.73
N GLY A 581 -35.55 22.54 15.03
CA GLY A 581 -36.19 22.63 13.75
C GLY A 581 -35.68 21.59 12.77
N ILE A 582 -34.38 21.57 12.44
CA ILE A 582 -33.84 20.67 11.41
C ILE A 582 -34.07 19.20 11.76
N PHE A 583 -33.79 18.80 13.00
CA PHE A 583 -33.90 17.37 13.31
C PHE A 583 -35.05 17.02 14.22
N GLY A 584 -35.47 17.91 15.12
CA GLY A 584 -36.71 17.72 15.81
C GLY A 584 -37.89 17.64 14.87
N TYR A 585 -37.97 18.55 13.89
CA TYR A 585 -39.01 18.46 12.87
C TYR A 585 -38.99 17.12 12.17
N LEU A 586 -37.80 16.54 11.96
CA LEU A 586 -37.74 15.20 11.38
C LEU A 586 -38.26 14.18 12.37
N SER A 587 -37.90 14.35 13.63
CA SER A 587 -38.17 13.38 14.68
C SER A 587 -39.65 13.35 15.06
N VAL A 588 -40.37 14.46 14.90
CA VAL A 588 -41.79 14.45 15.24
C VAL A 588 -42.62 13.97 14.06
N CYS A 589 -41.98 13.69 12.93
CA CYS A 589 -42.71 13.22 11.77
C CYS A 589 -42.57 11.73 11.58
N ILE A 590 -41.58 11.10 12.22
CA ILE A 590 -41.64 9.66 12.40
C ILE A 590 -42.84 9.31 13.26
N VAL A 591 -43.00 10.03 14.38
CA VAL A 591 -44.07 9.74 15.30
C VAL A 591 -45.41 10.16 14.71
N TYR A 592 -45.42 11.18 13.86
CA TYR A 592 -46.69 11.58 13.27
C TYR A 592 -47.10 10.64 12.15
N LYS A 593 -46.14 10.15 11.36
CA LYS A 593 -46.49 9.15 10.35
C LYS A 593 -46.85 7.81 10.99
N TRP A 594 -46.28 7.52 12.16
CA TRP A 594 -46.65 6.35 12.93
C TRP A 594 -47.97 6.51 13.65
N ALA A 595 -48.52 7.71 13.74
CA ALA A 595 -49.80 7.93 14.40
C ALA A 595 -50.90 8.32 13.43
N VAL A 596 -50.70 8.11 12.14
CA VAL A 596 -51.72 8.38 11.12
C VAL A 596 -51.88 7.12 10.28
N ASP A 597 -53.12 6.62 10.20
CA ASP A 597 -53.43 5.45 9.39
C ASP A 597 -53.55 5.89 7.94
N TRP A 598 -52.55 5.55 7.12
CA TRP A 598 -52.52 5.99 5.74
C TRP A 598 -53.22 5.01 4.79
N VAL A 599 -54.04 4.11 5.30
CA VAL A 599 -54.74 3.17 4.42
C VAL A 599 -56.25 3.23 4.58
N LYS A 600 -56.79 3.78 5.68
CA LYS A 600 -58.21 4.04 5.77
C LYS A 600 -58.57 5.49 5.45
N ASP A 601 -57.58 6.38 5.42
CA ASP A 601 -57.82 7.76 5.03
C ASP A 601 -57.77 7.97 3.52
N GLY A 602 -57.25 7.00 2.78
CA GLY A 602 -57.15 7.14 1.34
C GLY A 602 -56.07 8.09 0.87
N LYS A 603 -55.20 8.55 1.76
CA LYS A 603 -54.13 9.47 1.44
C LYS A 603 -52.84 8.71 1.17
N PRO A 604 -51.96 9.24 0.34
CA PRO A 604 -50.68 8.55 0.11
C PRO A 604 -49.74 8.74 1.28
N ALA A 605 -49.05 7.67 1.63
CA ALA A 605 -48.10 7.74 2.72
C ALA A 605 -46.84 8.44 2.24
N PRO A 606 -46.40 9.52 2.91
CA PRO A 606 -45.25 10.27 2.41
C PRO A 606 -43.93 9.56 2.61
N GLY A 607 -42.86 10.25 2.24
CA GLY A 607 -41.53 9.75 2.51
C GLY A 607 -40.76 10.81 3.27
N LEU A 608 -40.31 10.46 4.47
CA LEU A 608 -39.58 11.39 5.31
C LEU A 608 -38.25 11.77 4.69
N LEU A 609 -37.55 10.79 4.11
CA LEU A 609 -36.27 11.05 3.49
C LEU A 609 -36.44 12.01 2.32
N ASN A 610 -37.48 11.79 1.51
CA ASN A 610 -37.79 12.68 0.40
C ASN A 610 -38.19 14.06 0.91
N MET A 611 -38.95 14.11 2.01
CA MET A 611 -39.43 15.36 2.57
C MET A 611 -38.26 16.18 3.12
N LEU A 612 -37.28 15.51 3.74
CA LEU A 612 -36.13 16.21 4.29
C LEU A 612 -35.32 16.87 3.19
N ILE A 613 -35.09 16.16 2.08
CA ILE A 613 -34.20 16.70 1.05
C ILE A 613 -34.86 17.74 0.17
N ASN A 614 -36.15 18.04 0.37
CA ASN A 614 -36.73 19.20 -0.30
C ASN A 614 -37.28 20.22 0.70
N MET A 615 -36.78 20.21 1.94
CA MET A 615 -36.90 21.38 2.78
C MET A 615 -35.79 22.38 2.49
N PHE A 616 -34.63 21.88 2.07
CA PHE A 616 -33.44 22.67 1.86
C PHE A 616 -33.14 22.89 0.39
N LEU A 617 -33.61 22.01 -0.47
CA LEU A 617 -33.46 22.12 -1.92
C LEU A 617 -34.86 22.30 -2.47
N SER A 618 -35.18 23.52 -2.95
CA SER A 618 -36.52 23.95 -3.35
C SER A 618 -37.47 23.79 -2.17
N PRO A 619 -37.44 24.73 -1.21
CA PRO A 619 -38.09 24.53 0.09
C PRO A 619 -39.60 24.26 0.06
N GLY A 620 -40.32 24.77 -0.93
CA GLY A 620 -41.72 24.42 -1.08
C GLY A 620 -41.88 23.13 -1.86
N THR A 621 -43.01 23.03 -2.56
CA THR A 621 -43.31 22.00 -3.57
C THR A 621 -43.20 20.60 -2.99
N ILE A 622 -44.12 20.30 -2.07
CA ILE A 622 -44.18 18.98 -1.46
C ILE A 622 -44.66 17.99 -2.51
N ASP A 623 -44.05 16.81 -2.52
CA ASP A 623 -44.52 15.74 -3.41
C ASP A 623 -45.91 15.28 -2.98
N ASP A 624 -46.08 14.98 -1.70
CA ASP A 624 -47.38 14.66 -1.12
C ASP A 624 -47.36 15.01 0.36
N GLU A 625 -48.38 15.71 0.82
CA GLU A 625 -48.27 16.37 2.11
C GLU A 625 -48.44 15.38 3.26
N LEU A 626 -48.04 15.84 4.44
CA LEU A 626 -48.07 15.05 5.67
C LEU A 626 -49.11 15.57 6.65
N TYR A 627 -49.29 16.87 6.74
CA TYR A 627 -50.28 17.49 7.61
C TYR A 627 -50.72 18.77 6.94
N PRO A 628 -51.95 19.24 7.18
CA PRO A 628 -52.41 20.46 6.50
C PRO A 628 -51.67 21.69 6.99
N HIS A 629 -51.61 22.70 6.11
CA HIS A 629 -50.80 23.91 6.25
C HIS A 629 -49.34 23.55 6.52
N GLN A 630 -48.77 22.78 5.58
CA GLN A 630 -47.42 22.29 5.77
C GLN A 630 -46.36 23.25 5.25
N ALA A 631 -46.48 23.70 4.00
CA ALA A 631 -45.42 24.47 3.35
C ALA A 631 -45.20 25.82 4.02
N LYS A 632 -46.27 26.42 4.54
CA LYS A 632 -46.17 27.71 5.22
C LYS A 632 -45.55 27.60 6.61
N VAL A 633 -45.32 26.39 7.11
CA VAL A 633 -44.46 26.21 8.26
C VAL A 633 -43.20 25.42 7.92
N GLN A 634 -43.20 24.62 6.84
CA GLN A 634 -42.01 23.90 6.46
C GLN A 634 -40.95 24.82 5.88
N VAL A 635 -41.35 25.98 5.33
CA VAL A 635 -40.36 26.99 4.98
C VAL A 635 -40.14 27.98 6.12
N PHE A 636 -41.04 28.01 7.11
CA PHE A 636 -40.79 28.84 8.28
C PHE A 636 -39.71 28.24 9.15
N LEU A 637 -39.65 26.90 9.22
CA LEU A 637 -38.60 26.26 10.00
C LEU A 637 -37.24 26.58 9.38
N LEU A 638 -37.19 26.55 8.04
CA LEU A 638 -35.95 26.87 7.31
C LEU A 638 -35.56 28.31 7.55
N LEU A 639 -36.55 29.22 7.53
CA LEU A 639 -36.28 30.63 7.77
C LEU A 639 -35.74 30.85 9.17
N MET A 640 -36.31 30.18 10.17
CA MET A 640 -35.84 30.32 11.54
C MET A 640 -34.40 29.81 11.69
N ALA A 641 -34.11 28.65 11.08
CA ALA A 641 -32.76 28.06 11.13
C ALA A 641 -31.75 28.96 10.42
N LEU A 642 -32.17 29.54 9.31
CA LEU A 642 -31.30 30.39 8.52
C LEU A 642 -31.07 31.69 9.26
N VAL A 643 -32.08 32.22 9.95
CA VAL A 643 -31.86 33.42 10.76
C VAL A 643 -30.87 33.10 11.89
N CYS A 644 -30.98 31.89 12.47
CA CYS A 644 -30.10 31.50 13.59
C CYS A 644 -28.62 31.44 13.21
N ILE A 645 -28.29 31.00 11.97
CA ILE A 645 -26.87 30.89 11.60
C ILE A 645 -26.12 32.21 11.70
N PRO A 646 -26.65 33.38 11.30
CA PRO A 646 -25.98 34.64 11.63
C PRO A 646 -25.96 34.94 13.11
N TRP A 647 -27.09 34.66 13.78
CA TRP A 647 -27.26 34.98 15.20
C TRP A 647 -26.22 34.27 16.04
N LEU A 648 -25.93 32.99 15.70
CA LEU A 648 -25.05 32.13 16.49
C LEU A 648 -23.66 32.74 16.57
N LEU A 649 -23.22 33.38 15.48
CA LEU A 649 -21.85 33.81 15.32
C LEU A 649 -21.72 35.28 15.68
N LEU A 650 -22.63 36.12 15.19
CA LEU A 650 -22.59 37.56 15.45
C LEU A 650 -22.82 37.96 16.91
N VAL A 651 -23.76 37.33 17.62
CA VAL A 651 -24.10 37.77 18.99
C VAL A 651 -22.96 37.64 20.01
N LYS A 652 -22.21 36.54 20.02
CA LYS A 652 -21.16 36.40 21.05
C LYS A 652 -20.04 37.44 21.04
N PRO A 653 -19.44 37.86 19.91
CA PRO A 653 -18.39 38.89 20.00
C PRO A 653 -18.98 40.25 20.30
N LEU A 654 -20.13 40.56 19.72
CA LEU A 654 -20.75 41.87 19.86
C LEU A 654 -21.50 42.01 21.17
N HIS A 655 -21.73 40.90 21.86
CA HIS A 655 -22.31 40.86 23.22
C HIS A 655 -23.66 41.55 23.34
N GLY A 709 -12.47 40.25 19.17
CA GLY A 709 -11.07 39.87 19.04
C GLY A 709 -10.83 38.38 18.94
N ASP A 710 -10.44 37.77 20.06
CA ASP A 710 -10.21 36.33 20.08
C ASP A 710 -11.53 35.56 20.05
N ILE A 711 -12.57 36.10 20.69
CA ILE A 711 -13.83 35.37 20.76
C ILE A 711 -14.59 35.40 19.45
N MET A 712 -14.21 36.29 18.53
CA MET A 712 -14.82 36.30 17.21
C MET A 712 -14.36 35.08 16.42
N ILE A 713 -13.07 34.76 16.53
CA ILE A 713 -12.54 33.58 15.86
C ILE A 713 -13.03 32.33 16.57
N HIS A 714 -13.08 32.37 17.92
CA HIS A 714 -13.48 31.21 18.69
C HIS A 714 -14.96 30.89 18.51
N GLN A 715 -15.77 31.89 18.14
CA GLN A 715 -17.17 31.64 17.86
C GLN A 715 -17.38 31.27 16.40
N VAL A 716 -16.60 31.84 15.48
CA VAL A 716 -16.83 31.53 14.07
C VAL A 716 -16.30 30.12 13.75
N ILE A 717 -15.42 29.55 14.60
CA ILE A 717 -15.09 28.14 14.43
C ILE A 717 -15.97 27.26 15.30
N HIS A 718 -16.93 27.84 16.02
CA HIS A 718 -17.87 27.09 16.83
C HIS A 718 -19.23 26.96 16.18
N THR A 719 -19.62 27.94 15.37
CA THR A 719 -20.90 27.85 14.67
C THR A 719 -20.81 26.88 13.51
N ILE A 720 -19.76 27.00 12.69
CA ILE A 720 -19.59 26.07 11.59
C ILE A 720 -19.22 24.68 12.09
N GLU A 721 -18.67 24.56 13.31
CA GLU A 721 -18.55 23.25 13.94
C GLU A 721 -19.89 22.73 14.43
N PHE A 722 -20.78 23.61 14.86
CA PHE A 722 -22.09 23.17 15.34
C PHE A 722 -23.04 22.82 14.21
N CYS A 723 -22.93 23.48 13.06
CA CYS A 723 -23.93 23.30 12.01
C CYS A 723 -23.70 22.02 11.22
N LEU A 724 -22.46 21.74 10.84
CA LEU A 724 -22.22 20.56 10.02
C LEU A 724 -21.94 19.32 10.85
N ASN A 725 -22.01 19.41 12.17
CA ASN A 725 -21.95 18.22 13.00
C ASN A 725 -23.32 17.73 13.42
N CYS A 726 -24.32 18.59 13.52
CA CYS A 726 -25.66 18.09 13.79
C CYS A 726 -26.22 17.30 12.60
N VAL A 727 -25.81 17.64 11.38
CA VAL A 727 -26.12 16.83 10.20
C VAL A 727 -25.25 15.59 10.08
N SER A 728 -24.22 15.48 10.91
CA SER A 728 -23.34 14.32 10.94
C SER A 728 -23.67 13.36 12.07
N HIS A 729 -24.08 13.88 13.22
CA HIS A 729 -24.39 13.05 14.37
C HIS A 729 -25.69 12.29 14.16
N THR A 730 -26.70 12.95 13.59
CA THR A 730 -28.00 12.31 13.38
C THR A 730 -27.91 11.21 12.35
N ALA A 731 -27.03 11.37 11.38
CA ALA A 731 -26.72 10.29 10.45
C ALA A 731 -25.77 9.27 11.05
N SER A 732 -25.11 9.59 12.16
CA SER A 732 -24.23 8.65 12.84
C SER A 732 -24.85 8.00 14.06
N TYR A 733 -26.16 8.07 14.21
CA TYR A 733 -26.86 7.18 15.11
C TYR A 733 -27.38 5.96 14.38
N LEU A 734 -27.13 5.86 13.07
CA LEU A 734 -27.52 4.69 12.28
C LEU A 734 -26.63 3.49 12.54
N ARG A 735 -25.54 3.66 13.29
CA ARG A 735 -24.72 2.52 13.71
C ARG A 735 -25.52 1.58 14.58
N LEU A 736 -26.42 2.12 15.39
CA LEU A 736 -27.28 1.29 16.23
C LEU A 736 -28.09 0.33 15.38
N TRP A 737 -28.61 0.83 14.26
CA TRP A 737 -29.35 -0.02 13.34
C TRP A 737 -28.41 -0.99 12.64
N ALA A 738 -27.20 -0.53 12.34
CA ALA A 738 -26.30 -1.31 11.52
C ALA A 738 -25.72 -2.47 12.34
N LEU A 739 -25.31 -2.19 13.56
CA LEU A 739 -24.82 -3.23 14.45
C LEU A 739 -25.92 -4.13 15.00
N SER A 740 -27.17 -3.65 15.05
CA SER A 740 -28.24 -4.55 15.46
C SER A 740 -28.68 -5.46 14.34
N LEU A 741 -28.58 -4.98 13.10
CA LEU A 741 -28.86 -5.83 11.96
C LEU A 741 -27.74 -6.83 11.77
N ALA A 742 -26.51 -6.41 12.02
CA ALA A 742 -25.34 -7.27 11.87
C ALA A 742 -25.11 -8.16 13.09
N HIS A 743 -25.99 -8.10 14.08
CA HIS A 743 -25.99 -9.07 15.16
C HIS A 743 -27.14 -10.03 15.05
N ALA A 744 -28.35 -9.52 14.82
CA ALA A 744 -29.51 -10.39 14.66
C ALA A 744 -29.40 -11.27 13.43
N GLN A 745 -29.10 -10.66 12.28
CA GLN A 745 -29.00 -11.41 11.04
C GLN A 745 -27.82 -12.39 11.07
N LEU A 746 -26.66 -11.96 11.60
CA LEU A 746 -25.48 -12.83 11.65
C LEU A 746 -25.75 -14.04 12.55
N SER A 747 -26.40 -13.82 13.70
CA SER A 747 -26.72 -14.93 14.59
C SER A 747 -27.69 -15.88 13.89
N SER A 748 -28.65 -15.32 13.14
CA SER A 748 -29.63 -16.13 12.43
C SER A 748 -29.01 -17.06 11.39
N VAL A 749 -27.80 -16.77 10.93
CA VAL A 749 -27.06 -17.66 10.04
C VAL A 749 -26.19 -18.61 10.86
N LEU A 750 -25.71 -18.15 12.01
CA LEU A 750 -24.91 -19.02 12.87
C LEU A 750 -25.75 -20.12 13.50
N TRP A 751 -27.05 -19.89 13.66
CA TRP A 751 -27.96 -20.96 14.03
C TRP A 751 -28.11 -21.96 12.91
N THR A 752 -28.21 -21.47 11.67
CA THR A 752 -28.56 -22.31 10.54
C THR A 752 -27.39 -23.22 10.15
N MET A 753 -26.18 -22.70 10.23
CA MET A 753 -25.04 -23.48 9.79
C MET A 753 -24.58 -24.52 10.81
N THR A 754 -25.05 -24.46 12.06
CA THR A 754 -24.67 -25.49 13.03
C THR A 754 -25.87 -26.29 13.54
N ILE A 755 -26.87 -25.66 14.14
CA ILE A 755 -27.91 -26.42 14.82
C ILE A 755 -28.94 -26.96 13.84
N GLN A 756 -29.40 -26.13 12.91
CA GLN A 756 -30.53 -26.51 12.07
C GLN A 756 -30.14 -27.57 11.04
N ILE A 757 -28.85 -27.76 10.78
CA ILE A 757 -28.40 -28.89 10.00
C ILE A 757 -28.59 -30.19 10.77
N ALA A 758 -28.34 -30.16 12.07
CA ALA A 758 -28.30 -31.35 12.90
C ALA A 758 -29.67 -31.88 13.29
N PHE A 759 -30.75 -31.46 12.64
CA PHE A 759 -32.06 -32.00 12.93
C PHE A 759 -32.48 -33.04 11.89
N GLY A 760 -33.04 -34.14 12.36
CA GLY A 760 -33.53 -35.21 11.53
C GLY A 760 -33.88 -36.41 12.37
N PHE A 761 -34.73 -37.30 11.83
CA PHE A 761 -35.14 -38.50 12.56
C PHE A 761 -34.09 -39.60 12.38
N ARG A 762 -32.99 -39.44 13.09
CA ARG A 762 -31.89 -40.40 13.05
C ARG A 762 -31.57 -40.84 14.47
N GLY A 763 -31.30 -42.13 14.63
CA GLY A 763 -31.17 -42.68 15.97
C GLY A 763 -29.77 -42.59 16.55
N PHE A 764 -28.80 -43.21 15.88
CA PHE A 764 -27.45 -43.28 16.44
C PHE A 764 -26.54 -42.20 15.87
N VAL A 765 -26.77 -41.77 14.63
CA VAL A 765 -25.94 -40.73 14.05
C VAL A 765 -26.40 -39.36 14.55
N GLY A 766 -27.70 -39.18 14.77
CA GLY A 766 -28.22 -37.89 15.16
C GLY A 766 -27.82 -37.48 16.57
N VAL A 767 -27.88 -38.41 17.52
CA VAL A 767 -27.54 -38.13 18.91
C VAL A 767 -26.06 -37.83 19.11
N PHE A 768 -25.21 -38.12 18.14
CA PHE A 768 -23.87 -37.56 18.10
C PHE A 768 -23.81 -36.26 17.31
N MET A 769 -24.68 -36.12 16.30
CA MET A 769 -24.61 -34.97 15.42
C MET A 769 -25.07 -33.72 16.14
N THR A 770 -26.25 -33.75 16.75
CA THR A 770 -26.77 -32.59 17.46
C THR A 770 -26.13 -32.37 18.83
N VAL A 771 -25.20 -33.21 19.26
CA VAL A 771 -24.32 -32.88 20.38
C VAL A 771 -23.04 -32.20 19.90
N ALA A 772 -22.45 -32.71 18.81
CA ALA A 772 -21.23 -32.10 18.31
C ALA A 772 -21.52 -30.76 17.65
N LEU A 773 -22.62 -30.65 16.91
CA LEU A 773 -22.96 -29.37 16.30
C LEU A 773 -23.76 -28.50 17.26
N PHE A 774 -23.92 -28.92 18.51
CA PHE A 774 -24.31 -28.00 19.56
C PHE A 774 -23.09 -27.40 20.24
N ALA A 775 -22.05 -28.21 20.46
CA ALA A 775 -20.83 -27.63 21.00
C ALA A 775 -20.08 -26.82 19.94
N MET A 776 -20.41 -27.01 18.66
CA MET A 776 -19.95 -26.13 17.59
C MET A 776 -20.87 -24.92 17.44
N TRP A 777 -21.97 -24.88 18.20
CA TRP A 777 -22.86 -23.72 18.24
C TRP A 777 -22.64 -22.87 19.47
N PHE A 778 -22.64 -23.46 20.66
CA PHE A 778 -22.61 -22.67 21.89
C PHE A 778 -21.22 -22.06 22.09
N ALA A 779 -20.16 -22.81 21.80
CA ALA A 779 -18.81 -22.27 21.91
C ALA A 779 -18.62 -21.14 20.92
N LEU A 780 -19.05 -21.39 19.67
CA LEU A 780 -18.92 -20.40 18.61
C LEU A 780 -19.77 -19.18 18.93
N THR A 781 -20.99 -19.40 19.45
CA THR A 781 -21.87 -18.30 19.79
C THR A 781 -21.29 -17.43 20.88
N CYS A 782 -20.71 -18.04 21.93
CA CYS A 782 -20.11 -17.24 22.99
C CYS A 782 -18.90 -16.47 22.47
N ALA A 783 -18.07 -17.15 21.67
CA ALA A 783 -16.84 -16.57 21.12
C ALA A 783 -17.10 -15.41 20.17
N VAL A 784 -17.97 -15.61 19.18
CA VAL A 784 -18.27 -14.58 18.21
C VAL A 784 -19.23 -13.56 18.79
N LEU A 785 -20.44 -13.99 19.14
CA LEU A 785 -21.52 -13.06 19.42
C LEU A 785 -21.36 -12.36 20.76
N VAL A 786 -20.95 -13.08 21.82
CA VAL A 786 -20.94 -12.43 23.11
C VAL A 786 -19.67 -11.61 23.29
N LEU A 787 -18.55 -12.09 22.75
CA LEU A 787 -17.29 -11.41 22.94
C LEU A 787 -16.94 -10.45 21.79
N MET A 788 -16.79 -10.93 20.55
CA MET A 788 -16.31 -10.04 19.50
C MET A 788 -17.40 -9.09 19.04
N GLU A 789 -18.60 -9.63 18.82
CA GLU A 789 -19.73 -8.82 18.42
C GLU A 789 -20.12 -7.88 19.56
N GLY A 790 -20.12 -8.41 20.79
CA GLY A 790 -20.45 -7.59 21.94
C GLY A 790 -19.47 -6.46 22.18
N THR A 791 -18.15 -6.73 22.01
CA THR A 791 -17.18 -5.67 22.23
C THR A 791 -17.39 -4.58 21.17
N SER A 792 -17.69 -5.00 19.93
CA SER A 792 -17.95 -4.04 18.87
C SER A 792 -19.11 -3.13 19.24
N ALA A 793 -20.19 -3.70 19.82
CA ALA A 793 -21.33 -2.87 20.18
C ALA A 793 -21.03 -1.98 21.38
N MET A 794 -20.15 -2.41 22.29
CA MET A 794 -19.88 -1.54 23.44
C MET A 794 -18.87 -0.47 23.11
N LEU A 795 -18.28 -0.51 21.92
CA LEU A 795 -17.37 0.56 21.60
C LEU A 795 -18.03 1.59 20.72
N HIS A 796 -19.21 1.29 20.19
CA HIS A 796 -20.01 2.35 19.64
C HIS A 796 -20.92 2.96 20.66
N SER A 797 -21.39 2.20 21.65
CA SER A 797 -22.05 2.89 22.75
C SER A 797 -21.05 3.70 23.59
N LEU A 798 -19.76 3.39 23.54
CA LEU A 798 -18.74 4.30 24.04
C LEU A 798 -18.43 5.46 23.09
N ARG A 799 -18.65 5.27 21.78
CA ARG A 799 -18.41 6.34 20.82
C ARG A 799 -19.55 7.34 20.75
N LEU A 800 -20.78 6.88 20.91
CA LEU A 800 -21.93 7.77 20.97
C LEU A 800 -21.85 8.70 22.15
N HIS A 801 -21.20 8.27 23.23
CA HIS A 801 -21.05 9.12 24.38
C HIS A 801 -19.83 10.00 24.25
N TRP A 802 -18.76 9.52 23.63
CA TRP A 802 -17.59 10.37 23.58
C TRP A 802 -17.73 11.46 22.52
N VAL A 803 -18.48 11.24 21.44
CA VAL A 803 -18.54 12.30 20.44
C VAL A 803 -19.97 12.80 20.14
N GLU A 804 -20.99 11.96 20.26
CA GLU A 804 -22.34 12.46 19.98
C GLU A 804 -23.09 12.98 21.19
N SER A 805 -22.55 12.83 22.40
CA SER A 805 -23.20 13.39 23.58
C SER A 805 -22.33 14.43 24.27
N MET A 806 -21.08 14.09 24.56
CA MET A 806 -20.17 15.01 25.24
C MET A 806 -19.61 16.09 24.32
N SER A 807 -20.05 16.18 23.07
CA SER A 807 -19.69 17.34 22.27
C SER A 807 -20.45 18.56 22.74
N LYS A 808 -21.67 18.36 23.22
CA LYS A 808 -22.62 19.45 23.38
C LYS A 808 -22.53 20.12 24.74
N PHE A 809 -22.33 19.35 25.80
CA PHE A 809 -22.33 19.91 27.14
C PHE A 809 -21.01 19.76 27.86
N PHE A 810 -20.13 18.90 27.39
CA PHE A 810 -18.89 18.61 28.09
C PHE A 810 -17.83 19.56 27.55
N VAL A 811 -17.94 20.80 27.98
CA VAL A 811 -16.98 21.81 27.55
C VAL A 811 -15.75 21.72 28.41
N GLY A 812 -14.60 21.90 27.78
CA GLY A 812 -13.36 22.05 28.51
C GLY A 812 -12.84 20.81 29.21
N GLU A 813 -11.67 20.98 29.81
CA GLU A 813 -11.02 19.98 30.62
C GLU A 813 -10.69 20.60 31.97
N GLY A 814 -10.44 19.74 32.94
CA GLY A 814 -10.04 20.20 34.26
C GLY A 814 -8.95 19.31 34.80
N LEU A 815 -8.26 19.84 35.77
CA LEU A 815 -7.23 19.01 36.38
C LEU A 815 -7.90 18.03 37.35
N PRO A 816 -7.50 16.76 37.33
CA PRO A 816 -8.21 15.76 38.13
C PRO A 816 -7.93 15.93 39.61
N TYR A 817 -8.80 15.32 40.42
CA TYR A 817 -8.73 15.49 41.86
C TYR A 817 -7.44 14.93 42.45
N GLU A 818 -7.23 13.61 42.39
CA GLU A 818 -5.96 12.93 42.63
C GLU A 818 -5.24 13.35 43.91
N PRO A 819 -5.80 13.14 45.09
CA PRO A 819 -5.24 13.74 46.30
C PRO A 819 -4.00 13.01 46.76
N PHE A 820 -3.28 13.66 47.66
CA PHE A 820 -2.12 13.01 48.27
C PHE A 820 -2.59 11.99 49.29
N ALA A 821 -2.42 10.71 48.95
CA ALA A 821 -2.88 9.60 49.77
C ALA A 821 -1.77 8.56 49.84
N PHE A 822 -2.02 7.50 50.60
CA PHE A 822 -1.11 6.38 50.71
C PHE A 822 -1.74 5.17 50.05
N GLU A 823 -1.00 4.53 49.15
CA GLU A 823 -1.45 3.30 48.53
C GLU A 823 -0.39 2.22 48.75
N TYR A 824 -0.84 0.98 48.91
CA TYR A 824 0.06 -0.16 49.09
C TYR A 824 0.66 -0.49 47.73
N LYS A 825 1.74 0.23 47.39
CA LYS A 825 2.35 0.08 46.09
C LYS A 825 3.11 -1.23 46.00
N ASP A 826 3.15 -1.79 44.79
CA ASP A 826 3.76 -3.08 44.62
C ASP A 826 5.28 -2.96 44.58
N MET A 827 5.95 -4.09 44.77
CA MET A 827 7.37 -4.17 44.56
C MET A 827 7.70 -4.54 43.12
N GLU A 828 6.71 -5.06 42.40
CA GLU A 828 6.87 -5.48 41.01
C GLU A 828 7.24 -4.34 40.08
N VAL A 829 6.86 -3.10 40.41
CA VAL A 829 7.23 -1.94 39.61
C VAL A 829 8.66 -1.60 40.00
N ALA A 830 9.62 -2.15 39.25
CA ALA A 830 11.04 -1.97 39.53
C ALA A 830 11.83 -2.16 38.24
N ILE B 214 -29.63 -5.94 -32.50
CA ILE B 214 -28.46 -6.77 -32.27
C ILE B 214 -27.22 -5.91 -32.19
N LEU B 215 -26.49 -6.02 -31.07
CA LEU B 215 -25.20 -5.33 -30.95
C LEU B 215 -24.19 -5.99 -31.87
N SER B 216 -23.94 -7.27 -31.65
CA SER B 216 -23.26 -8.14 -32.61
C SER B 216 -23.64 -9.58 -32.30
N SER B 217 -22.98 -10.53 -32.95
CA SER B 217 -23.29 -11.93 -32.77
C SER B 217 -22.27 -12.68 -31.93
N ILE B 218 -21.03 -12.19 -31.84
CA ILE B 218 -20.03 -12.74 -30.95
C ILE B 218 -19.90 -11.89 -29.70
N TRP B 219 -19.80 -10.57 -29.87
CA TRP B 219 -19.67 -9.65 -28.77
C TRP B 219 -21.06 -9.13 -28.38
N THR B 220 -21.89 -10.04 -27.91
CA THR B 220 -23.25 -9.67 -27.56
C THR B 220 -23.26 -8.90 -26.25
N GLU B 221 -24.38 -8.23 -25.97
CA GLU B 221 -24.44 -7.35 -24.81
C GLU B 221 -24.49 -8.10 -23.49
N GLY B 222 -24.78 -9.39 -23.52
CA GLY B 222 -24.74 -10.17 -22.31
C GLY B 222 -23.34 -10.64 -22.04
N LEU B 223 -22.61 -10.98 -23.10
CA LEU B 223 -21.21 -11.36 -22.93
C LEU B 223 -20.41 -10.15 -22.49
N LEU B 224 -20.74 -8.97 -23.03
CA LEU B 224 -20.06 -7.74 -22.63
C LEU B 224 -20.38 -7.36 -21.19
N MET B 225 -21.65 -7.47 -20.76
CA MET B 225 -21.91 -7.11 -19.38
C MET B 225 -21.39 -8.16 -18.39
N CYS B 226 -21.21 -9.41 -18.83
CA CYS B 226 -20.51 -10.40 -18.01
C CYS B 226 -19.00 -10.22 -18.05
N LEU B 227 -18.48 -9.57 -19.06
CA LEU B 227 -17.04 -9.43 -19.20
C LEU B 227 -16.55 -8.11 -18.65
N ILE B 228 -17.45 -7.17 -18.41
CA ILE B 228 -17.11 -5.92 -17.73
C ILE B 228 -17.19 -6.08 -16.23
N VAL B 229 -18.21 -6.76 -15.72
CA VAL B 229 -18.26 -7.01 -14.28
C VAL B 229 -17.28 -8.11 -13.86
N SER B 230 -16.66 -8.81 -14.81
CA SER B 230 -15.54 -9.70 -14.50
C SER B 230 -14.19 -9.10 -14.86
N ALA B 231 -14.16 -7.94 -15.50
CA ALA B 231 -12.94 -7.17 -15.63
C ALA B 231 -12.79 -6.13 -14.53
N LEU B 232 -13.90 -5.58 -14.03
CA LEU B 232 -13.86 -4.72 -12.86
C LEU B 232 -13.48 -5.49 -11.61
N LEU B 233 -14.04 -6.68 -11.44
CA LEU B 233 -13.65 -7.55 -10.34
C LEU B 233 -12.26 -8.12 -10.51
N LEU B 234 -11.75 -8.15 -11.73
CA LEU B 234 -10.34 -8.51 -11.87
C LEU B 234 -9.45 -7.31 -11.62
N PHE B 235 -9.94 -6.09 -11.85
CA PHE B 235 -9.17 -4.90 -11.54
C PHE B 235 -9.03 -4.73 -10.04
N ILE B 236 -10.13 -4.90 -9.30
CA ILE B 236 -10.05 -4.79 -7.85
C ILE B 236 -9.58 -6.08 -7.21
N LEU B 237 -9.26 -7.10 -8.02
CA LEU B 237 -8.52 -8.26 -7.54
C LEU B 237 -7.04 -8.03 -7.68
N ILE B 238 -6.60 -7.56 -8.86
CA ILE B 238 -5.19 -7.36 -9.15
C ILE B 238 -4.59 -6.25 -8.30
N VAL B 239 -5.37 -5.19 -8.03
CA VAL B 239 -4.81 -4.17 -7.15
C VAL B 239 -4.75 -4.65 -5.70
N ALA B 240 -5.70 -5.49 -5.26
CA ALA B 240 -5.66 -6.04 -3.91
C ALA B 240 -4.54 -7.08 -3.75
N LEU B 241 -4.29 -7.86 -4.80
CA LEU B 241 -3.12 -8.73 -4.80
C LEU B 241 -1.83 -7.94 -4.83
N SER B 242 -1.84 -6.75 -5.44
CA SER B 242 -0.65 -5.91 -5.42
C SER B 242 -0.36 -5.44 -4.01
N TRP B 243 -1.42 -5.05 -3.29
CA TRP B 243 -1.26 -4.59 -1.91
C TRP B 243 -0.76 -5.71 -1.03
N ILE B 244 -1.33 -6.91 -1.18
CA ILE B 244 -0.84 -8.05 -0.40
C ILE B 244 0.59 -8.42 -0.82
N SER B 245 0.93 -8.26 -2.11
CA SER B 245 2.26 -8.57 -2.61
C SER B 245 3.30 -7.65 -2.02
N ASN B 246 2.87 -6.43 -1.63
CA ASN B 246 3.77 -5.44 -1.07
C ASN B 246 4.42 -5.97 0.20
N LEU B 247 3.65 -6.72 1.01
CA LEU B 247 4.17 -7.28 2.25
C LEU B 247 5.31 -8.24 1.96
N ASP B 248 5.13 -9.09 0.95
CA ASP B 248 6.17 -10.04 0.56
C ASP B 248 7.40 -9.34 0.02
N ILE B 249 7.20 -8.34 -0.84
CA ILE B 249 8.30 -7.59 -1.45
C ILE B 249 9.07 -6.78 -0.40
N THR B 250 8.38 -6.17 0.55
CA THR B 250 9.02 -5.32 1.55
C THR B 250 9.03 -5.88 2.98
N TYR B 251 8.88 -7.19 3.14
CA TYR B 251 9.16 -7.79 4.45
C TYR B 251 9.66 -9.22 4.27
N HIS C 19 3.28 -3.14 -17.62
CA HIS C 19 3.29 -1.82 -18.24
C HIS C 19 3.25 -1.94 -19.76
N PHE C 20 3.81 -3.05 -20.27
CA PHE C 20 3.82 -3.29 -21.69
C PHE C 20 2.43 -3.66 -22.22
N LEU C 21 1.56 -4.20 -21.38
CA LEU C 21 0.23 -4.58 -21.83
C LEU C 21 -0.68 -3.38 -22.07
N TYR C 22 -0.33 -2.19 -21.56
CA TYR C 22 -1.07 -0.99 -21.91
C TYR C 22 -0.83 -0.62 -23.37
N TYR C 23 0.40 -0.73 -23.83
CA TYR C 23 0.77 -0.43 -25.21
C TYR C 23 0.53 -1.60 -26.14
N LEU C 24 0.00 -2.71 -25.65
CA LEU C 24 -0.39 -3.81 -26.50
C LEU C 24 -1.89 -3.86 -26.72
N VAL C 25 -2.68 -3.42 -25.74
CA VAL C 25 -4.12 -3.28 -25.95
C VAL C 25 -4.46 -1.93 -26.54
N LEU C 26 -3.48 -1.07 -26.78
CA LEU C 26 -3.72 0.17 -27.49
C LEU C 26 -3.47 -0.02 -28.98
N ILE C 27 -2.57 -0.94 -29.32
CA ILE C 27 -2.36 -1.30 -30.71
C ILE C 27 -3.56 -2.05 -31.23
N VAL C 28 -4.15 -2.92 -30.39
CA VAL C 28 -5.31 -3.70 -30.81
C VAL C 28 -6.49 -2.77 -31.06
N VAL C 29 -6.69 -1.76 -30.20
CA VAL C 29 -7.77 -0.81 -30.40
C VAL C 29 -7.55 0.07 -31.64
N ILE C 30 -6.29 0.42 -31.95
CA ILE C 30 -6.02 1.14 -33.19
C ILE C 30 -6.23 0.27 -34.43
N VAL C 31 -5.75 -0.97 -34.39
CA VAL C 31 -5.87 -1.88 -35.52
C VAL C 31 -7.33 -2.27 -35.76
N TYR C 32 -8.06 -2.60 -34.70
CA TYR C 32 -9.47 -2.96 -34.86
C TYR C 32 -10.34 -1.75 -35.19
N GLY C 33 -9.93 -0.56 -34.77
CA GLY C 33 -10.62 0.64 -35.21
C GLY C 33 -10.43 0.92 -36.68
N LEU C 34 -9.19 0.86 -37.14
CA LEU C 34 -8.93 1.09 -38.55
C LEU C 34 -9.38 -0.08 -39.42
N TYR C 35 -9.53 -1.27 -38.84
CA TYR C 35 -10.08 -2.39 -39.57
C TYR C 35 -11.57 -2.20 -39.82
N LYS C 36 -12.30 -1.75 -38.81
CA LYS C 36 -13.71 -1.47 -39.03
C LYS C 36 -13.89 -0.23 -39.90
N LEU C 37 -13.03 0.77 -39.71
CA LEU C 37 -13.18 2.04 -40.41
C LEU C 37 -12.86 1.93 -41.89
N PHE C 38 -11.77 1.23 -42.23
CA PHE C 38 -11.37 1.12 -43.62
C PHE C 38 -12.28 0.22 -44.42
N THR C 39 -12.88 -0.78 -43.77
CA THR C 39 -13.76 -1.70 -44.48
C THR C 39 -15.21 -1.26 -44.41
N GLY C 40 -15.47 0.03 -44.16
CA GLY C 40 -16.80 0.59 -44.20
C GLY C 40 -17.69 0.22 -43.05
N HIS C 41 -17.22 -0.57 -42.09
CA HIS C 41 -18.04 -1.07 -40.99
C HIS C 41 -17.61 -0.44 -39.67
N GLY C 42 -17.22 0.83 -39.72
CA GLY C 42 -16.81 1.53 -38.52
C GLY C 42 -17.95 1.91 -37.60
N SER C 43 -19.18 1.82 -38.10
CA SER C 43 -20.38 2.04 -37.31
C SER C 43 -20.80 0.80 -36.55
N ASP C 44 -19.98 -0.25 -36.55
CA ASP C 44 -20.24 -1.40 -35.70
C ASP C 44 -19.73 -1.19 -34.29
N ILE C 45 -18.71 -0.36 -34.13
CA ILE C 45 -18.23 -0.02 -32.79
C ILE C 45 -19.07 1.17 -32.36
N ASN C 46 -20.26 0.88 -31.86
CA ASN C 46 -21.19 1.91 -31.41
C ASN C 46 -21.44 1.79 -29.91
N PHE C 47 -21.03 2.82 -29.18
CA PHE C 47 -21.20 2.87 -27.74
C PHE C 47 -22.63 3.23 -27.34
N GLY C 48 -23.44 3.71 -28.27
CA GLY C 48 -24.81 4.05 -27.96
C GLY C 48 -25.67 2.82 -27.85
N LYS C 49 -25.58 1.94 -28.84
CA LYS C 49 -26.31 0.69 -28.78
C LYS C 49 -25.81 -0.19 -27.64
N PHE C 50 -24.54 -0.03 -27.26
CA PHE C 50 -24.07 -0.65 -26.02
C PHE C 50 -24.80 -0.08 -24.82
N LEU C 51 -24.97 1.24 -24.77
CA LEU C 51 -25.64 1.85 -23.61
C LEU C 51 -27.14 1.70 -23.64
N LEU C 52 -27.66 1.04 -24.65
CA LEU C 52 -29.09 0.94 -24.82
C LEU C 52 -29.58 -0.49 -24.81
N ARG C 53 -28.74 -1.46 -25.14
CA ARG C 53 -29.03 -2.87 -24.95
C ARG C 53 -28.60 -3.40 -23.60
N THR C 54 -27.79 -2.66 -22.85
CA THR C 54 -27.31 -3.07 -21.55
C THR C 54 -28.38 -2.82 -20.49
N SER C 55 -28.49 -3.76 -19.55
CA SER C 55 -29.53 -3.69 -18.53
C SER C 55 -29.31 -2.50 -17.60
N PRO C 56 -30.38 -1.76 -17.28
CA PRO C 56 -30.24 -0.66 -16.33
C PRO C 56 -29.98 -1.11 -14.92
N TYR C 57 -30.32 -2.35 -14.55
CA TYR C 57 -30.02 -2.81 -13.21
C TYR C 57 -28.54 -3.04 -12.99
N MET C 58 -27.80 -3.27 -14.08
CA MET C 58 -26.35 -3.26 -14.05
C MET C 58 -25.84 -1.91 -13.59
N TRP C 59 -26.26 -0.84 -14.28
CA TRP C 59 -25.70 0.46 -13.99
C TRP C 59 -26.17 0.95 -12.63
N ALA C 60 -27.44 0.68 -12.30
CA ALA C 60 -27.98 1.14 -11.04
C ALA C 60 -27.38 0.42 -9.85
N ASN C 61 -27.01 -0.84 -10.00
CA ASN C 61 -26.50 -1.51 -8.82
C ASN C 61 -24.99 -1.66 -8.84
N LEU C 62 -24.36 -1.33 -9.95
CA LEU C 62 -22.95 -1.05 -9.99
C LEU C 62 -22.69 0.41 -9.71
N GLY C 63 -23.72 1.17 -9.37
CA GLY C 63 -23.55 2.51 -8.90
C GLY C 63 -23.87 2.53 -7.41
N ILE C 64 -24.81 1.71 -6.96
CA ILE C 64 -25.05 1.60 -5.51
C ILE C 64 -23.90 0.87 -4.82
N ALA C 65 -23.51 -0.29 -5.35
CA ALA C 65 -22.43 -1.05 -4.74
C ALA C 65 -21.07 -0.42 -4.91
N LEU C 66 -20.92 0.48 -5.87
CA LEU C 66 -19.67 1.19 -6.00
C LEU C 66 -19.75 2.57 -5.36
N CYS C 67 -20.94 2.95 -4.93
CA CYS C 67 -21.10 4.09 -4.04
C CYS C 67 -20.59 3.76 -2.66
N VAL C 68 -21.21 2.76 -2.02
CA VAL C 68 -20.73 2.38 -0.70
C VAL C 68 -19.36 1.71 -0.78
N GLY C 69 -18.99 1.18 -1.94
CA GLY C 69 -17.69 0.60 -2.10
C GLY C 69 -16.61 1.65 -2.10
N LEU C 70 -16.65 2.62 -3.00
CA LEU C 70 -15.57 3.59 -3.05
C LEU C 70 -15.64 4.57 -1.88
N SER C 71 -16.81 4.73 -1.24
CA SER C 71 -16.88 5.54 -0.03
C SER C 71 -16.12 4.87 1.10
N VAL C 72 -16.37 3.57 1.31
CA VAL C 72 -15.66 2.84 2.35
C VAL C 72 -14.16 2.75 2.03
N VAL C 73 -13.80 2.59 0.74
CA VAL C 73 -12.39 2.57 0.35
C VAL C 73 -11.66 3.88 0.64
N GLY C 74 -12.36 5.01 0.52
CA GLY C 74 -11.74 6.25 0.93
C GLY C 74 -11.83 6.52 2.41
N ALA C 75 -12.89 6.03 3.04
CA ALA C 75 -13.04 6.18 4.47
C ALA C 75 -11.97 5.40 5.22
N ALA C 76 -11.70 4.18 4.76
CA ALA C 76 -10.66 3.38 5.37
C ALA C 76 -9.29 3.90 5.00
N TRP C 77 -9.16 4.52 3.81
CA TRP C 77 -7.88 5.07 3.43
C TRP C 77 -7.53 6.24 4.33
N GLY C 78 -8.53 7.02 4.73
CA GLY C 78 -8.28 8.08 5.70
C GLY C 78 -7.99 7.54 7.08
N ILE C 79 -8.65 6.43 7.45
CA ILE C 79 -8.53 5.92 8.81
C ILE C 79 -7.14 5.36 9.05
N PHE C 80 -6.58 4.64 8.07
CA PHE C 80 -5.26 4.12 8.43
C PHE C 80 -4.15 5.14 8.21
N ILE C 81 -4.43 6.27 7.59
CA ILE C 81 -3.44 7.33 7.55
C ILE C 81 -3.38 8.08 8.87
N THR C 82 -4.52 8.62 9.30
CA THR C 82 -4.45 9.39 10.53
C THR C 82 -4.51 8.55 11.79
N GLY C 83 -4.95 7.29 11.71
CA GLY C 83 -4.98 6.45 12.87
C GLY C 83 -3.59 5.92 13.11
N SER C 84 -2.92 5.43 12.07
CA SER C 84 -1.53 5.03 12.26
C SER C 84 -0.59 6.19 12.46
N SER C 85 -1.04 7.43 12.23
CA SER C 85 -0.21 8.55 12.63
C SER C 85 -0.37 8.86 14.10
N MET C 86 -1.62 8.96 14.60
CA MET C 86 -1.81 9.32 15.99
C MET C 86 -1.69 8.16 16.96
N ILE C 87 -1.54 6.93 16.48
CA ILE C 87 -1.06 5.89 17.37
C ILE C 87 0.45 6.00 17.53
N GLY C 88 1.15 6.31 16.44
CA GLY C 88 2.56 6.61 16.56
C GLY C 88 2.84 7.89 17.32
N ALA C 89 2.00 8.90 17.13
CA ALA C 89 2.14 10.14 17.89
C ALA C 89 1.67 9.99 19.33
N GLY C 90 0.89 8.97 19.64
CA GLY C 90 0.42 8.74 20.98
C GLY C 90 1.30 7.87 21.83
N VAL C 91 2.47 7.47 21.32
CA VAL C 91 3.41 6.70 22.12
C VAL C 91 4.03 7.58 23.20
N ARG C 92 4.27 8.84 22.90
CA ARG C 92 4.77 9.78 23.89
C ARG C 92 3.68 10.62 24.52
N ALA C 93 2.74 11.12 23.72
CA ALA C 93 1.62 11.93 24.19
C ALA C 93 0.34 11.12 24.01
N PRO C 94 -0.05 10.31 25.00
CA PRO C 94 -1.20 9.41 24.79
C PRO C 94 -2.55 10.09 24.81
N ARG C 95 -2.61 11.36 25.24
CA ARG C 95 -3.88 12.08 25.30
C ARG C 95 -4.39 12.52 23.93
N ILE C 96 -3.60 12.32 22.87
CA ILE C 96 -3.99 12.77 21.55
C ILE C 96 -5.07 11.86 20.98
N THR C 97 -5.03 10.57 21.30
CA THR C 97 -5.97 9.61 20.74
C THR C 97 -7.40 9.78 21.26
N THR C 98 -7.58 10.50 22.36
CA THR C 98 -8.93 10.84 22.84
C THR C 98 -9.21 12.33 22.72
N LYS C 99 -8.39 13.05 21.95
CA LYS C 99 -8.63 14.47 21.70
C LYS C 99 -8.60 14.73 20.20
N ASN C 100 -7.81 13.95 19.48
CA ASN C 100 -7.77 14.01 18.02
C ASN C 100 -8.53 12.82 17.41
N LEU C 101 -9.55 12.34 18.10
CA LEU C 101 -10.44 11.40 17.45
C LEU C 101 -11.48 12.09 16.60
N ILE C 102 -11.48 13.42 16.53
CA ILE C 102 -12.36 14.10 15.60
C ILE C 102 -11.83 13.97 14.18
N SER C 103 -10.55 13.65 14.01
CA SER C 103 -10.02 13.46 12.67
C SER C 103 -10.46 12.13 12.07
N ILE C 104 -10.75 11.14 12.92
CA ILE C 104 -11.28 9.87 12.45
C ILE C 104 -12.80 9.82 12.49
N ILE C 105 -13.46 10.87 12.99
CA ILE C 105 -14.90 10.95 12.80
C ILE C 105 -15.21 11.27 11.34
N PHE C 106 -14.62 12.35 10.83
CA PHE C 106 -14.91 12.81 9.47
C PHE C 106 -14.35 11.91 8.39
N CYS C 107 -13.39 11.06 8.72
CA CYS C 107 -13.02 10.00 7.79
C CYS C 107 -14.10 8.94 7.69
N GLU C 108 -14.85 8.74 8.76
CA GLU C 108 -15.86 7.68 8.83
C GLU C 108 -17.26 8.18 8.47
N VAL C 109 -17.49 9.49 8.58
CA VAL C 109 -18.75 10.05 8.11
C VAL C 109 -18.79 10.02 6.59
N VAL C 110 -17.63 9.97 5.95
CA VAL C 110 -17.51 9.63 4.53
C VAL C 110 -18.22 8.31 4.20
N ALA C 111 -18.03 7.30 5.04
CA ALA C 111 -18.73 6.03 4.81
C ALA C 111 -20.19 6.13 5.18
N ILE C 112 -20.53 7.04 6.11
CA ILE C 112 -21.94 7.29 6.39
C ILE C 112 -22.62 7.94 5.19
N TYR C 113 -21.93 8.87 4.53
CA TYR C 113 -22.47 9.54 3.36
C TYR C 113 -22.58 8.60 2.17
N GLY C 114 -21.72 7.58 2.10
CA GLY C 114 -21.96 6.55 1.11
C GLY C 114 -22.98 5.51 1.52
N LEU C 115 -23.38 5.51 2.78
CA LEU C 115 -24.40 4.61 3.28
C LEU C 115 -25.79 5.19 3.08
N ILE C 116 -25.94 6.49 3.33
CA ILE C 116 -27.21 7.18 3.15
C ILE C 116 -27.64 7.12 1.69
N ILE C 117 -26.68 7.31 0.79
CA ILE C 117 -26.94 7.26 -0.65
C ILE C 117 -27.42 5.87 -1.02
N ALA C 118 -26.85 4.84 -0.39
CA ALA C 118 -27.23 3.47 -0.67
C ALA C 118 -28.67 3.21 -0.23
N ILE C 119 -29.04 3.67 0.97
CA ILE C 119 -30.42 3.50 1.43
C ILE C 119 -31.41 4.26 0.54
N VAL C 120 -31.08 5.51 0.18
CA VAL C 120 -31.96 6.30 -0.68
C VAL C 120 -32.06 5.70 -2.07
N PHE C 121 -30.93 5.28 -2.62
CA PHE C 121 -30.86 4.72 -3.96
C PHE C 121 -31.62 3.40 -4.06
N SER C 122 -31.48 2.56 -3.04
CA SER C 122 -32.16 1.26 -3.01
C SER C 122 -33.66 1.39 -3.16
N SER C 123 -34.26 2.39 -2.50
CA SER C 123 -35.70 2.63 -2.62
C SER C 123 -36.16 2.90 -4.04
N LYS C 124 -35.26 3.31 -4.96
CA LYS C 124 -35.55 3.47 -6.37
C LYS C 124 -35.26 2.22 -7.18
N LEU C 125 -35.08 1.08 -6.53
CA LEU C 125 -34.61 -0.12 -7.20
C LEU C 125 -35.68 -1.19 -7.03
N THR C 126 -36.60 -1.24 -7.98
CA THR C 126 -37.76 -2.11 -7.98
C THR C 126 -37.69 -2.96 -9.24
N VAL C 127 -38.44 -4.05 -9.27
CA VAL C 127 -38.48 -4.91 -10.45
C VAL C 127 -39.31 -4.23 -11.54
N ALA C 128 -38.84 -4.31 -12.78
CA ALA C 128 -39.55 -3.78 -13.94
C ALA C 128 -40.19 -4.92 -14.71
N THR C 129 -41.13 -4.56 -15.57
CA THR C 129 -41.90 -5.54 -16.32
C THR C 129 -41.06 -5.98 -17.54
N ALA C 130 -41.55 -6.96 -18.31
CA ALA C 130 -40.87 -7.38 -19.52
C ALA C 130 -40.90 -6.28 -20.57
N GLU C 131 -42.08 -5.82 -20.94
CA GLU C 131 -42.21 -4.53 -21.60
C GLU C 131 -41.95 -3.43 -20.59
N ASN C 132 -41.70 -2.21 -21.10
CA ASN C 132 -41.37 -1.04 -20.28
C ASN C 132 -40.12 -1.30 -19.44
N MET C 133 -39.16 -2.01 -20.03
CA MET C 133 -37.89 -2.37 -19.40
C MET C 133 -36.72 -1.54 -19.92
N TYR C 134 -36.62 -1.40 -21.24
CA TYR C 134 -35.60 -0.58 -21.89
C TYR C 134 -36.19 0.72 -22.38
N SER C 135 -37.08 1.32 -21.59
CA SER C 135 -37.75 2.55 -21.95
C SER C 135 -36.88 3.75 -21.56
N LYS C 136 -37.44 4.95 -21.68
CA LYS C 136 -36.66 6.16 -21.43
C LYS C 136 -36.36 6.35 -19.95
N SER C 137 -37.35 6.13 -19.09
CA SER C 137 -37.16 6.40 -17.67
C SER C 137 -36.31 5.35 -17.00
N ASN C 138 -36.34 4.11 -17.48
CA ASN C 138 -35.53 3.07 -16.87
C ASN C 138 -34.06 3.23 -17.22
N LEU C 139 -33.79 3.63 -18.47
CA LEU C 139 -32.41 3.92 -18.84
C LEU C 139 -31.92 5.17 -18.14
N TYR C 140 -32.82 6.13 -17.93
CA TYR C 140 -32.48 7.34 -17.20
C TYR C 140 -32.05 7.01 -15.79
N THR C 141 -32.89 6.30 -15.04
CA THR C 141 -32.53 6.01 -13.66
C THR C 141 -31.42 4.99 -13.53
N GLY C 142 -31.13 4.20 -14.57
CA GLY C 142 -29.92 3.38 -14.54
C GLY C 142 -28.66 4.21 -14.66
N TYR C 143 -28.65 5.15 -15.60
CA TYR C 143 -27.50 6.03 -15.76
C TYR C 143 -27.37 6.96 -14.58
N SER C 144 -28.51 7.36 -14.01
CA SER C 144 -28.54 8.34 -12.95
C SER C 144 -28.01 7.74 -11.67
N LEU C 145 -28.45 6.53 -11.31
CA LEU C 145 -27.92 5.92 -10.11
C LEU C 145 -26.50 5.42 -10.31
N PHE C 146 -26.09 5.22 -11.56
CA PHE C 146 -24.71 4.82 -11.84
C PHE C 146 -23.76 5.98 -11.60
N TRP C 147 -24.01 7.10 -12.27
CA TRP C 147 -23.06 8.18 -12.16
C TRP C 147 -23.21 8.92 -10.85
N ALA C 148 -24.41 8.94 -10.25
CA ALA C 148 -24.52 9.55 -8.93
C ALA C 148 -23.85 8.72 -7.87
N GLY C 149 -23.94 7.38 -7.95
CA GLY C 149 -23.18 6.54 -7.05
C GLY C 149 -21.69 6.59 -7.26
N ILE C 150 -21.24 6.90 -8.48
CA ILE C 150 -19.82 7.17 -8.70
C ILE C 150 -19.43 8.55 -8.20
N THR C 151 -20.31 9.54 -8.34
CA THR C 151 -20.02 10.89 -7.87
C THR C 151 -19.87 10.90 -6.36
N VAL C 152 -20.84 10.36 -5.63
CA VAL C 152 -20.72 10.33 -4.19
C VAL C 152 -19.81 9.22 -3.70
N GLY C 153 -19.38 8.30 -4.55
CA GLY C 153 -18.52 7.23 -4.08
C GLY C 153 -17.09 7.67 -4.24
N ALA C 154 -16.80 8.36 -5.33
CA ALA C 154 -15.44 8.78 -5.57
C ALA C 154 -15.15 10.16 -5.00
N SER C 155 -16.17 11.00 -4.80
CA SER C 155 -15.93 12.22 -4.07
C SER C 155 -15.69 11.92 -2.60
N ASN C 156 -16.44 10.98 -2.03
CA ASN C 156 -16.12 10.51 -0.70
C ASN C 156 -14.83 9.70 -0.62
N LEU C 157 -14.38 9.07 -1.71
CA LEU C 157 -13.05 8.49 -1.73
C LEU C 157 -11.96 9.54 -1.64
N ILE C 158 -12.17 10.67 -2.31
CA ILE C 158 -11.16 11.71 -2.29
C ILE C 158 -11.23 12.51 -1.00
N CYS C 159 -12.43 12.77 -0.48
CA CYS C 159 -12.51 13.48 0.79
C CYS C 159 -12.06 12.62 1.95
N GLY C 160 -12.20 11.30 1.86
CA GLY C 160 -11.64 10.46 2.90
C GLY C 160 -10.13 10.42 2.87
N ILE C 161 -9.55 10.44 1.67
CA ILE C 161 -8.09 10.51 1.57
C ILE C 161 -7.59 11.88 2.02
N ALA C 162 -8.32 12.95 1.68
CA ALA C 162 -7.90 14.31 1.99
C ALA C 162 -7.96 14.55 3.50
N VAL C 163 -9.09 14.20 4.13
CA VAL C 163 -9.24 14.32 5.58
C VAL C 163 -8.26 13.41 6.31
N GLY C 164 -7.90 12.28 5.71
CA GLY C 164 -6.88 11.44 6.34
C GLY C 164 -5.51 12.08 6.31
N ILE C 165 -5.11 12.62 5.16
CA ILE C 165 -3.78 13.20 5.07
C ILE C 165 -3.69 14.58 5.68
N THR C 166 -4.81 15.22 6.01
CA THR C 166 -4.75 16.47 6.76
C THR C 166 -5.08 16.29 8.22
N GLY C 167 -5.56 15.11 8.62
CA GLY C 167 -5.80 14.81 10.01
C GLY C 167 -4.62 14.07 10.57
N ALA C 168 -3.77 13.56 9.68
CA ALA C 168 -2.50 13.00 10.09
C ALA C 168 -1.47 14.08 10.36
N THR C 169 -1.62 15.23 9.73
CA THR C 169 -0.84 16.40 10.10
C THR C 169 -1.43 17.13 11.29
N ALA C 170 -2.63 16.73 11.73
CA ALA C 170 -3.19 17.19 12.98
C ALA C 170 -2.71 16.38 14.16
N ALA C 171 -2.18 15.19 13.91
CA ALA C 171 -1.72 14.29 14.96
C ALA C 171 -0.29 14.57 15.36
N ILE C 172 0.57 14.84 14.37
CA ILE C 172 1.95 15.18 14.64
C ILE C 172 2.13 16.67 14.88
N SER C 173 1.05 17.45 14.83
CA SER C 173 1.07 18.83 15.28
C SER C 173 0.34 19.04 16.59
N ASP C 174 -0.42 18.06 17.06
CA ASP C 174 -0.89 18.06 18.44
C ASP C 174 0.16 17.53 19.40
N ALA C 175 1.31 17.10 18.88
CA ALA C 175 2.49 16.92 19.73
C ALA C 175 2.93 18.27 20.30
N ALA C 176 2.97 19.30 19.46
CA ALA C 176 2.99 20.67 19.96
C ALA C 176 1.65 21.00 20.58
N ASP C 177 1.68 21.77 21.68
CA ASP C 177 0.55 21.86 22.61
C ASP C 177 -0.72 22.46 22.04
N SER C 178 -0.72 23.74 21.71
CA SER C 178 -1.94 24.40 21.27
C SER C 178 -1.72 25.41 20.15
N ALA C 179 -0.53 25.47 19.56
CA ALA C 179 -0.19 26.56 18.65
C ALA C 179 -0.83 26.44 17.27
N LEU C 180 -1.36 25.27 16.92
CA LEU C 180 -1.81 25.09 15.54
C LEU C 180 -3.15 24.37 15.38
N PHE C 181 -3.69 23.73 16.42
CA PHE C 181 -4.87 22.88 16.25
C PHE C 181 -6.14 23.67 15.93
N VAL C 182 -6.19 24.94 16.35
CA VAL C 182 -7.36 25.77 16.05
C VAL C 182 -7.39 26.21 14.60
N LYS C 183 -6.26 26.15 13.91
CA LYS C 183 -6.20 26.50 12.49
C LYS C 183 -6.32 25.25 11.64
N ILE C 184 -5.74 24.16 12.15
CA ILE C 184 -5.77 22.86 11.49
C ILE C 184 -7.22 22.34 11.42
N LEU C 185 -8.01 22.58 12.48
CA LEU C 185 -9.39 22.10 12.46
C LEU C 185 -10.19 22.73 11.32
N VAL C 186 -10.00 24.04 11.07
CA VAL C 186 -10.69 24.72 9.97
C VAL C 186 -10.49 24.00 8.64
N ILE C 187 -9.26 23.55 8.36
CA ILE C 187 -9.03 22.82 7.12
C ILE C 187 -9.39 21.35 7.26
N GLU C 188 -9.65 20.91 8.49
CA GLU C 188 -10.16 19.57 8.70
C GLU C 188 -11.62 19.52 8.28
N ILE C 189 -12.39 20.54 8.66
CA ILE C 189 -13.81 20.59 8.30
C ILE C 189 -14.03 21.13 6.90
N PHE C 190 -13.02 21.76 6.29
CA PHE C 190 -13.14 22.11 4.88
C PHE C 190 -13.15 20.86 4.00
N GLY C 191 -12.52 19.78 4.44
CA GLY C 191 -12.63 18.54 3.73
C GLY C 191 -13.98 17.88 3.95
N SER C 192 -14.61 18.13 5.12
CA SER C 192 -15.96 17.59 5.37
C SER C 192 -16.97 18.28 4.48
N ILE C 193 -16.83 19.60 4.30
CA ILE C 193 -17.79 20.36 3.48
C ILE C 193 -17.77 19.85 2.04
N LEU C 194 -16.59 19.50 1.52
CA LEU C 194 -16.50 18.95 0.17
C LEU C 194 -17.26 17.62 0.07
N GLY C 195 -17.13 16.78 1.09
CA GLY C 195 -17.88 15.52 1.11
C GLY C 195 -19.38 15.76 1.14
N LEU C 196 -19.81 16.76 1.91
CA LEU C 196 -21.24 17.08 2.00
C LEU C 196 -21.74 17.63 0.67
N LEU C 197 -20.93 18.46 0.01
CA LEU C 197 -21.32 19.00 -1.28
C LEU C 197 -21.37 17.90 -2.33
N GLY C 198 -20.51 16.89 -2.20
CA GLY C 198 -20.63 15.72 -3.05
C GLY C 198 -21.89 14.93 -2.75
N LEU C 199 -22.34 14.93 -1.49
CA LEU C 199 -23.57 14.24 -1.12
C LEU C 199 -24.78 14.91 -1.74
N ILE C 200 -24.81 16.24 -1.72
CA ILE C 200 -25.99 16.93 -2.23
C ILE C 200 -25.97 17.08 -3.74
N VAL C 201 -24.94 16.57 -4.41
CA VAL C 201 -24.96 16.48 -5.86
C VAL C 201 -25.53 15.15 -6.28
N GLY C 202 -25.11 14.06 -5.64
CA GLY C 202 -25.72 12.77 -5.90
C GLY C 202 -27.17 12.67 -5.48
N LEU C 203 -27.59 13.49 -4.51
CA LEU C 203 -29.00 13.61 -4.20
C LEU C 203 -29.78 14.48 -5.18
N LEU C 204 -29.12 15.18 -6.09
CA LEU C 204 -29.81 15.93 -7.14
C LEU C 204 -29.64 15.36 -8.52
N MET C 205 -28.56 14.61 -8.77
CA MET C 205 -28.44 13.79 -9.96
C MET C 205 -29.56 12.75 -10.01
N ALA C 206 -29.77 12.03 -8.92
CA ALA C 206 -30.87 11.10 -8.84
C ALA C 206 -32.08 11.70 -8.17
N GLY C 207 -32.18 13.02 -8.16
CA GLY C 207 -33.35 13.65 -7.59
C GLY C 207 -34.59 13.42 -8.43
N LYS C 208 -34.47 13.54 -9.74
CA LYS C 208 -35.60 13.35 -10.63
C LYS C 208 -35.66 11.95 -11.22
N ALA C 209 -34.68 11.10 -10.90
CA ALA C 209 -34.74 9.70 -11.31
C ALA C 209 -35.86 8.99 -10.55
N SER C 210 -36.69 8.27 -11.29
CA SER C 210 -37.81 7.57 -10.70
C SER C 210 -37.45 6.11 -10.44
N GLU C 211 -38.38 5.37 -9.86
CA GLU C 211 -38.11 3.96 -9.66
C GLU C 211 -38.34 3.21 -10.97
N PHE C 212 -38.03 1.94 -10.97
CA PHE C 212 -38.12 1.15 -12.19
C PHE C 212 -39.56 0.74 -12.41
N GLN C 213 -40.14 1.22 -13.50
CA GLN C 213 -41.55 1.02 -13.79
C GLN C 213 -41.75 0.44 -15.19
N GLY D 3 1.70 11.95 -1.12
CA GLY D 3 2.07 11.30 0.12
C GLY D 3 0.95 10.53 0.77
N VAL D 4 0.18 9.80 -0.06
CA VAL D 4 -0.93 8.99 0.45
C VAL D 4 -0.53 7.55 0.70
N TYR D 5 0.64 7.14 0.23
CA TYR D 5 1.13 5.78 0.43
C TYR D 5 2.19 5.71 1.51
N PHE D 6 2.56 6.82 2.13
CA PHE D 6 3.66 6.82 3.07
C PHE D 6 3.27 6.15 4.38
N ASN D 7 2.05 6.41 4.85
CA ASN D 7 1.63 5.95 6.17
C ASN D 7 1.27 4.47 6.23
N ILE D 8 1.43 3.74 5.14
CA ILE D 8 1.19 2.29 5.16
C ILE D 8 2.25 1.59 5.97
N ASP D 9 3.50 1.70 5.55
CA ASP D 9 4.62 1.09 6.24
C ASP D 9 5.34 2.05 7.16
N ASN D 10 5.18 3.36 6.96
CA ASN D 10 5.97 4.35 7.68
C ASN D 10 5.10 5.32 8.49
N GLY D 11 3.86 4.94 8.79
CA GLY D 11 2.97 5.78 9.55
C GLY D 11 3.25 5.80 11.02
N PHE D 12 3.32 4.60 11.60
CA PHE D 12 3.75 4.49 12.99
C PHE D 12 5.19 4.92 13.15
N ILE D 13 5.99 4.73 12.09
CA ILE D 13 7.39 5.09 12.09
C ILE D 13 7.56 6.60 12.18
N GLU D 14 6.88 7.33 11.29
CA GLU D 14 7.06 8.77 11.30
C GLU D 14 6.36 9.38 12.51
N GLY D 15 5.25 8.79 12.95
CA GLY D 15 4.56 9.34 14.09
C GLY D 15 5.38 9.23 15.37
N VAL D 16 6.18 8.17 15.47
CA VAL D 16 7.01 8.06 16.66
C VAL D 16 8.32 8.84 16.49
N VAL D 17 8.86 8.98 15.27
CA VAL D 17 10.07 9.78 15.09
C VAL D 17 9.76 11.26 15.31
N ARG D 18 8.64 11.73 14.78
CA ARG D 18 8.14 13.06 15.07
C ARG D 18 7.73 13.22 16.53
N GLY D 19 7.46 12.12 17.22
CA GLY D 19 7.36 12.24 18.66
C GLY D 19 8.67 12.19 19.39
N TYR D 20 9.75 11.77 18.75
CA TYR D 20 11.05 11.84 19.39
C TYR D 20 11.69 13.21 19.26
N ARG D 21 11.33 13.98 18.23
CA ARG D 21 11.92 15.30 18.09
C ARG D 21 11.31 16.31 19.06
N ASN D 22 10.19 15.98 19.69
CA ASN D 22 9.70 16.77 20.80
C ASN D 22 10.40 16.41 22.10
N GLY D 23 11.15 15.32 22.11
CA GLY D 23 12.06 15.02 23.19
C GLY D 23 13.40 15.67 23.07
N LEU D 24 13.68 16.27 21.91
CA LEU D 24 14.86 17.12 21.75
C LEU D 24 14.67 18.33 22.61
N LEU D 25 15.45 18.44 23.68
CA LEU D 25 15.24 19.46 24.68
C LEU D 25 15.70 20.81 24.14
N SER D 26 14.86 21.82 24.30
CA SER D 26 14.91 23.05 23.52
C SER D 26 15.88 24.04 24.14
N ASN D 27 15.86 25.28 23.65
CA ASN D 27 16.84 26.28 24.06
C ASN D 27 16.56 26.80 25.47
N ASN D 28 15.34 26.67 25.95
CA ASN D 28 15.05 26.96 27.34
C ASN D 28 15.45 25.81 28.24
N GLN D 29 15.52 24.60 27.68
CA GLN D 29 15.87 23.42 28.44
C GLN D 29 17.36 23.27 28.68
N TYR D 30 18.19 24.11 28.07
CA TYR D 30 19.60 24.15 28.40
C TYR D 30 19.97 25.26 29.37
N ILE D 31 19.19 26.35 29.39
CA ILE D 31 19.46 27.46 30.29
C ILE D 31 19.27 27.03 31.74
N ASN D 32 18.22 26.26 32.02
CA ASN D 32 18.08 25.70 33.35
C ASN D 32 18.99 24.51 33.58
N LEU D 33 19.61 23.97 32.53
CA LEU D 33 20.50 22.82 32.65
C LEU D 33 21.96 23.22 32.70
N THR D 34 22.28 24.47 32.40
CA THR D 34 23.65 24.96 32.53
C THR D 34 23.92 25.61 33.87
N GLN D 35 23.02 25.48 34.84
CA GLN D 35 23.15 26.16 36.12
C GLN D 35 23.25 25.18 37.29
N CYS D 36 23.87 24.02 37.06
CA CYS D 36 23.83 22.92 38.02
C CYS D 36 25.04 22.86 38.93
N ASP D 37 26.25 22.85 38.33
CA ASP D 37 27.58 22.80 38.94
C ASP D 37 27.90 21.50 39.67
N THR D 38 26.95 20.56 39.71
CA THR D 38 27.19 19.18 40.11
C THR D 38 26.46 18.27 39.13
N LEU D 39 26.98 17.06 38.96
CA LEU D 39 26.34 16.13 38.02
C LEU D 39 25.07 15.53 38.59
N GLU D 40 24.96 15.48 39.92
CA GLU D 40 23.74 14.99 40.58
C GLU D 40 22.58 15.92 40.27
N ASP D 41 22.81 17.23 40.38
CA ASP D 41 21.76 18.21 40.13
C ASP D 41 21.31 18.13 38.67
N LEU D 42 22.28 17.95 37.75
CA LEU D 42 21.97 17.83 36.34
C LEU D 42 21.11 16.61 36.11
N LYS D 43 21.45 15.51 36.81
CA LYS D 43 20.65 14.28 36.71
C LYS D 43 19.24 14.52 37.22
N LEU D 44 19.15 15.31 38.29
CA LEU D 44 17.86 15.62 38.93
C LEU D 44 16.94 16.36 37.98
N GLN D 45 17.47 17.32 37.21
CA GLN D 45 16.61 18.05 36.28
C GLN D 45 16.75 17.62 34.83
N LEU D 46 17.49 16.55 34.55
CA LEU D 46 17.42 15.93 33.24
C LEU D 46 16.33 14.87 33.21
N SER D 47 15.86 14.44 34.38
CA SER D 47 14.77 13.48 34.48
C SER D 47 13.41 14.11 34.20
N SER D 48 13.31 15.43 34.28
CA SER D 48 12.06 16.09 33.95
C SER D 48 11.81 16.14 32.45
N THR D 49 12.85 15.97 31.64
CA THR D 49 12.75 15.98 30.19
C THR D 49 12.20 14.64 29.69
N ASP D 50 12.18 14.46 28.37
CA ASP D 50 11.72 13.19 27.80
C ASP D 50 12.81 12.13 27.81
N TYR D 51 13.99 12.43 28.37
CA TYR D 51 14.88 11.35 28.81
C TYR D 51 14.19 10.50 29.86
N GLY D 52 13.60 11.13 30.85
CA GLY D 52 12.69 10.47 31.76
C GLY D 52 13.32 9.47 32.68
N ASN D 53 14.30 9.94 33.48
CA ASN D 53 14.93 9.18 34.55
C ASN D 53 15.62 7.92 34.02
N PHE D 54 16.49 8.12 33.04
CA PHE D 54 17.27 7.03 32.46
C PHE D 54 18.48 6.67 33.31
N LEU D 55 18.86 7.56 34.24
CA LEU D 55 19.92 7.29 35.21
C LEU D 55 19.34 6.80 36.53
N SER D 56 18.19 6.13 36.50
CA SER D 56 17.54 5.68 37.72
C SER D 56 18.22 4.47 38.33
N SER D 57 19.16 3.85 37.63
CA SER D 57 19.85 2.67 38.12
C SER D 57 21.26 2.95 38.57
N VAL D 58 21.88 4.01 38.10
CA VAL D 58 23.25 4.32 38.52
C VAL D 58 23.23 5.04 39.86
N SER D 59 24.33 4.93 40.59
CA SER D 59 24.47 5.62 41.84
C SER D 59 24.72 7.10 41.60
N SER D 60 24.77 7.87 42.69
CA SER D 60 25.00 9.29 42.59
C SER D 60 26.40 9.69 42.99
N GLU D 61 27.06 8.91 43.84
CA GLU D 61 28.44 9.16 44.19
C GLU D 61 29.35 8.91 43.00
N SER D 62 29.12 7.82 42.28
CA SER D 62 29.92 7.45 41.12
C SER D 62 29.09 7.67 39.86
N LEU D 63 29.04 8.92 39.40
CA LEU D 63 28.34 9.31 38.19
C LEU D 63 29.33 10.02 37.30
N THR D 64 30.00 9.25 36.44
CA THR D 64 31.06 9.79 35.61
C THR D 64 30.50 10.63 34.47
N THR D 65 31.37 11.49 33.93
CA THR D 65 31.03 12.29 32.76
C THR D 65 30.77 11.41 31.55
N SER D 66 31.61 10.38 31.35
CA SER D 66 31.39 9.44 30.24
C SER D 66 30.11 8.66 30.42
N LEU D 67 29.77 8.27 31.66
CA LEU D 67 28.56 7.47 31.91
C LEU D 67 27.32 8.13 31.32
N ILE D 68 27.19 9.45 31.51
CA ILE D 68 26.08 10.18 30.91
C ILE D 68 26.17 10.24 29.40
N GLN D 69 27.40 10.25 28.88
CA GLN D 69 27.65 10.21 27.43
C GLN D 69 27.27 8.88 26.83
N GLU D 70 27.32 7.79 27.59
CA GLU D 70 27.04 6.51 26.97
C GLU D 70 25.68 5.98 27.36
N TYR D 71 25.11 6.41 28.49
CA TYR D 71 23.71 6.09 28.75
C TYR D 71 22.79 6.91 27.87
N ALA D 72 23.14 8.18 27.58
CA ALA D 72 22.30 8.93 26.66
C ALA D 72 22.45 8.46 25.23
N SER D 73 23.61 7.90 24.89
CA SER D 73 23.76 7.38 23.55
C SER D 73 23.20 5.97 23.42
N SER D 74 23.23 5.16 24.49
CA SER D 74 22.53 3.89 24.48
C SER D 74 21.02 4.10 24.39
N LYS D 75 20.51 5.09 25.12
CA LYS D 75 19.11 5.47 24.99
C LYS D 75 18.80 6.02 23.61
N LEU D 76 19.78 6.58 22.92
CA LEU D 76 19.58 6.95 21.51
C LEU D 76 19.54 5.72 20.61
N TYR D 77 20.45 4.77 20.84
CA TYR D 77 20.67 3.70 19.88
C TYR D 77 19.65 2.60 20.03
N HIS D 78 19.10 2.40 21.23
CA HIS D 78 17.99 1.47 21.36
C HIS D 78 16.75 2.03 20.70
N GLU D 79 16.63 3.35 20.63
CA GLU D 79 15.51 3.94 19.92
C GLU D 79 15.72 3.83 18.43
N PHE D 80 16.98 3.87 17.99
CA PHE D 80 17.24 3.78 16.55
C PHE D 80 16.95 2.38 16.05
N ASN D 81 17.50 1.35 16.71
CA ASN D 81 17.19 0.01 16.21
C ASN D 81 15.85 -0.50 16.73
N TYR D 82 15.11 0.31 17.51
CA TYR D 82 13.68 0.10 17.67
C TYR D 82 12.90 0.57 16.46
N ILE D 83 13.33 1.65 15.83
CA ILE D 83 12.63 2.08 14.64
C ILE D 83 13.09 1.25 13.44
N ARG D 84 14.35 0.82 13.47
CA ARG D 84 14.96 0.17 12.32
C ARG D 84 14.37 -1.22 12.07
N ASP D 85 14.04 -1.96 13.12
CA ASP D 85 13.46 -3.29 12.92
C ASP D 85 11.94 -3.25 12.80
N GLN D 86 11.38 -2.09 12.46
CA GLN D 86 9.96 -1.96 12.17
C GLN D 86 9.72 -1.35 10.81
N SER D 87 10.67 -1.50 9.90
CA SER D 87 10.66 -0.78 8.63
C SER D 87 10.50 -1.76 7.47
N SER D 88 9.97 -1.22 6.37
CA SER D 88 9.80 -1.99 5.15
C SER D 88 11.06 -1.92 4.29
N GLY D 89 11.03 -2.61 3.15
CA GLY D 89 12.19 -2.78 2.29
C GLY D 89 12.69 -1.51 1.62
N SER D 90 11.93 -0.41 1.67
CA SER D 90 12.42 0.87 1.20
C SER D 90 12.95 1.74 2.34
N THR D 91 12.75 1.32 3.58
CA THR D 91 13.16 2.08 4.75
C THR D 91 14.13 1.33 5.64
N ARG D 92 13.98 0.00 5.74
CA ARG D 92 14.96 -0.83 6.44
C ARG D 92 16.32 -0.74 5.74
N LYS D 93 16.30 -0.65 4.42
CA LYS D 93 17.54 -0.41 3.68
C LYS D 93 18.08 0.98 3.97
N PHE D 94 17.20 1.98 4.02
CA PHE D 94 17.65 3.35 4.24
C PHE D 94 18.24 3.54 5.63
N MET D 95 17.68 2.87 6.62
CA MET D 95 18.27 2.91 7.95
C MET D 95 19.48 2.01 8.07
N ASP D 96 19.62 1.01 7.19
CA ASP D 96 20.89 0.30 7.13
C ASP D 96 21.96 1.16 6.48
N TYR D 97 21.61 1.89 5.42
CA TYR D 97 22.55 2.83 4.79
C TYR D 97 22.95 3.98 5.70
N ILE D 98 22.14 4.30 6.70
CA ILE D 98 22.62 5.21 7.74
C ILE D 98 23.77 4.58 8.53
N THR D 99 23.62 3.31 8.91
CA THR D 99 24.64 2.62 9.69
C THR D 99 25.86 2.24 8.86
N TYR D 100 25.73 2.25 7.53
CA TYR D 100 26.87 1.93 6.69
C TYR D 100 27.92 3.02 6.76
N GLY D 101 27.50 4.28 6.93
CA GLY D 101 28.49 5.30 7.17
C GLY D 101 29.05 5.33 8.55
N TYR D 102 28.44 4.58 9.47
CA TYR D 102 28.97 4.46 10.81
C TYR D 102 30.02 3.36 10.86
N MET D 103 29.76 2.25 10.19
CA MET D 103 30.74 1.18 10.20
C MET D 103 31.98 1.49 9.36
N ILE D 104 31.93 2.51 8.51
CA ILE D 104 33.16 2.99 7.89
C ILE D 104 34.03 3.72 8.90
N ASP D 105 33.41 4.49 9.80
CA ASP D 105 34.17 5.08 10.89
C ASP D 105 34.56 4.06 11.95
N ASN D 106 33.97 2.87 11.91
CA ASN D 106 34.44 1.83 12.82
C ASN D 106 35.55 0.98 12.23
N VAL D 107 35.54 0.73 10.93
CA VAL D 107 36.69 0.06 10.32
C VAL D 107 37.84 1.03 10.08
N ALA D 108 37.59 2.34 10.17
CA ALA D 108 38.69 3.28 10.13
C ALA D 108 39.38 3.39 11.48
N LEU D 109 38.65 3.11 12.57
CA LEU D 109 39.23 3.18 13.89
C LEU D 109 39.79 1.85 14.35
N MET D 110 39.24 0.72 13.86
CA MET D 110 39.80 -0.56 14.23
C MET D 110 41.13 -0.81 13.56
N ILE D 111 41.35 -0.26 12.37
CA ILE D 111 42.64 -0.44 11.73
C ILE D 111 43.69 0.45 12.38
N THR D 112 43.35 1.72 12.64
CA THR D 112 44.33 2.60 13.27
C THR D 112 44.49 2.33 14.76
N GLY D 113 43.69 1.44 15.34
CA GLY D 113 43.87 1.02 16.72
C GLY D 113 44.61 -0.30 16.80
N THR D 114 44.43 -1.16 15.81
CA THR D 114 45.11 -2.45 15.77
C THR D 114 46.43 -2.43 15.02
N ILE D 115 46.73 -1.36 14.28
CA ILE D 115 48.06 -1.26 13.68
C ILE D 115 49.10 -0.95 14.75
N HIS D 116 48.73 -0.20 15.77
CA HIS D 116 49.61 0.07 16.90
C HIS D 116 49.38 -0.95 18.01
N ASP D 117 50.22 -0.87 19.04
CA ASP D 117 50.16 -1.79 20.17
C ASP D 117 48.99 -1.36 21.07
N ARG D 118 47.85 -2.03 20.92
CA ARG D 118 46.67 -1.73 21.71
C ARG D 118 45.85 -2.99 21.88
N ASP D 119 44.93 -2.95 22.84
CA ASP D 119 44.09 -4.10 23.16
C ASP D 119 42.79 -4.05 22.35
N LYS D 120 42.27 -5.24 22.05
CA LYS D 120 41.02 -5.36 21.30
C LYS D 120 39.83 -4.90 22.12
N GLY D 121 39.76 -5.33 23.38
CA GLY D 121 38.65 -4.99 24.26
C GLY D 121 38.53 -3.49 24.55
N GLU D 122 39.65 -2.86 24.91
CA GLU D 122 39.65 -1.43 25.23
C GLU D 122 39.30 -0.59 24.01
N ILE D 123 39.90 -0.90 22.85
CA ILE D 123 39.59 -0.18 21.62
C ILE D 123 38.14 -0.39 21.19
N LEU D 124 37.62 -1.61 21.39
CA LEU D 124 36.26 -1.95 20.99
C LEU D 124 35.21 -1.13 21.73
N GLN D 125 35.51 -0.73 22.98
CA GLN D 125 34.55 0.03 23.78
C GLN D 125 34.27 1.40 23.15
N ARG D 126 35.30 2.03 22.59
CA ARG D 126 35.12 3.35 21.97
C ARG D 126 34.34 3.27 20.67
N CYS D 127 34.29 2.09 20.05
CA CYS D 127 33.67 1.94 18.74
C CYS D 127 32.16 2.16 18.80
N HIS D 128 31.67 2.91 17.81
CA HIS D 128 30.25 3.22 17.65
C HIS D 128 29.45 1.94 17.42
N PRO D 129 28.36 1.72 18.15
CA PRO D 129 27.63 0.45 18.04
C PRO D 129 26.47 0.40 17.07
N LEU D 130 26.20 1.45 16.29
CA LEU D 130 25.21 1.25 15.22
C LEU D 130 25.85 0.59 14.01
N GLY D 131 27.09 0.95 13.70
CA GLY D 131 27.82 0.22 12.69
C GLY D 131 28.60 -0.90 13.33
N TRP D 132 28.06 -2.11 13.31
CA TRP D 132 28.72 -3.24 13.94
C TRP D 132 28.31 -4.50 13.20
N PHE D 133 29.23 -5.04 12.43
CA PHE D 133 29.08 -6.35 11.81
C PHE D 133 29.92 -7.37 12.57
N ASP D 134 29.63 -8.64 12.33
CA ASP D 134 30.17 -9.72 13.16
C ASP D 134 31.67 -9.93 12.96
N THR D 135 32.25 -9.42 11.88
CA THR D 135 33.67 -9.57 11.62
C THR D 135 34.49 -8.45 12.26
N LEU D 136 33.84 -7.31 12.53
CA LEU D 136 34.48 -6.13 13.10
C LEU D 136 35.28 -6.33 14.39
N PRO D 137 34.94 -7.22 15.33
CA PRO D 137 35.85 -7.43 16.47
C PRO D 137 37.20 -8.03 16.12
N THR D 138 37.35 -8.68 14.95
CA THR D 138 38.66 -9.21 14.60
C THR D 138 39.67 -8.10 14.34
N LEU D 139 39.57 -7.47 13.17
CA LEU D 139 40.47 -6.45 12.62
C LEU D 139 41.95 -6.67 12.92
N SER D 140 42.41 -7.92 12.87
CA SER D 140 43.77 -8.24 13.28
C SER D 140 44.41 -9.33 12.43
N VAL D 141 43.79 -9.72 11.30
CA VAL D 141 44.38 -10.76 10.46
C VAL D 141 45.60 -10.23 9.73
N ALA D 142 45.51 -9.00 9.22
CA ALA D 142 46.64 -8.34 8.58
C ALA D 142 46.41 -6.84 8.64
N THR D 143 47.51 -6.09 8.66
CA THR D 143 47.44 -4.64 8.58
C THR D 143 47.46 -4.13 7.16
N ASP D 144 47.60 -5.02 6.18
CA ASP D 144 47.58 -4.62 4.77
C ASP D 144 46.18 -4.21 4.36
N LEU D 145 46.10 -3.13 3.57
CA LEU D 145 44.81 -2.66 3.07
C LEU D 145 44.20 -3.65 2.09
N GLU D 146 45.02 -4.23 1.21
CA GLU D 146 44.54 -5.21 0.24
C GLU D 146 44.00 -6.46 0.91
N SER D 147 44.65 -6.91 1.98
CA SER D 147 44.25 -8.13 2.69
C SER D 147 42.88 -7.99 3.33
N LEU D 148 42.56 -6.80 3.86
CA LEU D 148 41.31 -6.58 4.58
C LEU D 148 40.08 -6.81 3.71
N TYR D 149 40.13 -6.34 2.45
CA TYR D 149 38.98 -6.47 1.55
C TYR D 149 38.62 -7.92 1.28
N GLU D 150 39.60 -8.72 0.87
CA GLU D 150 39.38 -10.15 0.62
C GLU D 150 39.06 -10.90 1.91
N THR D 151 39.87 -10.71 2.95
CA THR D 151 39.68 -11.42 4.22
C THR D 151 38.38 -11.05 4.92
N VAL D 152 38.23 -9.78 5.29
CA VAL D 152 37.21 -9.41 6.27
C VAL D 152 36.10 -8.55 5.70
N LEU D 153 36.34 -7.73 4.69
CA LEU D 153 35.32 -6.85 4.16
C LEU D 153 34.53 -7.49 3.02
N VAL D 154 34.89 -8.71 2.63
CA VAL D 154 34.23 -9.38 1.50
C VAL D 154 32.79 -9.74 1.85
N ASP D 155 32.54 -10.16 3.08
CA ASP D 155 31.21 -10.57 3.50
C ASP D 155 30.37 -9.43 4.06
N THR D 156 30.99 -8.30 4.36
CA THR D 156 30.28 -7.14 4.85
C THR D 156 29.45 -6.51 3.73
N PRO D 157 28.49 -5.65 4.07
CA PRO D 157 27.90 -4.76 3.06
C PRO D 157 28.79 -3.58 2.67
N LEU D 158 30.03 -3.53 3.13
CA LEU D 158 31.03 -2.59 2.64
C LEU D 158 31.80 -3.17 1.46
N ALA D 159 31.45 -4.35 1.01
CA ALA D 159 32.11 -5.05 -0.09
C ALA D 159 31.98 -4.37 -1.46
N PRO D 160 30.86 -3.74 -1.85
CA PRO D 160 30.90 -2.96 -3.09
C PRO D 160 31.59 -1.60 -2.99
N TYR D 161 32.23 -1.28 -1.88
CA TYR D 161 32.75 0.06 -1.70
C TYR D 161 34.28 0.07 -1.80
N ASN D 176 47.46 5.94 4.63
CA ASN D 176 46.99 4.64 4.16
C ASN D 176 45.62 4.30 4.76
N ILE D 177 45.48 4.54 6.06
CA ILE D 177 44.24 4.23 6.75
C ILE D 177 43.16 5.25 6.40
N GLU D 178 43.50 6.54 6.43
CA GLU D 178 42.55 7.54 5.97
C GLU D 178 42.41 7.55 4.46
N ILE D 179 43.38 6.99 3.73
CA ILE D 179 43.26 6.89 2.28
C ILE D 179 42.21 5.86 1.92
N ILE D 180 42.23 4.70 2.57
CA ILE D 180 41.19 3.71 2.31
C ILE D 180 39.91 4.08 3.02
N ARG D 181 39.96 4.99 4.00
CA ARG D 181 38.73 5.50 4.58
C ARG D 181 37.97 6.35 3.59
N ASN D 182 38.64 7.35 3.00
CA ASN D 182 37.98 8.14 1.97
C ASN D 182 37.72 7.37 0.68
N LYS D 183 38.49 6.30 0.41
CA LYS D 183 38.18 5.40 -0.70
C LYS D 183 36.90 4.60 -0.46
N LEU D 184 36.64 4.22 0.79
CA LEU D 184 35.37 3.59 1.10
C LEU D 184 34.25 4.61 1.15
N TYR D 185 34.51 5.75 1.78
CA TYR D 185 33.48 6.70 2.13
C TYR D 185 32.94 7.44 0.90
N LYS D 186 33.79 7.70 -0.10
CA LYS D 186 33.29 8.35 -1.31
C LYS D 186 32.43 7.40 -2.13
N ALA D 187 32.82 6.13 -2.23
CA ALA D 187 32.04 5.17 -2.99
C ALA D 187 30.74 4.83 -2.27
N TYR D 188 30.80 4.77 -0.93
CA TYR D 188 29.60 4.69 -0.12
C TYR D 188 28.65 5.87 -0.36
N LEU D 189 29.17 7.09 -0.30
CA LEU D 189 28.27 8.23 -0.39
C LEU D 189 27.75 8.43 -1.80
N GLU D 190 28.49 7.97 -2.81
CA GLU D 190 27.95 7.88 -4.17
C GLU D 190 26.85 6.84 -4.27
N ASP D 191 27.03 5.69 -3.61
CA ASP D 191 26.00 4.65 -3.69
C ASP D 191 24.77 5.00 -2.87
N PHE D 192 24.97 5.75 -1.80
CA PHE D 192 23.89 6.29 -0.98
C PHE D 192 23.23 7.49 -1.65
N TYR D 193 23.92 8.14 -2.58
CA TYR D 193 23.32 9.26 -3.29
C TYR D 193 22.39 8.78 -4.40
N ASN D 194 22.75 7.73 -5.12
CA ASN D 194 21.89 7.26 -6.19
C ASN D 194 20.91 6.17 -5.76
N PHE D 195 20.89 5.84 -4.47
CA PHE D 195 19.81 5.05 -3.90
C PHE D 195 18.63 5.92 -3.50
N VAL D 196 18.92 7.06 -2.85
CA VAL D 196 17.86 7.93 -2.38
C VAL D 196 17.19 8.71 -3.49
N THR D 197 17.74 8.67 -4.70
CA THR D 197 17.06 9.23 -5.86
C THR D 197 16.37 8.16 -6.68
N GLU D 198 16.48 6.90 -6.30
CA GLU D 198 15.91 5.79 -7.06
C GLU D 198 14.63 5.26 -6.43
N GLU D 199 14.67 4.90 -5.15
CA GLU D 199 13.58 4.18 -4.51
C GLU D 199 12.82 5.00 -3.48
N ILE D 200 13.26 6.20 -3.17
CA ILE D 200 12.65 7.02 -2.12
C ILE D 200 11.83 8.12 -2.77
N PRO D 201 10.55 8.31 -2.39
CA PRO D 201 9.66 9.22 -3.12
C PRO D 201 9.95 10.71 -3.01
N GLU D 202 9.06 11.50 -3.62
CA GLU D 202 9.32 12.90 -3.94
C GLU D 202 9.58 13.86 -2.76
N PRO D 203 8.88 13.82 -1.61
CA PRO D 203 9.20 14.81 -0.56
C PRO D 203 10.54 14.59 0.12
N ALA D 204 11.15 13.41 -0.01
CA ALA D 204 12.48 13.18 0.51
C ALA D 204 13.55 13.11 -0.57
N LYS D 205 13.18 13.28 -1.84
CA LYS D 205 14.15 13.45 -2.92
C LYS D 205 14.97 14.72 -2.72
N GLU D 206 14.29 15.87 -2.61
CA GLU D 206 14.98 17.14 -2.45
C GLU D 206 15.68 17.22 -1.11
N CYS D 207 15.22 16.48 -0.12
CA CYS D 207 15.90 16.45 1.16
C CYS D 207 17.17 15.62 1.05
N MET D 208 17.06 14.35 0.65
CA MET D 208 18.20 13.45 0.62
C MET D 208 19.14 13.68 -0.55
N GLN D 209 18.91 14.72 -1.35
CA GLN D 209 19.93 15.23 -2.25
C GLN D 209 20.67 16.44 -1.71
N THR D 210 19.99 17.32 -0.98
CA THR D 210 20.61 18.52 -0.44
C THR D 210 21.29 18.25 0.90
N LEU D 211 20.61 17.56 1.82
CA LEU D 211 21.23 17.23 3.10
C LEU D 211 22.41 16.30 2.90
N LEU D 212 22.25 15.31 2.01
CA LEU D 212 23.34 14.40 1.69
C LEU D 212 24.48 15.15 1.01
N GLY D 213 24.14 16.10 0.12
CA GLY D 213 25.18 16.87 -0.55
C GLY D 213 26.00 17.65 0.44
N PHE D 214 25.33 18.24 1.44
CA PHE D 214 26.03 18.96 2.50
C PHE D 214 27.07 18.07 3.16
N GLU D 215 26.70 16.80 3.41
CA GLU D 215 27.64 15.84 3.98
C GLU D 215 28.79 15.56 3.03
N ALA D 216 28.54 15.61 1.72
CA ALA D 216 29.64 15.52 0.76
C ALA D 216 30.47 16.79 0.72
N ASP D 217 29.87 17.91 1.12
CA ASP D 217 30.54 19.20 1.10
C ASP D 217 31.51 19.29 2.26
N ARG D 218 31.03 19.07 3.47
CA ARG D 218 31.89 19.31 4.62
C ARG D 218 32.83 18.15 4.86
N ARG D 219 32.75 17.08 4.05
CA ARG D 219 33.80 16.08 3.96
C ARG D 219 34.83 16.42 2.88
N SER D 220 34.38 16.98 1.75
CA SER D 220 35.32 17.36 0.71
C SER D 220 36.14 18.58 1.10
N ILE D 221 35.56 19.48 1.89
CA ILE D 221 36.34 20.60 2.39
C ILE D 221 37.37 20.11 3.41
N ASN D 222 36.99 19.10 4.21
CA ASN D 222 37.97 18.54 5.14
C ASN D 222 39.02 17.68 4.45
N ILE D 223 38.84 17.37 3.16
CA ILE D 223 39.90 16.70 2.41
C ILE D 223 41.05 17.66 2.19
N ALA D 224 40.75 18.82 1.62
CA ALA D 224 41.80 19.79 1.32
C ALA D 224 42.31 20.42 2.61
N LEU D 225 41.45 20.53 3.63
CA LEU D 225 41.90 21.10 4.89
C LEU D 225 42.80 20.14 5.66
N ASN D 226 42.63 18.83 5.46
CA ASN D 226 43.49 17.86 6.12
C ASN D 226 44.69 17.48 5.27
N SER D 227 44.69 17.82 3.98
CA SER D 227 45.79 17.48 3.10
C SER D 227 46.90 18.52 3.09
N LEU D 228 46.66 19.71 3.63
CA LEU D 228 47.67 20.75 3.66
C LEU D 228 48.72 20.47 4.74
N LEU D 237 45.76 10.51 -6.78
CA LEU D 237 45.69 11.93 -6.45
C LEU D 237 44.49 12.21 -5.55
N LYS D 238 44.28 13.50 -5.25
CA LYS D 238 43.16 13.91 -4.41
C LYS D 238 41.84 13.98 -5.16
N SER D 239 41.85 13.82 -6.47
CA SER D 239 40.61 13.86 -7.25
C SER D 239 39.83 12.55 -7.18
N ASP D 240 40.48 11.45 -6.80
CA ASP D 240 39.81 10.16 -6.73
C ASP D 240 39.31 9.84 -5.33
N LEU D 241 39.83 10.48 -4.30
CA LEU D 241 39.40 10.24 -2.93
C LEU D 241 38.36 11.24 -2.44
N LEU D 242 37.92 12.15 -3.31
CA LEU D 242 36.91 13.13 -2.93
C LEU D 242 35.55 12.71 -3.46
N PRO D 243 34.51 12.71 -2.64
CA PRO D 243 33.17 12.38 -3.14
C PRO D 243 32.62 13.50 -4.01
N ASN D 244 31.91 13.11 -5.07
CA ASN D 244 31.34 14.05 -6.02
C ASN D 244 29.85 13.76 -6.16
N ILE D 245 29.05 14.28 -5.22
CA ILE D 245 27.60 14.14 -5.29
C ILE D 245 26.93 15.47 -4.99
N GLY D 246 27.67 16.42 -4.44
CA GLY D 246 27.10 17.64 -3.92
C GLY D 246 27.23 18.82 -4.88
N LYS D 247 27.22 20.01 -4.31
CA LYS D 247 27.32 21.25 -5.08
C LYS D 247 28.76 21.59 -5.46
N LEU D 248 29.74 20.89 -4.90
CA LEU D 248 31.15 21.15 -5.20
C LEU D 248 31.73 20.12 -6.15
N TYR D 249 30.89 19.32 -6.81
CA TYR D 249 31.37 18.25 -7.67
C TYR D 249 31.78 18.77 -9.04
N PRO D 250 30.95 19.58 -9.69
CA PRO D 250 31.31 20.03 -11.06
C PRO D 250 32.39 21.10 -11.09
N LEU D 251 32.30 22.11 -10.22
CA LEU D 251 33.18 23.27 -10.31
C LEU D 251 34.29 23.27 -9.27
N ALA D 252 33.92 23.15 -7.99
CA ALA D 252 34.89 23.33 -6.91
C ALA D 252 35.78 22.12 -6.69
N THR D 253 35.54 21.01 -7.37
CA THR D 253 36.41 19.84 -7.21
C THR D 253 37.75 20.06 -7.89
N PHE D 254 37.75 20.74 -9.04
CA PHE D 254 39.02 20.98 -9.72
C PHE D 254 39.80 22.08 -9.03
N HIS D 255 39.11 23.07 -8.45
CA HIS D 255 39.81 24.15 -7.78
C HIS D 255 40.34 23.68 -6.44
N LEU D 256 39.59 22.80 -5.75
CA LEU D 256 40.01 22.24 -4.48
C LEU D 256 41.02 21.12 -4.64
N ALA D 257 41.17 20.57 -5.85
CA ALA D 257 42.12 19.49 -6.05
C ALA D 257 43.55 20.00 -6.09
N GLN D 258 43.78 21.18 -6.67
CA GLN D 258 45.11 21.75 -6.83
C GLN D 258 45.42 22.82 -5.78
N ALA D 259 44.75 22.76 -4.63
CA ALA D 259 44.98 23.73 -3.55
C ALA D 259 45.99 23.13 -2.58
N GLN D 260 47.15 23.79 -2.45
CA GLN D 260 48.21 23.31 -1.57
C GLN D 260 48.31 24.09 -0.27
N ASP D 261 47.75 25.29 -0.21
CA ASP D 261 47.82 26.13 0.98
C ASP D 261 46.41 26.41 1.50
N PHE D 262 46.34 27.08 2.65
CA PHE D 262 45.05 27.42 3.23
C PHE D 262 44.36 28.54 2.45
N GLU D 263 45.13 29.40 1.79
CA GLU D 263 44.51 30.44 0.99
C GLU D 263 43.98 29.91 -0.34
N GLY D 264 44.52 28.79 -0.83
CA GLY D 264 43.99 28.20 -2.04
C GLY D 264 42.61 27.61 -1.81
N VAL D 265 42.41 26.96 -0.67
CA VAL D 265 41.09 26.45 -0.34
C VAL D 265 40.18 27.57 0.13
N ARG D 266 40.75 28.66 0.66
CA ARG D 266 39.92 29.79 1.06
C ARG D 266 39.40 30.53 -0.17
N ALA D 267 40.19 30.57 -1.24
CA ALA D 267 39.73 31.19 -2.47
C ALA D 267 38.81 30.26 -3.24
N ALA D 268 39.02 28.94 -3.13
CA ALA D 268 38.16 27.99 -3.82
C ALA D 268 36.79 27.87 -3.16
N LEU D 269 36.71 28.08 -1.84
CA LEU D 269 35.44 27.97 -1.13
C LEU D 269 34.58 29.22 -1.26
N ALA D 270 35.10 30.29 -1.85
CA ALA D 270 34.33 31.52 -2.03
C ALA D 270 33.41 31.48 -3.25
N ASN D 271 33.51 30.44 -4.09
CA ASN D 271 32.69 30.38 -5.29
C ASN D 271 31.24 30.00 -4.97
N VAL D 272 31.03 29.22 -3.91
CA VAL D 272 29.68 28.80 -3.53
C VAL D 272 29.07 29.88 -2.65
N TYR D 273 27.80 30.18 -2.90
CA TYR D 273 27.10 31.21 -2.12
C TYR D 273 26.65 30.70 -0.75
N GLU D 274 26.50 29.40 -0.58
CA GLU D 274 26.08 28.82 0.68
C GLU D 274 27.25 28.42 1.58
N TYR D 275 28.47 28.45 1.06
CA TYR D 275 29.64 28.09 1.84
C TYR D 275 30.64 29.24 1.98
N ARG D 276 30.34 30.41 1.43
CA ARG D 276 31.24 31.55 1.55
C ARG D 276 31.19 32.13 2.95
N GLY D 277 32.36 32.45 3.48
CA GLY D 277 32.47 32.95 4.84
C GLY D 277 32.57 31.89 5.90
N PHE D 278 32.42 30.61 5.54
CA PHE D 278 32.52 29.54 6.53
C PHE D 278 33.95 29.11 6.78
N LEU D 279 34.83 29.25 5.79
CA LEU D 279 36.23 28.88 5.95
C LEU D 279 37.11 30.12 6.10
N HIS D 287 31.56 26.06 12.41
CA HIS D 287 30.34 26.55 11.77
C HIS D 287 29.76 25.52 10.81
N PHE D 288 30.24 24.28 10.91
CA PHE D 288 29.73 23.20 10.10
C PHE D 288 28.50 22.56 10.71
N TYR D 289 28.47 22.42 12.04
CA TYR D 289 27.30 21.82 12.65
C TYR D 289 26.18 22.83 12.82
N GLN D 290 26.49 24.12 12.93
CA GLN D 290 25.43 25.12 13.00
C GLN D 290 24.69 25.20 11.68
N LEU D 291 25.42 25.14 10.57
CA LEU D 291 24.80 25.05 9.26
C LEU D 291 24.11 23.72 9.06
N GLU D 292 24.57 22.67 9.75
CA GLU D 292 23.88 21.40 9.65
C GLU D 292 22.56 21.46 10.40
N MET D 293 22.56 22.06 11.59
CA MET D 293 21.37 22.06 12.42
C MET D 293 20.32 23.01 11.84
N GLU D 294 20.77 24.11 11.22
CA GLU D 294 19.85 24.98 10.50
C GLU D 294 19.32 24.34 9.23
N LEU D 295 20.10 23.45 8.61
CA LEU D 295 19.59 22.67 7.49
C LEU D 295 18.78 21.47 7.94
N CYS D 296 18.88 21.12 9.22
CA CYS D 296 18.13 20.04 9.85
C CYS D 296 16.78 20.48 10.38
N ARG D 297 16.66 21.75 10.81
CA ARG D 297 15.39 22.23 11.32
C ARG D 297 14.37 22.42 10.21
N ASP D 298 14.84 22.67 8.99
CA ASP D 298 13.97 22.71 7.82
C ASP D 298 13.64 21.31 7.30
N ALA D 299 14.34 20.27 7.77
CA ALA D 299 14.02 18.91 7.35
C ALA D 299 12.79 18.39 8.05
N PHE D 300 12.51 18.86 9.28
CA PHE D 300 11.27 18.51 9.95
C PHE D 300 10.07 19.29 9.42
N THR D 301 10.30 20.30 8.58
CA THR D 301 9.19 21.07 8.01
C THR D 301 8.40 20.26 6.99
N GLN D 302 9.01 19.22 6.41
CA GLN D 302 8.26 18.24 5.65
C GLN D 302 7.67 17.20 6.59
N GLN D 303 6.47 16.71 6.27
CA GLN D 303 5.85 15.76 7.18
C GLN D 303 5.20 14.56 6.51
N PHE D 304 5.65 14.18 5.32
CA PHE D 304 5.38 12.85 4.78
C PHE D 304 6.65 12.30 4.17
N ALA D 305 7.79 12.61 4.77
CA ALA D 305 9.09 12.21 4.26
C ALA D 305 9.81 11.33 5.27
N ILE D 306 10.77 10.56 4.76
CA ILE D 306 11.60 9.69 5.57
C ILE D 306 12.95 10.35 5.86
N SER D 307 13.12 11.61 5.47
CA SER D 307 14.27 12.40 5.91
C SER D 307 14.15 12.83 7.37
N THR D 308 13.00 12.56 8.00
CA THR D 308 12.79 12.90 9.39
C THR D 308 13.67 12.05 10.28
N VAL D 309 13.89 10.79 9.90
CA VAL D 309 14.62 9.91 10.80
C VAL D 309 16.12 10.22 10.74
N TRP D 310 16.62 10.70 9.59
CA TRP D 310 17.98 11.26 9.56
C TRP D 310 18.08 12.57 10.30
N ALA D 311 17.03 13.39 10.25
CA ALA D 311 17.10 14.65 10.98
C ALA D 311 17.04 14.43 12.48
N TRP D 312 16.28 13.42 12.92
CA TRP D 312 16.25 13.06 14.33
C TRP D 312 17.56 12.40 14.75
N MET D 313 18.15 11.57 13.89
CA MET D 313 19.38 10.89 14.27
C MET D 313 20.52 11.88 14.42
N LYS D 314 20.65 12.82 13.48
CA LYS D 314 21.71 13.81 13.62
C LYS D 314 21.38 14.90 14.64
N SER D 315 20.11 15.08 14.99
CA SER D 315 19.76 16.04 16.03
C SER D 315 19.94 15.45 17.41
N LYS D 316 19.64 14.18 17.58
CA LYS D 316 19.78 13.58 18.89
C LYS D 316 21.22 13.19 19.13
N GLU D 317 21.96 12.87 18.06
CA GLU D 317 23.39 12.73 18.21
C GLU D 317 24.06 14.08 18.45
N GLN D 318 23.45 15.18 18.00
CA GLN D 318 23.94 16.50 18.41
C GLN D 318 23.69 16.75 19.88
N GLU D 319 22.48 16.49 20.36
CA GLU D 319 22.18 16.82 21.74
C GLU D 319 22.59 15.74 22.72
N VAL D 320 23.33 14.71 22.29
CA VAL D 320 24.05 13.90 23.26
C VAL D 320 25.52 14.28 23.34
N ARG D 321 26.00 15.15 22.45
CA ARG D 321 27.28 15.81 22.65
C ARG D 321 27.12 17.25 23.10
N ASN D 322 25.90 17.77 23.13
CA ASN D 322 25.66 19.03 23.83
C ASN D 322 25.58 18.79 25.32
N ILE D 323 24.88 17.73 25.73
CA ILE D 323 24.80 17.39 27.14
C ILE D 323 26.18 16.97 27.65
N THR D 324 26.96 16.31 26.81
CA THR D 324 28.30 15.92 27.21
C THR D 324 29.24 17.13 27.30
N TRP D 325 29.09 18.10 26.39
CA TRP D 325 29.86 19.34 26.48
C TRP D 325 29.48 20.17 27.70
N ILE D 326 28.22 20.11 28.13
CA ILE D 326 27.85 20.76 29.39
C ILE D 326 28.39 20.00 30.59
N ALA D 327 28.32 18.66 30.56
CA ALA D 327 28.77 17.89 31.70
C ALA D 327 30.28 17.87 31.85
N GLU D 328 31.03 18.18 30.79
CA GLU D 328 32.46 18.38 30.95
C GLU D 328 32.77 19.74 31.57
N CYS D 329 31.95 20.75 31.29
CA CYS D 329 32.10 22.05 31.94
C CYS D 329 31.55 22.06 33.35
N ILE D 330 30.83 21.02 33.75
CA ILE D 330 30.35 20.87 35.12
C ILE D 330 31.27 19.97 35.95
N ALA D 331 31.85 18.93 35.34
CA ALA D 331 32.73 18.03 36.08
C ALA D 331 34.02 18.72 36.52
N GLN D 332 34.68 19.43 35.61
CA GLN D 332 35.67 20.42 36.01
C GLN D 332 35.09 21.79 35.74
N ASN D 333 35.38 22.75 36.61
CA ASN D 333 34.69 24.03 36.58
C ASN D 333 35.27 24.89 35.46
N GLN D 334 34.61 24.86 34.31
CA GLN D 334 34.96 25.69 33.16
C GLN D 334 33.68 26.45 32.80
N ARG D 335 33.47 27.59 33.45
CA ARG D 335 32.25 28.35 33.28
C ARG D 335 32.31 29.33 32.12
N GLU D 336 33.49 29.53 31.51
CA GLU D 336 33.62 30.54 30.47
C GLU D 336 33.08 30.06 29.13
N ARG D 337 33.40 28.83 28.74
CA ARG D 337 33.08 28.31 27.41
C ARG D 337 31.91 27.33 27.43
N ILE D 338 30.88 27.59 28.25
CA ILE D 338 29.75 26.67 28.29
C ILE D 338 28.84 26.88 27.08
N ASN D 339 28.46 28.13 26.82
CA ASN D 339 27.44 28.44 25.81
C ASN D 339 27.99 28.29 24.38
N ASN D 340 28.33 27.05 24.06
CA ASN D 340 28.70 26.65 22.71
C ASN D 340 27.82 25.50 22.22
N TYR D 341 26.85 25.09 23.03
CA TYR D 341 25.81 24.18 22.56
C TYR D 341 25.00 24.87 21.47
N ILE D 342 24.49 24.07 20.54
CA ILE D 342 23.81 24.62 19.37
C ILE D 342 22.52 23.83 19.14
N SER D 343 21.38 24.50 19.30
CA SER D 343 20.07 23.88 19.13
C SER D 343 19.20 24.76 18.26
N VAL D 344 18.80 24.23 17.10
CA VAL D 344 17.84 24.93 16.26
C VAL D 344 16.42 24.53 16.62
N TYR D 345 16.22 23.27 17.01
CA TYR D 345 14.92 22.78 17.42
C TYR D 345 14.50 23.36 18.77
N TRP E 11 -14.52 -28.38 34.10
CA TRP E 11 -15.30 -27.16 34.27
C TRP E 11 -15.93 -26.68 32.98
N CYS E 12 -15.17 -26.77 31.88
CA CYS E 12 -15.68 -26.33 30.59
C CYS E 12 -16.79 -27.24 30.12
N CYS E 13 -16.68 -28.54 30.40
CA CYS E 13 -17.70 -29.47 29.97
C CYS E 13 -18.83 -29.55 30.99
N THR E 14 -18.61 -29.07 32.21
CA THR E 14 -19.69 -29.02 33.18
C THR E 14 -20.65 -27.91 32.81
N VAL E 15 -20.13 -26.70 32.62
CA VAL E 15 -20.95 -25.56 32.29
C VAL E 15 -21.53 -25.71 30.89
N LEU E 16 -20.74 -26.29 29.97
CA LEU E 16 -21.24 -26.61 28.64
C LEU E 16 -22.36 -27.64 28.63
N SER E 17 -22.36 -28.59 29.58
CA SER E 17 -23.48 -29.52 29.66
C SER E 17 -24.63 -29.00 30.49
N ALA E 18 -24.36 -28.07 31.41
CA ALA E 18 -25.43 -27.42 32.16
C ALA E 18 -26.25 -26.55 31.22
N PHE E 19 -25.58 -25.79 30.36
CA PHE E 19 -26.28 -25.11 29.29
C PHE E 19 -26.88 -26.10 28.31
N GLY E 20 -26.16 -27.20 28.02
CA GLY E 20 -26.64 -28.19 27.07
C GLY E 20 -27.98 -28.79 27.43
N VAL E 21 -28.15 -29.20 28.68
CA VAL E 21 -29.38 -29.84 29.15
C VAL E 21 -30.56 -28.88 29.06
N VAL E 22 -30.35 -27.64 29.53
CA VAL E 22 -31.41 -26.65 29.50
C VAL E 22 -31.75 -26.21 28.08
N ILE E 23 -30.74 -25.90 27.26
CA ILE E 23 -31.03 -25.47 25.90
C ILE E 23 -31.58 -26.60 25.02
N LEU E 24 -31.06 -27.82 25.14
CA LEU E 24 -31.52 -28.91 24.28
C LEU E 24 -32.90 -29.42 24.65
N SER E 25 -33.20 -29.52 25.95
CA SER E 25 -34.50 -30.05 26.34
C SER E 25 -35.63 -29.13 25.94
N VAL E 26 -35.44 -27.81 26.10
CA VAL E 26 -36.51 -26.90 25.72
C VAL E 26 -36.65 -26.84 24.19
N ILE E 27 -35.62 -27.24 23.44
CA ILE E 27 -35.78 -27.49 22.02
C ILE E 27 -36.56 -28.77 21.78
N ALA E 28 -36.35 -29.79 22.61
CA ALA E 28 -37.12 -31.02 22.44
C ALA E 28 -38.58 -30.79 22.77
N HIS E 29 -38.87 -29.88 23.70
CA HIS E 29 -40.26 -29.53 23.99
C HIS E 29 -40.84 -28.60 22.95
N LEU E 30 -40.00 -27.88 22.20
CA LEU E 30 -40.51 -27.04 21.13
C LEU E 30 -40.53 -27.78 19.79
N PHE E 31 -40.19 -29.06 19.78
CA PHE E 31 -40.53 -29.96 18.68
C PHE E 31 -41.60 -30.97 19.05
N ASN E 32 -41.67 -31.39 20.30
CA ASN E 32 -42.66 -32.36 20.73
C ASN E 32 -44.05 -31.76 20.77
N THR E 33 -44.15 -30.45 21.00
CA THR E 33 -45.44 -29.78 21.00
C THR E 33 -45.82 -29.20 19.64
N ASN E 34 -44.99 -29.43 18.62
CA ASN E 34 -45.18 -28.96 17.24
C ASN E 34 -45.35 -27.44 17.18
N HIS E 35 -44.27 -26.77 17.58
CA HIS E 35 -44.26 -25.32 17.68
C HIS E 35 -44.15 -24.69 16.30
N GLU E 36 -44.73 -23.51 16.15
CA GLU E 36 -44.85 -22.89 14.84
C GLU E 36 -43.53 -22.35 14.33
N SER E 37 -42.58 -22.04 15.21
CA SER E 37 -41.30 -21.47 14.79
C SER E 37 -40.27 -22.53 14.45
N PHE E 38 -40.55 -23.81 14.68
CA PHE E 38 -39.61 -24.89 14.36
C PHE E 38 -40.11 -25.81 13.26
N VAL E 39 -41.36 -26.25 13.31
CA VAL E 39 -41.87 -27.17 12.29
C VAL E 39 -43.01 -26.56 11.49
N GLY E 40 -42.95 -25.24 11.29
CA GLY E 40 -43.96 -24.55 10.51
C GLY E 40 -43.55 -24.10 9.13
N SER E 41 -42.38 -24.50 8.64
CA SER E 41 -41.91 -24.12 7.33
C SER E 41 -42.09 -25.27 6.36
N ILE E 42 -41.55 -25.12 5.14
CA ILE E 42 -41.48 -26.22 4.20
C ILE E 42 -40.11 -26.88 4.25
N ASN E 43 -39.12 -26.21 4.86
CA ASN E 43 -37.82 -26.80 5.16
C ASN E 43 -37.77 -27.38 6.56
N ASP E 44 -38.92 -27.72 7.12
CA ASP E 44 -39.01 -28.15 8.50
C ASP E 44 -38.53 -29.58 8.67
N PRO E 45 -38.05 -29.92 9.86
CA PRO E 45 -37.87 -31.34 10.19
C PRO E 45 -39.23 -31.97 10.43
N GLU E 46 -39.70 -32.79 9.48
CA GLU E 46 -41.02 -33.38 9.58
C GLU E 46 -41.03 -34.43 10.69
N ASP E 47 -42.25 -34.72 11.17
CA ASP E 47 -42.52 -35.62 12.30
C ASP E 47 -41.76 -35.15 13.55
N GLY E 48 -42.21 -33.99 14.05
CA GLY E 48 -41.65 -33.38 15.24
C GLY E 48 -41.47 -34.26 16.47
N PRO E 49 -42.42 -35.12 16.81
CA PRO E 49 -42.15 -36.10 17.89
C PRO E 49 -41.15 -37.19 17.53
N ALA E 50 -40.61 -37.24 16.31
CA ALA E 50 -39.54 -38.18 16.01
C ALA E 50 -38.19 -37.52 15.99
N VAL E 51 -38.13 -36.23 15.65
CA VAL E 51 -36.91 -35.46 15.79
C VAL E 51 -36.74 -35.02 17.25
N ALA E 52 -37.81 -35.12 18.04
CA ALA E 52 -37.74 -34.77 19.45
C ALA E 52 -36.93 -35.76 20.27
N HIS E 53 -37.08 -37.07 20.01
CA HIS E 53 -36.29 -38.07 20.74
C HIS E 53 -34.80 -38.04 20.42
N THR E 54 -34.41 -37.45 19.28
CA THR E 54 -33.00 -37.22 19.02
C THR E 54 -32.40 -36.23 20.01
N VAL E 55 -33.17 -35.26 20.46
CA VAL E 55 -32.61 -34.31 21.40
C VAL E 55 -33.19 -34.50 22.80
N TYR E 56 -34.02 -35.52 22.99
CA TYR E 56 -34.21 -36.01 24.33
C TYR E 56 -33.00 -36.86 24.71
N LEU E 57 -32.56 -37.74 23.79
CA LEU E 57 -31.37 -38.53 24.07
C LEU E 57 -30.13 -37.65 24.06
N ALA E 58 -30.12 -36.60 23.24
CA ALA E 58 -29.00 -35.66 23.28
C ALA E 58 -29.03 -34.79 24.53
N ALA E 59 -30.22 -34.53 25.08
CA ALA E 59 -30.32 -33.78 26.32
C ALA E 59 -29.79 -34.61 27.47
N LEU E 60 -30.24 -35.87 27.57
CA LEU E 60 -29.78 -36.66 28.70
C LEU E 60 -28.38 -37.19 28.51
N VAL E 61 -27.80 -37.14 27.30
CA VAL E 61 -26.38 -37.51 27.25
C VAL E 61 -25.54 -36.33 27.71
N TYR E 62 -26.02 -35.10 27.57
CA TYR E 62 -25.39 -34.00 28.29
C TYR E 62 -25.64 -34.09 29.77
N LEU E 63 -26.77 -34.66 30.19
CA LEU E 63 -26.95 -34.89 31.62
C LEU E 63 -26.00 -35.98 32.13
N VAL E 64 -25.59 -36.91 31.26
CA VAL E 64 -24.52 -37.84 31.59
C VAL E 64 -23.18 -37.13 31.71
N PHE E 65 -22.85 -36.25 30.76
CA PHE E 65 -21.60 -35.49 30.88
C PHE E 65 -21.62 -34.52 32.05
N PHE E 66 -22.82 -34.08 32.45
CA PHE E 66 -22.94 -33.15 33.56
C PHE E 66 -22.75 -33.85 34.89
N VAL E 67 -23.33 -35.04 35.07
CA VAL E 67 -23.21 -35.69 36.36
C VAL E 67 -21.90 -36.47 36.44
N PHE E 68 -21.33 -36.84 35.29
CA PHE E 68 -20.01 -37.47 35.28
C PHE E 68 -18.91 -36.46 35.58
N CYS E 69 -18.95 -35.28 34.95
CA CYS E 69 -18.01 -34.23 35.29
C CYS E 69 -18.37 -33.48 36.57
N GLY E 70 -19.55 -33.72 37.14
CA GLY E 70 -19.86 -33.15 38.44
C GLY E 70 -19.35 -33.92 39.63
N PHE E 71 -18.61 -35.00 39.40
CA PHE E 71 -17.96 -35.73 40.48
C PHE E 71 -16.52 -35.30 40.70
N GLN E 72 -15.90 -34.64 39.72
CA GLN E 72 -14.57 -34.08 39.86
C GLN E 72 -14.60 -32.63 40.31
N VAL E 73 -15.67 -32.20 40.96
CA VAL E 73 -15.77 -30.84 41.48
C VAL E 73 -15.89 -30.88 43.00
N MET F 1 -33.05 -18.47 -21.19
CA MET F 1 -34.44 -18.82 -21.45
C MET F 1 -35.20 -17.66 -22.09
N THR F 2 -36.05 -17.01 -21.31
CA THR F 2 -36.88 -15.91 -21.80
C THR F 2 -36.07 -14.61 -21.79
N GLU F 3 -36.78 -13.49 -21.96
CA GLU F 3 -36.11 -12.19 -21.96
C GLU F 3 -35.78 -11.74 -20.54
N LEU F 4 -36.65 -12.02 -19.58
CA LEU F 4 -36.39 -11.64 -18.20
C LEU F 4 -35.28 -12.48 -17.58
N CYS F 5 -35.26 -13.78 -17.88
CA CYS F 5 -34.33 -14.72 -17.26
C CYS F 5 -33.48 -15.40 -18.32
N PRO F 6 -32.36 -14.80 -18.73
CA PRO F 6 -31.46 -15.46 -19.68
C PRO F 6 -30.57 -16.48 -19.00
N VAL F 7 -29.60 -17.03 -19.74
CA VAL F 7 -28.75 -18.06 -19.18
C VAL F 7 -27.51 -17.51 -18.48
N TYR F 8 -27.07 -16.32 -18.83
CA TYR F 8 -25.91 -15.72 -18.19
C TYR F 8 -26.29 -14.97 -16.93
N ALA F 9 -27.56 -14.99 -16.54
CA ALA F 9 -28.02 -14.26 -15.38
C ALA F 9 -27.52 -14.81 -14.05
N PRO F 10 -27.36 -16.12 -13.80
CA PRO F 10 -26.66 -16.53 -12.58
C PRO F 10 -25.14 -16.44 -12.63
N PHE F 11 -24.54 -15.83 -13.65
CA PHE F 11 -23.12 -15.55 -13.57
C PHE F 11 -22.85 -14.46 -12.58
N PHE F 12 -23.72 -13.45 -12.55
CA PHE F 12 -23.58 -12.35 -11.61
C PHE F 12 -23.74 -12.88 -10.21
N GLY F 13 -24.72 -13.76 -10.00
CA GLY F 13 -24.94 -14.35 -8.70
C GLY F 13 -23.78 -15.20 -8.23
N ALA F 14 -23.27 -16.08 -9.11
CA ALA F 14 -22.14 -16.94 -8.76
C ALA F 14 -20.90 -16.11 -8.52
N ILE F 15 -20.65 -15.10 -9.35
CA ILE F 15 -19.49 -14.23 -9.18
C ILE F 15 -19.63 -13.48 -7.87
N GLY F 16 -20.87 -13.03 -7.56
CA GLY F 16 -21.12 -12.30 -6.33
C GLY F 16 -20.87 -13.13 -5.09
N CYS F 17 -21.27 -14.42 -5.11
CA CYS F 17 -21.01 -15.29 -3.96
C CYS F 17 -19.52 -15.45 -3.76
N ALA F 18 -18.80 -15.66 -4.87
CA ALA F 18 -17.35 -15.81 -4.84
C ALA F 18 -16.66 -14.53 -4.41
N SER F 19 -17.16 -13.37 -4.90
CA SER F 19 -16.58 -12.06 -4.60
C SER F 19 -16.72 -11.69 -3.14
N ALA F 20 -17.85 -12.01 -2.55
CA ALA F 20 -18.14 -11.70 -1.16
C ALA F 20 -17.14 -12.39 -0.23
N ILE F 21 -16.74 -13.61 -0.53
CA ILE F 21 -15.80 -14.28 0.34
C ILE F 21 -14.35 -14.14 -0.11
N ILE F 22 -14.08 -13.94 -1.40
CA ILE F 22 -12.67 -13.81 -1.76
C ILE F 22 -12.16 -12.42 -1.42
N PHE F 23 -13.01 -11.39 -1.47
CA PHE F 23 -12.46 -10.06 -1.23
C PHE F 23 -12.39 -9.77 0.26
N THR F 24 -13.36 -10.27 1.01
CA THR F 24 -13.26 -10.14 2.46
C THR F 24 -12.13 -11.01 2.99
N SER F 25 -11.90 -12.19 2.42
CA SER F 25 -10.82 -13.01 2.92
C SER F 25 -9.45 -12.48 2.51
N LEU F 26 -9.36 -11.76 1.38
CA LEU F 26 -8.12 -11.04 1.07
C LEU F 26 -7.87 -9.87 2.01
N GLY F 27 -8.93 -9.13 2.38
CA GLY F 27 -8.73 -8.06 3.34
C GLY F 27 -8.49 -8.55 4.75
N ALA F 28 -9.13 -9.65 5.13
CA ALA F 28 -8.92 -10.25 6.43
C ALA F 28 -7.58 -10.93 6.51
N ALA F 29 -7.07 -11.40 5.38
CA ALA F 29 -5.72 -11.92 5.30
C ALA F 29 -4.71 -10.80 5.51
N TYR F 30 -4.85 -9.70 4.79
CA TYR F 30 -3.93 -8.57 4.97
C TYR F 30 -3.98 -8.00 6.39
N GLY F 31 -5.17 -7.99 6.99
CA GLY F 31 -5.31 -7.62 8.39
C GLY F 31 -4.66 -8.60 9.35
N THR F 32 -4.78 -9.88 9.05
CA THR F 32 -4.18 -10.90 9.91
C THR F 32 -2.68 -10.90 9.73
N ALA F 33 -2.19 -10.69 8.52
CA ALA F 33 -0.77 -10.83 8.27
C ALA F 33 0.00 -9.64 8.84
N LYS F 34 -0.53 -8.42 8.70
CA LYS F 34 0.14 -7.29 9.32
C LYS F 34 -0.06 -7.23 10.83
N SER F 35 -1.20 -7.69 11.33
CA SER F 35 -1.33 -7.73 12.78
C SER F 35 -0.53 -8.87 13.37
N GLY F 36 -0.48 -10.02 12.73
CA GLY F 36 0.30 -11.13 13.22
C GLY F 36 1.79 -10.90 13.15
N VAL F 37 2.25 -10.09 12.19
CA VAL F 37 3.66 -9.71 12.21
C VAL F 37 3.88 -8.58 13.21
N GLY F 38 2.84 -7.89 13.63
CA GLY F 38 3.05 -6.91 14.68
C GLY F 38 3.02 -7.56 16.05
N ILE F 39 2.21 -8.60 16.19
CA ILE F 39 2.16 -9.37 17.43
C ILE F 39 3.42 -10.19 17.62
N CYS F 40 3.81 -10.99 16.61
CA CYS F 40 4.96 -11.86 16.74
C CYS F 40 6.29 -11.12 16.72
N ALA F 41 6.27 -9.80 16.61
CA ALA F 41 7.42 -8.95 16.87
C ALA F 41 7.27 -8.22 18.19
N THR F 42 6.03 -7.98 18.61
CA THR F 42 5.76 -7.32 19.88
C THR F 42 6.07 -8.25 21.05
N CYS F 43 5.46 -9.43 21.08
CA CYS F 43 5.51 -10.30 22.25
C CYS F 43 6.75 -11.18 22.28
N VAL F 44 7.82 -10.79 21.59
CA VAL F 44 9.11 -11.44 21.81
C VAL F 44 9.64 -11.08 23.20
N LEU F 45 9.50 -9.83 23.60
CA LEU F 45 10.00 -9.36 24.89
C LEU F 45 8.91 -8.96 25.88
N ARG F 46 7.67 -8.79 25.42
CA ARG F 46 6.55 -8.44 26.29
C ARG F 46 5.49 -9.52 26.10
N PRO F 47 5.69 -10.71 26.65
CA PRO F 47 4.76 -11.82 26.40
C PRO F 47 3.51 -11.80 27.25
N ASP F 48 3.39 -10.90 28.22
CA ASP F 48 2.20 -10.86 29.05
C ASP F 48 1.06 -10.03 28.44
N LEU F 49 1.30 -9.37 27.31
CA LEU F 49 0.25 -8.67 26.59
C LEU F 49 -0.31 -9.48 25.43
N LEU F 50 -0.17 -10.81 25.48
CA LEU F 50 -0.47 -11.64 24.32
C LEU F 50 -1.96 -11.79 24.06
N PHE F 51 -2.81 -11.47 25.04
CA PHE F 51 -4.25 -11.59 24.86
C PHE F 51 -4.95 -10.26 24.65
N LYS F 52 -4.33 -9.14 25.04
CA LYS F 52 -4.84 -7.83 24.67
C LYS F 52 -4.51 -7.50 23.22
N ASN F 53 -3.27 -7.76 22.80
CA ASN F 53 -2.80 -7.39 21.47
C ASN F 53 -3.33 -8.29 20.37
N ILE F 54 -4.13 -9.32 20.67
CA ILE F 54 -4.61 -10.20 19.62
C ILE F 54 -5.93 -9.72 19.05
N VAL F 55 -6.55 -8.70 19.63
CA VAL F 55 -7.83 -8.19 19.14
C VAL F 55 -7.79 -7.60 17.72
N PRO F 56 -6.66 -7.16 17.12
CA PRO F 56 -6.73 -6.87 15.68
C PRO F 56 -6.95 -8.10 14.80
N VAL F 57 -6.46 -9.29 15.16
CA VAL F 57 -6.74 -10.40 14.27
C VAL F 57 -8.10 -11.01 14.53
N ILE F 58 -8.69 -10.76 15.71
CA ILE F 58 -10.05 -11.20 15.94
C ILE F 58 -10.99 -10.28 15.20
N MET F 59 -10.65 -9.01 15.19
CA MET F 59 -11.51 -8.02 14.60
C MET F 59 -11.37 -8.05 13.09
N ALA F 60 -10.19 -8.41 12.58
CA ALA F 60 -10.03 -8.62 11.15
C ALA F 60 -10.73 -9.91 10.72
N GLY F 61 -10.86 -10.88 11.63
CA GLY F 61 -11.57 -12.09 11.28
C GLY F 61 -13.06 -11.88 11.20
N ILE F 62 -13.58 -10.89 11.93
CA ILE F 62 -15.01 -10.59 11.86
C ILE F 62 -15.40 -10.07 10.47
N ILE F 63 -14.46 -9.42 9.76
CA ILE F 63 -14.68 -9.08 8.36
C ILE F 63 -14.91 -10.34 7.52
N ALA F 64 -14.14 -11.41 7.79
CA ALA F 64 -14.34 -12.66 7.08
C ALA F 64 -15.71 -13.25 7.38
N ILE F 65 -16.14 -13.17 8.65
CA ILE F 65 -17.48 -13.69 9.00
C ILE F 65 -18.55 -12.89 8.26
N TYR F 66 -18.38 -11.56 8.16
CA TYR F 66 -19.34 -10.72 7.44
C TYR F 66 -19.39 -11.11 5.97
N GLY F 67 -18.23 -11.38 5.39
CA GLY F 67 -18.18 -11.81 4.00
C GLY F 67 -18.85 -13.15 3.80
N LEU F 68 -18.65 -14.06 4.77
CA LEU F 68 -19.24 -15.39 4.71
C LEU F 68 -20.76 -15.34 4.74
N VAL F 69 -21.33 -14.45 5.55
CA VAL F 69 -22.79 -14.33 5.65
C VAL F 69 -23.40 -13.89 4.32
N VAL F 70 -22.76 -12.95 3.62
CA VAL F 70 -23.28 -12.48 2.34
C VAL F 70 -23.27 -13.59 1.30
N SER F 71 -22.20 -14.38 1.29
CA SER F 71 -22.06 -15.49 0.33
C SER F 71 -23.12 -16.56 0.57
N VAL F 72 -23.43 -16.85 1.83
CA VAL F 72 -24.42 -17.86 2.16
C VAL F 72 -25.81 -17.35 1.84
N LEU F 73 -26.08 -16.08 2.18
CA LEU F 73 -27.38 -15.47 1.93
C LEU F 73 -27.70 -15.37 0.44
N VAL F 74 -26.72 -15.04 -0.40
CA VAL F 74 -27.03 -14.91 -1.82
C VAL F 74 -26.89 -16.25 -2.56
N CYS F 75 -26.18 -17.22 -1.99
CA CYS F 75 -26.25 -18.57 -2.55
C CYS F 75 -27.58 -19.24 -2.23
N TYR F 76 -28.30 -18.77 -1.21
CA TYR F 76 -29.64 -19.28 -0.97
C TYR F 76 -30.62 -18.74 -2.00
N SER F 77 -30.30 -17.62 -2.66
CA SER F 77 -31.16 -17.03 -3.67
C SER F 77 -30.69 -17.26 -5.10
N LEU F 78 -29.63 -18.04 -5.29
CA LEU F 78 -29.20 -18.45 -6.62
C LEU F 78 -30.18 -19.44 -7.23
N GLY F 79 -30.04 -19.64 -8.53
CA GLY F 79 -30.88 -20.57 -9.23
C GLY F 79 -30.57 -20.53 -10.71
N GLN F 80 -30.94 -21.62 -11.38
CA GLN F 80 -30.66 -21.73 -12.82
C GLN F 80 -31.47 -20.72 -13.61
N LYS F 81 -32.79 -20.74 -13.42
CA LYS F 81 -33.69 -19.81 -14.07
C LYS F 81 -34.02 -18.71 -13.06
N GLN F 82 -33.07 -17.80 -12.86
CA GLN F 82 -33.34 -16.62 -12.05
C GLN F 82 -33.38 -15.40 -12.97
N ALA F 83 -34.10 -14.38 -12.52
CA ALA F 83 -34.20 -13.17 -13.30
C ALA F 83 -32.88 -12.42 -13.30
N LEU F 84 -32.70 -11.55 -14.27
CA LEU F 84 -31.48 -10.76 -14.31
C LEU F 84 -31.55 -9.58 -13.37
N TYR F 85 -32.75 -9.24 -12.88
CA TYR F 85 -32.89 -8.30 -11.78
C TYR F 85 -32.20 -8.80 -10.53
N THR F 86 -32.49 -10.03 -10.12
CA THR F 86 -31.86 -10.56 -8.93
C THR F 86 -30.42 -11.00 -9.18
N GLY F 87 -29.95 -11.00 -10.43
CA GLY F 87 -28.56 -11.30 -10.66
C GLY F 87 -27.68 -10.14 -10.26
N PHE F 88 -28.09 -8.93 -10.61
CA PHE F 88 -27.26 -7.79 -10.28
C PHE F 88 -27.44 -7.30 -8.86
N ILE F 89 -28.49 -7.70 -8.13
CA ILE F 89 -28.49 -7.32 -6.73
C ILE F 89 -27.67 -8.31 -5.91
N GLN F 90 -27.43 -9.50 -6.44
CA GLN F 90 -26.49 -10.43 -5.85
C GLN F 90 -25.06 -10.06 -6.21
N LEU F 91 -24.86 -9.45 -7.37
CA LEU F 91 -23.54 -8.89 -7.64
C LEU F 91 -23.31 -7.56 -6.94
N GLY F 92 -24.35 -6.78 -6.68
CA GLY F 92 -24.18 -5.59 -5.88
C GLY F 92 -23.92 -5.91 -4.42
N ALA F 93 -24.59 -6.94 -3.89
CA ALA F 93 -24.30 -7.39 -2.54
C ALA F 93 -22.95 -8.07 -2.49
N GLY F 94 -22.51 -8.65 -3.60
CA GLY F 94 -21.22 -9.29 -3.66
C GLY F 94 -20.13 -8.25 -3.54
N LEU F 95 -20.06 -7.30 -4.48
CA LEU F 95 -18.93 -6.40 -4.47
C LEU F 95 -19.13 -5.18 -3.59
N SER F 96 -20.23 -5.12 -2.86
CA SER F 96 -20.42 -4.06 -1.87
C SER F 96 -20.04 -4.51 -0.48
N VAL F 97 -20.07 -5.80 -0.18
CA VAL F 97 -19.36 -6.28 0.99
C VAL F 97 -17.95 -6.68 0.59
N GLY F 98 -17.70 -6.88 -0.70
CA GLY F 98 -16.40 -7.27 -1.20
C GLY F 98 -15.36 -6.18 -1.15
N LEU F 99 -15.54 -5.14 -1.96
CA LEU F 99 -14.50 -4.14 -2.03
C LEU F 99 -14.55 -3.19 -0.85
N SER F 100 -15.60 -3.28 -0.03
CA SER F 100 -15.59 -2.57 1.24
C SER F 100 -14.95 -3.38 2.36
N GLY F 101 -15.10 -4.71 2.35
CA GLY F 101 -14.42 -5.53 3.33
C GLY F 101 -12.97 -5.73 3.07
N LEU F 102 -12.50 -5.47 1.84
CA LEU F 102 -11.05 -5.55 1.67
C LEU F 102 -10.38 -4.26 2.12
N ALA F 103 -11.00 -3.11 1.85
CA ALA F 103 -10.43 -1.86 2.33
C ALA F 103 -10.54 -1.74 3.84
N ALA F 104 -11.63 -2.23 4.42
CA ALA F 104 -11.72 -2.30 5.87
C ALA F 104 -10.77 -3.33 6.48
N GLY F 105 -10.48 -4.41 5.77
CA GLY F 105 -9.47 -5.33 6.26
C GLY F 105 -8.06 -4.83 6.10
N PHE F 106 -7.83 -3.97 5.11
CA PHE F 106 -6.53 -3.32 5.00
C PHE F 106 -6.34 -2.35 6.14
N ALA F 107 -7.38 -1.56 6.44
CA ALA F 107 -7.20 -0.52 7.43
C ALA F 107 -7.15 -1.09 8.84
N ILE F 108 -7.74 -2.27 9.07
CA ILE F 108 -7.49 -2.96 10.32
C ILE F 108 -6.05 -3.45 10.37
N GLY F 109 -5.46 -3.76 9.21
CA GLY F 109 -4.09 -4.25 9.21
C GLY F 109 -3.09 -3.18 9.52
N ILE F 110 -3.26 -2.00 8.93
CA ILE F 110 -2.29 -0.93 9.19
C ILE F 110 -2.51 -0.34 10.57
N VAL F 111 -3.77 -0.11 10.98
CA VAL F 111 -4.02 0.44 12.31
C VAL F 111 -3.68 -0.57 13.40
N GLY F 112 -3.99 -1.85 13.19
CA GLY F 112 -3.66 -2.87 14.16
C GLY F 112 -2.17 -3.15 14.28
N ASP F 113 -1.42 -3.04 13.19
CA ASP F 113 0.03 -3.16 13.27
C ASP F 113 0.62 -1.95 13.96
N ALA F 114 0.11 -0.76 13.70
CA ALA F 114 0.61 0.40 14.40
C ALA F 114 0.21 0.37 15.87
N GLY F 115 -0.95 -0.22 16.17
CA GLY F 115 -1.46 -0.24 17.53
C GLY F 115 -0.72 -1.22 18.43
N VAL F 116 -0.54 -2.45 17.95
CA VAL F 116 0.10 -3.44 18.81
C VAL F 116 1.60 -3.22 18.93
N ARG F 117 2.19 -2.40 18.08
CA ARG F 117 3.54 -1.92 18.30
C ARG F 117 3.55 -0.66 19.16
N GLY F 118 2.39 -0.01 19.32
CA GLY F 118 2.30 1.23 20.05
C GLY F 118 1.73 1.05 21.45
N SER F 119 0.82 0.08 21.60
CA SER F 119 0.25 -0.22 22.90
C SER F 119 1.13 -1.13 23.75
N SER F 120 2.39 -1.27 23.40
CA SER F 120 3.38 -1.93 24.23
C SER F 120 4.48 -1.00 24.70
N GLN F 121 4.83 0.01 23.91
CA GLN F 121 5.64 1.09 24.44
C GLN F 121 4.85 1.96 25.40
N GLN F 122 3.58 2.18 25.12
CA GLN F 122 2.76 2.78 26.16
C GLN F 122 1.41 2.09 26.22
N PRO F 123 1.05 1.50 27.37
CA PRO F 123 -0.22 0.76 27.43
C PRO F 123 -1.46 1.64 27.45
N ARG F 124 -1.32 2.97 27.56
CA ARG F 124 -2.48 3.83 27.53
C ARG F 124 -3.09 3.94 26.14
N LEU F 125 -2.38 3.49 25.11
CA LEU F 125 -2.89 3.51 23.75
C LEU F 125 -3.85 2.38 23.45
N PHE F 126 -4.03 1.43 24.37
CA PHE F 126 -4.89 0.29 24.05
C PHE F 126 -6.35 0.68 23.95
N VAL F 127 -6.79 1.69 24.69
CA VAL F 127 -8.15 2.19 24.53
C VAL F 127 -8.26 3.03 23.27
N GLY F 128 -7.22 3.78 22.93
CA GLY F 128 -7.25 4.55 21.70
C GLY F 128 -7.10 3.70 20.47
N MET F 129 -6.47 2.54 20.59
CA MET F 129 -6.27 1.65 19.45
C MET F 129 -7.58 1.07 18.96
N ILE F 130 -8.41 0.57 19.89
CA ILE F 130 -9.54 -0.23 19.44
C ILE F 130 -10.65 0.66 18.93
N LEU F 131 -10.77 1.87 19.48
CA LEU F 131 -11.77 2.80 18.99
C LEU F 131 -11.46 3.28 17.58
N ILE F 132 -10.17 3.40 17.21
CA ILE F 132 -9.85 3.55 15.80
C ILE F 132 -10.13 2.27 15.04
N LEU F 133 -9.78 1.14 15.65
CA LEU F 133 -9.94 -0.18 15.03
C LEU F 133 -11.41 -0.50 14.74
N ILE F 134 -12.32 -0.10 15.64
CA ILE F 134 -13.74 -0.32 15.42
C ILE F 134 -14.22 0.42 14.18
N PHE F 135 -13.73 1.64 14.00
CA PHE F 135 -14.07 2.45 12.84
C PHE F 135 -13.62 1.78 11.56
N ALA F 136 -12.44 1.16 11.58
CA ALA F 136 -11.97 0.48 10.40
C ALA F 136 -12.64 -0.87 10.21
N GLU F 137 -13.40 -1.33 11.21
CA GLU F 137 -14.11 -2.60 11.19
C GLU F 137 -15.53 -2.38 10.69
N VAL F 138 -16.19 -1.35 11.19
CA VAL F 138 -17.57 -1.16 10.79
C VAL F 138 -17.69 -0.58 9.40
N LEU F 139 -16.61 -0.14 8.79
CA LEU F 139 -16.67 0.12 7.37
C LEU F 139 -16.91 -1.15 6.56
N GLY F 140 -16.40 -2.28 7.06
CA GLY F 140 -16.80 -3.56 6.50
C GLY F 140 -18.19 -3.95 6.93
N LEU F 141 -18.60 -3.49 8.10
CA LEU F 141 -19.99 -3.76 8.47
C LEU F 141 -20.96 -2.87 7.70
N TYR F 142 -20.54 -1.67 7.29
CA TYR F 142 -21.34 -0.80 6.44
C TYR F 142 -21.47 -1.40 5.08
N GLY F 143 -20.42 -2.09 4.63
CA GLY F 143 -20.54 -2.79 3.38
C GLY F 143 -21.53 -3.91 3.55
N LEU F 144 -21.47 -4.61 4.70
CA LEU F 144 -22.40 -5.71 4.96
C LEU F 144 -23.84 -5.23 5.04
N ILE F 145 -24.08 -4.03 5.62
CA ILE F 145 -25.46 -3.52 5.73
C ILE F 145 -26.07 -3.28 4.36
N VAL F 146 -25.29 -2.77 3.42
CA VAL F 146 -25.78 -2.52 2.06
C VAL F 146 -26.17 -3.84 1.42
N ALA F 147 -25.34 -4.86 1.60
CA ALA F 147 -25.59 -6.18 1.03
C ALA F 147 -26.87 -6.81 1.57
N LEU F 148 -27.09 -6.73 2.88
CA LEU F 148 -28.31 -7.26 3.50
C LEU F 148 -29.54 -6.52 3.01
N LEU F 149 -29.43 -5.20 2.94
CA LEU F 149 -30.50 -4.33 2.48
C LEU F 149 -30.79 -4.58 1.00
N LEU F 150 -29.75 -4.83 0.22
CA LEU F 150 -29.90 -5.07 -1.21
C LEU F 150 -30.31 -6.50 -1.50
N ASN F 151 -29.89 -7.46 -0.66
CA ASN F 151 -30.41 -8.82 -0.77
C ASN F 151 -31.83 -8.94 -0.26
N SER F 152 -32.33 -7.95 0.49
CA SER F 152 -33.72 -8.02 0.92
C SER F 152 -34.71 -7.76 -0.20
N ARG F 153 -34.23 -7.35 -1.38
CA ARG F 153 -35.08 -7.11 -2.55
C ARG F 153 -34.97 -8.22 -3.61
N ALA F 154 -34.60 -9.43 -3.22
CA ALA F 154 -34.60 -10.56 -4.14
C ALA F 154 -35.94 -11.27 -4.04
N THR F 155 -36.66 -11.32 -5.16
CA THR F 155 -38.00 -11.90 -5.31
C THR F 155 -38.99 -11.32 -4.31
N THR G 2 -28.60 -27.48 -25.62
CA THR G 2 -29.72 -26.59 -25.92
C THR G 2 -29.36 -25.16 -25.56
N GLU G 3 -30.33 -24.42 -25.03
CA GLU G 3 -30.08 -23.04 -24.63
C GLU G 3 -29.47 -22.98 -23.24
N LEU G 4 -30.06 -23.72 -22.29
CA LEU G 4 -29.55 -23.74 -20.92
C LEU G 4 -28.23 -24.49 -20.81
N CYS G 5 -27.99 -25.45 -21.70
CA CYS G 5 -26.77 -26.26 -21.68
C CYS G 5 -25.98 -26.11 -22.97
N PRO G 6 -25.14 -25.08 -23.06
CA PRO G 6 -24.36 -24.87 -24.29
C PRO G 6 -23.05 -25.65 -24.26
N VAL G 7 -22.40 -25.69 -25.42
CA VAL G 7 -21.18 -26.49 -25.53
C VAL G 7 -20.01 -25.85 -24.80
N TYR G 8 -20.03 -24.55 -24.62
CA TYR G 8 -18.99 -23.83 -23.91
C TYR G 8 -19.21 -23.79 -22.41
N ALA G 9 -20.26 -24.43 -21.90
CA ALA G 9 -20.53 -24.51 -20.47
C ALA G 9 -19.53 -25.34 -19.66
N PRO G 10 -18.94 -26.44 -20.14
CA PRO G 10 -17.85 -27.05 -19.35
C PRO G 10 -16.54 -26.28 -19.33
N PHE G 11 -16.42 -25.14 -20.02
CA PHE G 11 -15.20 -24.35 -19.88
C PHE G 11 -15.09 -23.76 -18.49
N PHE G 12 -16.20 -23.27 -17.95
CA PHE G 12 -16.15 -22.64 -16.65
C PHE G 12 -16.07 -23.65 -15.53
N GLY G 13 -16.35 -24.92 -15.82
CA GLY G 13 -16.16 -25.93 -14.80
C GLY G 13 -14.78 -26.51 -14.88
N ALA G 14 -14.20 -26.54 -16.08
CA ALA G 14 -12.84 -27.02 -16.19
C ALA G 14 -11.88 -25.99 -15.61
N ILE G 15 -12.20 -24.71 -15.69
CA ILE G 15 -11.30 -23.77 -15.03
C ILE G 15 -11.81 -23.47 -13.63
N GLY G 16 -12.87 -24.15 -13.22
CA GLY G 16 -13.28 -24.04 -11.84
C GLY G 16 -12.57 -25.10 -11.05
N CYS G 17 -12.48 -26.31 -11.60
CA CYS G 17 -11.70 -27.36 -10.96
C CYS G 17 -10.22 -27.18 -11.21
N ALA G 18 -9.83 -26.38 -12.20
CA ALA G 18 -8.42 -26.06 -12.35
C ALA G 18 -8.02 -25.01 -11.33
N SER G 19 -8.74 -23.88 -11.28
CA SER G 19 -8.39 -22.79 -10.39
C SER G 19 -8.66 -23.10 -8.93
N ALA G 20 -9.47 -24.14 -8.64
CA ALA G 20 -9.65 -24.62 -7.29
C ALA G 20 -8.41 -25.26 -6.71
N ILE G 21 -7.51 -25.77 -7.54
CA ILE G 21 -6.29 -26.36 -7.02
C ILE G 21 -5.06 -25.59 -7.44
N ILE G 22 -5.16 -24.73 -8.45
CA ILE G 22 -4.12 -23.77 -8.75
C ILE G 22 -3.99 -22.76 -7.63
N PHE G 23 -5.07 -22.03 -7.31
CA PHE G 23 -4.88 -20.94 -6.38
C PHE G 23 -4.77 -21.41 -4.93
N THR G 24 -5.15 -22.66 -4.65
CA THR G 24 -4.85 -23.20 -3.34
C THR G 24 -3.43 -23.70 -3.28
N SER G 25 -2.91 -24.34 -4.34
CA SER G 25 -1.51 -24.72 -4.29
C SER G 25 -0.59 -23.51 -4.35
N LEU G 26 -0.99 -22.42 -5.02
CA LEU G 26 -0.23 -21.17 -4.92
C LEU G 26 -0.26 -20.56 -3.52
N GLY G 27 -1.37 -20.69 -2.79
CA GLY G 27 -1.31 -20.21 -1.42
C GLY G 27 -0.66 -21.18 -0.47
N ALA G 28 -0.82 -22.46 -0.71
CA ALA G 28 -0.17 -23.45 0.12
C ALA G 28 1.33 -23.48 -0.14
N ALA G 29 1.74 -23.18 -1.37
CA ALA G 29 3.16 -23.04 -1.66
C ALA G 29 3.73 -21.80 -1.02
N TYR G 30 2.97 -20.70 -0.98
CA TYR G 30 3.50 -19.53 -0.29
C TYR G 30 3.55 -19.73 1.21
N GLY G 31 2.64 -20.54 1.74
CA GLY G 31 2.65 -20.83 3.16
C GLY G 31 3.65 -21.88 3.53
N THR G 32 4.04 -22.71 2.58
CA THR G 32 5.05 -23.72 2.84
C THR G 32 6.44 -23.15 2.63
N ALA G 33 6.70 -22.53 1.48
CA ALA G 33 8.01 -21.97 1.19
C ALA G 33 8.38 -20.82 2.11
N LYS G 34 7.47 -19.86 2.33
CA LYS G 34 7.79 -18.73 3.20
C LYS G 34 8.05 -19.20 4.64
N SER G 35 7.22 -20.11 5.15
CA SER G 35 7.44 -20.66 6.49
C SER G 35 8.72 -21.49 6.51
N GLY G 36 8.99 -22.27 5.45
CA GLY G 36 10.19 -23.09 5.39
C GLY G 36 11.46 -22.27 5.39
N VAL G 37 11.47 -21.15 4.68
CA VAL G 37 12.67 -20.34 4.70
C VAL G 37 12.76 -19.66 6.06
N GLY G 38 11.62 -19.46 6.75
CA GLY G 38 11.79 -19.03 8.12
C GLY G 38 12.12 -20.14 9.09
N ILE G 39 11.99 -21.40 8.65
CA ILE G 39 12.47 -22.54 9.44
C ILE G 39 13.98 -22.58 9.37
N CYS G 40 14.51 -22.68 8.15
CA CYS G 40 15.95 -22.86 7.98
C CYS G 40 16.72 -21.58 8.21
N ALA G 41 16.06 -20.42 8.25
CA ALA G 41 16.75 -19.20 8.67
C ALA G 41 17.12 -19.28 10.14
N THR G 42 16.24 -19.87 10.94
CA THR G 42 16.46 -20.18 12.34
C THR G 42 16.90 -21.64 12.46
N CYS G 43 16.85 -22.16 13.70
CA CYS G 43 17.19 -23.55 14.06
C CYS G 43 18.63 -23.90 13.67
N VAL G 44 19.52 -22.91 13.72
CA VAL G 44 20.94 -23.16 13.69
C VAL G 44 21.60 -22.91 15.04
N LEU G 45 20.94 -22.18 15.95
CA LEU G 45 21.38 -22.06 17.32
C LEU G 45 20.55 -22.91 18.28
N ARG G 46 19.31 -23.22 17.92
CA ARG G 46 18.43 -24.08 18.72
C ARG G 46 17.79 -25.10 17.79
N PRO G 47 18.54 -26.12 17.38
CA PRO G 47 18.01 -27.07 16.40
C PRO G 47 17.09 -28.13 16.99
N ASP G 48 17.01 -28.23 18.32
CA ASP G 48 16.19 -29.24 18.95
C ASP G 48 14.71 -28.86 19.03
N LEU G 49 14.34 -27.67 18.57
CA LEU G 49 12.95 -27.23 18.53
C LEU G 49 12.55 -27.16 17.06
N LEU G 50 12.12 -28.30 16.53
CA LEU G 50 11.83 -28.43 15.11
C LEU G 50 10.46 -29.05 14.82
N PHE G 51 9.90 -29.84 15.72
CA PHE G 51 8.58 -30.43 15.52
C PHE G 51 7.48 -29.63 16.19
N LYS G 52 7.75 -28.37 16.52
CA LYS G 52 6.72 -27.47 17.04
C LYS G 52 6.73 -26.13 16.31
N ASN G 53 7.52 -25.98 15.26
CA ASN G 53 7.37 -24.88 14.32
C ASN G 53 7.09 -25.38 12.91
N ILE G 54 6.81 -26.68 12.75
CA ILE G 54 6.28 -27.22 11.51
C ILE G 54 4.77 -27.06 11.44
N VAL G 55 4.17 -26.43 12.46
CA VAL G 55 2.74 -26.13 12.41
C VAL G 55 2.32 -25.24 11.24
N PRO G 56 3.03 -24.15 10.89
CA PRO G 56 2.61 -23.43 9.67
C PRO G 56 2.80 -24.21 8.38
N VAL G 57 3.73 -25.16 8.33
CA VAL G 57 3.95 -25.93 7.12
C VAL G 57 2.88 -27.02 6.97
N ILE G 58 2.44 -27.62 8.08
CA ILE G 58 1.41 -28.65 8.02
C ILE G 58 0.06 -27.97 7.89
N MET G 59 -0.03 -26.74 8.40
CA MET G 59 -1.22 -25.94 8.28
C MET G 59 -1.43 -25.49 6.84
N ALA G 60 -0.34 -25.08 6.19
CA ALA G 60 -0.39 -24.65 4.79
C ALA G 60 -0.79 -25.81 3.90
N GLY G 61 -0.27 -27.00 4.21
CA GLY G 61 -0.61 -28.19 3.43
C GLY G 61 -2.09 -28.48 3.50
N ILE G 62 -2.70 -28.25 4.67
CA ILE G 62 -4.13 -28.48 4.85
C ILE G 62 -4.94 -27.62 3.88
N ILE G 63 -4.53 -26.35 3.67
CA ILE G 63 -5.23 -25.48 2.70
C ILE G 63 -5.28 -26.13 1.32
N ALA G 64 -4.16 -26.73 0.90
CA ALA G 64 -4.08 -27.44 -0.37
C ALA G 64 -5.13 -28.53 -0.46
N ILE G 65 -5.32 -29.25 0.66
CA ILE G 65 -6.32 -30.31 0.76
C ILE G 65 -7.72 -29.75 0.49
N TYR G 66 -8.03 -28.55 1.01
CA TYR G 66 -9.33 -27.93 0.75
C TYR G 66 -9.58 -27.80 -0.75
N GLY G 67 -8.53 -27.40 -1.47
CA GLY G 67 -8.61 -27.30 -2.91
C GLY G 67 -8.76 -28.65 -3.56
N LEU G 68 -8.06 -29.65 -3.04
CA LEU G 68 -8.17 -30.98 -3.63
C LEU G 68 -9.52 -31.62 -3.35
N VAL G 69 -10.13 -31.32 -2.20
CA VAL G 69 -11.46 -31.82 -1.88
C VAL G 69 -12.51 -31.21 -2.77
N VAL G 70 -12.38 -29.92 -3.05
CA VAL G 70 -13.39 -29.35 -3.91
C VAL G 70 -13.11 -29.73 -5.35
N SER G 71 -11.85 -29.78 -5.76
CA SER G 71 -11.53 -30.04 -7.14
C SER G 71 -11.67 -31.52 -7.50
N VAL G 72 -11.84 -32.40 -6.51
CA VAL G 72 -12.28 -33.76 -6.77
C VAL G 72 -13.79 -33.84 -6.63
N LEU G 73 -14.41 -32.82 -6.03
CA LEU G 73 -15.86 -32.84 -5.86
C LEU G 73 -16.58 -31.90 -6.82
N VAL G 74 -15.87 -30.90 -7.35
CA VAL G 74 -16.41 -30.08 -8.43
C VAL G 74 -16.06 -30.68 -9.78
N CYS G 75 -15.34 -31.80 -9.78
CA CYS G 75 -15.02 -32.60 -10.96
C CYS G 75 -15.95 -33.78 -11.15
N TYR G 76 -16.59 -34.26 -10.08
CA TYR G 76 -17.60 -35.29 -10.22
C TYR G 76 -18.93 -34.76 -10.72
N SER G 77 -19.08 -33.44 -10.83
CA SER G 77 -20.28 -32.85 -11.40
C SER G 77 -20.06 -32.33 -12.81
N LEU G 78 -18.86 -32.43 -13.35
CA LEU G 78 -18.61 -32.07 -14.73
C LEU G 78 -19.23 -33.07 -15.68
N GLY G 79 -19.37 -32.65 -16.91
CA GLY G 79 -20.01 -33.45 -17.93
C GLY G 79 -20.01 -32.68 -19.22
N GLN G 80 -20.16 -33.42 -20.31
CA GLN G 80 -20.21 -32.81 -21.63
C GLN G 80 -21.45 -31.95 -21.77
N LYS G 81 -22.61 -32.52 -21.46
CA LYS G 81 -23.86 -31.81 -21.56
C LYS G 81 -24.28 -31.41 -20.14
N GLN G 82 -23.71 -30.32 -19.67
CA GLN G 82 -24.12 -29.75 -18.40
C GLN G 82 -24.66 -28.35 -18.65
N ALA G 83 -25.52 -27.92 -17.75
CA ALA G 83 -26.10 -26.59 -17.88
C ALA G 83 -25.05 -25.54 -17.58
N LEU G 84 -25.25 -24.36 -18.17
CA LEU G 84 -24.35 -23.24 -17.95
C LEU G 84 -24.40 -22.75 -16.51
N TYR G 85 -25.54 -22.90 -15.85
CA TYR G 85 -25.65 -22.61 -14.42
C TYR G 85 -24.72 -23.47 -13.60
N THR G 86 -24.58 -24.76 -13.95
CA THR G 86 -23.67 -25.62 -13.23
C THR G 86 -22.22 -25.20 -13.45
N GLY G 87 -21.87 -24.84 -14.69
CA GLY G 87 -20.52 -24.34 -14.94
C GLY G 87 -20.22 -23.03 -14.25
N PHE G 88 -21.23 -22.15 -14.11
CA PHE G 88 -21.06 -20.93 -13.36
C PHE G 88 -20.87 -21.19 -11.87
N ILE G 89 -21.54 -22.21 -11.35
CA ILE G 89 -21.34 -22.62 -9.97
C ILE G 89 -19.95 -23.21 -9.78
N GLN G 90 -19.52 -24.06 -10.70
CA GLN G 90 -18.20 -24.68 -10.59
C GLN G 90 -17.08 -23.65 -10.72
N LEU G 91 -17.28 -22.64 -11.56
CA LEU G 91 -16.40 -21.47 -11.58
C LEU G 91 -16.43 -20.68 -10.27
N GLY G 92 -17.62 -20.44 -9.72
CA GLY G 92 -17.71 -19.65 -8.51
C GLY G 92 -17.21 -20.39 -7.30
N ALA G 93 -17.34 -21.71 -7.30
CA ALA G 93 -16.86 -22.54 -6.20
C ALA G 93 -15.35 -22.61 -6.25
N GLY G 94 -14.78 -22.84 -7.43
CA GLY G 94 -13.34 -22.97 -7.52
C GLY G 94 -12.64 -21.64 -7.28
N LEU G 95 -13.25 -20.54 -7.72
CA LEU G 95 -12.65 -19.24 -7.41
C LEU G 95 -12.84 -18.87 -5.95
N SER G 96 -13.90 -19.34 -5.31
CA SER G 96 -14.13 -18.98 -3.91
C SER G 96 -13.27 -19.77 -2.97
N VAL G 97 -12.92 -21.00 -3.35
CA VAL G 97 -12.01 -21.77 -2.51
C VAL G 97 -10.56 -21.44 -2.86
N GLY G 98 -10.28 -21.02 -4.10
CA GLY G 98 -8.92 -20.82 -4.51
C GLY G 98 -8.42 -19.47 -4.09
N LEU G 99 -9.16 -18.42 -4.41
CA LEU G 99 -8.71 -17.08 -4.12
C LEU G 99 -8.82 -16.76 -2.65
N SER G 100 -9.66 -17.48 -1.90
CA SER G 100 -9.59 -17.42 -0.44
C SER G 100 -8.54 -18.37 0.13
N GLY G 101 -8.21 -19.46 -0.56
CA GLY G 101 -7.15 -20.35 -0.13
C GLY G 101 -5.82 -19.62 -0.24
N LEU G 102 -5.65 -18.87 -1.33
CA LEU G 102 -4.45 -18.10 -1.58
C LEU G 102 -4.29 -17.04 -0.51
N ALA G 103 -5.41 -16.38 -0.13
CA ALA G 103 -5.37 -15.37 0.92
C ALA G 103 -4.95 -16.01 2.23
N ALA G 104 -5.47 -17.21 2.51
CA ALA G 104 -5.10 -17.95 3.71
C ALA G 104 -3.62 -18.28 3.69
N GLY G 105 -3.13 -18.70 2.53
CA GLY G 105 -1.72 -19.02 2.38
C GLY G 105 -0.81 -17.82 2.60
N PHE G 106 -1.21 -16.67 2.06
CA PHE G 106 -0.43 -15.45 2.29
C PHE G 106 -0.45 -15.11 3.77
N ALA G 107 -1.62 -15.29 4.38
CA ALA G 107 -1.81 -15.01 5.80
C ALA G 107 -0.93 -15.89 6.67
N ILE G 108 -0.78 -17.17 6.34
CA ILE G 108 0.07 -18.02 7.17
C ILE G 108 1.47 -18.16 6.60
N GLY G 109 1.79 -17.36 5.60
CA GLY G 109 3.10 -17.29 5.03
C GLY G 109 3.79 -16.19 5.78
N ILE G 110 3.18 -15.00 5.72
CA ILE G 110 3.73 -13.83 6.41
C ILE G 110 3.70 -14.03 7.92
N VAL G 111 2.59 -14.54 8.48
CA VAL G 111 2.55 -14.75 9.91
C VAL G 111 3.54 -15.85 10.34
N GLY G 112 3.66 -16.91 9.52
CA GLY G 112 4.54 -18.01 9.86
C GLY G 112 6.03 -17.75 9.99
N ASP G 113 6.64 -17.00 9.07
CA ASP G 113 8.08 -16.79 9.19
C ASP G 113 8.40 -15.96 10.44
N ALA G 114 7.57 -14.96 10.70
CA ALA G 114 7.74 -14.09 11.85
C ALA G 114 7.65 -14.85 13.17
N GLY G 115 6.67 -15.76 13.30
CA GLY G 115 6.56 -16.53 14.52
C GLY G 115 7.73 -17.47 14.75
N VAL G 116 8.17 -18.16 13.69
CA VAL G 116 9.29 -19.10 13.77
C VAL G 116 10.59 -18.36 14.11
N ARG G 117 10.79 -17.19 13.52
CA ARG G 117 12.01 -16.45 13.79
C ARG G 117 11.95 -15.71 15.11
N GLY G 118 10.78 -15.30 15.56
CA GLY G 118 10.74 -14.72 16.89
C GLY G 118 10.66 -15.74 18.00
N SER G 119 10.46 -17.02 17.67
CA SER G 119 10.43 -18.04 18.70
C SER G 119 11.81 -18.44 19.19
N SER G 120 12.87 -18.02 18.48
CA SER G 120 14.23 -18.28 18.94
C SER G 120 14.60 -17.49 20.18
N GLN G 121 13.99 -16.32 20.38
CA GLN G 121 14.29 -15.48 21.54
C GLN G 121 13.32 -15.70 22.70
N GLN G 122 12.17 -16.35 22.45
CA GLN G 122 11.22 -16.65 23.49
C GLN G 122 10.46 -17.89 23.07
N PRO G 123 10.46 -18.95 23.88
CA PRO G 123 9.72 -20.17 23.50
C PRO G 123 8.24 -20.12 23.84
N ARG G 124 7.76 -19.10 24.54
CA ARG G 124 6.35 -19.00 24.89
C ARG G 124 5.54 -18.18 23.89
N LEU G 125 6.13 -17.79 22.76
CA LEU G 125 5.38 -17.16 21.68
C LEU G 125 4.43 -18.12 20.98
N PHE G 126 4.66 -19.42 21.10
CA PHE G 126 3.88 -20.43 20.38
C PHE G 126 2.42 -20.50 20.84
N VAL G 127 2.13 -20.02 22.05
CA VAL G 127 0.80 -20.14 22.63
C VAL G 127 -0.19 -19.26 21.86
N GLY G 128 0.23 -18.06 21.48
CA GLY G 128 -0.65 -17.23 20.72
C GLY G 128 -0.31 -17.30 19.25
N MET G 129 0.87 -17.87 18.93
CA MET G 129 1.25 -18.05 17.54
C MET G 129 0.34 -19.05 16.87
N ILE G 130 0.03 -20.15 17.57
CA ILE G 130 -0.86 -21.18 17.04
C ILE G 130 -2.26 -20.61 16.87
N LEU G 131 -2.72 -19.81 17.83
CA LEU G 131 -4.05 -19.22 17.75
C LEU G 131 -4.16 -18.26 16.55
N ILE G 132 -3.10 -17.47 16.30
CA ILE G 132 -3.09 -16.56 15.16
C ILE G 132 -3.15 -17.36 13.88
N LEU G 133 -2.43 -18.49 13.85
CA LEU G 133 -2.45 -19.33 12.67
C LEU G 133 -3.81 -19.97 12.47
N ILE G 134 -4.53 -20.24 13.56
CA ILE G 134 -5.86 -20.82 13.47
C ILE G 134 -6.81 -19.83 12.84
N PHE G 135 -6.77 -18.57 13.31
CA PHE G 135 -7.61 -17.52 12.74
C PHE G 135 -7.26 -17.28 11.28
N ALA G 136 -5.98 -17.26 10.96
CA ALA G 136 -5.64 -17.12 9.55
C ALA G 136 -6.11 -18.34 8.74
N GLU G 137 -6.03 -19.54 9.33
CA GLU G 137 -6.49 -20.75 8.66
C GLU G 137 -8.00 -20.81 8.40
N VAL G 138 -8.83 -20.17 9.25
CA VAL G 138 -10.29 -20.25 9.10
C VAL G 138 -10.74 -19.66 7.77
N LEU G 139 -10.02 -18.65 7.26
CA LEU G 139 -10.40 -18.03 5.99
C LEU G 139 -10.43 -19.06 4.86
N GLY G 140 -9.45 -19.98 4.85
CA GLY G 140 -9.46 -21.04 3.86
C GLY G 140 -10.68 -21.94 4.01
N LEU G 141 -11.08 -22.22 5.25
CA LEU G 141 -12.24 -23.04 5.51
C LEU G 141 -13.53 -22.28 5.28
N TYR G 142 -13.49 -20.96 5.34
CA TYR G 142 -14.63 -20.17 4.93
C TYR G 142 -14.80 -20.26 3.42
N GLY G 143 -13.69 -20.26 2.69
CA GLY G 143 -13.79 -20.48 1.25
C GLY G 143 -14.21 -21.90 0.90
N LEU G 144 -13.94 -22.85 1.79
CA LEU G 144 -14.43 -24.21 1.54
C LEU G 144 -15.90 -24.33 1.89
N ILE G 145 -16.33 -23.71 2.98
CA ILE G 145 -17.72 -23.86 3.39
C ILE G 145 -18.61 -22.97 2.54
N VAL G 146 -18.05 -22.01 1.81
CA VAL G 146 -18.75 -21.39 0.71
C VAL G 146 -18.82 -22.33 -0.48
N ALA G 147 -17.67 -22.85 -0.93
CA ALA G 147 -17.70 -23.66 -2.14
C ALA G 147 -18.30 -25.05 -1.96
N LEU G 148 -18.67 -25.46 -0.75
CA LEU G 148 -19.48 -26.67 -0.56
C LEU G 148 -20.97 -26.41 -0.53
N LEU G 149 -21.38 -25.27 0.01
CA LEU G 149 -22.78 -24.88 -0.14
C LEU G 149 -23.06 -24.46 -1.56
N LEU G 150 -22.07 -23.89 -2.21
CA LEU G 150 -22.24 -23.43 -3.56
C LEU G 150 -22.23 -24.65 -4.50
N ASN G 151 -21.43 -25.67 -4.18
CA ASN G 151 -21.38 -26.87 -4.99
C ASN G 151 -22.61 -27.75 -4.78
N SER G 152 -23.30 -27.60 -3.65
CA SER G 152 -24.48 -28.43 -3.42
C SER G 152 -25.65 -27.95 -4.27
N ARG G 153 -25.66 -26.66 -4.62
CA ARG G 153 -26.63 -26.12 -5.55
C ARG G 153 -26.47 -26.65 -6.97
N ALA G 154 -25.26 -27.07 -7.35
CA ALA G 154 -25.07 -27.66 -8.67
C ALA G 154 -25.78 -29.00 -8.74
N THR G 155 -26.51 -29.20 -9.84
CA THR G 155 -27.32 -30.38 -10.12
C THR G 155 -28.37 -30.59 -9.02
N GLN G 156 -28.94 -29.49 -8.54
CA GLN G 156 -30.05 -29.49 -7.60
C GLN G 156 -31.18 -28.71 -8.24
N ASP G 157 -32.20 -29.44 -8.70
CA ASP G 157 -33.33 -28.89 -9.47
C ASP G 157 -32.83 -28.16 -10.71
N VAL G 158 -31.84 -28.73 -11.37
CA VAL G 158 -31.26 -28.17 -12.58
C VAL G 158 -32.05 -28.73 -13.75
N VAL G 159 -32.11 -27.97 -14.84
CA VAL G 159 -32.84 -28.35 -16.04
C VAL G 159 -31.93 -28.11 -17.23
N CYS G 160 -31.79 -29.09 -18.10
CA CYS G 160 -30.96 -28.92 -19.29
C CYS G 160 -31.72 -29.36 -20.54
N THR H 2 -20.54 -30.15 -36.68
CA THR H 2 -21.18 -30.65 -35.47
C THR H 2 -20.79 -29.76 -34.30
N GLU H 3 -21.78 -29.27 -33.56
CA GLU H 3 -21.51 -28.31 -32.49
C GLU H 3 -20.89 -28.93 -31.26
N LEU H 4 -21.05 -30.23 -31.04
CA LEU H 4 -20.37 -30.86 -29.91
C LEU H 4 -18.88 -31.02 -30.18
N CYS H 5 -18.51 -31.31 -31.43
CA CYS H 5 -17.12 -31.51 -31.81
C CYS H 5 -16.76 -30.54 -32.93
N PRO H 6 -16.45 -29.29 -32.59
CA PRO H 6 -16.10 -28.30 -33.60
C PRO H 6 -14.66 -28.53 -34.08
N VAL H 7 -14.22 -27.65 -34.98
CA VAL H 7 -12.89 -27.81 -35.56
C VAL H 7 -11.82 -27.10 -34.73
N TYR H 8 -12.18 -26.11 -33.94
CA TYR H 8 -11.26 -25.42 -33.05
C TYR H 8 -11.13 -26.10 -31.70
N ALA H 9 -11.79 -27.23 -31.50
CA ALA H 9 -11.69 -27.99 -30.27
C ALA H 9 -10.32 -28.60 -29.96
N PRO H 10 -9.51 -29.10 -30.91
CA PRO H 10 -8.16 -29.54 -30.51
C PRO H 10 -7.19 -28.44 -30.15
N PHE H 11 -7.58 -27.16 -30.25
CA PHE H 11 -6.70 -26.07 -29.82
C PHE H 11 -6.46 -26.16 -28.33
N PHE H 12 -7.53 -26.36 -27.58
CA PHE H 12 -7.44 -26.36 -26.13
C PHE H 12 -6.72 -27.60 -25.63
N GLY H 13 -6.78 -28.70 -26.39
CA GLY H 13 -5.98 -29.85 -26.05
C GLY H 13 -4.52 -29.70 -26.43
N ALA H 14 -4.24 -28.99 -27.52
CA ALA H 14 -2.84 -28.83 -27.92
C ALA H 14 -2.12 -27.87 -27.00
N ILE H 15 -2.83 -26.90 -26.44
CA ILE H 15 -2.19 -26.05 -25.43
C ILE H 15 -2.56 -26.52 -24.04
N GLY H 16 -3.17 -27.69 -23.93
CA GLY H 16 -3.36 -28.39 -22.68
C GLY H 16 -2.20 -29.34 -22.48
N CYS H 17 -1.72 -29.93 -23.58
CA CYS H 17 -0.52 -30.76 -23.54
C CYS H 17 0.76 -29.94 -23.65
N ALA H 18 0.70 -28.74 -24.21
CA ALA H 18 1.88 -27.89 -24.20
C ALA H 18 2.09 -27.31 -22.81
N SER H 19 1.05 -26.69 -22.27
CA SER H 19 1.16 -26.00 -20.99
C SER H 19 1.23 -26.95 -19.81
N ALA H 20 1.09 -28.25 -20.03
CA ALA H 20 1.31 -29.20 -18.95
C ALA H 20 2.78 -29.42 -18.65
N ILE H 21 3.67 -29.19 -19.62
CA ILE H 21 5.11 -29.16 -19.35
C ILE H 21 5.69 -27.77 -19.34
N ILE H 22 5.02 -26.77 -19.93
CA ILE H 22 5.60 -25.43 -19.92
C ILE H 22 5.65 -24.90 -18.51
N PHE H 23 4.52 -24.89 -17.81
CA PHE H 23 4.50 -24.36 -16.47
C PHE H 23 5.10 -25.34 -15.48
N THR H 24 5.11 -26.62 -15.83
CA THR H 24 5.72 -27.61 -14.95
C THR H 24 7.23 -27.52 -15.00
N SER H 25 7.83 -27.57 -16.18
CA SER H 25 9.28 -27.46 -16.25
C SER H 25 9.75 -26.02 -16.08
N LEU H 26 8.85 -25.03 -16.03
CA LEU H 26 9.25 -23.72 -15.58
C LEU H 26 9.17 -23.57 -14.07
N GLY H 27 8.38 -24.42 -13.42
CA GLY H 27 8.46 -24.43 -11.98
C GLY H 27 9.58 -25.34 -11.55
N ALA H 28 9.83 -26.40 -12.29
CA ALA H 28 10.99 -27.23 -12.02
C ALA H 28 12.30 -26.62 -12.49
N ALA H 29 12.24 -25.56 -13.31
CA ALA H 29 13.44 -24.80 -13.59
C ALA H 29 13.68 -23.77 -12.51
N TYR H 30 12.62 -23.18 -11.97
CA TYR H 30 12.82 -22.35 -10.79
C TYR H 30 13.10 -23.21 -9.56
N GLY H 31 12.79 -24.50 -9.63
CA GLY H 31 13.14 -25.45 -8.59
C GLY H 31 14.60 -25.83 -8.64
N THR H 32 15.15 -26.02 -9.83
CA THR H 32 16.53 -26.49 -9.94
C THR H 32 17.54 -25.35 -9.93
N ALA H 33 17.21 -24.20 -10.54
CA ALA H 33 18.11 -23.06 -10.55
C ALA H 33 18.22 -22.41 -9.19
N LYS H 34 17.10 -22.13 -8.53
CA LYS H 34 17.13 -21.50 -7.20
C LYS H 34 17.79 -22.42 -6.17
N SER H 35 17.43 -23.70 -6.14
CA SER H 35 18.08 -24.60 -5.21
C SER H 35 19.55 -24.79 -5.58
N GLY H 36 19.83 -24.83 -6.89
CA GLY H 36 21.19 -25.04 -7.36
C GLY H 36 22.20 -23.98 -6.96
N VAL H 37 21.80 -22.69 -7.01
CA VAL H 37 22.74 -21.63 -6.61
C VAL H 37 23.10 -21.80 -5.14
N GLY H 38 22.10 -22.10 -4.31
CA GLY H 38 22.31 -22.30 -2.89
C GLY H 38 23.21 -23.49 -2.56
N ILE H 39 23.02 -24.60 -3.28
CA ILE H 39 23.81 -25.80 -3.02
C ILE H 39 25.24 -25.64 -3.50
N CYS H 40 25.42 -25.05 -4.68
CA CYS H 40 26.76 -24.86 -5.24
C CYS H 40 27.61 -23.95 -4.38
N ALA H 41 27.01 -22.86 -3.87
CA ALA H 41 27.73 -21.91 -3.03
C ALA H 41 28.22 -22.55 -1.74
N THR H 42 27.41 -23.40 -1.14
CA THR H 42 27.79 -24.05 0.12
C THR H 42 28.62 -25.32 -0.09
N CYS H 43 28.74 -25.81 -1.33
CA CYS H 43 29.50 -27.02 -1.59
C CYS H 43 31.00 -26.80 -1.55
N VAL H 44 31.46 -25.56 -1.74
CA VAL H 44 32.90 -25.29 -1.72
C VAL H 44 33.44 -25.37 -0.28
N LEU H 45 32.60 -25.11 0.71
CA LEU H 45 33.04 -25.20 2.10
C LEU H 45 33.13 -26.64 2.57
N ARG H 46 32.20 -27.50 2.14
CA ARG H 46 32.20 -28.91 2.52
C ARG H 46 32.03 -29.75 1.27
N PRO H 47 33.04 -30.51 0.87
CA PRO H 47 32.94 -31.25 -0.40
C PRO H 47 32.20 -32.57 -0.25
N ASP H 48 32.25 -33.17 0.94
CA ASP H 48 31.71 -34.51 1.13
C ASP H 48 30.20 -34.53 1.20
N LEU H 49 29.55 -33.40 1.49
CA LEU H 49 28.10 -33.33 1.57
C LEU H 49 27.52 -32.84 0.24
N LEU H 50 27.73 -33.65 -0.79
CA LEU H 50 27.29 -33.33 -2.14
C LEU H 50 26.10 -34.14 -2.58
N PHE H 51 26.17 -35.47 -2.46
CA PHE H 51 25.05 -36.32 -2.83
C PHE H 51 23.91 -36.29 -1.82
N LYS H 52 24.16 -35.78 -0.60
CA LYS H 52 23.11 -35.63 0.39
C LYS H 52 22.35 -34.32 0.25
N ASN H 53 22.79 -33.43 -0.64
CA ASN H 53 22.22 -32.08 -0.73
C ASN H 53 21.55 -31.81 -2.07
N ILE H 54 21.54 -32.74 -3.00
CA ILE H 54 20.91 -32.55 -4.28
C ILE H 54 19.48 -33.10 -4.31
N VAL H 55 18.88 -33.32 -3.15
CA VAL H 55 17.48 -33.72 -3.08
C VAL H 55 16.45 -32.65 -3.47
N PRO H 56 16.67 -31.31 -3.36
CA PRO H 56 15.70 -30.41 -4.00
C PRO H 56 15.76 -30.43 -5.52
N VAL H 57 16.87 -30.89 -6.10
CA VAL H 57 16.96 -30.92 -7.54
C VAL H 57 16.25 -32.18 -8.06
N ILE H 58 16.32 -33.26 -7.29
CA ILE H 58 15.59 -34.48 -7.63
C ILE H 58 14.10 -34.22 -7.47
N MET H 59 13.69 -33.62 -6.35
CA MET H 59 12.28 -33.37 -6.16
C MET H 59 11.76 -32.26 -7.06
N ALA H 60 12.63 -31.50 -7.73
CA ALA H 60 12.23 -30.66 -8.85
C ALA H 60 11.99 -31.49 -10.10
N GLY H 61 12.81 -32.52 -10.30
CA GLY H 61 12.58 -33.36 -11.46
C GLY H 61 11.39 -34.28 -11.35
N ILE H 62 10.98 -34.59 -10.11
CA ILE H 62 9.75 -35.35 -9.94
C ILE H 62 8.53 -34.51 -10.30
N ILE H 63 8.62 -33.19 -10.08
CA ILE H 63 7.60 -32.30 -10.61
C ILE H 63 7.62 -32.33 -12.13
N ALA H 64 8.82 -32.28 -12.71
CA ALA H 64 8.92 -32.20 -14.16
C ALA H 64 8.48 -33.49 -14.84
N ILE H 65 8.51 -34.63 -14.13
CA ILE H 65 7.97 -35.86 -14.72
C ILE H 65 6.49 -36.02 -14.39
N TYR H 66 5.95 -35.24 -13.45
CA TYR H 66 4.49 -35.19 -13.33
C TYR H 66 3.90 -34.46 -14.53
N GLY H 67 4.63 -33.47 -15.02
CA GLY H 67 4.16 -32.76 -16.18
C GLY H 67 4.26 -33.60 -17.44
N LEU H 68 5.24 -34.50 -17.50
CA LEU H 68 5.35 -35.32 -18.69
C LEU H 68 4.36 -36.48 -18.64
N VAL H 69 4.10 -37.05 -17.45
CA VAL H 69 3.14 -38.13 -17.39
C VAL H 69 1.73 -37.61 -17.63
N VAL H 70 1.47 -36.32 -17.40
CA VAL H 70 0.23 -35.74 -17.92
C VAL H 70 0.32 -35.57 -19.43
N SER H 71 1.35 -34.84 -19.91
CA SER H 71 1.54 -34.51 -21.32
C SER H 71 1.60 -35.70 -22.28
N VAL H 72 1.83 -36.90 -21.78
CA VAL H 72 1.68 -38.08 -22.63
C VAL H 72 0.25 -38.62 -22.59
N LEU H 73 -0.41 -38.57 -21.43
CA LEU H 73 -1.77 -39.12 -21.35
C LEU H 73 -2.80 -38.21 -22.01
N VAL H 74 -2.57 -36.90 -22.00
CA VAL H 74 -3.44 -36.00 -22.76
C VAL H 74 -3.10 -36.05 -24.25
N CYS H 75 -1.88 -36.44 -24.59
CA CYS H 75 -1.50 -36.61 -25.99
C CYS H 75 -2.14 -37.82 -26.64
N TYR H 76 -2.63 -38.77 -25.85
CA TYR H 76 -3.21 -39.98 -26.42
C TYR H 76 -4.71 -39.89 -26.67
N SER H 77 -5.34 -38.74 -26.43
CA SER H 77 -6.75 -38.57 -26.74
C SER H 77 -7.00 -37.36 -27.64
N LEU H 78 -5.97 -36.76 -28.19
CA LEU H 78 -6.14 -35.67 -29.14
C LEU H 78 -6.53 -36.23 -30.51
N GLY H 79 -7.61 -35.73 -31.07
CA GLY H 79 -8.03 -36.11 -32.40
C GLY H 79 -8.59 -34.91 -33.14
N GLN H 80 -8.65 -35.05 -34.46
CA GLN H 80 -9.19 -33.99 -35.30
C GLN H 80 -10.69 -33.86 -35.10
N LYS H 81 -11.35 -34.95 -34.75
CA LYS H 81 -12.79 -34.94 -34.56
C LYS H 81 -13.12 -35.26 -33.12
N GLN H 82 -12.46 -34.58 -32.18
CA GLN H 82 -12.73 -34.75 -30.76
C GLN H 82 -13.74 -33.70 -30.31
N ALA H 83 -14.42 -34.00 -29.22
CA ALA H 83 -15.46 -33.10 -28.72
C ALA H 83 -14.84 -31.87 -28.08
N LEU H 84 -15.66 -30.82 -28.00
CA LEU H 84 -15.24 -29.58 -27.34
C LEU H 84 -15.01 -29.81 -25.86
N TYR H 85 -15.82 -30.66 -25.23
CA TYR H 85 -15.70 -30.95 -23.82
C TYR H 85 -14.36 -31.62 -23.50
N THR H 86 -13.93 -32.54 -24.35
CA THR H 86 -12.66 -33.21 -24.15
C THR H 86 -11.49 -32.44 -24.73
N GLY H 87 -11.66 -31.15 -24.99
CA GLY H 87 -10.55 -30.25 -25.16
C GLY H 87 -10.49 -29.37 -23.93
N PHE H 88 -11.67 -29.18 -23.34
CA PHE H 88 -11.80 -28.37 -22.12
C PHE H 88 -11.22 -29.07 -20.91
N ILE H 89 -11.50 -30.36 -20.72
CA ILE H 89 -10.92 -30.99 -19.53
C ILE H 89 -9.45 -31.33 -19.77
N GLN H 90 -9.02 -31.33 -21.02
CA GLN H 90 -7.61 -31.48 -21.38
C GLN H 90 -6.88 -30.21 -20.99
N LEU H 91 -7.51 -29.07 -21.29
CA LEU H 91 -6.95 -27.78 -20.94
C LEU H 91 -6.92 -27.64 -19.43
N GLY H 92 -8.00 -28.09 -18.78
CA GLY H 92 -8.09 -28.04 -17.34
C GLY H 92 -7.03 -28.88 -16.68
N ALA H 93 -6.77 -30.07 -17.24
CA ALA H 93 -5.75 -30.95 -16.70
C ALA H 93 -4.35 -30.37 -16.88
N GLY H 94 -4.09 -29.79 -18.04
CA GLY H 94 -2.78 -29.21 -18.30
C GLY H 94 -2.46 -28.06 -17.37
N LEU H 95 -3.44 -27.20 -17.12
CA LEU H 95 -3.21 -26.09 -16.20
C LEU H 95 -3.23 -26.53 -14.75
N SER H 96 -3.84 -27.67 -14.46
CA SER H 96 -3.87 -28.15 -13.09
C SER H 96 -2.53 -28.74 -12.71
N VAL H 97 -1.94 -29.56 -13.58
CA VAL H 97 -0.62 -30.08 -13.25
C VAL H 97 0.44 -29.02 -13.49
N GLY H 98 0.16 -28.05 -14.36
CA GLY H 98 1.12 -27.03 -14.71
C GLY H 98 1.26 -25.99 -13.62
N LEU H 99 0.23 -25.23 -13.31
CA LEU H 99 0.39 -24.14 -12.38
C LEU H 99 0.52 -24.62 -10.94
N SER H 100 0.10 -25.85 -10.66
CA SER H 100 0.42 -26.42 -9.35
C SER H 100 1.83 -27.01 -9.30
N GLY H 101 2.37 -27.57 -10.39
CA GLY H 101 3.79 -27.87 -10.38
C GLY H 101 4.66 -26.64 -10.45
N LEU H 102 4.11 -25.53 -10.93
CA LEU H 102 4.82 -24.26 -10.84
C LEU H 102 4.83 -23.76 -9.41
N ALA H 103 3.73 -23.96 -8.67
CA ALA H 103 3.75 -23.56 -7.27
C ALA H 103 4.62 -24.50 -6.46
N ALA H 104 4.60 -25.79 -6.78
CA ALA H 104 5.41 -26.79 -6.11
C ALA H 104 6.87 -26.79 -6.55
N GLY H 105 7.25 -25.94 -7.50
CA GLY H 105 8.65 -25.74 -7.79
C GLY H 105 9.11 -24.40 -7.26
N PHE H 106 8.15 -23.47 -7.18
CA PHE H 106 8.37 -22.23 -6.44
C PHE H 106 8.56 -22.50 -4.97
N ALA H 107 7.97 -23.58 -4.47
CA ALA H 107 8.10 -23.88 -3.06
C ALA H 107 9.43 -24.56 -2.75
N ILE H 108 9.87 -25.51 -3.59
CA ILE H 108 11.10 -26.21 -3.26
C ILE H 108 12.30 -25.51 -3.87
N GLY H 109 12.11 -24.36 -4.50
CA GLY H 109 13.29 -23.60 -4.86
C GLY H 109 13.70 -22.72 -3.70
N ILE H 110 12.68 -22.11 -3.08
CA ILE H 110 12.92 -21.24 -1.95
C ILE H 110 13.28 -22.06 -0.73
N VAL H 111 12.60 -23.19 -0.49
CA VAL H 111 13.06 -23.98 0.64
C VAL H 111 14.24 -24.86 0.26
N GLY H 112 14.62 -24.89 -1.02
CA GLY H 112 15.79 -25.61 -1.46
C GLY H 112 17.02 -24.85 -1.03
N ASP H 113 17.16 -23.61 -1.49
CA ASP H 113 18.33 -22.85 -1.03
C ASP H 113 18.16 -22.35 0.41
N ALA H 114 16.98 -22.46 1.01
CA ALA H 114 16.87 -22.23 2.44
C ALA H 114 17.56 -23.36 3.19
N GLY H 115 17.09 -24.59 2.99
CA GLY H 115 17.57 -25.73 3.74
C GLY H 115 18.97 -26.18 3.38
N VAL H 116 19.44 -25.89 2.17
CA VAL H 116 20.77 -26.38 1.79
C VAL H 116 21.87 -25.42 2.24
N ARG H 117 21.55 -24.17 2.55
CA ARG H 117 22.56 -23.23 3.00
C ARG H 117 22.80 -23.29 4.49
N GLY H 118 21.78 -23.55 5.29
CA GLY H 118 21.95 -23.66 6.72
C GLY H 118 22.34 -25.03 7.21
N SER H 119 22.42 -26.02 6.32
CA SER H 119 22.85 -27.35 6.72
C SER H 119 24.36 -27.45 6.92
N SER H 120 25.14 -26.54 6.34
CA SER H 120 26.59 -26.58 6.51
C SER H 120 27.03 -26.13 7.89
N GLN H 121 26.24 -25.30 8.57
CA GLN H 121 26.55 -24.89 9.92
C GLN H 121 25.98 -25.82 10.98
N GLN H 122 24.96 -26.60 10.63
CA GLN H 122 24.34 -27.55 11.56
C GLN H 122 23.92 -28.77 10.76
N PRO H 123 24.62 -29.91 10.92
CA PRO H 123 24.29 -31.11 10.15
C PRO H 123 23.02 -31.82 10.60
N ARG H 124 22.38 -31.37 11.69
CA ARG H 124 21.16 -31.99 12.17
C ARG H 124 19.90 -31.49 11.48
N LEU H 125 19.96 -30.34 10.80
CA LEU H 125 18.80 -29.82 10.09
C LEU H 125 18.77 -30.49 8.71
N PHE H 126 18.37 -31.75 8.71
CA PHE H 126 18.12 -32.46 7.46
C PHE H 126 16.85 -33.29 7.48
N VAL H 127 16.40 -33.78 8.63
CA VAL H 127 15.13 -34.49 8.67
C VAL H 127 13.98 -33.48 8.70
N GLY H 128 14.22 -32.27 9.16
CA GLY H 128 13.22 -31.23 9.08
C GLY H 128 13.17 -30.57 7.72
N MET H 129 14.30 -30.57 7.00
CA MET H 129 14.30 -30.04 5.64
C MET H 129 13.48 -30.93 4.74
N ILE H 130 13.66 -32.23 4.83
CA ILE H 130 13.06 -33.12 3.85
C ILE H 130 11.56 -33.28 4.11
N LEU H 131 11.07 -33.08 5.32
CA LEU H 131 9.61 -33.13 5.51
C LEU H 131 8.94 -31.87 4.98
N ILE H 132 9.66 -30.75 4.94
CA ILE H 132 9.12 -29.57 4.29
C ILE H 132 9.15 -29.75 2.79
N LEU H 133 10.20 -30.41 2.28
CA LEU H 133 10.23 -30.71 0.86
C LEU H 133 9.18 -31.74 0.46
N ILE H 134 8.84 -32.69 1.35
CA ILE H 134 7.70 -33.59 1.07
C ILE H 134 6.41 -32.80 1.04
N PHE H 135 6.22 -31.89 2.00
CA PHE H 135 5.01 -31.07 2.05
C PHE H 135 4.90 -30.20 0.80
N ALA H 136 5.99 -29.56 0.44
CA ALA H 136 5.96 -28.76 -0.79
C ALA H 136 5.79 -29.62 -2.04
N GLU H 137 6.43 -30.80 -2.10
CA GLU H 137 6.31 -31.68 -3.26
C GLU H 137 4.91 -32.24 -3.48
N VAL H 138 4.17 -32.54 -2.41
CA VAL H 138 2.82 -33.12 -2.51
C VAL H 138 1.87 -32.20 -3.27
N LEU H 139 2.02 -30.88 -3.17
CA LEU H 139 1.11 -29.96 -3.85
C LEU H 139 1.13 -30.22 -5.36
N GLY H 140 2.33 -30.48 -5.90
CA GLY H 140 2.44 -30.83 -7.31
C GLY H 140 1.68 -32.11 -7.60
N LEU H 141 1.76 -33.07 -6.67
CA LEU H 141 1.06 -34.34 -6.85
C LEU H 141 -0.45 -34.17 -6.70
N TYR H 142 -0.91 -33.21 -5.90
CA TYR H 142 -2.32 -32.86 -5.86
C TYR H 142 -2.79 -32.36 -7.22
N GLY H 143 -1.95 -31.54 -7.85
CA GLY H 143 -2.26 -31.16 -9.21
C GLY H 143 -2.16 -32.32 -10.19
N LEU H 144 -1.36 -33.33 -9.85
CA LEU H 144 -1.31 -34.52 -10.69
C LEU H 144 -2.49 -35.45 -10.43
N ILE H 145 -3.10 -35.37 -9.25
CA ILE H 145 -4.28 -36.17 -8.97
C ILE H 145 -5.47 -35.60 -9.73
N VAL H 146 -5.63 -34.28 -9.68
CA VAL H 146 -6.74 -33.70 -10.43
C VAL H 146 -6.47 -33.78 -11.93
N ALA H 147 -5.20 -33.74 -12.35
CA ALA H 147 -4.91 -33.89 -13.77
C ALA H 147 -5.08 -35.33 -14.24
N LEU H 148 -5.07 -36.31 -13.34
CA LEU H 148 -5.39 -37.68 -13.71
C LEU H 148 -6.86 -38.01 -13.56
N LEU H 149 -7.61 -37.23 -12.78
CA LEU H 149 -9.04 -37.45 -12.68
C LEU H 149 -9.81 -36.69 -13.74
N LEU H 150 -9.27 -35.56 -14.19
CA LEU H 150 -9.83 -34.89 -15.35
C LEU H 150 -9.58 -35.69 -16.62
N ASN H 151 -8.40 -36.31 -16.74
CA ASN H 151 -8.09 -37.07 -17.93
C ASN H 151 -8.74 -38.46 -17.93
N SER H 152 -9.32 -38.89 -16.82
CA SER H 152 -10.15 -40.10 -16.87
C SER H 152 -11.52 -39.81 -17.44
N ARG H 153 -11.91 -38.55 -17.46
CA ARG H 153 -13.26 -38.13 -17.81
C ARG H 153 -13.35 -37.69 -19.28
N ALA H 154 -12.28 -37.84 -20.05
CA ALA H 154 -12.33 -37.64 -21.49
C ALA H 154 -13.01 -38.78 -22.25
N THR H 155 -13.26 -39.91 -21.60
CA THR H 155 -13.83 -41.07 -22.27
C THR H 155 -15.30 -41.30 -21.93
N GLN H 156 -15.75 -40.80 -20.78
CA GLN H 156 -17.08 -41.10 -20.28
C GLN H 156 -18.11 -40.30 -21.06
N ASP H 157 -18.65 -40.91 -22.13
CA ASP H 157 -19.74 -40.40 -22.96
C ASP H 157 -19.40 -39.03 -23.56
N VAL H 158 -18.32 -38.99 -24.36
CA VAL H 158 -17.91 -37.74 -24.97
C VAL H 158 -18.72 -37.45 -26.22
N VAL H 159 -19.52 -38.41 -26.67
CA VAL H 159 -20.44 -38.31 -27.81
C VAL H 159 -19.82 -37.81 -29.10
N THR I 2 -11.90 -25.41 -47.32
CA THR I 2 -12.54 -26.54 -46.65
C THR I 2 -12.71 -26.21 -45.17
N GLU I 3 -13.89 -26.50 -44.64
CA GLU I 3 -14.25 -26.15 -43.26
C GLU I 3 -13.37 -26.87 -42.24
N LEU I 4 -12.91 -28.08 -42.56
CA LEU I 4 -12.12 -28.86 -41.63
C LEU I 4 -10.64 -28.55 -41.73
N CYS I 5 -10.15 -28.19 -42.92
CA CYS I 5 -8.78 -27.73 -43.13
C CYS I 5 -8.80 -26.38 -43.83
N PRO I 6 -8.84 -25.29 -43.08
CA PRO I 6 -9.09 -23.97 -43.65
C PRO I 6 -7.85 -23.38 -44.30
N VAL I 7 -7.98 -22.12 -44.71
CA VAL I 7 -6.92 -21.41 -45.41
C VAL I 7 -5.92 -20.81 -44.43
N TYR I 8 -6.41 -20.36 -43.27
CA TYR I 8 -5.56 -19.83 -42.22
C TYR I 8 -4.96 -20.92 -41.34
N ALA I 9 -5.06 -22.18 -41.75
CA ALA I 9 -4.53 -23.29 -40.96
C ALA I 9 -3.00 -23.29 -40.86
N PRO I 10 -2.20 -23.02 -41.93
CA PRO I 10 -0.76 -22.96 -41.67
C PRO I 10 -0.29 -21.61 -41.15
N PHE I 11 -1.06 -20.96 -40.28
CA PHE I 11 -0.51 -19.79 -39.60
C PHE I 11 0.27 -20.25 -38.38
N PHE I 12 -0.42 -20.86 -37.44
CA PHE I 12 0.17 -21.52 -36.28
C PHE I 12 0.76 -22.89 -36.59
N GLY I 13 0.95 -23.22 -37.86
CA GLY I 13 1.91 -24.25 -38.18
C GLY I 13 3.24 -23.62 -38.50
N ALA I 14 3.20 -22.42 -39.08
CA ALA I 14 4.41 -21.64 -39.36
C ALA I 14 4.85 -20.85 -38.14
N ILE I 15 3.90 -20.31 -37.40
CA ILE I 15 4.22 -19.72 -36.11
C ILE I 15 4.66 -20.82 -35.15
N GLY I 16 4.09 -22.01 -35.25
CA GLY I 16 4.54 -23.13 -34.46
C GLY I 16 5.94 -23.62 -34.79
N CYS I 17 6.33 -23.56 -36.07
CA CYS I 17 7.71 -23.82 -36.45
C CYS I 17 8.66 -22.72 -36.02
N ALA I 18 8.24 -21.46 -36.13
CA ALA I 18 9.13 -20.36 -35.78
C ALA I 18 9.34 -20.28 -34.28
N SER I 19 8.28 -20.52 -33.51
CA SER I 19 8.29 -20.38 -32.05
C SER I 19 9.31 -21.28 -31.39
N ALA I 20 9.47 -22.51 -31.91
CA ALA I 20 10.43 -23.44 -31.32
C ALA I 20 11.85 -22.87 -31.39
N ILE I 21 12.23 -22.37 -32.57
CA ILE I 21 13.55 -21.80 -32.78
C ILE I 21 13.75 -20.54 -31.95
N ILE I 22 12.78 -19.60 -31.99
CA ILE I 22 12.91 -18.35 -31.24
C ILE I 22 12.93 -18.54 -29.73
N PHE I 23 12.00 -19.30 -29.19
CA PHE I 23 11.97 -19.53 -27.74
C PHE I 23 13.16 -20.34 -27.26
N THR I 24 13.51 -21.38 -28.03
CA THR I 24 14.63 -22.25 -27.73
C THR I 24 15.93 -21.48 -27.75
N SER I 25 16.09 -20.56 -28.69
CA SER I 25 17.32 -19.81 -28.78
C SER I 25 17.33 -18.61 -27.84
N LEU I 26 16.17 -18.11 -27.41
CA LEU I 26 16.17 -17.12 -26.33
C LEU I 26 16.59 -17.75 -25.02
N GLY I 27 16.30 -19.04 -24.83
CA GLY I 27 16.83 -19.70 -23.67
C GLY I 27 18.25 -20.20 -23.85
N ALA I 28 18.62 -20.54 -25.07
CA ALA I 28 20.00 -20.94 -25.32
C ALA I 28 20.91 -19.73 -25.43
N ALA I 29 20.36 -18.53 -25.53
CA ALA I 29 21.11 -17.30 -25.38
C ALA I 29 21.27 -16.95 -23.91
N TYR I 30 20.18 -16.99 -23.14
CA TYR I 30 20.32 -16.68 -21.71
C TYR I 30 21.15 -17.72 -20.98
N GLY I 31 21.15 -18.96 -21.47
CA GLY I 31 22.03 -19.99 -20.94
C GLY I 31 23.50 -19.82 -21.24
N THR I 32 23.84 -19.24 -22.39
CA THR I 32 25.24 -19.01 -22.70
C THR I 32 25.69 -17.61 -22.30
N ALA I 33 24.75 -16.73 -21.99
CA ALA I 33 25.06 -15.36 -21.59
C ALA I 33 25.66 -15.33 -20.19
N LYS I 34 24.88 -15.76 -19.21
CA LYS I 34 25.34 -15.64 -17.84
C LYS I 34 26.37 -16.71 -17.52
N SER I 35 26.40 -17.80 -18.28
CA SER I 35 27.48 -18.74 -18.08
C SER I 35 28.77 -18.24 -18.71
N GLY I 36 28.70 -17.52 -19.83
CA GLY I 36 29.90 -17.01 -20.46
C GLY I 36 30.49 -15.81 -19.76
N VAL I 37 29.67 -15.05 -19.02
CA VAL I 37 30.24 -13.91 -18.29
C VAL I 37 30.89 -14.32 -16.99
N GLY I 38 30.64 -15.53 -16.49
CA GLY I 38 31.29 -16.00 -15.29
C GLY I 38 32.62 -16.69 -15.49
N ILE I 39 33.00 -16.98 -16.73
CA ILE I 39 34.26 -17.65 -17.01
C ILE I 39 35.35 -16.61 -17.26
N CYS I 40 35.11 -15.71 -18.21
CA CYS I 40 36.12 -14.73 -18.59
C CYS I 40 36.35 -13.68 -17.50
N ALA I 41 35.41 -13.52 -16.57
CA ALA I 41 35.62 -12.67 -15.41
C ALA I 41 36.38 -13.39 -14.30
N THR I 42 36.71 -14.67 -14.48
CA THR I 42 37.46 -15.43 -13.50
C THR I 42 38.76 -16.03 -14.04
N CYS I 43 39.03 -15.90 -15.34
CA CYS I 43 40.27 -16.40 -15.93
C CYS I 43 41.43 -15.43 -15.80
N VAL I 44 41.26 -14.32 -15.08
CA VAL I 44 42.36 -13.39 -14.86
C VAL I 44 43.35 -13.87 -13.82
N LEU I 45 43.01 -14.90 -13.06
CA LEU I 45 43.90 -15.50 -12.08
C LEU I 45 44.22 -16.96 -12.36
N ARG I 46 43.47 -17.61 -13.24
CA ARG I 46 43.70 -19.01 -13.61
C ARG I 46 43.82 -19.10 -15.13
N PRO I 47 44.99 -19.47 -15.66
CA PRO I 47 45.11 -19.59 -17.12
C PRO I 47 44.42 -20.81 -17.69
N ASP I 48 44.16 -21.83 -16.88
CA ASP I 48 43.43 -23.02 -17.30
C ASP I 48 41.96 -22.96 -16.91
N LEU I 49 41.45 -21.75 -16.62
CA LEU I 49 40.06 -21.59 -16.23
C LEU I 49 39.10 -21.86 -17.38
N LEU I 50 39.52 -21.54 -18.61
CA LEU I 50 38.68 -21.76 -19.79
C LEU I 50 38.41 -23.24 -20.01
N PHE I 51 39.39 -24.09 -19.74
CA PHE I 51 39.20 -25.54 -19.84
C PHE I 51 38.25 -26.00 -18.75
N LYS I 52 37.24 -26.79 -19.15
CA LYS I 52 36.21 -27.48 -18.35
C LYS I 52 35.16 -26.52 -17.79
N ASN I 53 35.22 -25.22 -18.09
CA ASN I 53 34.17 -24.29 -17.70
C ASN I 53 33.19 -24.02 -18.84
N ILE I 54 33.32 -24.73 -19.96
CA ILE I 54 32.44 -24.56 -21.11
C ILE I 54 31.39 -25.67 -21.15
N VAL I 55 31.30 -26.49 -20.09
CA VAL I 55 30.26 -27.51 -20.03
C VAL I 55 28.89 -26.86 -19.95
N PRO I 56 28.68 -25.79 -19.17
CA PRO I 56 27.36 -25.15 -19.11
C PRO I 56 26.96 -24.54 -20.44
N VAL I 57 27.92 -23.94 -21.14
CA VAL I 57 27.65 -23.33 -22.44
C VAL I 57 27.39 -24.42 -23.49
N ILE I 58 28.16 -25.51 -23.47
CA ILE I 58 27.96 -26.58 -24.44
C ILE I 58 26.60 -27.25 -24.25
N MET I 59 26.19 -27.52 -23.01
CA MET I 59 24.87 -28.11 -22.79
C MET I 59 23.77 -27.16 -23.23
N ALA I 60 23.92 -25.86 -22.95
CA ALA I 60 22.95 -24.85 -23.36
C ALA I 60 22.81 -24.88 -24.89
N GLY I 61 23.93 -25.11 -25.57
CA GLY I 61 23.96 -25.19 -27.02
C GLY I 61 23.13 -26.36 -27.53
N ILE I 62 23.15 -27.46 -26.77
CA ILE I 62 22.40 -28.68 -27.11
C ILE I 62 20.90 -28.37 -27.14
N ILE I 63 20.43 -27.50 -26.24
CA ILE I 63 19.01 -27.13 -26.22
C ILE I 63 18.64 -26.45 -27.55
N ALA I 64 19.56 -25.64 -28.09
CA ALA I 64 19.31 -25.01 -29.37
C ALA I 64 19.17 -26.07 -30.46
N ILE I 65 19.96 -27.14 -30.37
CA ILE I 65 19.85 -28.25 -31.31
C ILE I 65 18.48 -28.90 -31.18
N TYR I 66 17.97 -29.00 -29.95
CA TYR I 66 16.63 -29.57 -29.75
C TYR I 66 15.58 -28.74 -30.45
N GLY I 67 15.69 -27.41 -30.36
CA GLY I 67 14.74 -26.58 -31.07
C GLY I 67 14.94 -26.60 -32.56
N LEU I 68 16.12 -27.01 -33.01
CA LEU I 68 16.34 -27.08 -34.44
C LEU I 68 15.80 -28.39 -34.99
N VAL I 69 15.99 -29.49 -34.24
CA VAL I 69 15.53 -30.78 -34.70
C VAL I 69 14.02 -30.86 -34.66
N VAL I 70 13.37 -30.03 -33.84
CA VAL I 70 11.92 -30.01 -33.95
C VAL I 70 11.45 -28.98 -34.97
N SER I 71 12.24 -27.93 -35.23
CA SER I 71 11.83 -26.96 -36.24
C SER I 71 11.98 -27.49 -37.65
N VAL I 72 12.85 -28.47 -37.86
CA VAL I 72 13.01 -29.06 -39.19
C VAL I 72 12.08 -30.24 -39.40
N LEU I 73 11.27 -30.58 -38.40
CA LEU I 73 10.24 -31.60 -38.54
C LEU I 73 8.86 -30.99 -38.55
N VAL I 74 8.67 -29.88 -37.86
CA VAL I 74 7.47 -29.08 -38.04
C VAL I 74 7.48 -28.46 -39.43
N CYS I 75 8.66 -28.08 -39.94
CA CYS I 75 8.75 -27.51 -41.28
C CYS I 75 8.42 -28.52 -42.37
N TYR I 76 8.73 -29.80 -42.18
CA TYR I 76 8.43 -30.82 -43.17
C TYR I 76 7.06 -31.46 -42.99
N SER I 77 6.16 -30.79 -42.28
CA SER I 77 4.78 -31.24 -42.20
C SER I 77 3.80 -30.14 -42.56
N LEU I 78 4.30 -28.98 -43.00
CA LEU I 78 3.45 -27.91 -43.49
C LEU I 78 2.89 -28.26 -44.86
N GLY I 79 2.01 -27.41 -45.34
CA GLY I 79 1.40 -27.58 -46.64
C GLY I 79 0.32 -26.55 -46.83
N GLN I 80 -0.05 -26.25 -48.06
CA GLN I 80 -1.07 -25.23 -48.30
C GLN I 80 -2.44 -25.69 -47.84
N LYS I 81 -2.69 -26.99 -47.94
CA LYS I 81 -3.92 -27.58 -47.43
C LYS I 81 -3.51 -28.61 -46.41
N GLN I 82 -3.27 -28.16 -45.18
CA GLN I 82 -3.07 -29.05 -44.06
C GLN I 82 -4.24 -28.86 -43.11
N ALA I 83 -4.43 -29.83 -42.24
CA ALA I 83 -5.56 -29.79 -41.32
C ALA I 83 -5.35 -28.70 -40.28
N LEU I 84 -6.47 -28.21 -39.74
CA LEU I 84 -6.39 -27.25 -38.65
C LEU I 84 -5.93 -27.94 -37.39
N TYR I 85 -6.26 -29.22 -37.25
CA TYR I 85 -5.72 -30.02 -36.17
C TYR I 85 -4.22 -30.21 -36.30
N THR I 86 -3.70 -30.34 -37.53
CA THR I 86 -2.25 -30.38 -37.73
C THR I 86 -1.61 -29.07 -37.32
N GLY I 87 -2.25 -27.95 -37.64
CA GLY I 87 -1.71 -26.66 -37.27
C GLY I 87 -1.70 -26.47 -35.76
N PHE I 88 -2.77 -26.89 -35.07
CA PHE I 88 -2.82 -26.77 -33.62
C PHE I 88 -1.77 -27.64 -32.97
N ILE I 89 -1.59 -28.87 -33.48
CA ILE I 89 -0.60 -29.79 -32.93
C ILE I 89 0.81 -29.22 -33.10
N GLN I 90 1.08 -28.65 -34.28
CA GLN I 90 2.38 -28.05 -34.58
C GLN I 90 2.65 -26.88 -33.66
N LEU I 91 1.63 -26.04 -33.42
CA LEU I 91 1.77 -24.91 -32.50
C LEU I 91 2.04 -25.43 -31.10
N GLY I 92 1.33 -26.48 -30.71
CA GLY I 92 1.51 -27.09 -29.40
C GLY I 92 2.89 -27.68 -29.23
N ALA I 93 3.41 -28.32 -30.28
CA ALA I 93 4.73 -28.95 -30.21
C ALA I 93 5.83 -27.89 -30.18
N GLY I 94 5.69 -26.85 -30.99
CA GLY I 94 6.73 -25.83 -31.04
C GLY I 94 6.75 -25.02 -29.75
N LEU I 95 5.59 -24.72 -29.19
CA LEU I 95 5.56 -24.05 -27.90
C LEU I 95 5.94 -24.99 -26.77
N SER I 96 5.80 -26.30 -26.98
CA SER I 96 6.14 -27.29 -25.96
C SER I 96 7.63 -27.35 -25.76
N VAL I 97 8.38 -27.35 -26.86
CA VAL I 97 9.83 -27.43 -26.72
C VAL I 97 10.43 -26.04 -26.67
N GLY I 98 9.66 -25.02 -27.00
CA GLY I 98 10.18 -23.68 -26.98
C GLY I 98 10.13 -23.07 -25.61
N LEU I 99 8.96 -23.05 -24.99
CA LEU I 99 8.85 -22.46 -23.67
C LEU I 99 9.39 -23.36 -22.57
N SER I 100 9.68 -24.63 -22.87
CA SER I 100 10.41 -25.45 -21.92
C SER I 100 11.91 -25.43 -22.14
N GLY I 101 12.40 -25.26 -23.36
CA GLY I 101 13.82 -24.98 -23.53
C GLY I 101 14.21 -23.59 -23.09
N LEU I 102 13.25 -22.65 -23.09
CA LEU I 102 13.46 -21.36 -22.46
C LEU I 102 13.61 -21.48 -20.96
N ALA I 103 12.89 -22.40 -20.34
CA ALA I 103 13.04 -22.62 -18.91
C ALA I 103 14.31 -23.41 -18.61
N ALA I 104 14.64 -24.37 -19.46
CA ALA I 104 15.88 -25.12 -19.34
C ALA I 104 17.10 -24.31 -19.74
N GLY I 105 16.92 -23.12 -20.30
CA GLY I 105 18.02 -22.22 -20.53
C GLY I 105 18.12 -21.20 -19.43
N PHE I 106 16.98 -20.83 -18.84
CA PHE I 106 17.03 -20.01 -17.62
C PHE I 106 17.68 -20.78 -16.48
N ALA I 107 17.48 -22.10 -16.43
CA ALA I 107 18.01 -22.87 -15.32
C ALA I 107 19.52 -23.04 -15.47
N ILE I 108 19.99 -23.16 -16.70
CA ILE I 108 21.42 -23.30 -16.93
C ILE I 108 22.07 -21.95 -16.72
N GLY I 109 21.45 -20.86 -17.16
CA GLY I 109 22.05 -19.56 -16.98
C GLY I 109 22.12 -19.13 -15.53
N ILE I 110 21.30 -19.72 -14.68
CA ILE I 110 21.39 -19.41 -13.25
C ILE I 110 22.37 -20.35 -12.52
N VAL I 111 22.48 -21.62 -12.93
CA VAL I 111 23.52 -22.47 -12.36
C VAL I 111 24.85 -22.37 -13.10
N GLY I 112 24.95 -21.47 -14.07
CA GLY I 112 26.14 -21.29 -14.88
C GLY I 112 27.08 -20.19 -14.45
N ASP I 113 26.59 -19.24 -13.65
CA ASP I 113 27.49 -18.29 -13.03
C ASP I 113 27.74 -18.57 -11.56
N ALA I 114 26.93 -19.43 -10.94
CA ALA I 114 27.15 -19.76 -9.54
C ALA I 114 28.36 -20.65 -9.39
N GLY I 115 28.54 -21.59 -10.31
CA GLY I 115 29.62 -22.53 -10.28
C GLY I 115 30.85 -22.07 -11.01
N VAL I 116 30.94 -20.79 -11.33
CA VAL I 116 32.14 -20.23 -11.93
C VAL I 116 32.92 -19.38 -10.93
N ARG I 117 32.28 -18.82 -9.93
CA ARG I 117 32.97 -18.13 -8.84
C ARG I 117 33.49 -19.09 -7.78
N GLY I 118 33.05 -20.35 -7.79
CA GLY I 118 33.49 -21.32 -6.80
C GLY I 118 34.44 -22.38 -7.34
N SER I 119 34.37 -22.66 -8.65
CA SER I 119 35.25 -23.66 -9.24
C SER I 119 36.68 -23.18 -9.34
N SER I 120 36.89 -21.86 -9.43
CA SER I 120 38.24 -21.31 -9.41
C SER I 120 38.86 -21.43 -8.02
N GLN I 121 38.04 -21.33 -6.96
CA GLN I 121 38.54 -21.51 -5.61
C GLN I 121 38.80 -22.96 -5.27
N GLN I 122 38.14 -23.90 -5.94
CA GLN I 122 38.34 -25.32 -5.69
C GLN I 122 38.04 -26.12 -6.94
N PRO I 123 39.02 -26.83 -7.50
CA PRO I 123 38.77 -27.59 -8.74
C PRO I 123 38.05 -28.90 -8.53
N ARG I 124 38.06 -29.45 -7.31
CA ARG I 124 37.46 -30.76 -7.05
C ARG I 124 36.02 -30.62 -6.56
N LEU I 125 35.22 -29.86 -7.31
CA LEU I 125 33.80 -29.66 -6.98
C LEU I 125 32.87 -29.77 -8.16
N PHE I 126 33.36 -29.70 -9.39
CA PHE I 126 32.52 -29.65 -10.59
C PHE I 126 32.11 -31.03 -11.09
N VAL I 127 32.31 -32.08 -10.29
CA VAL I 127 31.66 -33.37 -10.56
C VAL I 127 30.23 -33.42 -10.05
N GLY I 128 29.83 -32.47 -9.20
CA GLY I 128 28.45 -32.40 -8.77
C GLY I 128 27.73 -31.28 -9.49
N MET I 129 28.53 -30.31 -9.96
CA MET I 129 27.97 -29.20 -10.71
C MET I 129 27.33 -29.69 -12.00
N ILE I 130 28.00 -30.64 -12.68
CA ILE I 130 27.46 -31.19 -13.92
C ILE I 130 26.16 -31.92 -13.63
N LEU I 131 26.13 -32.70 -12.54
CA LEU I 131 24.95 -33.49 -12.17
C LEU I 131 23.76 -32.61 -11.89
N ILE I 132 23.97 -31.51 -11.15
CA ILE I 132 22.86 -30.59 -10.90
C ILE I 132 22.41 -29.95 -12.20
N LEU I 133 23.38 -29.55 -13.03
CA LEU I 133 23.11 -28.96 -14.33
C LEU I 133 22.46 -29.95 -15.31
N ILE I 134 22.88 -31.23 -15.32
CA ILE I 134 22.30 -32.26 -16.21
C ILE I 134 20.78 -32.32 -16.10
N PHE I 135 20.23 -32.11 -14.88
CA PHE I 135 18.78 -32.11 -14.67
C PHE I 135 18.13 -31.01 -15.49
N ALA I 136 18.75 -29.84 -15.56
CA ALA I 136 18.24 -28.73 -16.35
C ALA I 136 18.22 -29.12 -17.82
N GLU I 137 19.29 -29.75 -18.29
CA GLU I 137 19.35 -30.22 -19.68
C GLU I 137 18.29 -31.27 -19.93
N VAL I 138 18.07 -32.16 -18.96
CA VAL I 138 17.06 -33.20 -19.04
C VAL I 138 15.68 -32.57 -19.13
N LEU I 139 15.52 -31.46 -18.41
CA LEU I 139 14.27 -30.72 -18.38
C LEU I 139 13.90 -30.24 -19.79
N GLY I 140 14.90 -29.76 -20.53
CA GLY I 140 14.67 -29.37 -21.91
C GLY I 140 14.28 -30.57 -22.75
N LEU I 141 14.94 -31.72 -22.51
CA LEU I 141 14.65 -32.97 -23.22
C LEU I 141 13.23 -33.45 -23.01
N TYR I 142 12.59 -33.05 -21.90
CA TYR I 142 11.16 -33.31 -21.79
C TYR I 142 10.33 -32.40 -22.69
N GLY I 143 10.94 -31.42 -23.34
CA GLY I 143 10.20 -30.58 -24.24
C GLY I 143 10.06 -31.27 -25.58
N LEU I 144 11.12 -31.92 -26.05
CA LEU I 144 10.97 -32.58 -27.33
C LEU I 144 10.45 -33.98 -27.17
N ILE I 145 10.55 -34.58 -25.99
CA ILE I 145 10.07 -35.95 -25.83
C ILE I 145 8.55 -35.98 -25.82
N VAL I 146 7.90 -34.83 -25.65
CA VAL I 146 6.48 -34.69 -25.95
C VAL I 146 6.29 -34.02 -27.31
N ALA I 147 7.20 -33.11 -27.72
CA ALA I 147 7.07 -32.46 -29.02
C ALA I 147 7.18 -33.48 -30.14
N LEU I 148 8.10 -34.45 -29.99
CA LEU I 148 8.29 -35.49 -31.00
C LEU I 148 7.03 -36.33 -31.12
N LEU I 149 6.38 -36.63 -29.98
CA LEU I 149 5.14 -37.39 -30.01
C LEU I 149 4.07 -36.61 -30.75
N LEU I 150 3.99 -35.30 -30.50
CA LEU I 150 3.01 -34.45 -31.15
C LEU I 150 3.24 -34.40 -32.66
N ASN I 151 4.50 -34.29 -33.10
CA ASN I 151 4.80 -34.25 -34.53
C ASN I 151 4.39 -35.54 -35.23
N SER I 152 4.66 -36.69 -34.62
CA SER I 152 4.26 -37.94 -35.22
C SER I 152 2.74 -38.04 -35.31
N ARG I 153 2.06 -37.61 -34.23
CA ARG I 153 0.60 -37.63 -34.17
C ARG I 153 -0.03 -36.79 -35.28
N ALA I 154 0.59 -35.66 -35.62
CA ALA I 154 0.09 -34.76 -36.64
C ALA I 154 0.02 -35.42 -38.02
N THR I 155 1.00 -36.26 -38.35
CA THR I 155 1.01 -36.93 -39.65
C THR I 155 -0.18 -37.86 -39.83
N GLN I 156 -0.51 -38.66 -38.81
CA GLN I 156 -1.46 -39.75 -38.98
C GLN I 156 -2.91 -39.27 -38.95
N ASP I 157 -3.74 -39.91 -39.79
CA ASP I 157 -5.20 -39.83 -39.96
C ASP I 157 -5.83 -38.46 -39.71
N VAL I 158 -5.30 -37.43 -40.36
CA VAL I 158 -5.84 -36.09 -40.28
C VAL I 158 -6.74 -35.77 -41.47
N VAL I 159 -7.23 -36.78 -42.18
CA VAL I 159 -8.19 -36.67 -43.29
C VAL I 159 -7.69 -35.78 -44.42
N THR J 2 -9.05 -15.56 -55.31
CA THR J 2 -9.68 -16.68 -54.63
C THR J 2 -9.38 -16.63 -53.14
N GLU J 3 -9.93 -17.58 -52.38
CA GLU J 3 -9.74 -17.58 -50.93
C GLU J 3 -8.37 -18.10 -50.53
N LEU J 4 -7.74 -18.94 -51.35
CA LEU J 4 -6.40 -19.42 -51.04
C LEU J 4 -5.35 -18.36 -51.31
N CYS J 5 -5.62 -17.47 -52.26
CA CYS J 5 -4.69 -16.40 -52.64
C CYS J 5 -5.38 -15.06 -52.53
N PRO J 6 -5.54 -14.55 -51.31
CA PRO J 6 -6.33 -13.32 -51.12
C PRO J 6 -5.54 -12.06 -51.45
N VAL J 7 -6.15 -10.92 -51.14
CA VAL J 7 -5.49 -9.64 -51.43
C VAL J 7 -4.63 -9.17 -50.26
N TYR J 8 -4.92 -9.61 -49.04
CA TYR J 8 -4.12 -9.23 -47.89
C TYR J 8 -3.01 -10.23 -47.59
N ALA J 9 -2.80 -11.22 -48.45
CA ALA J 9 -1.64 -12.12 -48.29
C ALA J 9 -0.26 -11.45 -48.35
N PRO J 10 0.03 -10.41 -49.18
CA PRO J 10 1.39 -9.83 -49.19
C PRO J 10 1.84 -9.23 -47.87
N PHE J 11 0.93 -8.68 -47.08
CA PHE J 11 1.28 -7.99 -45.84
C PHE J 11 2.02 -8.89 -44.87
N PHE J 12 1.61 -10.15 -44.73
CA PHE J 12 2.34 -11.08 -43.87
C PHE J 12 3.74 -11.28 -44.43
N GLY J 13 3.84 -11.45 -45.74
CA GLY J 13 5.14 -11.63 -46.38
C GLY J 13 6.00 -10.39 -46.25
N ALA J 14 5.39 -9.20 -46.41
CA ALA J 14 6.14 -7.95 -46.26
C ALA J 14 6.66 -7.82 -44.84
N ILE J 15 5.84 -8.19 -43.84
CA ILE J 15 6.28 -8.14 -42.46
C ILE J 15 7.42 -9.11 -42.26
N GLY J 16 7.36 -10.29 -42.90
CA GLY J 16 8.44 -11.25 -42.76
C GLY J 16 9.75 -10.72 -43.31
N CYS J 17 9.69 -10.10 -44.50
CA CYS J 17 10.88 -9.52 -45.11
C CYS J 17 11.43 -8.37 -44.28
N ALA J 18 10.54 -7.49 -43.81
CA ALA J 18 10.98 -6.37 -42.98
C ALA J 18 11.51 -6.83 -41.64
N SER J 19 10.84 -7.82 -41.02
CA SER J 19 11.19 -8.34 -39.70
C SER J 19 12.56 -8.94 -39.69
N ALA J 20 12.92 -9.66 -40.76
CA ALA J 20 14.25 -10.26 -40.79
C ALA J 20 15.32 -9.18 -40.73
N ILE J 21 15.18 -8.11 -41.52
CA ILE J 21 16.15 -7.02 -41.49
C ILE J 21 16.14 -6.25 -40.16
N ILE J 22 14.94 -5.91 -39.64
CA ILE J 22 14.81 -5.13 -38.40
C ILE J 22 15.22 -5.87 -37.13
N PHE J 23 14.70 -7.07 -36.91
CA PHE J 23 15.03 -7.81 -35.69
C PHE J 23 16.49 -8.18 -35.62
N THR J 24 17.06 -8.64 -36.72
CA THR J 24 18.47 -9.01 -36.75
C THR J 24 19.37 -7.79 -36.52
N SER J 25 19.04 -6.65 -37.17
CA SER J 25 19.83 -5.43 -37.00
C SER J 25 19.79 -4.97 -35.56
N LEU J 26 18.62 -5.07 -34.92
CA LEU J 26 18.49 -4.68 -33.53
C LEU J 26 19.38 -5.57 -32.67
N GLY J 27 19.40 -6.87 -32.96
CA GLY J 27 20.27 -7.79 -32.26
C GLY J 27 21.73 -7.49 -32.51
N ALA J 28 22.06 -7.16 -33.77
CA ALA J 28 23.44 -6.86 -34.13
C ALA J 28 23.89 -5.55 -33.51
N ALA J 29 23.00 -4.56 -33.46
CA ALA J 29 23.34 -3.27 -32.88
C ALA J 29 23.59 -3.40 -31.38
N TYR J 30 22.84 -4.28 -30.72
CA TYR J 30 23.17 -4.58 -29.34
C TYR J 30 24.45 -5.39 -29.23
N GLY J 31 24.76 -6.19 -30.27
CA GLY J 31 25.98 -6.96 -30.22
C GLY J 31 27.22 -6.16 -30.53
N THR J 32 27.05 -4.97 -31.10
CA THR J 32 28.14 -4.08 -31.45
C THR J 32 28.35 -2.99 -30.41
N ALA J 33 27.27 -2.32 -30.00
CA ALA J 33 27.39 -1.25 -29.01
C ALA J 33 27.86 -1.75 -27.65
N LYS J 34 27.27 -2.85 -27.17
CA LYS J 34 27.64 -3.41 -25.88
C LYS J 34 29.08 -3.93 -25.87
N SER J 35 29.47 -4.65 -26.94
CA SER J 35 30.81 -5.23 -27.02
C SER J 35 31.91 -4.18 -27.07
N GLY J 36 31.70 -3.09 -27.81
CA GLY J 36 32.72 -2.07 -27.89
C GLY J 36 32.58 -0.91 -26.93
N VAL J 37 31.65 -0.98 -25.97
CA VAL J 37 31.52 0.08 -24.98
C VAL J 37 32.67 0.06 -23.97
N GLY J 38 33.35 -1.08 -23.81
CA GLY J 38 34.42 -1.23 -22.86
C GLY J 38 35.81 -0.93 -23.39
N ILE J 39 35.92 -0.27 -24.53
CA ILE J 39 37.21 -0.02 -25.17
C ILE J 39 38.06 0.95 -24.36
N CYS J 40 37.42 1.94 -23.73
CA CYS J 40 38.14 2.96 -22.97
C CYS J 40 38.94 2.37 -21.81
N ALA J 41 38.32 1.45 -21.06
CA ALA J 41 39.02 0.78 -19.95
C ALA J 41 40.15 -0.10 -20.47
N THR J 42 39.88 -0.85 -21.54
CA THR J 42 40.84 -1.76 -22.14
C THR J 42 42.06 -1.06 -22.70
N CYS J 43 41.88 0.09 -23.35
CA CYS J 43 42.98 0.81 -24.00
C CYS J 43 43.60 1.91 -23.15
N VAL J 44 43.01 2.28 -22.01
CA VAL J 44 43.71 3.20 -21.12
C VAL J 44 44.83 2.51 -20.37
N LEU J 45 44.81 1.17 -20.27
CA LEU J 45 45.88 0.42 -19.62
C LEU J 45 46.75 -0.33 -20.62
N ARG J 46 46.16 -1.08 -21.55
CA ARG J 46 46.91 -1.83 -22.55
C ARG J 46 46.35 -1.60 -23.93
N PRO J 47 47.00 -0.79 -24.77
CA PRO J 47 46.51 -0.56 -26.14
C PRO J 47 46.80 -1.70 -27.11
N ASP J 48 47.45 -2.77 -26.65
CA ASP J 48 47.79 -3.89 -27.54
C ASP J 48 46.58 -4.73 -27.91
N LEU J 49 45.51 -4.68 -27.11
CA LEU J 49 44.31 -5.48 -27.36
C LEU J 49 43.26 -4.74 -28.19
N LEU J 50 43.71 -3.86 -29.09
CA LEU J 50 42.78 -3.18 -29.99
C LEU J 50 42.22 -4.13 -31.04
N PHE J 51 43.00 -5.14 -31.44
CA PHE J 51 42.60 -6.10 -32.45
C PHE J 51 41.93 -7.35 -31.87
N LYS J 52 41.39 -7.26 -30.66
CA LYS J 52 40.58 -8.31 -30.08
C LYS J 52 39.12 -7.92 -29.92
N ASN J 53 38.82 -6.63 -29.81
CA ASN J 53 37.45 -6.15 -29.76
C ASN J 53 36.77 -6.24 -31.12
N ILE J 54 37.54 -6.35 -32.20
CA ILE J 54 36.96 -6.42 -33.54
C ILE J 54 36.30 -7.76 -33.79
N VAL J 55 36.66 -8.79 -33.03
CA VAL J 55 36.08 -10.12 -33.24
C VAL J 55 34.60 -10.20 -32.82
N PRO J 56 34.15 -9.77 -31.62
CA PRO J 56 32.70 -9.83 -31.37
C PRO J 56 31.90 -8.86 -32.20
N VAL J 57 32.54 -7.82 -32.75
CA VAL J 57 31.85 -6.92 -33.65
C VAL J 57 31.61 -7.59 -35.00
N ILE J 58 32.62 -8.29 -35.53
CA ILE J 58 32.39 -8.88 -36.84
C ILE J 58 31.58 -10.17 -36.73
N MET J 59 31.58 -10.83 -35.57
CA MET J 59 30.71 -11.98 -35.40
C MET J 59 29.25 -11.56 -35.40
N ALA J 60 28.95 -10.37 -34.87
CA ALA J 60 27.63 -9.79 -35.08
C ALA J 60 27.43 -9.26 -36.50
N GLY J 61 28.52 -9.06 -37.25
CA GLY J 61 28.32 -8.62 -38.63
C GLY J 61 27.88 -9.77 -39.51
N ILE J 62 28.27 -10.99 -39.16
CA ILE J 62 27.71 -12.10 -39.92
C ILE J 62 26.29 -12.34 -39.43
N ILE J 63 25.98 -11.99 -38.18
CA ILE J 63 24.59 -12.04 -37.73
C ILE J 63 23.72 -11.10 -38.53
N ALA J 64 24.26 -9.94 -38.89
CA ALA J 64 23.48 -8.98 -39.68
C ALA J 64 23.32 -9.41 -41.13
N ILE J 65 24.29 -10.12 -41.69
CA ILE J 65 24.01 -10.57 -43.06
C ILE J 65 23.27 -11.90 -43.08
N TYR J 66 23.12 -12.56 -41.92
CA TYR J 66 22.18 -13.66 -41.80
C TYR J 66 20.76 -13.20 -42.07
N GLY J 67 20.40 -12.02 -41.60
CA GLY J 67 19.10 -11.48 -41.89
C GLY J 67 19.06 -10.77 -43.21
N LEU J 68 20.22 -10.34 -43.73
CA LEU J 68 20.17 -9.67 -45.02
C LEU J 68 20.02 -10.66 -46.17
N VAL J 69 20.54 -11.88 -46.01
CA VAL J 69 20.33 -12.92 -47.01
C VAL J 69 18.89 -13.41 -46.99
N VAL J 70 18.31 -13.55 -45.79
CA VAL J 70 16.94 -14.03 -45.71
C VAL J 70 16.00 -12.96 -46.25
N SER J 71 16.24 -11.69 -45.92
CA SER J 71 15.30 -10.68 -46.37
C SER J 71 15.42 -10.39 -47.86
N VAL J 72 16.55 -10.69 -48.50
CA VAL J 72 16.61 -10.58 -49.96
C VAL J 72 16.25 -11.87 -50.67
N LEU J 73 15.97 -12.94 -49.93
CA LEU J 73 15.40 -14.13 -50.54
C LEU J 73 13.90 -14.22 -50.29
N VAL J 74 13.43 -13.62 -49.21
CA VAL J 74 12.00 -13.41 -49.00
C VAL J 74 11.48 -12.38 -50.01
N CYS J 75 12.30 -11.38 -50.34
CA CYS J 75 11.82 -10.34 -51.24
C CYS J 75 11.67 -10.84 -52.67
N TYR J 76 12.45 -11.85 -53.08
CA TYR J 76 12.30 -12.39 -54.42
C TYR J 76 11.05 -13.27 -54.57
N SER J 77 10.49 -13.76 -53.47
CA SER J 77 9.28 -14.55 -53.55
C SER J 77 8.01 -13.77 -53.22
N LEU J 78 8.12 -12.49 -52.89
CA LEU J 78 6.94 -11.67 -52.70
C LEU J 78 6.25 -11.39 -54.04
N GLY J 79 4.94 -11.19 -53.98
CA GLY J 79 4.18 -10.90 -55.17
C GLY J 79 2.83 -10.37 -54.79
N GLN J 80 2.15 -9.78 -55.78
CA GLN J 80 0.82 -9.26 -55.54
C GLN J 80 -0.18 -10.38 -55.35
N LYS J 81 -0.14 -11.38 -56.23
CA LYS J 81 -1.05 -12.51 -56.14
C LYS J 81 -0.33 -13.70 -55.51
N GLN J 82 0.07 -13.51 -54.25
CA GLN J 82 0.58 -14.60 -53.43
C GLN J 82 -0.55 -15.48 -52.94
N ALA J 83 -0.22 -16.72 -52.63
CA ALA J 83 -1.12 -17.51 -51.83
C ALA J 83 -1.04 -17.05 -50.37
N LEU J 84 -2.04 -17.42 -49.59
CA LEU J 84 -2.00 -17.06 -48.17
C LEU J 84 -1.00 -17.91 -47.43
N TYR J 85 -0.83 -19.16 -47.88
CA TYR J 85 0.15 -20.08 -47.30
C TYR J 85 1.57 -19.56 -47.42
N THR J 86 1.92 -19.06 -48.60
CA THR J 86 3.28 -18.55 -48.75
C THR J 86 3.45 -17.19 -48.09
N GLY J 87 2.36 -16.61 -47.58
CA GLY J 87 2.48 -15.43 -46.76
C GLY J 87 2.90 -15.85 -45.37
N PHE J 88 2.34 -16.95 -44.87
CA PHE J 88 2.65 -17.34 -43.50
C PHE J 88 4.06 -17.88 -43.37
N ILE J 89 4.55 -18.60 -44.39
CA ILE J 89 5.92 -19.07 -44.32
C ILE J 89 6.87 -17.90 -44.50
N GLN J 90 6.49 -16.94 -45.34
CA GLN J 90 7.30 -15.74 -45.52
C GLN J 90 7.39 -14.99 -44.20
N LEU J 91 6.27 -14.91 -43.47
CA LEU J 91 6.33 -14.29 -42.15
C LEU J 91 7.19 -15.14 -41.22
N GLY J 92 6.99 -16.46 -41.24
CA GLY J 92 7.77 -17.37 -40.39
C GLY J 92 9.25 -17.36 -40.73
N ALA J 93 9.57 -17.35 -42.02
CA ALA J 93 10.95 -17.27 -42.46
C ALA J 93 11.29 -15.81 -42.23
N GLY J 94 12.27 -15.55 -41.42
CA GLY J 94 12.64 -14.21 -41.13
C GLY J 94 12.08 -13.75 -39.79
N LEU J 95 10.93 -14.25 -39.37
CA LEU J 95 10.53 -13.95 -38.01
C LEU J 95 11.51 -14.67 -37.10
N SER J 96 11.78 -15.93 -37.46
CA SER J 96 12.71 -16.79 -36.76
C SER J 96 14.18 -16.36 -36.91
N VAL J 97 14.62 -15.99 -38.14
CA VAL J 97 16.02 -15.56 -38.30
C VAL J 97 16.24 -14.28 -37.52
N GLY J 98 15.24 -13.39 -37.55
CA GLY J 98 15.31 -12.14 -36.86
C GLY J 98 15.34 -12.33 -35.36
N LEU J 99 14.35 -12.99 -34.78
CA LEU J 99 14.28 -13.07 -33.34
C LEU J 99 15.30 -14.04 -32.74
N SER J 100 15.83 -14.95 -33.55
CA SER J 100 16.95 -15.74 -33.08
C SER J 100 18.29 -15.06 -33.29
N GLY J 101 18.46 -14.25 -34.35
CA GLY J 101 19.61 -13.37 -34.38
C GLY J 101 19.54 -12.25 -33.37
N LEU J 102 18.34 -11.92 -32.90
CA LEU J 102 18.19 -11.02 -31.76
C LEU J 102 18.70 -11.66 -30.49
N ALA J 103 18.44 -12.96 -30.32
CA ALA J 103 19.00 -13.64 -29.16
C ALA J 103 20.49 -13.91 -29.31
N ALA J 104 20.95 -14.22 -30.52
CA ALA J 104 22.37 -14.40 -30.77
C ALA J 104 23.16 -13.10 -30.68
N GLY J 105 22.53 -11.96 -31.00
CA GLY J 105 23.21 -10.70 -30.80
C GLY J 105 23.17 -10.24 -29.37
N PHE J 106 22.13 -10.63 -28.63
CA PHE J 106 22.15 -10.41 -27.19
C PHE J 106 23.26 -11.21 -26.54
N ALA J 107 23.45 -12.45 -26.99
CA ALA J 107 24.42 -13.31 -26.33
C ALA J 107 25.83 -12.89 -26.69
N ILE J 108 26.06 -12.51 -27.97
CA ILE J 108 27.38 -12.08 -28.39
C ILE J 108 27.73 -10.76 -27.75
N GLY J 109 26.80 -9.82 -27.72
CA GLY J 109 27.14 -8.55 -27.14
C GLY J 109 27.16 -8.54 -25.64
N ILE J 110 26.78 -9.62 -24.99
CA ILE J 110 26.84 -9.65 -23.53
C ILE J 110 27.99 -10.54 -23.06
N VAL J 111 28.51 -11.43 -23.90
CA VAL J 111 29.71 -12.18 -23.50
C VAL J 111 30.98 -11.59 -24.10
N GLY J 112 30.89 -10.83 -25.19
CA GLY J 112 32.03 -10.06 -25.66
C GLY J 112 32.35 -8.85 -24.82
N ASP J 113 31.42 -8.42 -23.98
CA ASP J 113 31.71 -7.39 -23.01
C ASP J 113 32.62 -7.93 -21.92
N ALA J 114 32.20 -9.02 -21.26
CA ALA J 114 33.00 -9.57 -20.17
C ALA J 114 34.26 -10.28 -20.68
N GLY J 115 34.29 -10.70 -21.95
CA GLY J 115 35.48 -11.35 -22.45
C GLY J 115 36.61 -10.38 -22.70
N VAL J 116 36.26 -9.10 -22.93
CA VAL J 116 37.24 -8.05 -23.17
C VAL J 116 37.46 -7.19 -21.94
N ARG J 117 36.60 -7.31 -20.92
CA ARG J 117 36.81 -6.56 -19.69
C ARG J 117 37.89 -7.19 -18.81
N GLY J 118 38.27 -8.44 -19.07
CA GLY J 118 39.33 -9.10 -18.33
C GLY J 118 40.44 -9.64 -19.21
N SER J 119 40.40 -9.31 -20.50
CA SER J 119 41.38 -9.83 -21.45
C SER J 119 42.76 -9.19 -21.29
N SER J 120 42.85 -8.04 -20.63
CA SER J 120 44.14 -7.39 -20.43
C SER J 120 45.01 -8.10 -19.40
N GLN J 121 44.43 -8.96 -18.57
CA GLN J 121 45.18 -9.68 -17.55
C GLN J 121 45.66 -11.05 -18.01
N GLN J 122 45.31 -11.48 -19.22
CA GLN J 122 45.71 -12.81 -19.69
C GLN J 122 45.81 -12.82 -21.21
N PRO J 123 47.01 -13.02 -21.77
CA PRO J 123 47.14 -13.09 -23.23
C PRO J 123 46.80 -14.45 -23.83
N ARG J 124 46.40 -15.43 -23.03
CA ARG J 124 46.10 -16.78 -23.52
C ARG J 124 44.60 -17.04 -23.60
N LEU J 125 43.81 -16.02 -23.91
CA LEU J 125 42.37 -16.16 -24.10
C LEU J 125 41.98 -15.86 -25.55
N PHE J 126 42.82 -16.29 -26.48
CA PHE J 126 42.55 -16.08 -27.90
C PHE J 126 41.57 -17.10 -28.45
N VAL J 127 41.40 -18.22 -27.75
CA VAL J 127 40.54 -19.31 -28.20
C VAL J 127 39.31 -19.44 -27.33
N GLY J 128 39.47 -19.29 -26.01
CA GLY J 128 38.36 -19.54 -25.09
C GLY J 128 37.24 -18.51 -25.18
N MET J 129 37.57 -17.29 -25.59
CA MET J 129 36.53 -16.29 -25.80
C MET J 129 35.77 -16.59 -27.08
N ILE J 130 36.49 -16.89 -28.16
CA ILE J 130 35.80 -17.14 -29.43
C ILE J 130 35.19 -18.53 -29.47
N LEU J 131 35.51 -19.39 -28.51
CA LEU J 131 34.81 -20.66 -28.45
C LEU J 131 33.43 -20.48 -27.85
N ILE J 132 33.27 -19.55 -26.92
CA ILE J 132 31.94 -19.17 -26.45
C ILE J 132 31.20 -18.42 -27.55
N LEU J 133 31.94 -17.59 -28.29
CA LEU J 133 31.30 -16.83 -29.37
C LEU J 133 30.83 -17.72 -30.49
N ILE J 134 31.51 -18.84 -30.76
CA ILE J 134 31.09 -19.67 -31.88
C ILE J 134 29.85 -20.49 -31.53
N PHE J 135 29.54 -20.67 -30.23
CA PHE J 135 28.25 -21.22 -29.86
C PHE J 135 27.17 -20.18 -29.80
N ALA J 136 27.51 -18.94 -29.43
CA ALA J 136 26.49 -17.91 -29.38
C ALA J 136 26.19 -17.32 -30.74
N GLU J 137 27.06 -17.52 -31.72
CA GLU J 137 26.84 -17.01 -33.06
C GLU J 137 26.10 -17.99 -33.95
N VAL J 138 26.19 -19.29 -33.67
CA VAL J 138 25.37 -20.27 -34.40
C VAL J 138 23.95 -20.34 -33.89
N LEU J 139 23.60 -19.60 -32.85
CA LEU J 139 22.20 -19.49 -32.46
C LEU J 139 21.41 -18.74 -33.52
N GLY J 140 22.06 -17.81 -34.22
CA GLY J 140 21.45 -17.17 -35.37
C GLY J 140 21.54 -18.00 -36.63
N LEU J 141 22.55 -18.86 -36.73
CA LEU J 141 22.64 -19.75 -37.89
C LEU J 141 21.58 -20.84 -37.81
N TYR J 142 21.20 -21.24 -36.61
CA TYR J 142 20.05 -22.12 -36.42
C TYR J 142 18.76 -21.45 -36.87
N GLY J 143 18.64 -20.14 -36.69
CA GLY J 143 17.52 -19.42 -37.25
C GLY J 143 17.60 -19.30 -38.75
N LEU J 144 18.80 -19.18 -39.30
CA LEU J 144 18.93 -19.04 -40.76
C LEU J 144 18.67 -20.36 -41.47
N ILE J 145 19.17 -21.48 -40.94
CA ILE J 145 19.01 -22.74 -41.65
C ILE J 145 17.61 -23.31 -41.48
N VAL J 146 16.76 -22.68 -40.67
CA VAL J 146 15.33 -22.96 -40.73
C VAL J 146 14.58 -21.87 -41.50
N ALA J 147 15.15 -20.67 -41.61
CA ALA J 147 14.53 -19.68 -42.47
C ALA J 147 14.73 -20.00 -43.94
N LEU J 148 15.75 -20.78 -44.28
CA LEU J 148 15.95 -21.22 -45.65
C LEU J 148 15.30 -22.55 -45.94
N LEU J 149 14.97 -23.33 -44.92
CA LEU J 149 14.14 -24.50 -45.17
C LEU J 149 12.69 -24.12 -45.29
N LEU J 150 12.25 -23.11 -44.53
CA LEU J 150 10.93 -22.54 -44.76
C LEU J 150 10.86 -21.88 -46.13
N ASN J 151 11.88 -21.08 -46.48
CA ASN J 151 11.88 -20.40 -47.76
C ASN J 151 12.05 -21.35 -48.94
N SER J 152 12.60 -22.55 -48.71
CA SER J 152 12.57 -23.56 -49.75
C SER J 152 11.17 -24.14 -49.93
N ARG J 153 10.35 -24.12 -48.89
CA ARG J 153 9.01 -24.67 -48.90
C ARG J 153 7.96 -23.61 -49.23
N ALA J 154 8.39 -22.35 -49.39
CA ALA J 154 7.46 -21.23 -49.52
C ALA J 154 6.71 -21.25 -50.83
N THR J 155 7.43 -21.39 -51.94
CA THR J 155 6.80 -21.41 -53.26
C THR J 155 6.97 -22.77 -53.94
N GLN J 156 7.10 -23.83 -53.16
CA GLN J 156 7.40 -25.14 -53.75
C GLN J 156 6.15 -25.78 -54.37
N ASP J 157 5.05 -25.83 -53.63
CA ASP J 157 3.83 -26.45 -54.15
C ASP J 157 2.61 -25.60 -53.79
N VAL J 158 2.70 -24.30 -54.03
CA VAL J 158 1.56 -23.44 -53.83
C VAL J 158 0.63 -23.50 -55.05
N VAL J 159 -0.64 -23.16 -54.82
CA VAL J 159 -1.60 -23.10 -55.90
C VAL J 159 -2.70 -22.10 -55.56
N THR K 2 -11.47 -0.84 -56.26
CA THR K 2 -11.60 -2.22 -56.67
C THR K 2 -11.27 -3.16 -55.52
N GLU K 3 -10.78 -4.36 -55.84
CA GLU K 3 -10.38 -5.32 -54.84
C GLU K 3 -8.88 -5.35 -54.63
N LEU K 4 -8.10 -5.41 -55.73
CA LEU K 4 -6.65 -5.44 -55.61
C LEU K 4 -6.11 -4.07 -55.23
N CYS K 5 -6.83 -3.00 -55.61
CA CYS K 5 -6.43 -1.63 -55.33
C CYS K 5 -7.55 -0.92 -54.58
N PRO K 6 -7.63 -1.09 -53.27
CA PRO K 6 -8.70 -0.48 -52.48
C PRO K 6 -8.41 0.99 -52.23
N VAL K 7 -9.34 1.65 -51.55
CA VAL K 7 -9.17 3.07 -51.30
C VAL K 7 -8.23 3.31 -50.12
N TYR K 8 -8.17 2.39 -49.17
CA TYR K 8 -7.36 2.56 -47.98
C TYR K 8 -5.93 2.10 -48.16
N ALA K 9 -5.54 1.76 -49.38
CA ALA K 9 -4.18 1.36 -49.71
C ALA K 9 -3.11 2.45 -49.55
N PRO K 10 -3.32 3.74 -49.86
CA PRO K 10 -2.27 4.71 -49.56
C PRO K 10 -2.07 5.02 -48.08
N PHE K 11 -2.88 4.50 -47.18
CA PHE K 11 -2.55 4.61 -45.77
C PHE K 11 -1.30 3.85 -45.44
N PHE K 12 -1.16 2.67 -46.03
CA PHE K 12 0.02 1.85 -45.83
C PHE K 12 1.26 2.54 -46.39
N GLY K 13 1.15 3.05 -47.63
CA GLY K 13 2.28 3.75 -48.23
C GLY K 13 2.62 5.02 -47.49
N ALA K 14 1.59 5.78 -47.07
CA ALA K 14 1.79 7.01 -46.34
C ALA K 14 2.46 6.75 -45.00
N ILE K 15 2.04 5.67 -44.33
CA ILE K 15 2.68 5.32 -43.07
C ILE K 15 4.13 4.97 -43.32
N GLY K 16 4.40 4.23 -44.40
CA GLY K 16 5.76 3.83 -44.74
C GLY K 16 6.67 5.00 -45.07
N CYS K 17 6.15 5.97 -45.81
CA CYS K 17 6.92 7.15 -46.21
C CYS K 17 7.24 8.02 -45.00
N ALA K 18 6.28 8.14 -44.09
CA ALA K 18 6.46 8.95 -42.90
C ALA K 18 7.29 8.22 -41.87
N SER K 19 7.04 6.92 -41.68
CA SER K 19 7.80 6.13 -40.70
C SER K 19 9.27 6.08 -41.04
N ALA K 20 9.61 5.94 -42.32
CA ALA K 20 11.01 5.86 -42.72
C ALA K 20 11.78 7.11 -42.34
N ILE K 21 11.24 8.29 -42.68
CA ILE K 21 11.92 9.53 -42.32
C ILE K 21 11.97 9.73 -40.80
N ILE K 22 10.83 9.51 -40.12
CA ILE K 22 10.76 9.68 -38.66
C ILE K 22 11.57 8.65 -37.86
N PHE K 23 11.48 7.36 -38.18
CA PHE K 23 12.21 6.34 -37.42
C PHE K 23 13.72 6.46 -37.58
N THR K 24 14.15 6.75 -38.80
CA THR K 24 15.57 6.85 -39.08
C THR K 24 16.14 8.08 -38.42
N SER K 25 15.39 9.18 -38.41
CA SER K 25 15.93 10.37 -37.78
C SER K 25 15.69 10.37 -36.28
N LEU K 26 14.82 9.49 -35.76
CA LEU K 26 14.88 9.14 -34.34
C LEU K 26 16.15 8.40 -33.98
N GLY K 27 16.67 7.57 -34.90
CA GLY K 27 17.94 6.94 -34.64
C GLY K 27 19.12 7.85 -34.89
N ALA K 28 19.02 8.75 -35.85
CA ALA K 28 20.07 9.71 -36.10
C ALA K 28 20.07 10.80 -35.05
N ALA K 29 18.94 11.04 -34.41
CA ALA K 29 18.90 11.90 -33.24
C ALA K 29 19.63 11.26 -32.09
N TYR K 30 19.32 9.99 -31.78
CA TYR K 30 20.05 9.37 -30.67
C TYR K 30 21.53 9.17 -30.99
N GLY K 31 21.88 9.04 -32.27
CA GLY K 31 23.27 9.03 -32.68
C GLY K 31 24.00 10.35 -32.54
N THR K 32 23.36 11.45 -32.85
CA THR K 32 24.03 12.73 -32.63
C THR K 32 23.87 13.22 -31.21
N ALA K 33 22.91 12.66 -30.48
CA ALA K 33 22.65 13.00 -29.10
C ALA K 33 23.74 12.43 -28.21
N LYS K 34 23.90 11.11 -28.22
CA LYS K 34 24.81 10.46 -27.29
C LYS K 34 26.25 10.72 -27.68
N SER K 35 26.52 10.98 -28.96
CA SER K 35 27.88 11.31 -29.35
C SER K 35 28.21 12.77 -29.03
N GLY K 36 27.34 13.71 -29.42
CA GLY K 36 27.59 15.11 -29.17
C GLY K 36 27.57 15.50 -27.71
N VAL K 37 26.91 14.72 -26.86
CA VAL K 37 26.99 15.03 -25.45
C VAL K 37 28.36 14.60 -24.89
N GLY K 38 29.07 13.73 -25.59
CA GLY K 38 30.40 13.34 -25.17
C GLY K 38 31.47 14.14 -25.88
N ILE K 39 31.09 14.79 -26.99
CA ILE K 39 32.04 15.59 -27.75
C ILE K 39 32.34 16.90 -27.04
N CYS K 40 31.29 17.68 -26.74
CA CYS K 40 31.46 19.00 -26.16
C CYS K 40 31.85 18.96 -24.69
N ALA K 41 31.82 17.80 -24.05
CA ALA K 41 32.27 17.66 -22.67
C ALA K 41 33.73 17.27 -22.56
N THR K 42 34.41 17.04 -23.69
CA THR K 42 35.81 16.62 -23.68
C THR K 42 36.74 17.56 -24.43
N CYS K 43 36.22 18.49 -25.21
CA CYS K 43 37.05 19.40 -26.00
C CYS K 43 37.63 20.55 -25.19
N VAL K 44 37.32 20.64 -23.89
CA VAL K 44 37.92 21.66 -23.04
C VAL K 44 39.37 21.36 -22.69
N LEU K 45 39.82 20.12 -22.89
CA LEU K 45 41.20 19.74 -22.63
C LEU K 45 42.05 19.68 -23.88
N ARG K 46 41.45 19.37 -25.03
CA ARG K 46 42.17 19.29 -26.31
C ARG K 46 41.33 19.97 -27.37
N PRO K 47 41.49 21.29 -27.53
CA PRO K 47 40.66 22.02 -28.49
C PRO K 47 41.10 21.87 -29.94
N ASP K 48 42.27 21.29 -30.19
CA ASP K 48 42.78 21.14 -31.53
C ASP K 48 42.26 19.88 -32.23
N LEU K 49 41.79 18.90 -31.47
CA LEU K 49 41.30 17.63 -32.02
C LEU K 49 39.79 17.57 -32.06
N LEU K 50 39.13 18.69 -32.34
CA LEU K 50 37.67 18.70 -32.43
C LEU K 50 37.19 18.15 -33.76
N PHE K 51 37.95 18.37 -34.83
CA PHE K 51 37.52 17.99 -36.17
C PHE K 51 37.61 16.48 -36.42
N LYS K 52 38.23 15.73 -35.52
CA LYS K 52 38.21 14.27 -35.59
C LYS K 52 37.28 13.67 -34.54
N ASN K 53 36.24 14.40 -34.16
CA ASN K 53 35.20 13.88 -33.29
C ASN K 53 33.81 14.14 -33.84
N ILE K 54 33.71 14.67 -35.06
CA ILE K 54 32.44 14.81 -35.76
C ILE K 54 32.12 13.54 -36.54
N VAL K 55 33.10 12.65 -36.70
CA VAL K 55 32.89 11.37 -37.38
C VAL K 55 31.92 10.41 -36.71
N PRO K 56 31.56 10.49 -35.41
CA PRO K 56 30.31 9.81 -35.02
C PRO K 56 29.05 10.52 -35.48
N VAL K 57 29.06 11.85 -35.45
CA VAL K 57 27.93 12.66 -35.87
C VAL K 57 27.65 12.55 -37.37
N ILE K 58 28.70 12.54 -38.21
CA ILE K 58 28.52 12.47 -39.67
C ILE K 58 27.85 11.16 -40.09
N MET K 59 28.23 10.05 -39.48
CA MET K 59 27.62 8.76 -39.82
C MET K 59 26.14 8.76 -39.47
N ALA K 60 25.77 9.39 -38.35
CA ALA K 60 24.35 9.45 -37.99
C ALA K 60 23.63 10.36 -38.99
N GLY K 61 24.28 11.46 -39.37
CA GLY K 61 23.68 12.34 -40.35
C GLY K 61 23.53 11.69 -41.71
N ILE K 62 24.31 10.62 -41.98
CA ILE K 62 24.20 9.96 -43.28
C ILE K 62 23.23 8.81 -43.19
N ILE K 63 22.88 8.36 -41.97
CA ILE K 63 21.77 7.41 -41.96
C ILE K 63 20.46 8.20 -42.00
N ALA K 64 20.49 9.47 -41.64
CA ALA K 64 19.27 10.25 -41.79
C ALA K 64 18.98 10.53 -43.27
N ILE K 65 20.00 10.51 -44.13
CA ILE K 65 19.71 10.60 -45.55
C ILE K 65 19.54 9.22 -46.14
N TYR K 66 19.92 8.16 -45.42
CA TYR K 66 19.46 6.84 -45.81
C TYR K 66 17.94 6.78 -45.68
N GLY K 67 17.41 7.39 -44.62
CA GLY K 67 15.96 7.41 -44.47
C GLY K 67 15.30 8.36 -45.44
N LEU K 68 16.00 9.44 -45.81
CA LEU K 68 15.37 10.37 -46.72
C LEU K 68 15.41 9.87 -48.16
N VAL K 69 16.47 9.18 -48.59
CA VAL K 69 16.59 8.81 -49.99
C VAL K 69 15.65 7.68 -50.37
N VAL K 70 15.07 6.99 -49.39
CA VAL K 70 13.97 6.06 -49.63
C VAL K 70 12.63 6.73 -49.37
N SER K 71 12.54 7.69 -48.42
CA SER K 71 11.26 8.33 -48.21
C SER K 71 10.91 9.37 -49.29
N VAL K 72 11.90 9.82 -50.06
CA VAL K 72 11.68 10.61 -51.27
C VAL K 72 11.36 9.74 -52.46
N LEU K 73 11.58 8.43 -52.34
CA LEU K 73 11.44 7.52 -53.46
C LEU K 73 10.23 6.61 -53.33
N VAL K 74 9.69 6.49 -52.13
CA VAL K 74 8.38 5.90 -51.89
C VAL K 74 7.29 6.95 -52.10
N CYS K 75 7.61 8.24 -51.91
CA CYS K 75 6.68 9.32 -52.22
C CYS K 75 6.48 9.48 -53.72
N TYR K 76 7.42 8.99 -54.52
CA TYR K 76 7.35 9.18 -55.96
C TYR K 76 6.28 8.30 -56.60
N SER K 77 5.81 7.27 -55.90
CA SER K 77 4.86 6.32 -56.46
C SER K 77 3.77 5.97 -55.46
N LEU K 78 3.17 6.98 -54.82
CA LEU K 78 2.06 6.70 -53.90
C LEU K 78 0.74 6.57 -54.65
N GLY K 79 0.25 7.64 -55.27
CA GLY K 79 -0.95 7.55 -56.07
C GLY K 79 -2.28 7.45 -55.32
N GLN K 80 -3.32 8.04 -55.93
CA GLN K 80 -4.68 7.89 -55.42
C GLN K 80 -5.14 6.44 -55.48
N LYS K 81 -4.88 5.77 -56.58
CA LYS K 81 -5.32 4.40 -56.82
C LYS K 81 -4.07 3.56 -57.01
N GLN K 82 -3.51 3.07 -55.92
CA GLN K 82 -2.42 2.12 -55.97
C GLN K 82 -2.92 0.76 -55.48
N ALA K 83 -2.20 -0.29 -55.88
CA ALA K 83 -2.55 -1.63 -55.45
C ALA K 83 -2.26 -1.81 -53.96
N LEU K 84 -2.88 -2.82 -53.37
CA LEU K 84 -2.66 -3.10 -51.96
C LEU K 84 -1.34 -3.79 -51.73
N TYR K 85 -0.81 -4.48 -52.74
CA TYR K 85 0.56 -5.00 -52.68
C TYR K 85 1.58 -3.88 -52.54
N THR K 86 1.48 -2.87 -53.39
CA THR K 86 2.39 -1.75 -53.36
C THR K 86 2.02 -0.71 -52.30
N GLY K 87 1.13 -1.03 -51.37
CA GLY K 87 1.04 -0.26 -50.16
C GLY K 87 1.69 -1.07 -49.07
N PHE K 88 1.55 -2.39 -49.18
CA PHE K 88 2.12 -3.28 -48.19
C PHE K 88 3.64 -3.27 -48.21
N ILE K 89 4.25 -3.25 -49.39
CA ILE K 89 5.70 -3.31 -49.35
C ILE K 89 6.28 -1.92 -49.14
N GLN K 90 5.48 -0.87 -49.33
CA GLN K 90 5.96 0.47 -49.09
C GLN K 90 6.06 0.76 -47.60
N LEU K 91 5.16 0.18 -46.78
CA LEU K 91 5.46 0.19 -45.37
C LEU K 91 6.54 -0.82 -45.07
N GLY K 92 6.64 -1.88 -45.88
CA GLY K 92 7.69 -2.87 -45.68
C GLY K 92 9.06 -2.22 -45.83
N ALA K 93 9.22 -1.45 -46.92
CA ALA K 93 10.47 -0.75 -47.17
C ALA K 93 10.75 0.32 -46.12
N GLY K 94 9.73 1.11 -45.77
CA GLY K 94 9.91 2.15 -44.76
C GLY K 94 10.24 1.59 -43.39
N LEU K 95 9.57 0.52 -42.98
CA LEU K 95 9.85 -0.10 -41.69
C LEU K 95 11.27 -0.69 -41.69
N SER K 96 11.66 -1.29 -42.82
CA SER K 96 12.97 -1.92 -42.94
C SER K 96 14.09 -0.91 -42.81
N VAL K 97 13.95 0.27 -43.41
CA VAL K 97 15.02 1.26 -43.30
C VAL K 97 14.93 2.05 -42.00
N GLY K 98 13.76 2.07 -41.38
CA GLY K 98 13.55 2.90 -40.22
C GLY K 98 13.93 2.20 -38.95
N LEU K 99 13.37 1.03 -38.70
CA LEU K 99 13.64 0.37 -37.44
C LEU K 99 15.03 -0.25 -37.43
N SER K 100 15.55 -0.64 -38.60
CA SER K 100 16.95 -1.07 -38.67
C SER K 100 17.86 0.14 -38.51
N GLY K 101 17.53 1.24 -39.23
CA GLY K 101 18.32 2.45 -39.13
C GLY K 101 18.30 3.02 -37.73
N LEU K 102 17.14 2.93 -37.06
CA LEU K 102 17.04 3.41 -35.68
C LEU K 102 17.98 2.61 -34.78
N ALA K 103 18.04 1.30 -34.99
CA ALA K 103 18.98 0.46 -34.24
C ALA K 103 20.41 0.85 -34.57
N ALA K 104 20.68 1.14 -35.84
CA ALA K 104 22.02 1.53 -36.28
C ALA K 104 22.43 2.81 -35.59
N GLY K 105 21.50 3.76 -35.46
CA GLY K 105 21.76 5.01 -34.77
C GLY K 105 22.11 4.78 -33.32
N PHE K 106 21.37 3.89 -32.66
CA PHE K 106 21.60 3.59 -31.26
C PHE K 106 22.98 2.98 -31.09
N ALA K 107 23.36 2.07 -32.01
CA ALA K 107 24.68 1.45 -31.97
C ALA K 107 25.78 2.49 -32.13
N ILE K 108 25.63 3.41 -33.08
CA ILE K 108 26.64 4.46 -33.29
C ILE K 108 26.73 5.35 -32.06
N GLY K 109 25.57 5.75 -31.52
CA GLY K 109 25.55 6.61 -30.36
C GLY K 109 26.19 5.99 -29.12
N ILE K 110 25.81 4.76 -28.79
CA ILE K 110 26.40 4.10 -27.62
C ILE K 110 27.89 3.83 -27.83
N VAL K 111 28.29 3.31 -28.99
CA VAL K 111 29.71 3.07 -29.25
C VAL K 111 30.48 4.37 -29.37
N GLY K 112 29.88 5.38 -30.04
CA GLY K 112 30.56 6.65 -30.24
C GLY K 112 30.87 7.41 -28.97
N ASP K 113 29.93 7.42 -28.01
CA ASP K 113 30.17 8.14 -26.75
C ASP K 113 31.39 7.62 -26.01
N ALA K 114 31.57 6.30 -25.99
CA ALA K 114 32.74 5.71 -25.33
C ALA K 114 34.03 6.09 -26.06
N GLY K 115 33.99 6.06 -27.39
CA GLY K 115 35.16 6.40 -28.19
C GLY K 115 35.63 7.84 -28.06
N VAL K 116 34.71 8.81 -28.05
CA VAL K 116 35.10 10.21 -27.93
C VAL K 116 35.76 10.47 -26.58
N ARG K 117 35.16 9.92 -25.51
CA ARG K 117 35.73 10.11 -24.17
C ARG K 117 37.09 9.44 -24.06
N GLY K 118 37.24 8.25 -24.65
CA GLY K 118 38.51 7.55 -24.59
C GLY K 118 39.60 8.26 -25.37
N SER K 119 39.27 8.82 -26.54
CA SER K 119 40.16 9.53 -27.46
C SER K 119 41.13 10.57 -26.88
N SER K 120 40.91 11.00 -25.63
CA SER K 120 41.79 11.95 -24.95
C SER K 120 43.04 11.32 -24.37
N GLN K 121 43.18 10.00 -24.43
CA GLN K 121 44.32 9.30 -23.83
C GLN K 121 45.28 8.74 -24.86
N GLN K 122 44.79 8.27 -26.00
CA GLN K 122 45.63 7.65 -27.00
C GLN K 122 45.18 8.05 -28.40
N PRO K 123 46.04 8.67 -29.20
CA PRO K 123 45.65 9.02 -30.58
C PRO K 123 45.61 7.82 -31.53
N ARG K 124 46.14 6.67 -31.11
CA ARG K 124 46.03 5.46 -31.91
C ARG K 124 44.67 4.79 -31.76
N LEU K 125 43.92 5.12 -30.70
CA LEU K 125 42.60 4.55 -30.48
C LEU K 125 41.58 5.03 -31.51
N PHE K 126 41.86 6.16 -32.19
CA PHE K 126 40.92 6.72 -33.16
C PHE K 126 40.71 5.79 -34.35
N VAL K 127 41.74 5.06 -34.76
CA VAL K 127 41.57 4.18 -35.91
C VAL K 127 40.79 2.93 -35.50
N GLY K 128 40.93 2.48 -34.25
CA GLY K 128 40.16 1.34 -33.79
C GLY K 128 38.69 1.67 -33.58
N MET K 129 38.41 2.80 -32.91
CA MET K 129 37.03 3.20 -32.64
C MET K 129 36.26 3.49 -33.93
N ILE K 130 36.90 4.14 -34.90
CA ILE K 130 36.24 4.47 -36.16
C ILE K 130 35.83 3.21 -36.91
N LEU K 131 36.69 2.19 -36.90
CA LEU K 131 36.39 0.94 -37.61
C LEU K 131 35.17 0.22 -37.06
N ILE K 132 35.00 0.18 -35.72
CA ILE K 132 33.85 -0.48 -35.11
C ILE K 132 32.55 0.23 -35.52
N LEU K 133 32.61 1.56 -35.56
CA LEU K 133 31.48 2.39 -35.92
C LEU K 133 31.03 2.11 -37.36
N ILE K 134 31.99 1.87 -38.27
CA ILE K 134 31.64 1.59 -39.66
C ILE K 134 30.81 0.31 -39.72
N PHE K 135 31.20 -0.70 -38.93
CA PHE K 135 30.44 -1.94 -38.84
C PHE K 135 29.03 -1.67 -38.32
N ALA K 136 28.92 -0.77 -37.35
CA ALA K 136 27.59 -0.46 -36.82
C ALA K 136 26.80 0.51 -37.69
N GLU K 137 27.36 0.93 -38.82
CA GLU K 137 26.65 1.80 -39.76
C GLU K 137 26.30 1.07 -41.06
N VAL K 138 27.05 0.00 -41.37
CA VAL K 138 26.64 -0.86 -42.46
C VAL K 138 25.35 -1.62 -42.09
N LEU K 139 25.03 -1.76 -40.80
CA LEU K 139 23.66 -2.14 -40.42
C LEU K 139 22.59 -1.18 -40.94
N GLY K 140 22.89 0.12 -40.99
CA GLY K 140 21.99 1.04 -41.65
C GLY K 140 21.97 0.88 -43.15
N LEU K 141 23.09 0.47 -43.73
CA LEU K 141 23.04 0.28 -45.17
C LEU K 141 22.46 -1.08 -45.54
N TYR K 142 22.48 -2.04 -44.60
CA TYR K 142 21.75 -3.29 -44.76
C TYR K 142 20.26 -3.02 -44.76
N GLY K 143 19.82 -2.06 -43.94
CA GLY K 143 18.43 -1.65 -44.01
C GLY K 143 18.11 -0.91 -45.28
N LEU K 144 19.09 -0.22 -45.85
CA LEU K 144 18.82 0.52 -47.07
C LEU K 144 18.79 -0.39 -48.30
N ILE K 145 19.55 -1.49 -48.28
CA ILE K 145 19.50 -2.43 -49.41
C ILE K 145 18.13 -3.09 -49.50
N VAL K 146 17.57 -3.51 -48.37
CA VAL K 146 16.23 -4.09 -48.38
C VAL K 146 15.15 -3.04 -48.32
N ALA K 147 15.52 -1.77 -48.27
CA ALA K 147 14.57 -0.70 -48.54
C ALA K 147 14.47 -0.36 -50.02
N LEU K 148 15.60 -0.24 -50.70
CA LEU K 148 15.65 0.05 -52.13
C LEU K 148 15.21 -1.12 -53.00
N LEU K 149 15.75 -2.31 -52.75
CA LEU K 149 15.41 -3.49 -53.54
C LEU K 149 13.93 -3.83 -53.41
N LEU K 150 13.40 -3.77 -52.20
CA LEU K 150 11.99 -4.05 -51.96
C LEU K 150 11.12 -3.02 -52.67
N ASN K 151 11.54 -1.75 -52.62
CA ASN K 151 10.83 -0.64 -53.24
C ASN K 151 10.79 -0.78 -54.76
N SER K 152 11.88 -1.26 -55.34
CA SER K 152 11.99 -1.35 -56.80
C SER K 152 10.92 -2.23 -57.43
N ARG K 153 10.62 -3.38 -56.84
CA ARG K 153 9.60 -4.26 -57.42
C ARG K 153 8.20 -3.64 -57.44
N ALA K 154 7.80 -2.92 -56.37
CA ALA K 154 6.49 -2.25 -56.11
C ALA K 154 5.50 -2.10 -57.25
N THR K 155 5.95 -1.51 -58.35
CA THR K 155 5.10 -1.11 -59.45
C THR K 155 5.31 -2.01 -60.66
N GLN K 156 5.50 -3.31 -60.45
CA GLN K 156 5.60 -4.22 -61.58
C GLN K 156 4.23 -4.70 -62.05
N ASP K 157 3.26 -4.81 -61.14
CA ASP K 157 1.87 -5.12 -61.51
C ASP K 157 0.91 -4.16 -60.82
N THR L 2 -18.91 9.33 -50.78
CA THR L 2 -18.58 8.45 -51.89
C THR L 2 -17.80 7.24 -51.41
N GLU L 3 -16.87 6.76 -52.24
CA GLU L 3 -16.00 5.67 -51.86
C GLU L 3 -14.52 6.01 -51.93
N LEU L 4 -14.12 6.95 -52.79
CA LEU L 4 -12.77 7.50 -52.75
C LEU L 4 -12.64 8.65 -51.77
N CYS L 5 -13.71 9.42 -51.57
CA CYS L 5 -13.72 10.56 -50.67
C CYS L 5 -14.82 10.38 -49.63
N PRO L 6 -14.57 9.57 -48.59
CA PRO L 6 -15.61 9.31 -47.59
C PRO L 6 -15.80 10.47 -46.62
N VAL L 7 -16.66 10.29 -45.61
CA VAL L 7 -16.95 11.37 -44.70
C VAL L 7 -15.94 11.47 -43.56
N TYR L 8 -15.24 10.39 -43.24
CA TYR L 8 -14.19 10.41 -42.24
C TYR L 8 -12.85 10.78 -42.83
N ALA L 9 -12.81 11.10 -44.13
CA ALA L 9 -11.58 11.55 -44.76
C ALA L 9 -10.96 12.81 -44.16
N PRO L 10 -11.70 13.85 -43.71
CA PRO L 10 -11.00 14.96 -43.05
C PRO L 10 -10.51 14.66 -41.64
N PHE L 11 -10.80 13.49 -41.08
CA PHE L 11 -10.28 13.17 -39.76
C PHE L 11 -8.78 12.97 -39.80
N PHE L 12 -8.28 12.34 -40.86
CA PHE L 12 -6.85 12.10 -40.96
C PHE L 12 -6.13 13.39 -41.23
N GLY L 13 -6.70 14.24 -42.08
CA GLY L 13 -6.10 15.52 -42.37
C GLY L 13 -6.08 16.44 -41.16
N ALA L 14 -7.19 16.51 -40.40
CA ALA L 14 -7.22 17.36 -39.22
C ALA L 14 -6.23 16.90 -38.16
N ILE L 15 -6.16 15.59 -37.91
CA ILE L 15 -5.18 15.07 -36.95
C ILE L 15 -3.79 15.34 -37.48
N GLY L 16 -3.59 15.14 -38.79
CA GLY L 16 -2.30 15.36 -39.42
C GLY L 16 -1.87 16.80 -39.32
N CYS L 17 -2.78 17.73 -39.63
CA CYS L 17 -2.46 19.15 -39.54
C CYS L 17 -2.17 19.55 -38.11
N ALA L 18 -2.98 19.07 -37.17
CA ALA L 18 -2.72 19.37 -35.76
C ALA L 18 -1.43 18.74 -35.28
N SER L 19 -1.13 17.51 -35.76
CA SER L 19 0.04 16.75 -35.30
C SER L 19 1.34 17.46 -35.59
N ALA L 20 1.43 18.15 -36.73
CA ALA L 20 2.68 18.84 -37.04
C ALA L 20 2.99 19.88 -35.99
N ILE L 21 1.99 20.68 -35.62
CA ILE L 21 2.15 21.72 -34.60
C ILE L 21 2.41 21.11 -33.21
N ILE L 22 1.63 20.08 -32.85
CA ILE L 22 1.76 19.43 -31.55
C ILE L 22 3.09 18.72 -31.36
N PHE L 23 3.46 17.89 -32.31
CA PHE L 23 4.69 17.14 -32.24
C PHE L 23 5.92 18.04 -32.37
N THR L 24 5.90 19.01 -33.30
CA THR L 24 7.05 19.89 -33.46
C THR L 24 7.23 20.74 -32.20
N SER L 25 6.13 21.26 -31.60
CA SER L 25 6.25 22.07 -30.40
C SER L 25 6.83 21.27 -29.26
N LEU L 26 6.43 20.00 -29.13
CA LEU L 26 6.96 19.17 -28.03
C LEU L 26 8.46 18.95 -28.17
N GLY L 27 8.96 18.89 -29.41
CA GLY L 27 10.40 18.90 -29.62
C GLY L 27 11.05 20.24 -29.37
N ALA L 28 10.41 21.31 -29.82
CA ALA L 28 10.96 22.64 -29.59
C ALA L 28 10.89 23.04 -28.14
N ALA L 29 9.95 22.48 -27.38
CA ALA L 29 9.90 22.68 -25.94
C ALA L 29 10.89 21.81 -25.19
N TYR L 30 11.26 20.66 -25.73
CA TYR L 30 12.32 19.93 -25.05
C TYR L 30 13.69 20.47 -25.42
N GLY L 31 13.77 21.14 -26.56
CA GLY L 31 14.96 21.84 -26.97
C GLY L 31 15.11 23.12 -26.20
N THR L 32 14.01 23.84 -25.98
CA THR L 32 14.05 25.11 -25.29
C THR L 32 14.24 24.90 -23.80
N ALA L 33 13.41 24.07 -23.18
CA ALA L 33 13.51 23.83 -21.75
C ALA L 33 14.82 23.15 -21.38
N LYS L 34 15.24 22.14 -22.15
CA LYS L 34 16.52 21.49 -21.83
C LYS L 34 17.71 22.44 -22.01
N SER L 35 17.78 23.16 -23.13
CA SER L 35 18.87 24.12 -23.31
C SER L 35 18.76 25.30 -22.36
N GLY L 36 17.54 25.76 -22.08
CA GLY L 36 17.32 26.94 -21.26
C GLY L 36 17.84 26.86 -19.83
N VAL L 37 17.71 25.69 -19.19
CA VAL L 37 18.19 25.56 -17.82
C VAL L 37 19.70 25.76 -17.75
N GLY L 38 20.43 25.24 -18.75
CA GLY L 38 21.87 25.38 -18.79
C GLY L 38 22.33 26.83 -18.90
N ILE L 39 21.64 27.61 -19.74
CA ILE L 39 22.01 29.01 -19.95
C ILE L 39 21.73 29.82 -18.69
N CYS L 40 20.59 29.55 -18.04
CA CYS L 40 20.20 30.28 -16.83
C CYS L 40 21.18 30.02 -15.70
N ALA L 41 21.66 28.77 -15.58
CA ALA L 41 22.58 28.38 -14.51
C ALA L 41 23.89 29.16 -14.56
N THR L 42 24.41 29.41 -15.76
CA THR L 42 25.62 30.22 -15.88
C THR L 42 25.31 31.67 -15.60
N CYS L 43 26.12 32.30 -14.75
CA CYS L 43 25.91 33.70 -14.37
C CYS L 43 27.18 34.55 -14.38
N VAL L 44 28.37 33.98 -14.17
CA VAL L 44 29.57 34.80 -14.09
C VAL L 44 30.07 35.21 -15.47
N LEU L 45 29.74 34.45 -16.51
CA LEU L 45 30.13 34.76 -17.87
C LEU L 45 28.96 34.97 -18.80
N ARG L 46 27.72 34.75 -18.34
CA ARG L 46 26.56 34.85 -19.22
C ARG L 46 26.31 36.28 -19.69
N PRO L 47 26.39 37.31 -18.84
CA PRO L 47 26.24 38.68 -19.36
C PRO L 47 27.44 39.15 -20.16
N ASP L 48 28.60 38.52 -19.96
CA ASP L 48 29.76 38.83 -20.80
C ASP L 48 29.67 38.12 -22.15
N LEU L 49 29.12 36.90 -22.17
CA LEU L 49 29.07 36.06 -23.35
C LEU L 49 27.63 35.69 -23.68
N LEU L 50 26.73 36.68 -23.66
CA LEU L 50 25.38 36.46 -24.16
C LEU L 50 25.38 36.51 -25.69
N PHE L 51 24.22 36.17 -26.25
CA PHE L 51 23.97 36.00 -27.70
C PHE L 51 24.88 34.95 -28.34
N LYS L 52 25.41 34.02 -27.54
CA LYS L 52 26.08 32.83 -28.06
C LYS L 52 25.65 31.58 -27.31
N ASN L 53 24.83 31.72 -26.26
CA ASN L 53 24.19 30.60 -25.61
C ASN L 53 22.71 30.51 -25.95
N ILE L 54 22.19 31.45 -26.72
CA ILE L 54 20.82 31.39 -27.20
C ILE L 54 20.71 30.71 -28.55
N VAL L 55 21.83 30.32 -29.15
CA VAL L 55 21.75 29.56 -30.40
C VAL L 55 21.20 28.14 -30.27
N PRO L 56 21.22 27.42 -29.13
CA PRO L 56 20.36 26.23 -29.07
C PRO L 56 18.89 26.55 -29.07
N VAL L 57 18.47 27.57 -28.30
CA VAL L 57 17.04 27.79 -28.18
C VAL L 57 16.51 28.53 -29.40
N ILE L 58 17.38 29.14 -30.22
CA ILE L 58 16.89 29.76 -31.44
C ILE L 58 16.96 28.76 -32.58
N MET L 59 17.76 27.69 -32.45
CA MET L 59 17.76 26.65 -33.48
C MET L 59 16.58 25.72 -33.23
N ALA L 60 16.29 25.46 -31.94
CA ALA L 60 15.15 24.64 -31.53
C ALA L 60 13.86 25.33 -31.91
N GLY L 61 13.82 26.66 -31.75
CA GLY L 61 12.63 27.43 -32.10
C GLY L 61 12.29 27.30 -33.58
N ILE L 62 13.31 27.18 -34.43
CA ILE L 62 13.14 27.04 -35.87
C ILE L 62 12.36 25.77 -36.18
N ILE L 63 12.55 24.70 -35.38
CA ILE L 63 11.82 23.46 -35.59
C ILE L 63 10.31 23.70 -35.45
N ALA L 64 9.93 24.55 -34.50
CA ALA L 64 8.52 24.87 -34.34
C ALA L 64 7.98 25.56 -35.58
N ILE L 65 8.75 26.48 -36.18
CA ILE L 65 8.25 27.12 -37.39
C ILE L 65 8.39 26.19 -38.58
N TYR L 66 9.19 25.12 -38.48
CA TYR L 66 9.14 24.04 -39.45
C TYR L 66 7.80 23.34 -39.41
N GLY L 67 7.25 23.15 -38.22
CA GLY L 67 5.93 22.56 -38.17
C GLY L 67 4.82 23.54 -38.44
N LEU L 68 5.09 24.83 -38.30
CA LEU L 68 4.06 25.81 -38.59
C LEU L 68 3.95 26.04 -40.08
N VAL L 69 5.07 26.02 -40.79
CA VAL L 69 5.03 26.33 -42.22
C VAL L 69 4.42 25.17 -42.99
N VAL L 70 4.33 24.00 -42.39
CA VAL L 70 3.70 22.87 -43.04
C VAL L 70 2.27 22.74 -42.52
N SER L 71 2.00 23.16 -41.29
CA SER L 71 0.64 23.01 -40.79
C SER L 71 -0.30 24.08 -41.37
N VAL L 72 0.24 25.25 -41.70
CA VAL L 72 -0.49 26.21 -42.51
C VAL L 72 -0.63 25.72 -43.93
N LEU L 73 0.33 24.95 -44.42
CA LEU L 73 0.32 24.54 -45.81
C LEU L 73 -0.59 23.34 -46.04
N VAL L 74 -0.81 22.54 -45.01
CA VAL L 74 -1.76 21.44 -45.09
C VAL L 74 -3.18 21.98 -44.85
N CYS L 75 -3.31 23.01 -44.01
CA CYS L 75 -4.64 23.53 -43.70
C CYS L 75 -5.29 24.24 -44.88
N TYR L 76 -4.52 24.64 -45.90
CA TYR L 76 -5.12 25.19 -47.10
C TYR L 76 -5.79 24.14 -47.96
N SER L 77 -5.27 22.91 -47.98
CA SER L 77 -5.81 21.85 -48.80
C SER L 77 -6.84 21.01 -48.05
N LEU L 78 -7.15 21.38 -46.82
CA LEU L 78 -8.07 20.61 -46.00
C LEU L 78 -9.49 21.01 -46.32
N GLY L 79 -10.33 20.04 -46.67
CA GLY L 79 -11.67 20.34 -47.11
C GLY L 79 -12.65 19.27 -46.70
N GLN L 80 -13.92 19.52 -46.98
CA GLN L 80 -14.98 18.62 -46.51
C GLN L 80 -15.10 17.39 -47.40
N LYS L 81 -15.05 17.58 -48.72
CA LYS L 81 -15.19 16.49 -49.67
C LYS L 81 -13.86 16.09 -50.25
N GLN L 82 -12.80 16.14 -49.46
CA GLN L 82 -11.48 15.79 -49.96
C GLN L 82 -11.34 14.28 -50.04
N ALA L 83 -10.42 13.85 -50.89
CA ALA L 83 -10.16 12.43 -51.07
C ALA L 83 -9.50 11.86 -49.84
N LEU L 84 -9.61 10.55 -49.69
CA LEU L 84 -9.00 9.86 -48.56
C LEU L 84 -7.49 9.73 -48.74
N TYR L 85 -7.02 9.62 -49.99
CA TYR L 85 -5.61 9.71 -50.29
C TYR L 85 -5.00 11.03 -49.84
N THR L 86 -5.73 12.13 -50.00
CA THR L 86 -5.25 13.43 -49.52
C THR L 86 -5.10 13.44 -48.00
N GLY L 87 -6.10 12.91 -47.28
CA GLY L 87 -6.00 12.87 -45.84
C GLY L 87 -4.96 11.89 -45.36
N PHE L 88 -4.69 10.85 -46.15
CA PHE L 88 -3.67 9.89 -45.78
C PHE L 88 -2.28 10.48 -45.93
N ILE L 89 -2.01 11.16 -47.05
CA ILE L 89 -0.63 11.61 -47.19
C ILE L 89 -0.46 13.01 -46.62
N GLN L 90 -1.47 13.52 -45.95
CA GLN L 90 -1.21 14.73 -45.18
C GLN L 90 -1.28 14.47 -43.69
N LEU L 91 -1.88 13.36 -43.27
CA LEU L 91 -1.48 12.78 -42.01
C LEU L 91 -0.06 12.23 -42.07
N GLY L 92 0.35 11.63 -43.19
CA GLY L 92 1.74 11.27 -43.34
C GLY L 92 2.70 12.45 -43.41
N ALA L 93 2.23 13.59 -43.91
CA ALA L 93 3.07 14.79 -43.87
C ALA L 93 3.21 15.32 -42.46
N GLY L 94 2.12 15.36 -41.71
CA GLY L 94 2.20 15.89 -40.37
C GLY L 94 2.93 14.95 -39.42
N LEU L 95 2.82 13.64 -39.64
CA LEU L 95 3.55 12.71 -38.78
C LEU L 95 5.02 12.68 -39.12
N SER L 96 5.39 12.98 -40.37
CA SER L 96 6.80 12.94 -40.73
C SER L 96 7.50 14.17 -40.19
N VAL L 97 6.92 15.35 -40.41
CA VAL L 97 7.54 16.58 -39.89
C VAL L 97 7.39 16.68 -38.39
N GLY L 98 6.42 15.97 -37.82
CA GLY L 98 6.18 16.05 -36.42
C GLY L 98 7.18 15.20 -35.70
N LEU L 99 7.25 13.91 -36.00
CA LEU L 99 8.10 13.05 -35.21
C LEU L 99 9.56 13.15 -35.61
N SER L 100 9.86 13.79 -36.76
CA SER L 100 11.25 14.12 -36.99
C SER L 100 11.65 15.45 -36.39
N GLY L 101 10.75 16.43 -36.32
CA GLY L 101 11.02 17.59 -35.49
C GLY L 101 11.08 17.27 -34.01
N LEU L 102 10.33 16.26 -33.57
CA LEU L 102 10.48 15.75 -32.20
C LEU L 102 11.82 15.07 -31.99
N ALA L 103 12.35 14.40 -33.01
CA ALA L 103 13.69 13.82 -32.87
C ALA L 103 14.75 14.91 -32.89
N ALA L 104 14.59 15.91 -33.75
CA ALA L 104 15.52 17.03 -33.80
C ALA L 104 15.39 17.97 -32.61
N GLY L 105 14.34 17.85 -31.81
CA GLY L 105 14.29 18.63 -30.60
C GLY L 105 14.85 17.83 -29.44
N PHE L 106 14.75 16.50 -29.55
CA PHE L 106 15.42 15.61 -28.60
C PHE L 106 16.92 15.72 -28.72
N ALA L 107 17.42 15.97 -29.94
CA ALA L 107 18.85 16.05 -30.13
C ALA L 107 19.37 17.38 -29.59
N ILE L 108 18.77 18.49 -30.02
CA ILE L 108 19.20 19.83 -29.64
C ILE L 108 19.05 20.07 -28.14
N GLY L 109 18.05 19.46 -27.51
CA GLY L 109 17.88 19.61 -26.07
C GLY L 109 18.97 18.96 -25.24
N ILE L 110 19.49 17.82 -25.68
CA ILE L 110 20.47 17.10 -24.89
C ILE L 110 21.88 17.47 -25.35
N VAL L 111 22.01 17.87 -26.60
CA VAL L 111 23.28 18.36 -27.12
C VAL L 111 23.57 19.76 -26.59
N GLY L 112 22.59 20.66 -26.68
CA GLY L 112 22.78 22.05 -26.28
C GLY L 112 23.07 22.32 -24.81
N ASP L 113 22.39 21.64 -23.87
CA ASP L 113 22.67 21.92 -22.46
C ASP L 113 24.10 21.55 -22.08
N ALA L 114 24.61 20.43 -22.62
CA ALA L 114 25.97 20.00 -22.34
C ALA L 114 26.99 20.99 -22.86
N GLY L 115 26.73 21.57 -24.04
CA GLY L 115 27.66 22.51 -24.64
C GLY L 115 27.92 23.75 -23.80
N VAL L 116 26.86 24.26 -23.15
CA VAL L 116 26.99 25.46 -22.33
C VAL L 116 27.95 25.22 -21.16
N ARG L 117 27.85 24.02 -20.55
CA ARG L 117 28.73 23.64 -19.44
C ARG L 117 30.20 23.78 -19.80
N GLY L 118 30.60 23.26 -20.98
CA GLY L 118 31.97 23.48 -21.41
C GLY L 118 32.24 24.85 -21.96
N SER L 119 31.18 25.59 -22.34
CA SER L 119 31.37 26.94 -22.83
C SER L 119 31.74 27.88 -21.69
N SER L 120 31.28 27.56 -20.47
CA SER L 120 31.67 28.32 -19.30
C SER L 120 33.11 28.05 -18.88
N GLN L 121 33.62 26.85 -19.18
CA GLN L 121 35.00 26.52 -18.84
C GLN L 121 36.00 26.86 -19.94
N GLN L 122 35.54 26.96 -21.19
CA GLN L 122 36.45 27.22 -22.31
C GLN L 122 35.68 27.91 -23.44
N PRO L 123 36.10 29.11 -23.84
CA PRO L 123 35.38 29.82 -24.90
C PRO L 123 35.63 29.29 -26.31
N ARG L 124 36.49 28.29 -26.50
CA ARG L 124 36.73 27.70 -27.80
C ARG L 124 35.92 26.43 -28.04
N LEU L 125 34.75 26.33 -27.39
CA LEU L 125 33.86 25.20 -27.60
C LEU L 125 32.67 25.56 -28.49
N PHE L 126 32.50 26.85 -28.80
CA PHE L 126 31.32 27.31 -29.51
C PHE L 126 31.27 26.79 -30.95
N VAL L 127 32.42 26.71 -31.62
CA VAL L 127 32.44 26.22 -32.99
C VAL L 127 32.28 24.71 -33.04
N GLY L 128 32.54 24.00 -31.94
CA GLY L 128 32.34 22.58 -31.93
C GLY L 128 30.93 22.27 -31.50
N MET L 129 30.30 23.23 -30.83
CA MET L 129 28.92 23.04 -30.43
C MET L 129 27.97 23.32 -31.58
N ILE L 130 28.23 24.38 -32.35
CA ILE L 130 27.26 24.74 -33.38
C ILE L 130 27.34 23.80 -34.57
N LEU L 131 28.47 23.12 -34.76
CA LEU L 131 28.57 22.21 -35.90
C LEU L 131 27.73 20.97 -35.64
N ILE L 132 27.77 20.45 -34.41
CA ILE L 132 26.90 19.34 -34.03
C ILE L 132 25.44 19.79 -34.03
N LEU L 133 25.20 21.04 -33.61
CA LEU L 133 23.84 21.52 -33.49
C LEU L 133 23.28 21.97 -34.84
N ILE L 134 24.06 21.89 -35.91
CA ILE L 134 23.52 22.02 -37.26
C ILE L 134 23.07 20.66 -37.79
N PHE L 135 23.86 19.60 -37.55
CA PHE L 135 23.44 18.25 -37.92
C PHE L 135 22.24 17.79 -37.13
N ALA L 136 22.03 18.34 -35.94
CA ALA L 136 20.81 18.09 -35.19
C ALA L 136 19.61 18.93 -35.64
N GLU L 137 19.79 19.86 -36.56
CA GLU L 137 18.67 20.71 -37.00
C GLU L 137 18.33 20.49 -38.47
N VAL L 138 19.30 20.05 -39.27
CA VAL L 138 18.99 19.57 -40.61
C VAL L 138 18.23 18.26 -40.51
N LEU L 139 18.38 17.53 -39.40
CA LEU L 139 17.55 16.36 -39.14
C LEU L 139 16.06 16.70 -39.08
N GLY L 140 15.71 17.86 -38.53
CA GLY L 140 14.35 18.36 -38.64
C GLY L 140 14.02 18.86 -40.04
N LEU L 141 15.05 19.28 -40.77
CA LEU L 141 14.74 19.80 -42.10
C LEU L 141 14.57 18.67 -43.10
N TYR L 142 15.13 17.48 -42.81
CA TYR L 142 14.85 16.33 -43.65
C TYR L 142 13.40 15.91 -43.51
N GLY L 143 12.82 16.08 -42.33
CA GLY L 143 11.39 15.86 -42.20
C GLY L 143 10.58 16.94 -42.87
N LEU L 144 11.14 18.14 -42.99
CA LEU L 144 10.37 19.19 -43.63
C LEU L 144 10.36 19.03 -45.15
N ILE L 145 11.47 18.60 -45.73
CA ILE L 145 11.57 18.54 -47.19
C ILE L 145 11.03 17.21 -47.70
N VAL L 146 10.46 16.41 -46.81
CA VAL L 146 9.61 15.30 -47.20
C VAL L 146 8.15 15.55 -46.84
N ALA L 147 7.87 16.38 -45.83
CA ALA L 147 6.50 16.78 -45.56
C ALA L 147 5.97 17.71 -46.63
N LEU L 148 6.77 18.68 -47.07
CA LEU L 148 6.36 19.57 -48.15
C LEU L 148 6.40 18.88 -49.50
N LEU L 149 7.00 17.71 -49.59
CA LEU L 149 6.99 16.97 -50.83
C LEU L 149 5.83 16.01 -50.89
N LEU L 150 5.42 15.47 -49.74
CA LEU L 150 4.12 14.83 -49.63
C LEU L 150 3.00 15.82 -49.88
N ASN L 151 3.14 17.04 -49.39
CA ASN L 151 2.14 18.07 -49.59
C ASN L 151 2.18 18.67 -50.98
N SER L 152 3.23 18.43 -51.75
CA SER L 152 3.24 18.97 -53.10
C SER L 152 2.42 18.14 -54.06
N ARG L 153 2.08 16.90 -53.68
CA ARG L 153 1.30 16.00 -54.51
C ARG L 153 0.09 15.47 -53.77
N ALA L 154 -0.44 16.23 -52.82
CA ALA L 154 -1.63 15.81 -52.12
C ALA L 154 -2.89 16.09 -52.91
N THR L 155 -2.83 17.01 -53.86
CA THR L 155 -3.97 17.33 -54.71
C THR L 155 -3.46 17.40 -56.15
N GLN L 156 -2.69 16.38 -56.55
CA GLN L 156 -2.14 16.34 -57.90
C GLN L 156 -3.16 15.78 -58.89
N ASP L 157 -3.56 14.53 -58.69
CA ASP L 157 -4.52 13.87 -59.58
C ASP L 157 -5.55 13.12 -58.76
N VAL L 158 -6.05 13.77 -57.71
CA VAL L 158 -7.08 13.17 -56.89
C VAL L 158 -8.42 13.25 -57.59
N VAL L 159 -9.30 12.31 -57.28
CA VAL L 159 -10.65 12.29 -57.84
C VAL L 159 -11.68 12.28 -56.72
N THR M 2 -27.77 12.89 -40.97
CA THR M 2 -27.51 12.49 -42.35
C THR M 2 -26.12 11.88 -42.50
N GLU M 3 -25.61 11.85 -43.72
CA GLU M 3 -24.29 11.29 -43.97
C GLU M 3 -23.19 12.31 -43.74
N LEU M 4 -23.36 13.52 -44.26
CA LEU M 4 -22.35 14.54 -44.05
C LEU M 4 -22.43 15.12 -42.64
N CYS M 5 -23.64 15.21 -42.09
CA CYS M 5 -23.90 15.79 -40.77
C CYS M 5 -24.58 14.74 -39.88
N PRO M 6 -23.83 13.81 -39.27
CA PRO M 6 -24.46 12.79 -38.44
C PRO M 6 -24.94 13.31 -37.10
N VAL M 7 -25.51 12.42 -36.28
CA VAL M 7 -26.00 12.84 -34.97
C VAL M 7 -24.85 12.93 -33.97
N TYR M 8 -23.85 12.07 -34.09
CA TYR M 8 -22.67 12.06 -33.24
C TYR M 8 -21.61 13.03 -33.70
N ALA M 9 -21.92 13.87 -34.67
CA ALA M 9 -20.96 14.88 -35.14
C ALA M 9 -20.55 15.91 -34.10
N PRO M 10 -21.38 16.39 -33.17
CA PRO M 10 -20.84 17.28 -32.13
C PRO M 10 -20.04 16.58 -31.04
N PHE M 11 -19.76 15.29 -31.16
CA PHE M 11 -18.85 14.66 -30.20
C PHE M 11 -17.43 15.16 -30.40
N PHE M 12 -17.00 15.27 -31.66
CA PHE M 12 -15.65 15.71 -31.92
C PHE M 12 -15.49 17.19 -31.62
N GLY M 13 -16.56 17.96 -31.81
CA GLY M 13 -16.52 19.36 -31.45
C GLY M 13 -16.45 19.55 -29.94
N ALA M 14 -17.28 18.81 -29.20
CA ALA M 14 -17.26 18.91 -27.74
C ALA M 14 -15.92 18.45 -27.18
N ILE M 15 -15.34 17.40 -27.77
CA ILE M 15 -14.05 16.89 -27.33
C ILE M 15 -12.97 17.93 -27.58
N GLY M 16 -13.00 18.59 -28.74
CA GLY M 16 -12.00 19.60 -29.05
C GLY M 16 -12.04 20.78 -28.10
N CYS M 17 -13.26 21.27 -27.81
CA CYS M 17 -13.45 22.38 -26.89
C CYS M 17 -13.01 22.02 -25.49
N ALA M 18 -13.38 20.82 -25.02
CA ALA M 18 -12.95 20.38 -23.70
C ALA M 18 -11.44 20.17 -23.67
N SER M 19 -10.92 19.61 -24.75
CA SER M 19 -9.50 19.26 -24.90
C SER M 19 -8.60 20.46 -24.75
N ALA M 20 -9.01 21.61 -25.32
CA ALA M 20 -8.14 22.78 -25.19
C ALA M 20 -7.99 23.20 -23.73
N ILE M 21 -9.08 23.24 -22.96
CA ILE M 21 -8.97 23.60 -21.54
C ILE M 21 -8.19 22.57 -20.74
N ILE M 22 -8.45 21.28 -20.97
CA ILE M 22 -7.76 20.24 -20.20
C ILE M 22 -6.26 20.24 -20.45
N PHE M 23 -5.85 20.37 -21.70
CA PHE M 23 -4.43 20.34 -21.98
C PHE M 23 -3.75 21.67 -21.69
N THR M 24 -4.41 22.78 -22.09
CA THR M 24 -3.89 24.12 -21.89
C THR M 24 -3.76 24.45 -20.41
N SER M 25 -4.71 24.01 -19.59
CA SER M 25 -4.68 24.31 -18.17
C SER M 25 -3.81 23.32 -17.42
N LEU M 26 -3.66 22.08 -17.91
CA LEU M 26 -2.60 21.22 -17.39
C LEU M 26 -1.22 21.82 -17.62
N GLY M 27 -1.02 22.47 -18.77
CA GLY M 27 0.27 23.11 -18.99
C GLY M 27 0.40 24.45 -18.29
N ALA M 28 -0.68 25.19 -18.13
CA ALA M 28 -0.59 26.46 -17.42
C ALA M 28 -0.42 26.22 -15.92
N ALA M 29 -1.00 25.14 -15.40
CA ALA M 29 -0.77 24.78 -14.02
C ALA M 29 0.63 24.22 -13.83
N TYR M 30 1.19 23.61 -14.87
CA TYR M 30 2.56 23.12 -14.74
C TYR M 30 3.52 24.29 -14.74
N GLY M 31 3.22 25.32 -15.54
CA GLY M 31 4.04 26.51 -15.54
C GLY M 31 3.95 27.28 -14.23
N THR M 32 2.74 27.45 -13.72
CA THR M 32 2.54 28.17 -12.46
C THR M 32 3.10 27.40 -11.25
N ALA M 33 2.86 26.09 -11.19
CA ALA M 33 3.33 25.26 -10.09
C ALA M 33 4.85 25.18 -10.00
N LYS M 34 5.54 25.07 -11.14
CA LYS M 34 6.99 24.98 -11.09
C LYS M 34 7.65 26.33 -10.85
N SER M 35 7.14 27.39 -11.50
CA SER M 35 7.73 28.72 -11.36
C SER M 35 7.63 29.27 -9.93
N GLY M 36 6.48 29.09 -9.28
CA GLY M 36 6.31 29.62 -7.93
C GLY M 36 7.25 29.01 -6.91
N VAL M 37 7.43 27.69 -6.96
CA VAL M 37 8.35 27.03 -6.04
C VAL M 37 9.78 27.48 -6.29
N GLY M 38 10.15 27.57 -7.57
CA GLY M 38 11.49 28.00 -7.96
C GLY M 38 11.83 29.42 -7.56
N ILE M 39 10.88 30.34 -7.73
CA ILE M 39 11.08 31.75 -7.37
C ILE M 39 11.31 31.92 -5.87
N CYS M 40 10.66 31.11 -5.05
CA CYS M 40 10.81 31.20 -3.61
C CYS M 40 11.45 29.91 -3.09
N ALA M 41 12.77 29.84 -3.17
CA ALA M 41 13.52 28.74 -2.56
C ALA M 41 14.72 29.29 -1.79
N THR M 42 15.38 30.29 -2.37
CA THR M 42 16.56 30.91 -1.77
C THR M 42 16.46 32.42 -1.64
N CYS M 43 15.36 33.04 -2.08
CA CYS M 43 15.21 34.49 -2.07
C CYS M 43 14.51 35.00 -0.82
N VAL M 44 14.71 34.32 0.32
CA VAL M 44 14.14 34.80 1.57
C VAL M 44 14.87 36.03 2.08
N LEU M 45 16.13 36.22 1.69
CA LEU M 45 16.86 37.43 2.03
C LEU M 45 16.51 38.53 1.02
N ARG M 46 16.93 39.76 1.36
CA ARG M 46 16.74 41.00 0.61
C ARG M 46 15.26 41.22 0.30
N PRO M 47 14.44 41.59 1.30
CA PRO M 47 13.00 41.71 1.07
C PRO M 47 12.60 42.96 0.28
N ASP M 48 13.03 43.03 -0.99
CA ASP M 48 12.66 44.09 -1.91
C ASP M 48 12.37 43.47 -3.27
N LEU M 49 11.64 42.36 -3.26
CA LEU M 49 11.41 41.53 -4.45
C LEU M 49 9.93 41.23 -4.59
N LEU M 50 9.11 42.28 -4.50
CA LEU M 50 7.66 42.14 -4.66
C LEU M 50 7.29 41.67 -6.06
N PHE M 51 7.90 42.28 -7.07
CA PHE M 51 7.62 41.92 -8.46
C PHE M 51 8.88 41.41 -9.15
N LYS M 52 9.61 40.52 -8.49
CA LYS M 52 10.89 40.05 -9.01
C LYS M 52 10.72 39.11 -10.19
N ASN M 53 10.10 37.95 -9.95
CA ASN M 53 9.92 36.95 -11.02
C ASN M 53 8.48 36.44 -10.93
N ILE M 54 7.57 37.16 -11.57
CA ILE M 54 6.21 36.72 -11.83
C ILE M 54 5.97 36.56 -13.33
N VAL M 55 6.92 36.99 -14.16
CA VAL M 55 6.83 36.88 -15.61
C VAL M 55 6.76 35.47 -16.19
N PRO M 56 7.19 34.35 -15.51
CA PRO M 56 6.76 33.06 -16.06
C PRO M 56 5.34 32.69 -15.66
N VAL M 57 4.84 33.27 -14.56
CA VAL M 57 3.50 32.94 -14.09
C VAL M 57 2.45 33.65 -14.93
N ILE M 58 2.67 34.92 -15.25
CA ILE M 58 1.70 35.64 -16.07
C ILE M 58 1.79 35.23 -17.52
N MET M 59 2.83 34.51 -17.89
CA MET M 59 2.94 34.06 -19.25
C MET M 59 2.42 32.65 -19.41
N ALA M 60 2.30 31.92 -18.30
CA ALA M 60 1.48 30.72 -18.37
C ALA M 60 0.01 31.06 -18.20
N GLY M 61 -0.29 32.27 -17.72
CA GLY M 61 -1.67 32.69 -17.86
C GLY M 61 -2.01 33.20 -19.23
N ILE M 62 -1.01 33.70 -19.96
CA ILE M 62 -1.23 33.97 -21.38
C ILE M 62 -1.41 32.66 -22.13
N ILE M 63 -0.75 31.59 -21.67
CA ILE M 63 -1.00 30.26 -22.24
C ILE M 63 -2.43 29.84 -22.01
N ALA M 64 -2.94 30.02 -20.79
CA ALA M 64 -4.29 29.55 -20.51
C ALA M 64 -5.36 30.41 -21.17
N ILE M 65 -5.04 31.65 -21.55
CA ILE M 65 -6.06 32.37 -22.30
C ILE M 65 -5.91 32.10 -23.78
N TYR M 66 -4.83 31.44 -24.21
CA TYR M 66 -4.86 30.91 -25.57
C TYR M 66 -5.82 29.74 -25.66
N GLY M 67 -5.99 28.99 -24.57
CA GLY M 67 -6.99 27.94 -24.57
C GLY M 67 -8.38 28.49 -24.46
N LEU M 68 -8.55 29.60 -23.72
CA LEU M 68 -9.90 30.13 -23.55
C LEU M 68 -10.41 30.82 -24.81
N VAL M 69 -9.52 31.47 -25.58
CA VAL M 69 -9.98 32.16 -26.78
C VAL M 69 -10.45 31.17 -27.82
N VAL M 70 -9.70 30.08 -28.02
CA VAL M 70 -10.11 29.10 -29.01
C VAL M 70 -11.30 28.32 -28.48
N SER M 71 -11.45 28.22 -27.17
CA SER M 71 -12.53 27.40 -26.63
C SER M 71 -13.87 28.11 -26.76
N VAL M 72 -13.89 29.42 -26.50
CA VAL M 72 -15.08 30.21 -26.78
C VAL M 72 -15.36 30.26 -28.28
N LEU M 73 -14.31 30.25 -29.10
CA LEU M 73 -14.57 30.45 -30.51
C LEU M 73 -14.99 29.14 -31.19
N VAL M 74 -14.57 27.98 -30.66
CA VAL M 74 -15.14 26.74 -31.16
C VAL M 74 -16.47 26.45 -30.49
N CYS M 75 -16.77 27.09 -29.35
CA CYS M 75 -18.09 26.94 -28.78
C CYS M 75 -19.12 27.71 -29.57
N TYR M 76 -18.70 28.76 -30.27
CA TYR M 76 -19.62 29.43 -31.18
C TYR M 76 -19.93 28.59 -32.42
N SER M 77 -18.96 27.82 -32.92
CA SER M 77 -19.16 26.99 -34.09
C SER M 77 -19.94 25.72 -33.83
N LEU M 78 -20.08 25.30 -32.56
CA LEU M 78 -20.84 24.10 -32.25
C LEU M 78 -22.32 24.27 -32.54
N GLY M 79 -22.97 23.15 -32.82
CA GLY M 79 -24.37 23.17 -33.18
C GLY M 79 -24.89 21.75 -33.24
N GLN M 80 -26.22 21.64 -33.13
CA GLN M 80 -26.85 20.34 -33.10
C GLN M 80 -26.76 19.64 -34.46
N LYS M 81 -26.83 20.42 -35.54
CA LYS M 81 -26.78 19.88 -36.90
C LYS M 81 -25.54 20.49 -37.54
N GLN M 82 -24.39 19.85 -37.32
CA GLN M 82 -23.15 20.28 -37.96
C GLN M 82 -22.50 19.06 -38.59
N ALA M 83 -21.51 19.32 -39.45
CA ALA M 83 -20.89 18.26 -40.21
C ALA M 83 -19.83 17.54 -39.38
N LEU M 84 -19.38 16.40 -39.91
CA LEU M 84 -18.17 15.78 -39.38
C LEU M 84 -16.96 16.65 -39.65
N TYR M 85 -16.93 17.31 -40.81
CA TYR M 85 -15.81 18.19 -41.14
C TYR M 85 -15.63 19.34 -40.15
N THR M 86 -16.73 19.93 -39.69
CA THR M 86 -16.65 20.94 -38.64
C THR M 86 -16.16 20.37 -37.33
N GLY M 87 -16.64 19.17 -36.96
CA GLY M 87 -16.20 18.56 -35.72
C GLY M 87 -14.77 18.09 -35.78
N PHE M 88 -14.32 17.65 -36.95
CA PHE M 88 -12.96 17.16 -37.11
C PHE M 88 -11.99 18.30 -37.02
N ILE M 89 -12.27 19.42 -37.70
CA ILE M 89 -11.25 20.45 -37.73
C ILE M 89 -11.35 21.38 -36.54
N GLN M 90 -12.38 21.22 -35.70
CA GLN M 90 -12.28 21.89 -34.41
C GLN M 90 -11.89 20.93 -33.29
N LEU M 91 -11.85 19.63 -33.58
CA LEU M 91 -11.05 18.74 -32.75
C LEU M 91 -9.57 18.98 -33.00
N GLY M 92 -9.18 19.17 -34.26
CA GLY M 92 -7.79 19.55 -34.52
C GLY M 92 -7.46 20.94 -34.04
N ALA M 93 -8.45 21.84 -33.99
CA ALA M 93 -8.26 23.17 -33.43
C ALA M 93 -8.41 23.22 -31.93
N GLY M 94 -8.66 22.09 -31.28
CA GLY M 94 -8.66 22.08 -29.83
C GLY M 94 -7.41 21.35 -29.41
N LEU M 95 -7.07 20.30 -30.16
CA LEU M 95 -5.87 19.53 -29.89
C LEU M 95 -4.61 20.34 -30.11
N SER M 96 -4.53 21.13 -31.19
CA SER M 96 -3.32 21.92 -31.42
C SER M 96 -3.07 22.95 -30.32
N VAL M 97 -4.09 23.69 -29.89
CA VAL M 97 -3.90 24.66 -28.79
C VAL M 97 -3.59 23.99 -27.49
N GLY M 98 -4.36 22.99 -27.11
CA GLY M 98 -4.09 22.33 -25.85
C GLY M 98 -2.77 21.59 -25.78
N LEU M 99 -2.45 20.79 -26.79
CA LEU M 99 -1.19 20.07 -26.79
C LEU M 99 0.00 21.00 -26.97
N SER M 100 -0.08 21.96 -27.89
CA SER M 100 1.00 22.90 -28.12
C SER M 100 1.23 23.78 -26.89
N GLY M 101 0.16 24.22 -26.22
CA GLY M 101 0.35 25.05 -25.05
C GLY M 101 0.60 24.24 -23.82
N LEU M 102 0.36 22.94 -23.90
CA LEU M 102 0.84 22.02 -22.88
C LEU M 102 2.35 22.00 -22.93
N ALA M 103 2.89 21.84 -24.14
CA ALA M 103 4.35 21.86 -24.31
C ALA M 103 4.93 23.22 -23.98
N ALA M 104 4.20 24.28 -24.29
CA ALA M 104 4.62 25.64 -23.95
C ALA M 104 4.71 25.87 -22.44
N GLY M 105 3.70 25.45 -21.69
CA GLY M 105 3.80 25.52 -20.23
C GLY M 105 4.74 24.50 -19.63
N PHE M 106 5.00 23.42 -20.36
CA PHE M 106 6.03 22.46 -19.96
C PHE M 106 7.38 23.13 -20.01
N ALA M 107 7.64 23.86 -21.10
CA ALA M 107 8.91 24.57 -21.24
C ALA M 107 9.03 25.69 -20.21
N ILE M 108 7.94 26.44 -19.98
CA ILE M 108 7.95 27.55 -19.03
C ILE M 108 8.23 27.05 -17.61
N GLY M 109 7.62 25.92 -17.24
CA GLY M 109 7.83 25.37 -15.91
C GLY M 109 9.26 24.96 -15.63
N ILE M 110 9.88 24.23 -16.57
CA ILE M 110 11.26 23.77 -16.37
C ILE M 110 12.23 24.95 -16.30
N VAL M 111 12.08 25.92 -17.19
CA VAL M 111 12.95 27.10 -17.21
C VAL M 111 12.80 27.91 -15.93
N GLY M 112 11.57 28.15 -15.51
CA GLY M 112 11.32 28.94 -14.31
C GLY M 112 11.80 28.30 -13.01
N ASP M 113 11.54 27.00 -12.84
CA ASP M 113 11.91 26.29 -11.61
C ASP M 113 13.41 26.24 -11.36
N ALA M 114 14.19 25.91 -12.39
CA ALA M 114 15.64 25.85 -12.23
C ALA M 114 16.39 27.14 -12.52
N GLY M 115 15.75 28.14 -13.12
CA GLY M 115 16.48 29.36 -13.40
C GLY M 115 16.32 30.49 -12.41
N VAL M 116 15.47 30.30 -11.40
CA VAL M 116 15.29 31.35 -10.39
C VAL M 116 16.22 31.17 -9.19
N ARG M 117 16.90 30.03 -9.08
CA ARG M 117 17.84 29.83 -7.98
C ARG M 117 19.11 30.64 -8.18
N GLY M 118 19.61 30.69 -9.42
CA GLY M 118 20.85 31.40 -9.70
C GLY M 118 20.73 32.91 -9.62
N SER M 119 19.49 33.43 -9.68
CA SER M 119 19.27 34.87 -9.70
C SER M 119 19.69 35.53 -8.40
N SER M 120 19.40 34.88 -7.26
CA SER M 120 19.71 35.34 -5.89
C SER M 120 21.10 35.92 -5.65
N GLN M 121 22.09 35.51 -6.46
CA GLN M 121 23.45 36.03 -6.32
C GLN M 121 23.74 37.23 -7.22
N GLN M 122 23.00 37.39 -8.31
CA GLN M 122 23.25 38.47 -9.26
C GLN M 122 21.98 38.81 -10.02
N PRO M 123 21.52 40.07 -9.97
CA PRO M 123 20.26 40.42 -10.64
C PRO M 123 20.39 40.71 -12.12
N ARG M 124 21.52 40.34 -12.74
CA ARG M 124 21.70 40.53 -14.17
C ARG M 124 21.24 39.34 -15.01
N LEU M 125 20.43 38.45 -14.43
CA LEU M 125 19.84 37.35 -15.18
C LEU M 125 18.52 37.75 -15.85
N PHE M 126 17.94 38.86 -15.44
CA PHE M 126 16.64 39.33 -15.94
C PHE M 126 16.68 39.71 -17.41
N VAL M 127 17.86 40.04 -17.94
CA VAL M 127 17.96 40.42 -19.34
C VAL M 127 17.83 39.19 -20.23
N GLY M 128 18.55 38.13 -19.88
CA GLY M 128 18.56 36.94 -20.72
C GLY M 128 17.53 35.89 -20.37
N MET M 129 16.87 36.02 -19.22
CA MET M 129 15.81 35.07 -18.86
C MET M 129 14.60 35.22 -19.77
N ILE M 130 14.02 36.41 -19.82
CA ILE M 130 12.78 36.63 -20.54
C ILE M 130 12.98 36.60 -22.05
N LEU M 131 14.22 36.61 -22.51
CA LEU M 131 14.47 36.49 -23.94
C LEU M 131 14.28 35.04 -24.36
N ILE M 132 14.81 34.09 -23.58
CA ILE M 132 14.63 32.68 -23.89
C ILE M 132 13.34 32.14 -23.31
N LEU M 133 12.58 32.96 -22.60
CA LEU M 133 11.33 32.53 -22.02
C LEU M 133 10.12 32.94 -22.85
N ILE M 134 10.31 33.76 -23.89
CA ILE M 134 9.24 34.01 -24.84
C ILE M 134 9.31 33.09 -26.06
N PHE M 135 10.46 32.43 -26.29
CA PHE M 135 10.51 31.37 -27.28
C PHE M 135 9.65 30.19 -26.87
N ALA M 136 9.51 29.96 -25.57
CA ALA M 136 8.63 28.91 -25.09
C ALA M 136 7.17 29.29 -25.24
N GLU M 137 6.86 30.59 -25.21
CA GLU M 137 5.49 31.07 -25.27
C GLU M 137 4.99 31.17 -26.71
N VAL M 138 5.91 31.42 -27.63
CA VAL M 138 5.51 31.43 -29.02
C VAL M 138 5.16 30.01 -29.51
N LEU M 139 5.60 28.95 -28.80
CA LEU M 139 5.09 27.61 -29.07
C LEU M 139 3.58 27.48 -28.86
N GLY M 140 3.05 28.21 -27.88
CA GLY M 140 1.61 28.30 -27.73
C GLY M 140 0.97 29.24 -28.71
N LEU M 141 1.66 30.30 -29.09
CA LEU M 141 1.06 31.19 -30.07
C LEU M 141 1.09 30.57 -31.48
N TYR M 142 2.06 29.70 -31.74
CA TYR M 142 2.03 28.83 -32.90
C TYR M 142 0.89 27.84 -32.84
N GLY M 143 0.52 27.38 -31.65
CA GLY M 143 -0.61 26.47 -31.56
C GLY M 143 -1.92 27.19 -31.80
N LEU M 144 -2.02 28.43 -31.29
CA LEU M 144 -3.23 29.19 -31.50
C LEU M 144 -3.37 29.67 -32.93
N ILE M 145 -2.26 29.97 -33.62
CA ILE M 145 -2.34 30.44 -35.01
C ILE M 145 -2.98 29.35 -35.88
N VAL M 146 -2.54 28.10 -35.69
CA VAL M 146 -3.11 26.97 -36.42
C VAL M 146 -4.57 26.75 -36.05
N ALA M 147 -4.90 26.82 -34.76
CA ALA M 147 -6.29 26.63 -34.36
C ALA M 147 -7.20 27.72 -34.87
N LEU M 148 -6.73 28.95 -34.85
CA LEU M 148 -7.48 30.11 -35.27
C LEU M 148 -7.56 30.19 -36.78
N LEU M 149 -6.78 29.38 -37.48
CA LEU M 149 -6.80 29.34 -38.93
C LEU M 149 -7.52 28.10 -39.44
N LEU M 150 -7.52 27.03 -38.65
CA LEU M 150 -8.45 25.92 -38.85
C LEU M 150 -9.89 26.33 -38.55
N ASN M 151 -10.08 27.18 -37.53
CA ASN M 151 -11.38 27.66 -37.14
C ASN M 151 -11.97 28.60 -38.19
N SER M 152 -11.13 29.18 -39.03
CA SER M 152 -11.59 30.05 -40.10
C SER M 152 -12.03 29.25 -41.32
N ARG M 153 -12.06 27.92 -41.21
CA ARG M 153 -12.50 27.06 -42.31
C ARG M 153 -13.60 26.10 -41.88
N ALA M 154 -14.12 26.21 -40.65
CA ALA M 154 -15.21 25.36 -40.21
C ALA M 154 -16.57 25.89 -40.61
N THR M 155 -16.62 26.92 -41.45
CA THR M 155 -17.86 27.43 -41.98
C THR M 155 -17.78 27.69 -43.48
N GLN M 156 -16.58 27.86 -44.03
CA GLN M 156 -16.39 28.14 -45.46
C GLN M 156 -16.73 26.91 -46.28
N ASP M 157 -17.92 26.94 -46.90
CA ASP M 157 -18.46 25.90 -47.77
C ASP M 157 -18.56 24.55 -47.05
N VAL M 158 -19.36 24.55 -45.99
CA VAL M 158 -19.67 23.34 -45.24
C VAL M 158 -21.14 23.04 -45.43
N VAL M 159 -21.46 21.82 -45.83
CA VAL M 159 -22.84 21.46 -46.08
C VAL M 159 -23.20 20.11 -45.49
N SER N 7 -38.28 9.19 -30.46
CA SER N 7 -38.87 9.98 -31.53
C SER N 7 -37.80 10.65 -32.37
N ASN N 8 -37.03 11.54 -31.74
CA ASN N 8 -35.97 12.24 -32.43
C ASN N 8 -34.81 11.31 -32.73
N ILE N 9 -34.21 11.48 -33.92
CA ILE N 9 -32.91 10.89 -34.18
C ILE N 9 -31.87 11.58 -33.31
N TYR N 10 -32.03 12.89 -33.11
CA TYR N 10 -31.07 13.70 -32.39
C TYR N 10 -31.15 13.53 -30.88
N ALA N 11 -32.23 12.93 -30.36
CA ALA N 11 -32.39 12.70 -28.93
C ALA N 11 -32.56 11.21 -28.68
N PRO N 12 -31.48 10.44 -28.66
CA PRO N 12 -31.59 9.02 -28.35
C PRO N 12 -31.65 8.82 -26.85
N LEU N 13 -32.05 7.62 -26.45
CA LEU N 13 -32.36 7.38 -25.05
C LEU N 13 -31.12 7.22 -24.19
N TYR N 14 -29.95 7.04 -24.79
CA TYR N 14 -28.71 6.97 -24.03
C TYR N 14 -28.08 8.33 -23.81
N ALA N 15 -28.75 9.40 -24.23
CA ALA N 15 -28.19 10.74 -24.08
C ALA N 15 -27.97 11.21 -22.64
N PRO N 16 -28.78 10.86 -21.62
CA PRO N 16 -28.39 11.25 -20.25
C PRO N 16 -27.17 10.54 -19.70
N PHE N 17 -26.62 9.53 -20.38
CA PHE N 17 -25.37 8.93 -19.90
C PHE N 17 -24.23 9.93 -19.98
N PHE N 18 -24.25 10.77 -21.01
CA PHE N 18 -23.21 11.76 -21.18
C PHE N 18 -23.51 13.05 -20.44
N GLY N 19 -24.72 13.21 -19.91
CA GLY N 19 -25.04 14.36 -19.09
C GLY N 19 -24.72 14.08 -17.64
N PHE N 20 -25.00 12.84 -17.21
CA PHE N 20 -24.57 12.47 -15.87
C PHE N 20 -23.10 12.19 -15.82
N ALA N 21 -22.48 11.81 -16.94
CA ALA N 21 -21.03 11.71 -16.96
C ALA N 21 -20.41 13.09 -16.91
N GLY N 22 -21.16 14.11 -17.30
CA GLY N 22 -20.70 15.47 -17.23
C GLY N 22 -20.76 15.97 -15.81
N CYS N 23 -21.90 15.86 -15.14
CA CYS N 23 -21.91 16.35 -13.76
C CYS N 23 -21.17 15.45 -12.78
N ALA N 24 -20.88 14.20 -13.15
CA ALA N 24 -19.89 13.40 -12.45
C ALA N 24 -18.49 13.95 -12.62
N ALA N 25 -18.06 14.15 -13.87
CA ALA N 25 -16.70 14.63 -14.09
C ALA N 25 -16.54 16.05 -13.61
N ALA N 26 -17.61 16.84 -13.60
CA ALA N 26 -17.56 18.18 -13.03
C ALA N 26 -17.50 18.16 -11.51
N MET N 27 -17.97 17.11 -10.86
CA MET N 27 -17.90 17.11 -9.40
C MET N 27 -16.72 16.35 -8.82
N VAL N 28 -16.49 15.12 -9.28
CA VAL N 28 -15.39 14.31 -8.75
C VAL N 28 -14.03 14.93 -9.05
N LEU N 29 -13.82 15.38 -10.29
CA LEU N 29 -12.55 16.00 -10.66
C LEU N 29 -12.33 17.32 -9.94
N SER N 30 -13.39 18.11 -9.77
CA SER N 30 -13.29 19.42 -9.13
C SER N 30 -12.95 19.25 -7.67
N CYS N 31 -13.55 18.26 -7.02
CA CYS N 31 -13.28 18.03 -5.63
C CYS N 31 -12.00 17.25 -5.45
N LEU N 32 -11.48 16.69 -6.55
CA LEU N 32 -10.14 16.11 -6.52
C LEU N 32 -9.11 17.23 -6.49
N GLY N 33 -9.31 18.24 -7.34
CA GLY N 33 -8.39 19.37 -7.37
C GLY N 33 -8.52 20.19 -6.11
N ALA N 34 -9.74 20.33 -5.60
CA ALA N 34 -10.00 21.06 -4.36
C ALA N 34 -9.30 20.37 -3.21
N ALA N 35 -9.41 19.03 -3.15
CA ALA N 35 -8.76 18.26 -2.12
C ALA N 35 -7.25 18.40 -2.20
N ILE N 36 -6.68 18.35 -3.42
CA ILE N 36 -5.23 18.50 -3.56
C ILE N 36 -4.79 19.84 -3.05
N GLY N 37 -5.49 20.90 -3.44
CA GLY N 37 -5.11 22.24 -3.00
C GLY N 37 -5.23 22.43 -1.50
N THR N 38 -6.35 22.01 -0.91
CA THR N 38 -6.54 22.14 0.53
C THR N 38 -5.59 21.25 1.33
N ALA N 39 -5.48 19.98 0.97
CA ALA N 39 -4.60 19.05 1.67
C ALA N 39 -3.13 19.38 1.49
N LYS N 40 -2.72 19.77 0.29
CA LYS N 40 -1.32 20.03 0.01
C LYS N 40 -0.89 21.37 0.59
N SER N 41 -1.74 22.39 0.55
CA SER N 41 -1.39 23.60 1.28
C SER N 41 -1.57 23.46 2.78
N GLY N 42 -2.45 22.57 3.26
CA GLY N 42 -2.51 22.33 4.69
C GLY N 42 -1.31 21.58 5.22
N ILE N 43 -0.63 20.84 4.35
CA ILE N 43 0.69 20.32 4.70
C ILE N 43 1.65 21.48 4.96
N GLY N 44 1.58 22.53 4.15
CA GLY N 44 2.48 23.64 4.36
C GLY N 44 2.08 24.50 5.54
N ILE N 45 0.79 24.51 5.89
CA ILE N 45 0.35 25.26 7.05
C ILE N 45 0.78 24.53 8.32
N ALA N 46 0.87 23.20 8.26
CA ALA N 46 1.17 22.43 9.45
C ALA N 46 2.66 22.46 9.83
N GLY N 47 3.47 23.27 9.16
CA GLY N 47 4.87 23.43 9.52
C GLY N 47 5.18 24.85 9.91
N ILE N 48 4.23 25.52 10.56
CA ILE N 48 4.35 26.93 10.88
C ILE N 48 3.89 27.15 12.33
N GLY N 49 4.35 28.25 12.91
CA GLY N 49 3.88 28.68 14.20
C GLY N 49 3.60 30.17 14.26
N THR N 50 2.35 30.54 14.51
CA THR N 50 1.97 31.95 14.58
C THR N 50 1.53 32.35 15.97
N PHE N 51 0.50 31.69 16.53
CA PHE N 51 -0.04 31.93 17.87
C PHE N 51 -0.46 33.39 18.06
N LYS N 52 -1.14 33.93 17.06
CA LYS N 52 -1.56 35.33 17.09
C LYS N 52 -2.82 35.49 16.25
N PRO N 53 -3.65 36.47 16.53
CA PRO N 53 -4.81 36.74 15.69
C PRO N 53 -4.41 37.53 14.45
N GLU N 54 -5.34 37.58 13.50
CA GLU N 54 -5.30 38.31 12.23
C GLU N 54 -4.27 37.79 11.23
N LEU N 55 -3.48 36.80 11.62
CA LEU N 55 -2.60 36.07 10.71
C LEU N 55 -3.04 34.63 10.52
N ILE N 56 -3.85 34.10 11.44
CA ILE N 56 -4.57 32.86 11.20
C ILE N 56 -5.51 33.05 10.01
N MET N 57 -6.26 34.16 10.00
CA MET N 57 -7.14 34.48 8.89
C MET N 57 -6.38 34.95 7.64
N LYS N 58 -5.06 35.08 7.71
CA LYS N 58 -4.23 35.37 6.55
C LYS N 58 -3.57 34.12 5.98
N SER N 59 -3.24 33.15 6.83
CA SER N 59 -2.65 31.90 6.37
C SER N 59 -3.67 30.90 5.85
N LEU N 60 -4.96 31.24 5.84
CA LEU N 60 -6.00 30.36 5.32
C LEU N 60 -6.46 30.77 3.93
N ILE N 61 -5.66 31.59 3.24
CA ILE N 61 -5.99 31.96 1.87
C ILE N 61 -5.99 30.78 0.89
N PRO N 62 -4.98 29.87 0.86
CA PRO N 62 -5.06 28.79 -0.12
C PRO N 62 -6.17 27.78 0.14
N VAL N 63 -6.66 27.63 1.36
CA VAL N 63 -7.73 26.65 1.56
C VAL N 63 -9.11 27.25 1.34
N VAL N 64 -9.26 28.58 1.49
CA VAL N 64 -10.52 29.20 1.08
C VAL N 64 -10.49 29.56 -0.38
N MET N 65 -9.33 29.45 -1.02
CA MET N 65 -9.23 29.58 -2.46
C MET N 65 -9.40 28.22 -3.13
N SER N 66 -9.07 27.14 -2.41
CA SER N 66 -9.30 25.80 -2.91
C SER N 66 -10.74 25.36 -2.71
N GLY N 67 -11.45 25.90 -1.72
CA GLY N 67 -12.86 25.56 -1.58
C GLY N 67 -13.73 26.23 -2.61
N ILE N 68 -13.22 27.29 -3.24
CA ILE N 68 -13.94 27.89 -4.35
C ILE N 68 -13.86 26.97 -5.56
N LEU N 69 -12.79 26.19 -5.69
CA LEU N 69 -12.72 25.24 -6.80
C LEU N 69 -13.76 24.15 -6.68
N ALA N 70 -14.09 23.75 -5.46
CA ALA N 70 -15.18 22.82 -5.26
C ALA N 70 -16.54 23.49 -5.41
N ILE N 71 -16.61 24.80 -5.22
CA ILE N 71 -17.89 25.47 -5.49
C ILE N 71 -18.04 25.76 -6.99
N TYR N 72 -16.94 25.96 -7.70
CA TYR N 72 -16.93 25.99 -9.17
C TYR N 72 -17.43 24.68 -9.74
N GLY N 73 -17.00 23.55 -9.17
CA GLY N 73 -17.55 22.27 -9.59
C GLY N 73 -18.97 22.06 -9.11
N LEU N 74 -19.34 22.69 -7.99
CA LEU N 74 -20.68 22.52 -7.43
C LEU N 74 -21.71 23.21 -8.31
N VAL N 75 -21.42 24.43 -8.76
CA VAL N 75 -22.40 25.20 -9.53
C VAL N 75 -22.60 24.56 -10.89
N VAL N 76 -21.52 24.03 -11.48
CA VAL N 76 -21.65 23.40 -12.79
C VAL N 76 -22.36 22.07 -12.67
N ALA N 77 -22.08 21.30 -11.61
CA ALA N 77 -22.75 20.01 -11.48
C ALA N 77 -24.20 20.17 -11.07
N VAL N 78 -24.55 21.25 -10.37
CA VAL N 78 -25.94 21.46 -9.99
C VAL N 78 -26.69 22.16 -11.10
N LEU N 79 -25.98 22.70 -12.08
CA LEU N 79 -26.61 23.41 -13.18
C LEU N 79 -26.78 22.54 -14.42
N ILE N 80 -26.03 21.44 -14.54
CA ILE N 80 -26.27 20.51 -15.62
C ILE N 80 -26.95 19.24 -15.14
N ALA N 81 -27.30 19.16 -13.86
CA ALA N 81 -28.24 18.18 -13.36
C ALA N 81 -29.62 18.79 -13.16
N GLY N 82 -29.81 20.05 -13.55
CA GLY N 82 -31.11 20.67 -13.53
C GLY N 82 -31.69 20.69 -14.92
N ASN N 83 -30.87 20.35 -15.90
CA ASN N 83 -31.32 20.16 -17.27
C ASN N 83 -31.69 18.71 -17.55
N LEU N 84 -31.37 17.81 -16.62
CA LEU N 84 -31.60 16.39 -16.76
C LEU N 84 -32.89 16.00 -16.03
N SER N 85 -33.85 15.46 -16.78
CA SER N 85 -35.08 14.93 -16.22
C SER N 85 -35.56 13.84 -17.14
N PRO N 86 -36.16 12.78 -16.60
CA PRO N 86 -36.54 11.64 -17.44
C PRO N 86 -37.78 11.85 -18.30
N THR N 87 -38.41 13.02 -18.24
CA THR N 87 -39.74 13.18 -18.80
C THR N 87 -39.82 14.30 -19.83
N GLU N 88 -38.69 14.67 -20.43
CA GLU N 88 -38.73 15.66 -21.50
C GLU N 88 -37.63 15.37 -22.52
N ASP N 89 -37.58 16.21 -23.55
CA ASP N 89 -36.64 16.05 -24.65
C ASP N 89 -35.24 16.38 -24.20
N TYR N 90 -34.32 15.43 -24.33
CA TYR N 90 -32.92 15.63 -24.01
C TYR N 90 -32.10 15.10 -25.17
N THR N 91 -31.50 16.00 -25.95
CA THR N 91 -30.81 15.62 -27.15
C THR N 91 -29.44 15.02 -26.83
N LEU N 92 -28.80 14.47 -27.86
CA LEU N 92 -27.43 14.00 -27.73
C LEU N 92 -26.44 15.15 -27.75
N PHE N 93 -26.83 16.26 -28.38
CA PHE N 93 -25.98 17.43 -28.51
C PHE N 93 -25.66 18.06 -27.16
N ASN N 94 -26.68 18.39 -26.38
CA ASN N 94 -26.36 18.93 -25.07
C ASN N 94 -25.90 17.86 -24.08
N GLY N 95 -26.09 16.58 -24.36
CA GLY N 95 -25.36 15.56 -23.61
C GLY N 95 -23.87 15.59 -23.87
N PHE N 96 -23.47 15.91 -25.10
CA PHE N 96 -22.05 16.05 -25.41
C PHE N 96 -21.50 17.36 -24.86
N MET N 97 -22.32 18.41 -24.86
CA MET N 97 -21.85 19.66 -24.27
C MET N 97 -21.74 19.57 -22.76
N HIS N 98 -22.67 18.88 -22.10
CA HIS N 98 -22.54 18.73 -20.66
C HIS N 98 -21.40 17.81 -20.27
N LEU N 99 -21.09 16.82 -21.12
CA LEU N 99 -19.87 16.06 -20.92
C LEU N 99 -18.64 16.93 -21.08
N SER N 100 -18.66 17.87 -22.03
CA SER N 100 -17.51 18.74 -22.19
C SER N 100 -17.45 19.83 -21.11
N CYS N 101 -18.60 20.23 -20.54
CA CYS N 101 -18.60 21.12 -19.39
C CYS N 101 -17.99 20.45 -18.18
N GLY N 102 -18.27 19.15 -18.02
CA GLY N 102 -17.69 18.44 -16.91
C GLY N 102 -16.21 18.23 -17.10
N LEU N 103 -15.77 18.06 -18.34
CA LEU N 103 -14.33 17.90 -18.57
C LEU N 103 -13.60 19.22 -18.42
N CYS N 104 -14.22 20.32 -18.86
CA CYS N 104 -13.62 21.65 -18.75
C CYS N 104 -13.47 22.06 -17.29
N VAL N 105 -14.57 22.08 -16.54
CA VAL N 105 -14.48 22.49 -15.13
C VAL N 105 -13.69 21.49 -14.32
N GLY N 106 -13.84 20.20 -14.61
CA GLY N 106 -13.14 19.21 -13.82
C GLY N 106 -11.65 19.29 -13.97
N PHE N 107 -11.16 19.40 -15.19
CA PHE N 107 -9.72 19.49 -15.35
C PHE N 107 -9.18 20.89 -15.13
N ALA N 108 -10.03 21.92 -15.19
CA ALA N 108 -9.50 23.24 -14.87
C ALA N 108 -9.41 23.45 -13.37
N CYS N 109 -10.41 23.01 -12.62
CA CYS N 109 -10.30 23.03 -11.17
C CYS N 109 -9.30 22.01 -10.63
N LEU N 110 -9.05 20.93 -11.37
CA LEU N 110 -7.92 20.05 -11.03
C LEU N 110 -6.57 20.70 -11.31
N SER N 111 -6.51 21.57 -12.32
CA SER N 111 -5.27 22.27 -12.61
C SER N 111 -5.04 23.37 -11.60
N SER N 112 -6.09 24.12 -11.28
CA SER N 112 -5.99 25.18 -10.27
C SER N 112 -5.67 24.60 -8.91
N GLY N 113 -6.20 23.44 -8.58
CA GLY N 113 -5.91 22.86 -7.29
C GLY N 113 -4.50 22.33 -7.20
N TYR N 114 -3.99 21.75 -8.29
CA TYR N 114 -2.60 21.34 -8.30
C TYR N 114 -1.65 22.54 -8.27
N ALA N 115 -2.05 23.63 -8.88
CA ALA N 115 -1.15 24.76 -8.96
C ALA N 115 -1.18 25.57 -7.67
N ILE N 116 -2.35 25.70 -7.02
CA ILE N 116 -2.32 26.39 -5.74
C ILE N 116 -1.88 25.49 -4.61
N GLY N 117 -1.76 24.19 -4.83
CA GLY N 117 -1.26 23.36 -3.76
C GLY N 117 0.25 23.36 -3.83
N MET N 118 0.77 23.43 -5.05
CA MET N 118 2.22 23.51 -5.21
C MET N 118 2.75 24.91 -5.00
N VAL N 119 1.91 25.94 -5.07
CA VAL N 119 2.36 27.25 -4.61
C VAL N 119 2.21 27.37 -3.11
N GLY N 120 1.04 27.03 -2.57
CA GLY N 120 0.70 27.24 -1.17
C GLY N 120 1.38 26.31 -0.19
N ASP N 121 2.07 25.27 -0.64
CA ASP N 121 2.79 24.50 0.38
C ASP N 121 4.09 25.16 0.82
N VAL N 122 4.80 25.84 -0.07
CA VAL N 122 6.00 26.57 0.32
C VAL N 122 5.71 28.06 0.52
N GLY N 123 4.71 28.58 -0.18
CA GLY N 123 4.42 30.00 -0.14
C GLY N 123 3.86 30.49 1.19
N VAL N 124 3.02 29.66 1.83
CA VAL N 124 2.53 29.97 3.16
C VAL N 124 3.69 30.04 4.16
N ARG N 125 4.71 29.22 3.95
CA ARG N 125 5.93 29.33 4.73
C ARG N 125 6.83 30.48 4.29
N LYS N 126 6.40 31.34 3.37
CA LYS N 126 7.15 32.51 2.95
C LYS N 126 6.48 33.82 3.30
N TYR N 127 5.16 33.94 3.19
CA TYR N 127 4.51 35.14 3.71
C TYR N 127 4.16 35.01 5.18
N MET N 128 4.66 33.99 5.85
CA MET N 128 4.68 33.92 7.31
C MET N 128 6.15 33.92 7.73
N HIS N 129 6.43 34.60 8.85
CA HIS N 129 7.76 34.97 9.35
C HIS N 129 8.70 35.56 8.28
N GLN N 130 8.11 36.21 7.27
CA GLN N 130 8.76 37.13 6.32
C GLN N 130 7.64 37.92 5.64
N PRO N 131 7.02 38.90 6.32
CA PRO N 131 5.80 39.53 5.81
C PRO N 131 6.07 40.70 4.86
N ARG N 132 6.96 40.50 3.90
CA ARG N 132 7.30 41.53 2.93
C ARG N 132 7.08 41.10 1.50
N LEU N 133 6.69 39.85 1.26
CA LEU N 133 6.42 39.35 -0.08
C LEU N 133 5.03 38.72 -0.15
N PHE N 134 4.14 39.16 0.74
CA PHE N 134 2.77 38.66 0.77
C PHE N 134 2.00 39.02 -0.49
N VAL N 135 2.23 40.22 -1.03
CA VAL N 135 1.52 40.66 -2.22
C VAL N 135 2.06 40.03 -3.49
N GLY N 136 3.15 39.27 -3.40
CA GLY N 136 3.65 38.57 -4.56
C GLY N 136 3.11 37.16 -4.56
N ILE N 137 3.03 36.56 -3.37
CA ILE N 137 2.54 35.18 -3.26
C ILE N 137 1.04 35.14 -3.52
N VAL N 138 0.32 36.17 -3.06
CA VAL N 138 -1.12 36.18 -3.33
C VAL N 138 -1.38 36.45 -4.81
N LEU N 139 -0.58 37.31 -5.43
CA LEU N 139 -0.77 37.55 -6.86
C LEU N 139 -0.35 36.35 -7.70
N ILE N 140 0.51 35.48 -7.18
CA ILE N 140 0.70 34.17 -7.81
C ILE N 140 -0.55 33.32 -7.66
N LEU N 141 -1.16 33.34 -6.46
CA LEU N 141 -2.35 32.51 -6.25
C LEU N 141 -3.59 33.01 -6.99
N ILE N 142 -3.63 34.27 -7.41
CA ILE N 142 -4.77 34.74 -8.21
C ILE N 142 -4.72 34.17 -9.62
N PHE N 143 -3.55 34.25 -10.27
CA PHE N 143 -3.34 33.59 -11.56
C PHE N 143 -3.43 32.09 -11.44
N SER N 144 -3.14 31.56 -10.26
CA SER N 144 -3.17 30.12 -10.10
C SER N 144 -4.59 29.64 -9.85
N GLU N 145 -5.45 30.49 -9.30
CA GLU N 145 -6.85 30.16 -9.12
C GLU N 145 -7.63 30.25 -10.43
N VAL N 146 -7.40 31.32 -11.21
CA VAL N 146 -8.31 31.64 -12.32
C VAL N 146 -8.25 30.69 -13.51
N LEU N 147 -7.39 29.67 -13.46
CA LEU N 147 -7.48 28.59 -14.43
C LEU N 147 -8.83 27.87 -14.33
N GLY N 148 -9.30 27.69 -13.10
CA GLY N 148 -10.64 27.13 -12.91
C GLY N 148 -11.73 28.10 -13.21
N LEU N 149 -11.49 29.39 -13.00
CA LEU N 149 -12.52 30.36 -13.38
C LEU N 149 -12.61 30.51 -14.89
N TYR N 150 -11.53 30.23 -15.62
CA TYR N 150 -11.58 30.11 -17.06
C TYR N 150 -12.41 28.92 -17.47
N GLY N 151 -12.23 27.79 -16.77
CA GLY N 151 -13.02 26.62 -17.13
C GLY N 151 -14.48 26.78 -16.74
N MET N 152 -14.76 27.61 -15.74
CA MET N 152 -16.15 27.86 -15.39
C MET N 152 -16.80 28.79 -16.41
N ILE N 153 -16.04 29.76 -16.95
CA ILE N 153 -16.63 30.65 -17.94
C ILE N 153 -16.95 29.89 -19.22
N VAL N 154 -16.04 29.03 -19.67
CA VAL N 154 -16.35 28.25 -20.87
C VAL N 154 -17.43 27.20 -20.59
N ALA N 155 -17.59 26.78 -19.33
CA ALA N 155 -18.72 25.92 -19.00
C ALA N 155 -20.03 26.68 -19.12
N LEU N 156 -20.11 27.86 -18.51
CA LEU N 156 -21.34 28.64 -18.53
C LEU N 156 -21.69 29.15 -19.92
N ILE N 157 -20.72 29.24 -20.83
CA ILE N 157 -21.06 29.45 -22.23
C ILE N 157 -21.64 28.18 -22.84
N LEU N 158 -21.05 27.02 -22.54
CA LEU N 158 -21.56 25.77 -23.11
C LEU N 158 -22.88 25.33 -22.49
N ASN N 159 -23.24 25.83 -21.31
CA ASN N 159 -24.52 25.44 -20.72
C ASN N 159 -25.66 26.19 -21.40
N THR N 160 -25.47 27.48 -21.64
CA THR N 160 -26.49 28.28 -22.29
C THR N 160 -26.42 28.18 -23.80
N ARG N 161 -25.47 27.40 -24.33
CA ARG N 161 -25.38 27.17 -25.76
C ARG N 161 -26.04 25.87 -26.20
N GLY N 162 -26.09 24.87 -25.32
CA GLY N 162 -26.78 23.63 -25.62
C GLY N 162 -28.02 23.40 -24.79
N PHE O 4 -53.38 5.12 19.71
CA PHE O 4 -52.29 5.98 20.16
C PHE O 4 -52.49 6.34 21.61
N TYR O 5 -53.73 6.30 22.08
CA TYR O 5 -54.02 6.65 23.46
C TYR O 5 -53.66 5.56 24.45
N THR O 6 -53.22 4.39 23.99
CA THR O 6 -52.55 3.44 24.85
C THR O 6 -51.05 3.63 24.86
N VAL O 7 -50.56 4.70 24.24
CA VAL O 7 -49.23 5.20 24.49
C VAL O 7 -49.27 6.39 25.44
N VAL O 8 -50.25 7.26 25.25
CA VAL O 8 -50.50 8.36 26.18
C VAL O 8 -50.94 7.83 27.53
N GLY O 9 -51.77 6.79 27.55
CA GLY O 9 -52.23 6.22 28.81
C GLY O 9 -51.15 5.52 29.60
N VAL O 10 -50.13 4.99 28.91
CA VAL O 10 -48.99 4.44 29.64
C VAL O 10 -48.00 5.54 29.98
N PHE O 11 -47.95 6.61 29.18
CA PHE O 11 -47.09 7.75 29.49
C PHE O 11 -47.56 8.46 30.74
N ILE O 12 -48.86 8.44 31.00
CA ILE O 12 -49.38 9.08 32.22
C ILE O 12 -48.97 8.26 33.44
N VAL O 13 -49.13 6.94 33.41
CA VAL O 13 -48.77 6.15 34.59
C VAL O 13 -47.26 5.98 34.72
N VAL O 14 -46.50 6.14 33.64
CA VAL O 14 -45.04 6.14 33.76
C VAL O 14 -44.61 7.46 34.39
N SER O 15 -45.20 8.56 33.91
CA SER O 15 -44.86 9.89 34.40
C SER O 15 -45.23 10.02 35.87
N ALA O 16 -46.40 9.50 36.24
CA ALA O 16 -46.86 9.55 37.63
C ALA O 16 -45.93 8.78 38.55
N MET O 17 -45.53 7.58 38.12
CA MET O 17 -44.61 6.76 38.92
C MET O 17 -43.27 7.46 39.06
N SER O 18 -42.77 8.04 37.97
CA SER O 18 -41.50 8.75 37.99
C SER O 18 -41.56 9.96 38.92
N VAL O 19 -42.64 10.73 38.85
CA VAL O 19 -42.83 11.89 39.72
C VAL O 19 -42.93 11.47 41.17
N LEU O 20 -43.65 10.37 41.43
CA LEU O 20 -43.78 9.88 42.80
C LEU O 20 -42.43 9.45 43.34
N PHE O 21 -41.63 8.78 42.50
CA PHE O 21 -40.31 8.33 42.91
C PHE O 21 -39.41 9.51 43.25
N TRP O 22 -39.49 10.58 42.42
CA TRP O 22 -38.70 11.79 42.63
C TRP O 22 -38.83 12.38 44.03
N ILE O 23 -40.01 12.27 44.66
CA ILE O 23 -40.16 12.80 46.01
C ILE O 23 -39.97 11.74 47.09
N MET O 24 -40.01 10.45 46.74
CA MET O 24 -39.82 9.37 47.70
C MET O 24 -38.57 8.57 47.39
N ALA O 25 -37.60 9.19 46.74
CA ALA O 25 -36.33 8.54 46.46
C ALA O 25 -35.55 8.39 47.76
N PRO O 26 -34.67 7.39 47.84
CA PRO O 26 -33.86 7.22 49.06
C PRO O 26 -32.89 8.37 49.29
N LYS O 27 -32.81 8.81 50.54
CA LYS O 27 -32.05 10.00 50.88
C LYS O 27 -30.54 9.75 50.87
N ASN O 28 -30.11 8.50 50.82
CA ASN O 28 -28.69 8.17 50.94
C ASN O 28 -27.91 8.56 49.69
N ASN O 29 -28.41 8.19 48.52
CA ASN O 29 -27.74 8.37 47.23
C ASN O 29 -28.72 8.93 46.22
N GLN O 30 -29.34 10.07 46.58
CA GLN O 30 -30.51 10.62 45.88
C GLN O 30 -30.28 10.82 44.40
N ALA O 31 -29.23 11.55 44.04
CA ALA O 31 -28.94 11.95 42.67
C ALA O 31 -28.48 10.82 41.78
N VAL O 32 -28.31 9.61 42.32
CA VAL O 32 -28.06 8.44 41.52
C VAL O 32 -29.20 7.44 41.62
N TRP O 33 -30.13 7.63 42.54
CA TRP O 33 -31.26 6.73 42.65
C TRP O 33 -32.42 7.21 41.78
N ARG O 34 -32.86 8.46 42.00
CA ARG O 34 -33.98 9.00 41.21
C ARG O 34 -33.59 9.17 39.74
N SER O 35 -32.40 9.71 39.48
CA SER O 35 -32.00 9.93 38.09
C SER O 35 -31.88 8.62 37.32
N THR O 36 -31.25 7.60 37.91
CA THR O 36 -31.14 6.32 37.20
C THR O 36 -32.50 5.67 37.00
N VAL O 37 -33.37 5.67 38.03
CA VAL O 37 -34.68 5.03 37.87
C VAL O 37 -35.51 5.74 36.81
N ILE O 38 -35.55 7.09 36.85
CA ILE O 38 -36.31 7.88 35.88
C ILE O 38 -35.72 7.68 34.49
N LEU O 39 -34.39 7.66 34.38
CA LEU O 39 -33.73 7.46 33.10
C LEU O 39 -34.06 6.09 32.51
N THR O 40 -34.05 5.05 33.34
CA THR O 40 -34.39 3.70 32.88
C THR O 40 -35.83 3.64 32.43
N LEU O 41 -36.71 4.27 33.20
CA LEU O 41 -38.13 4.31 32.87
C LEU O 41 -38.36 5.04 31.55
N ALA O 42 -37.71 6.19 31.37
CA ALA O 42 -37.87 6.95 30.14
C ALA O 42 -37.32 6.17 28.95
N MET O 43 -36.13 5.55 29.08
CA MET O 43 -35.56 4.78 27.98
C MET O 43 -36.43 3.57 27.63
N MET O 44 -36.94 2.88 28.66
CA MET O 44 -37.80 1.72 28.43
C MET O 44 -39.08 2.16 27.76
N PHE O 45 -39.65 3.29 28.20
CA PHE O 45 -40.85 3.82 27.59
C PHE O 45 -40.64 4.23 26.15
N LEU O 46 -39.48 4.83 25.88
CA LEU O 46 -39.17 5.28 24.54
C LEU O 46 -39.05 4.10 23.60
N MET O 47 -38.35 3.03 24.02
CA MET O 47 -38.26 1.87 23.14
C MET O 47 -39.61 1.20 22.96
N TRP O 48 -40.39 1.07 24.04
CA TRP O 48 -41.69 0.45 23.93
C TRP O 48 -42.64 1.26 23.04
N ALA O 49 -42.63 2.59 23.15
CA ALA O 49 -43.55 3.37 22.34
C ALA O 49 -43.09 3.41 20.90
N ILE O 50 -41.79 3.28 20.66
CA ILE O 50 -41.35 3.19 19.27
C ILE O 50 -41.71 1.83 18.68
N THR O 51 -41.49 0.75 19.43
CA THR O 51 -41.81 -0.56 18.88
C THR O 51 -43.30 -0.88 18.91
N PHE O 52 -44.10 -0.05 19.57
CA PHE O 52 -45.55 -0.17 19.54
C PHE O 52 -46.17 0.68 18.43
N LEU O 53 -45.65 1.88 18.20
CA LEU O 53 -46.23 2.75 17.19
C LEU O 53 -45.84 2.32 15.79
N CYS O 54 -44.74 1.59 15.64
CA CYS O 54 -44.38 1.05 14.33
C CYS O 54 -45.32 -0.08 13.92
N GLN O 55 -46.01 -0.67 14.88
CA GLN O 55 -46.96 -1.74 14.62
C GLN O 55 -48.38 -1.30 14.88
N LEU O 56 -48.59 -0.01 15.12
CA LEU O 56 -49.94 0.46 15.41
C LEU O 56 -50.79 0.44 14.15
N HIS O 57 -50.29 1.04 13.07
CA HIS O 57 -50.95 1.03 11.77
C HIS O 57 -49.89 0.76 10.71
N PRO O 58 -49.49 -0.49 10.52
CA PRO O 58 -48.34 -0.76 9.65
C PRO O 58 -48.70 -0.77 8.18
N LEU O 59 -47.75 -0.31 7.38
CA LEU O 59 -47.89 -0.25 5.93
C LEU O 59 -47.37 -1.50 5.23
N VAL O 60 -46.68 -2.37 5.95
CA VAL O 60 -46.05 -3.56 5.39
C VAL O 60 -46.64 -4.77 6.07
N ALA O 61 -47.28 -5.62 5.30
CA ALA O 61 -47.79 -6.86 5.87
C ALA O 61 -46.79 -7.99 5.65
N PRO O 62 -46.68 -8.93 6.59
CA PRO O 62 -45.71 -10.02 6.42
C PRO O 62 -46.12 -10.99 5.33
N ARG O 63 -45.12 -11.46 4.58
CA ARG O 63 -45.33 -12.24 3.39
C ARG O 63 -44.37 -13.42 3.41
N ARG O 64 -44.89 -14.63 3.37
CA ARG O 64 -44.05 -15.81 3.29
C ARG O 64 -44.74 -16.86 2.45
N SER O 65 -43.93 -17.76 1.89
CA SER O 65 -44.43 -18.86 1.07
C SER O 65 -44.53 -20.17 1.83
N ASP O 66 -43.52 -20.49 2.63
CA ASP O 66 -43.44 -21.77 3.32
C ASP O 66 -44.25 -21.75 4.62
N LEU O 67 -45.36 -22.48 4.63
CA LEU O 67 -46.20 -22.57 5.82
C LEU O 67 -47.03 -23.86 5.80
#